data_8AC3
#
_entry.id   8AC3
#
_cell.length_a   1.00
_cell.length_b   1.00
_cell.length_c   1.00
_cell.angle_alpha   90.00
_cell.angle_beta   90.00
_cell.angle_gamma   90.00
#
_symmetry.space_group_name_H-M   'P 1'
#
loop_
_entity.id
_entity.type
_entity.pdbx_description
1 polymer 'Cytochrome b'
2 polymer 'Cytochrome b-c1 complex subunit Rieske, mitochondrial'
3 polymer 'Cytochrome b-c1 complex subunit 7'
4 polymer YALI0F24673p
5 polymer YALI0A14806p
6 polymer 'Cytochrome b-c1 complex subunit 2, mitochondrial'
7 polymer YALI0A17468p
8 polymer 'Cytochrome b-c1 complex subunit 8'
9 polymer 'Complex III subunit 9'
10 polymer YALI0C12210p
11 non-polymer 'PROTOPORPHYRIN IX CONTAINING FE'
12 non-polymer 1,2-DIACYL-SN-GLYCERO-3-PHOSPHOCHOLINE
13 non-polymer PHOSPHATIDYLETHANOLAMINE
14 non-polymer CARDIOLIPIN
15 non-polymer DODECYL-BETA-D-MALTOSIDE
16 non-polymer 'FE2/S2 (INORGANIC) CLUSTER'
17 non-polymer 1,2-DIMYRISTOYL-SN-GLYCERO-3-PHOSPHATE
18 non-polymer 'HEME C'
#
loop_
_entity_poly.entity_id
_entity_poly.type
_entity_poly.pdbx_seq_one_letter_code
_entity_poly.pdbx_strand_id
1 'polypeptide(L)'
;MALRKKNSLLNMANSYVLDSPQPSNLNYFWNFGSLLALCLVIQLATGITLAMHYTSHASLAFDSVEHIMRDVNFGWFIRY
AHANTASFFFICIYAHMGRNIYYGSYKTPRVLPWSIGVIIFLLLIITAFMGYVLVFGQMSLWGATVICNLVSAIPWLGED
IVHFLWGGFSVGNPTLQRFFALHYLMPFVLAVFALLHLIALHTAGSSNPLGITSNVDKLSMHPYYSFKDLITVFAFLLMF
TLFVFFSPDKLGHPDNYIPANPMVTPASIVPEWYLLPFYAILRAIPDKLGGVIAMVAAILILLILPIVDRSIIRGNAFKP
ISKLLFGFFICNFLLLGVLGQVHIEPPFIVLGQICTIFYFSYFLILLPMVSTIENIFFYIGSLRK
;
C,N
2 'polypeptide(L)'
;MSLLRTAAQAVKAPKAYTPLVAAKAFAQTRSVSSQPIGGKSTYKIPDFTPYLKKDRNTDANRLFSYFMIGSFGMLSAAGA
KATVQDFLSNMSASADVLAMAKVEVKLGAIPLGKNVIIKWRGKPIFIRHRTSEEIEEANEVNVATLRDPQTDDERVQKPE
WLVMIGVCTHLGCVPIGEAGDFGGWFCPCHGSHYDISGRIRRGPAPLNLEIPEYDFADAETLVIG
;
P,E
3 'polypeptide(L)'
;MASITSVVKTSELILKSPLLSKIVVPLAKTYVKFSGYRQLGFKMNDLIIEETPNMQLALRRLPPTESYDRVYRLIRATQF
SLSHKLATGNDITKPEEDDHYLIPYILDVEAEAFEKDALDNLEVVKRK
;
G,R
4 'polypeptide(L)'
;MSYFLTLASEVAESLLPTVAFASEEEKEQDEPVEVESDDDESEEKEDDDEEEDEDDDDDDDDDEVPDPAIALHEAAAEGP
CHDFKHHFDECVERVTKAQEAEDYDHAEYKEDCVEEFFHLQHCINDNTADKLFRVLK
;
F,Q
5 'polypeptide(L)'
;MNSLLRLPALKRGVFTMSKRGLATTVSPKTRTSNLKNGLTIASESNPLVQTATVGVWIDAGSRNENAYNNGTAHFFEHLA
FKGTDKRSQHQLELDIENMGGHLNAYTSRESTVYYAKSFKDDVPKSVEILADILQHSKLAESAIDREREVITRELEEVNK
QYEEVVFDHLHATAFMNQPLGRTILGPRENIQTITNTELRKFITENYTADRMVLVGAGAVDHDALVELAEKYFSHLPSSQ
SPVPLGTPRSSGEDANQNPIPNFVGSEVRLRDDTMPVAHIAIAVEGVSWTSEDYYTALVAQAIIGNYDRAVGTSRHQGSR
LSNIVSENNLANSFQSFSTSYSDTGLWGIYLTSENTTQIDDLVHFTLKEWNRLSTSVSNLQVERAKSQLKAGLLLSLDGT
TYVAEDIGRQLTTLGRRVTPAEVEAKLEAVTEHDVRAWAQKTLYDKDIALVGLGPIEGLYDYNRIRNDMSMMRW
;
A,L
6 'polypeptide(L)'
;MTRGVPRLAVAARHFSTAEAAGVKVAAQDGQSPISDLSVVLRGGSRYATVPGVSHILEKFAFQNTVPKSALRFVRELELF
GGKLYTHTTREHIVLRTQFLKQDLPYFVDAFANVLKETKFQQFELTERVAPVAELDLLKRESDPAFTALEAAHEVAFRTG
LGNSVYAQGYSPVTLEDVKEFARQVYAKQNVAVVGNNVVPADLQQLVGTAFADLQEGSKVTQAGTTTLHGGEARVRTSTG
NALTIALPIAEPKPVYHALASFLGGPASMPWSVGASPLAQATVGTHTSVKATYHNYGDAGLFAITIKGDSPAEISQVAHK
AVQALKDTGAEVTEEQAARAYAKSKFAAAEAFENPDSSASVIGMELLSGVSRIAPENVQKFTPAELSEAAAQLSASAKPV
VAAVGQVHALPFADELF
;
B,M
7 'polypeptide(L)'
;MRRRRIGVWPENRRVSRLWVSLSPRSCVTCPVPTNQNPPINNHHTPILTQMFKAIPLRQALLGISSAVCAGATTTYYYTT
KAEAMTAAEHGLHPAEYPWPQNGMLSTFDHASLRRGYQVYKEVCAACHSLDRIAWRNLVGVTHTTDEAKAFAEELEYDDE
PDDEGNPRKRPGKLADYIPGPYPNEQAARAANQGALPPDLSLIAKARHGGADYIFALLTGYPDEPPAGVVLAPGMNYNPY
FPGGGIGMARTLFDGVVEYEDGTPATTSQMAKDVAAFLTWAAEPEHDERKKLGLKAIIVISAMLGLSVYIKKFKWSPIKN
RKFIYNPPKN
;
D,O
8 'polypeptide(L)'
;MGGNGHYMGWWGHMGSPPQKGIAGYTISPFAARPFAGVVHAAIFNTFRRTKNQALFVILPVSFFYYVWTQASEKNEWLYT
KAGRHELAKALAE
;
H,S
9 'polypeptide(L)' MAWATTFYNVFVKRNSAFVATILASAFVFDMTFETAIDNFWDRINAGKQWKDIRHKYIEAAGDDDEDDE I,T
10 'polypeptide(L)'
;MICGEGDYVKKPSYKIVPHFLGFNIPTVSKWIPIFGIWGAAAGIGALFLIEGVPRTRQDILSKIPIIGEHWIREIPASDN
PF
;
J,U
#
loop_
_chem_comp.id
_chem_comp.type
_chem_comp.name
_chem_comp.formula
CDL non-polymer CARDIOLIPIN 'C81 H156 O17 P2 -2'
FES non-polymer 'FE2/S2 (INORGANIC) CLUSTER' 'Fe2 S2'
HEC non-polymer 'HEME C' 'C34 H34 Fe N4 O4'
HEM non-polymer 'PROTOPORPHYRIN IX CONTAINING FE' 'C34 H32 Fe N4 O4'
LMT D-saccharide DODECYL-BETA-D-MALTOSIDE 'C24 H46 O11'
PC1 non-polymer 1,2-DIACYL-SN-GLYCERO-3-PHOSPHOCHOLINE 'C44 H88 N O8 P'
PTY non-polymer PHOSPHATIDYLETHANOLAMINE 'C40 H80 N O8 P'
XP4 non-polymer 1,2-DIMYRISTOYL-SN-GLYCERO-3-PHOSPHATE 'C31 H60 O8 P -1'
#
# COMPACT_ATOMS: atom_id res chain seq x y z
N MET A 1 -16.01 10.54 -0.34
CA MET A 1 -14.52 10.44 -0.74
C MET A 1 -14.29 10.70 -2.23
N ALA A 2 -13.23 11.48 -2.52
CA ALA A 2 -12.87 11.88 -3.86
C ALA A 2 -12.39 10.67 -4.65
N LEU A 3 -12.74 10.64 -5.92
CA LEU A 3 -12.36 9.56 -6.82
C LEU A 3 -10.86 9.26 -6.79
N ARG A 4 -10.02 10.29 -6.80
CA ARG A 4 -8.58 10.03 -6.84
C ARG A 4 -8.11 9.24 -5.62
N LYS A 5 -8.91 9.20 -4.56
CA LYS A 5 -8.49 8.49 -3.36
C LYS A 5 -9.23 7.16 -3.25
N LYS A 6 -10.44 7.11 -3.83
CA LYS A 6 -11.34 5.97 -3.72
C LYS A 6 -10.87 4.84 -4.63
N ASN A 7 -10.61 5.18 -5.91
CA ASN A 7 -10.26 4.20 -6.92
C ASN A 7 -8.81 3.75 -6.72
N SER A 8 -8.58 2.43 -6.69
CA SER A 8 -7.28 1.84 -6.39
C SER A 8 -6.20 2.28 -7.38
N LEU A 9 -6.54 2.28 -8.66
CA LEU A 9 -5.54 2.63 -9.66
C LEU A 9 -5.20 4.11 -9.54
N LEU A 10 -6.22 4.97 -9.59
CA LEU A 10 -6.01 6.40 -9.47
C LEU A 10 -5.25 6.72 -8.18
N ASN A 11 -5.60 6.00 -7.12
CA ASN A 11 -4.98 6.26 -5.85
C ASN A 11 -3.47 6.06 -5.89
N MET A 12 -3.00 5.12 -6.71
CA MET A 12 -1.57 4.91 -6.75
C MET A 12 -0.90 6.11 -7.40
N ALA A 13 -1.45 6.61 -8.50
CA ALA A 13 -0.89 7.80 -9.11
C ALA A 13 -0.96 8.96 -8.11
N ASN A 14 -2.13 9.14 -7.51
CA ASN A 14 -2.36 10.18 -6.53
C ASN A 14 -1.28 10.19 -5.45
N SER A 15 -0.99 9.01 -4.87
CA SER A 15 -0.05 8.93 -3.77
C SER A 15 1.37 9.28 -4.18
N TYR A 16 1.68 9.27 -5.49
CA TYR A 16 3.06 9.50 -5.91
C TYR A 16 3.21 10.87 -6.53
N VAL A 17 2.17 11.39 -7.18
CA VAL A 17 2.45 12.57 -7.97
C VAL A 17 1.53 13.72 -7.59
N LEU A 18 0.55 13.48 -6.75
CA LEU A 18 -0.37 14.57 -6.52
C LEU A 18 -0.50 14.86 -5.02
N ASP A 19 -1.11 13.99 -4.24
CA ASP A 19 -1.22 14.23 -2.81
C ASP A 19 0.06 13.86 -2.07
N SER A 20 1.08 13.36 -2.75
CA SER A 20 2.26 12.91 -2.01
C SER A 20 2.74 14.03 -1.05
N PRO A 21 2.87 13.85 0.28
CA PRO A 21 3.36 14.94 1.13
C PRO A 21 4.87 15.11 1.04
N GLN A 22 5.31 16.31 0.64
CA GLN A 22 6.72 16.58 0.47
C GLN A 22 7.17 17.60 1.50
N PRO A 23 8.46 17.61 1.90
CA PRO A 23 8.97 18.70 2.74
C PRO A 23 8.72 20.02 2.03
N SER A 24 8.51 21.11 2.77
CA SER A 24 8.20 22.34 2.06
C SER A 24 9.46 23.08 1.63
N ASN A 25 10.64 22.56 1.98
CA ASN A 25 11.85 23.33 1.73
C ASN A 25 12.82 22.61 0.78
N LEU A 26 12.35 21.78 -0.16
CA LEU A 26 13.30 21.13 -1.08
C LEU A 26 13.90 22.21 -1.98
N ASN A 27 15.22 22.16 -2.21
CA ASN A 27 15.86 23.15 -3.07
C ASN A 27 15.97 22.60 -4.50
N TYR A 28 16.69 23.29 -5.39
CA TYR A 28 16.67 22.89 -6.79
C TYR A 28 17.38 21.56 -7.02
N PHE A 29 18.24 21.14 -6.11
CA PHE A 29 18.87 19.85 -6.31
C PHE A 29 17.90 18.69 -6.12
N TRP A 30 16.68 18.95 -5.64
CA TRP A 30 15.72 17.87 -5.61
C TRP A 30 15.02 17.73 -6.95
N ASN A 31 15.50 18.47 -7.95
CA ASN A 31 14.80 18.39 -9.22
C ASN A 31 15.45 17.37 -10.15
N PHE A 32 16.62 16.82 -9.80
CA PHE A 32 17.25 15.88 -10.71
C PHE A 32 16.47 14.57 -10.86
N GLY A 33 15.75 14.15 -9.82
CA GLY A 33 14.89 12.99 -9.93
C GLY A 33 13.93 13.10 -11.12
N SER A 34 13.24 14.23 -11.25
CA SER A 34 12.32 14.36 -12.37
C SER A 34 13.09 14.55 -13.67
N LEU A 35 14.27 15.19 -13.64
CA LEU A 35 14.99 15.22 -14.90
C LEU A 35 15.40 13.82 -15.33
N LEU A 36 15.83 12.98 -14.39
CA LEU A 36 16.19 11.63 -14.77
C LEU A 36 14.99 10.89 -15.31
N ALA A 37 13.79 11.15 -14.79
CA ALA A 37 12.60 10.57 -15.37
C ALA A 37 12.39 11.06 -16.79
N LEU A 38 12.57 12.36 -17.02
CA LEU A 38 12.46 12.91 -18.36
C LEU A 38 13.51 12.32 -19.32
N CYS A 39 14.77 12.20 -18.89
CA CYS A 39 15.78 11.56 -19.72
C CYS A 39 15.34 10.15 -20.08
N LEU A 40 14.84 9.43 -19.09
CA LEU A 40 14.48 8.06 -19.36
C LEU A 40 13.34 8.02 -20.38
N VAL A 41 12.38 8.91 -20.27
CA VAL A 41 11.34 8.96 -21.29
C VAL A 41 11.90 9.37 -22.66
N ILE A 42 12.76 10.38 -22.75
CA ILE A 42 13.30 10.73 -24.05
C ILE A 42 14.07 9.57 -24.67
N GLN A 43 14.88 8.89 -23.86
CA GLN A 43 15.62 7.74 -24.35
C GLN A 43 14.67 6.63 -24.78
N LEU A 44 13.55 6.42 -24.08
CA LEU A 44 12.67 5.38 -24.61
C LEU A 44 12.07 5.81 -25.94
N ALA A 45 11.61 7.05 -26.04
CA ALA A 45 10.96 7.46 -27.28
C ALA A 45 11.95 7.49 -28.42
N THR A 46 13.12 8.10 -28.20
CA THR A 46 14.04 8.14 -29.31
C THR A 46 14.58 6.74 -29.60
N GLY A 47 14.80 5.95 -28.54
CA GLY A 47 15.38 4.64 -28.72
C GLY A 47 14.49 3.72 -29.53
N ILE A 48 13.20 3.69 -29.18
CA ILE A 48 12.28 2.85 -29.92
C ILE A 48 12.21 3.35 -31.36
N THR A 49 12.21 4.66 -31.56
CA THR A 49 12.25 5.16 -32.92
C THR A 49 13.49 4.74 -33.70
N LEU A 50 14.66 4.84 -33.09
CA LEU A 50 15.82 4.40 -33.83
C LEU A 50 15.74 2.90 -34.12
N ALA A 51 15.21 2.12 -33.19
CA ALA A 51 15.10 0.69 -33.43
C ALA A 51 14.23 0.42 -34.67
N MET A 52 13.32 1.32 -35.02
CA MET A 52 12.54 1.08 -36.23
C MET A 52 13.34 1.34 -37.50
N HIS A 53 14.57 1.82 -37.37
CA HIS A 53 15.32 2.14 -38.57
C HIS A 53 16.67 1.46 -38.57
N TYR A 54 17.01 0.78 -37.47
CA TYR A 54 18.37 0.33 -37.33
C TYR A 54 18.43 -1.14 -37.73
N THR A 55 19.55 -1.60 -38.26
CA THR A 55 19.61 -3.01 -38.55
C THR A 55 20.74 -3.59 -37.73
N SER A 56 20.51 -4.70 -37.04
CA SER A 56 21.49 -5.12 -36.05
C SER A 56 22.59 -5.97 -36.68
N HIS A 57 22.41 -6.38 -37.93
CA HIS A 57 23.47 -7.11 -38.60
C HIS A 57 24.75 -6.29 -38.78
N ALA A 58 25.91 -6.87 -38.49
CA ALA A 58 27.19 -6.16 -38.58
C ALA A 58 27.51 -5.67 -39.99
N SER A 59 26.92 -6.27 -41.02
CA SER A 59 27.25 -5.81 -42.35
C SER A 59 26.50 -4.52 -42.69
N LEU A 60 25.52 -4.18 -41.86
CA LEU A 60 24.55 -3.16 -42.23
C LEU A 60 24.37 -2.13 -41.12
N ALA A 61 24.90 -2.38 -39.92
CA ALA A 61 24.59 -1.55 -38.77
C ALA A 61 25.03 -0.11 -39.01
N PHE A 62 26.32 0.05 -39.31
CA PHE A 62 26.90 1.36 -39.50
C PHE A 62 26.14 2.08 -40.60
N ASP A 63 25.85 1.37 -41.69
CA ASP A 63 25.13 2.01 -42.77
C ASP A 63 23.70 2.34 -42.35
N SER A 64 23.10 1.57 -41.43
CA SER A 64 21.73 1.89 -41.05
C SER A 64 21.74 3.17 -40.22
N VAL A 65 22.85 3.40 -39.53
CA VAL A 65 22.90 4.62 -38.78
C VAL A 65 23.11 5.81 -39.72
N GLU A 66 23.85 5.60 -40.80
CA GLU A 66 23.94 6.64 -41.81
C GLU A 66 22.60 6.88 -42.50
N HIS A 67 21.83 5.83 -42.71
CA HIS A 67 20.51 5.98 -43.28
C HIS A 67 19.62 6.83 -42.38
N ILE A 68 19.69 6.58 -41.07
CA ILE A 68 18.93 7.39 -40.14
C ILE A 68 19.35 8.84 -40.26
N MET A 69 20.65 9.12 -40.24
CA MET A 69 21.14 10.49 -40.35
C MET A 69 20.72 11.14 -41.67
N ARG A 70 20.73 10.40 -42.78
CA ARG A 70 20.65 11.04 -44.09
C ARG A 70 19.27 10.95 -44.74
N ASP A 71 18.51 9.87 -44.49
CA ASP A 71 17.31 9.60 -45.27
C ASP A 71 16.02 9.73 -44.45
N VAL A 72 16.04 9.29 -43.20
CA VAL A 72 14.84 9.32 -42.39
C VAL A 72 14.50 10.77 -42.04
N ASN A 73 13.22 11.13 -42.17
CA ASN A 73 12.79 12.50 -41.88
C ASN A 73 13.03 12.80 -40.42
N PHE A 74 13.79 13.86 -40.11
CA PHE A 74 14.18 14.17 -38.74
C PHE A 74 15.06 13.09 -38.11
N GLY A 75 15.62 12.22 -38.95
CA GLY A 75 16.42 11.16 -38.38
C GLY A 75 17.60 11.74 -37.61
N TRP A 76 18.18 12.82 -38.16
CA TRP A 76 19.34 13.42 -37.53
C TRP A 76 18.96 13.82 -36.10
N PHE A 77 17.73 14.30 -35.92
CA PHE A 77 17.35 14.82 -34.63
C PHE A 77 17.20 13.67 -33.65
N ILE A 78 16.50 12.64 -34.09
CA ILE A 78 16.28 11.49 -33.24
C ILE A 78 17.62 10.88 -32.88
N ARG A 79 18.54 10.75 -33.83
CA ARG A 79 19.82 10.16 -33.48
C ARG A 79 20.57 11.04 -32.49
N TYR A 80 20.72 12.34 -32.79
CA TYR A 80 21.48 13.19 -31.90
C TYR A 80 20.81 13.36 -30.55
N ALA A 81 19.48 13.46 -30.53
CA ALA A 81 18.79 13.50 -29.25
C ALA A 81 19.16 12.27 -28.44
N HIS A 82 19.16 11.09 -29.06
CA HIS A 82 19.38 9.89 -28.29
C HIS A 82 20.79 9.88 -27.76
N ALA A 83 21.74 10.28 -28.60
CA ALA A 83 23.14 10.23 -28.22
C ALA A 83 23.46 11.27 -27.14
N ASN A 84 22.88 12.47 -27.26
CA ASN A 84 23.19 13.53 -26.33
C ASN A 84 22.47 13.32 -25.00
N THR A 85 21.22 12.87 -25.07
CA THR A 85 20.51 12.63 -23.84
C THR A 85 21.23 11.56 -23.04
N ALA A 86 21.94 10.63 -23.69
CA ALA A 86 22.73 9.72 -22.88
C ALA A 86 23.76 10.46 -22.04
N SER A 87 24.36 11.54 -22.54
CA SER A 87 25.30 12.32 -21.73
C SER A 87 24.54 13.08 -20.64
N PHE A 88 23.40 13.67 -20.99
CA PHE A 88 22.64 14.39 -20.00
C PHE A 88 22.12 13.46 -18.91
N PHE A 89 21.77 12.22 -19.26
CA PHE A 89 21.36 11.25 -18.26
C PHE A 89 22.48 11.10 -17.24
N PHE A 90 23.74 11.10 -17.68
CA PHE A 90 24.81 10.94 -16.70
C PHE A 90 25.10 12.22 -15.93
N ILE A 91 24.93 13.37 -16.55
CA ILE A 91 25.08 14.58 -15.77
C ILE A 91 24.02 14.59 -14.68
N CYS A 92 22.76 14.32 -15.03
CA CYS A 92 21.72 14.32 -14.02
C CYS A 92 21.95 13.25 -12.97
N ILE A 93 22.53 12.10 -13.35
CA ILE A 93 22.61 11.00 -12.39
C ILE A 93 23.73 11.29 -11.41
N TYR A 94 24.81 11.91 -11.90
CA TYR A 94 25.90 12.28 -11.02
C TYR A 94 25.41 13.35 -10.06
N ALA A 95 24.61 14.30 -10.55
CA ALA A 95 24.07 15.36 -9.72
C ALA A 95 23.14 14.77 -8.67
N HIS A 96 22.26 13.87 -9.07
CA HIS A 96 21.33 13.25 -8.14
C HIS A 96 22.08 12.45 -7.10
N MET A 97 23.08 11.66 -7.49
CA MET A 97 23.94 10.98 -6.52
C MET A 97 24.70 11.95 -5.62
N GLY A 98 25.22 13.04 -6.20
CA GLY A 98 25.92 14.05 -5.42
C GLY A 98 25.01 14.64 -4.35
N ARG A 99 23.78 14.96 -4.75
CA ARG A 99 22.79 15.49 -3.83
C ARG A 99 22.62 14.50 -2.70
N ASN A 100 22.45 13.23 -3.05
CA ASN A 100 22.20 12.21 -2.05
C ASN A 100 23.37 12.09 -1.07
N ILE A 101 24.60 12.22 -1.56
CA ILE A 101 25.72 12.05 -0.66
C ILE A 101 25.87 13.27 0.25
N TYR A 102 25.73 14.47 -0.32
CA TYR A 102 25.91 15.67 0.47
C TYR A 102 24.83 15.79 1.54
N TYR A 103 23.60 15.43 1.22
CA TYR A 103 22.54 15.65 2.19
C TYR A 103 22.24 14.39 3.00
N GLY A 104 23.05 13.35 2.86
CA GLY A 104 22.91 12.21 3.75
C GLY A 104 21.66 11.39 3.45
N SER A 105 21.19 11.43 2.21
CA SER A 105 20.03 10.67 1.81
C SER A 105 20.29 9.19 1.95
N TYR A 106 21.54 8.77 2.11
CA TYR A 106 21.76 7.34 2.22
C TYR A 106 21.56 6.86 3.67
N LYS A 107 21.42 7.75 4.66
CA LYS A 107 21.28 7.30 6.05
C LYS A 107 19.91 6.70 6.31
N THR A 108 19.81 5.92 7.37
CA THR A 108 18.53 5.48 7.88
C THR A 108 17.58 6.66 7.98
N PRO A 109 16.30 6.54 7.64
CA PRO A 109 15.72 5.28 7.16
C PRO A 109 15.68 5.13 5.65
N ARG A 110 16.71 5.60 4.94
CA ARG A 110 16.61 5.54 3.50
C ARG A 110 17.71 4.69 2.89
N VAL A 111 18.20 3.67 3.63
CA VAL A 111 19.25 2.82 3.10
C VAL A 111 18.72 2.01 1.91
N LEU A 112 17.45 1.59 1.95
CA LEU A 112 17.00 0.73 0.88
C LEU A 112 16.87 1.47 -0.45
N PRO A 113 16.21 2.66 -0.55
CA PRO A 113 16.20 3.40 -1.81
C PRO A 113 17.62 3.66 -2.29
N TRP A 114 18.55 3.91 -1.37
CA TRP A 114 19.90 4.23 -1.80
C TRP A 114 20.54 3.00 -2.43
N SER A 115 20.36 1.84 -1.80
CA SER A 115 21.01 0.64 -2.26
C SER A 115 20.45 0.18 -3.59
N ILE A 116 19.12 0.31 -3.76
CA ILE A 116 18.58 0.03 -5.08
C ILE A 116 19.13 1.03 -6.09
N GLY A 117 19.30 2.27 -5.65
CA GLY A 117 19.85 3.28 -6.53
C GLY A 117 21.23 2.89 -7.04
N VAL A 118 22.04 2.26 -6.21
CA VAL A 118 23.37 1.91 -6.66
C VAL A 118 23.26 0.89 -7.80
N ILE A 119 22.23 0.08 -7.77
CA ILE A 119 22.07 -0.87 -8.85
C ILE A 119 21.55 -0.17 -10.10
N ILE A 120 20.67 0.81 -9.94
CA ILE A 120 20.21 1.58 -11.09
C ILE A 120 21.43 2.15 -11.79
N PHE A 121 22.41 2.62 -11.03
CA PHE A 121 23.57 3.25 -11.61
C PHE A 121 24.38 2.24 -12.41
N LEU A 122 24.55 1.02 -11.88
CA LEU A 122 25.17 -0.03 -12.66
C LEU A 122 24.42 -0.36 -13.94
N LEU A 123 23.10 -0.49 -13.86
CA LEU A 123 22.36 -0.79 -15.06
C LEU A 123 22.50 0.32 -16.09
N LEU A 124 22.56 1.58 -15.64
CA LEU A 124 22.71 2.66 -16.59
C LEU A 124 24.03 2.53 -17.33
N ILE A 125 25.09 2.19 -16.60
CA ILE A 125 26.39 2.06 -17.22
C ILE A 125 26.36 0.97 -18.29
N ILE A 126 25.79 -0.19 -17.96
CA ILE A 126 25.77 -1.29 -18.89
C ILE A 126 24.90 -0.91 -20.09
N THR A 127 23.74 -0.30 -19.83
CA THR A 127 22.88 0.10 -20.93
C THR A 127 23.66 0.99 -21.88
N ALA A 128 24.33 2.02 -21.35
CA ALA A 128 24.98 3.01 -22.20
C ALA A 128 26.15 2.36 -22.91
N PHE A 129 26.82 1.40 -22.27
CA PHE A 129 27.94 0.79 -22.95
C PHE A 129 27.47 -0.02 -24.14
N MET A 130 26.41 -0.81 -23.96
CA MET A 130 25.90 -1.61 -25.07
C MET A 130 25.40 -0.73 -26.20
N GLY A 131 24.78 0.39 -25.86
CA GLY A 131 24.24 1.24 -26.90
C GLY A 131 25.37 1.76 -27.78
N TYR A 132 26.49 2.06 -27.14
CA TYR A 132 27.63 2.61 -27.85
C TYR A 132 28.15 1.64 -28.90
N VAL A 133 28.09 0.34 -28.60
CA VAL A 133 28.56 -0.68 -29.52
C VAL A 133 27.68 -0.78 -30.76
N LEU A 134 26.41 -0.38 -30.67
CA LEU A 134 25.50 -0.66 -31.78
C LEU A 134 25.86 0.09 -33.04
N VAL A 135 26.61 1.17 -32.91
CA VAL A 135 26.94 1.95 -34.08
C VAL A 135 27.85 1.14 -34.99
N PHE A 136 28.70 0.32 -34.38
CA PHE A 136 29.70 -0.48 -35.05
C PHE A 136 30.69 0.37 -35.83
N GLY A 137 31.06 1.50 -35.22
CA GLY A 137 32.18 2.29 -35.69
C GLY A 137 33.46 1.81 -35.00
N GLN A 138 34.56 2.55 -35.15
CA GLN A 138 35.80 2.07 -34.57
C GLN A 138 35.75 2.12 -33.05
N MET A 139 35.09 3.13 -32.48
CA MET A 139 35.05 3.16 -31.03
C MET A 139 34.13 2.05 -30.51
N SER A 140 33.07 1.77 -31.27
CA SER A 140 32.18 0.68 -30.92
C SER A 140 32.95 -0.63 -30.79
N LEU A 141 33.77 -0.93 -31.78
CA LEU A 141 34.39 -2.23 -31.82
C LEU A 141 35.44 -2.32 -30.73
N TRP A 142 36.27 -1.29 -30.68
CA TRP A 142 37.43 -1.37 -29.83
C TRP A 142 37.00 -1.26 -28.38
N GLY A 143 35.91 -0.52 -28.13
CA GLY A 143 35.24 -0.55 -26.84
C GLY A 143 34.83 -1.96 -26.43
N ALA A 144 34.05 -2.64 -27.27
CA ALA A 144 33.58 -3.96 -26.90
C ALA A 144 34.76 -4.92 -26.71
N THR A 145 35.81 -4.78 -27.53
CA THR A 145 36.94 -5.69 -27.42
C THR A 145 37.58 -5.55 -26.04
N VAL A 146 37.86 -4.32 -25.67
CA VAL A 146 38.72 -4.09 -24.52
C VAL A 146 37.91 -4.40 -23.27
N ILE A 147 36.64 -4.01 -23.32
CA ILE A 147 35.90 -4.09 -22.09
C ILE A 147 35.55 -5.54 -21.84
N CYS A 148 35.26 -6.28 -22.90
CA CYS A 148 34.90 -7.65 -22.65
C CYS A 148 36.15 -8.46 -22.38
N ASN A 149 37.35 -8.02 -22.78
CA ASN A 149 38.54 -8.75 -22.36
C ASN A 149 38.94 -8.54 -20.90
N LEU A 150 38.34 -7.58 -20.17
CA LEU A 150 38.54 -7.47 -18.73
C LEU A 150 37.95 -8.64 -17.98
N VAL A 151 36.85 -9.18 -18.51
CA VAL A 151 36.15 -10.36 -18.00
C VAL A 151 37.10 -11.55 -18.05
N SER A 152 38.07 -11.54 -18.98
CA SER A 152 39.09 -12.58 -19.04
C SER A 152 39.91 -12.69 -17.77
N ALA A 153 39.79 -11.69 -16.88
CA ALA A 153 40.62 -11.69 -15.67
C ALA A 153 39.96 -12.51 -14.56
N ILE A 154 38.63 -12.68 -14.63
CA ILE A 154 37.95 -13.68 -13.80
C ILE A 154 38.73 -14.99 -13.91
N PRO A 155 39.20 -15.58 -12.80
CA PRO A 155 40.10 -16.72 -12.90
C PRO A 155 39.37 -17.96 -13.38
N TRP A 156 40.10 -18.81 -14.12
CA TRP A 156 39.66 -20.14 -14.53
C TRP A 156 38.65 -20.08 -15.68
N LEU A 157 37.54 -19.37 -15.49
CA LEU A 157 36.43 -19.38 -16.43
C LEU A 157 36.36 -18.13 -17.29
N GLY A 158 37.18 -17.12 -16.98
CA GLY A 158 37.08 -15.80 -17.59
C GLY A 158 37.04 -15.82 -19.12
N GLU A 159 38.01 -16.53 -19.73
CA GLU A 159 38.13 -16.62 -21.18
C GLU A 159 36.85 -17.19 -21.78
N ASP A 160 36.38 -18.28 -21.19
CA ASP A 160 35.20 -18.98 -21.63
C ASP A 160 33.99 -18.06 -21.57
N ILE A 161 33.93 -17.25 -20.51
CA ILE A 161 32.80 -16.37 -20.36
C ILE A 161 32.83 -15.32 -21.47
N VAL A 162 34.01 -14.82 -21.81
CA VAL A 162 34.13 -13.78 -22.83
C VAL A 162 33.60 -14.33 -24.14
N HIS A 163 34.09 -15.50 -24.53
CA HIS A 163 33.67 -16.08 -25.80
C HIS A 163 32.18 -16.33 -25.80
N PHE A 164 31.62 -16.65 -24.64
CA PHE A 164 30.20 -16.88 -24.54
C PHE A 164 29.44 -15.57 -24.75
N LEU A 165 29.91 -14.47 -24.16
CA LEU A 165 29.22 -13.20 -24.35
C LEU A 165 29.35 -12.69 -25.79
N TRP A 166 30.51 -12.88 -26.40
CA TRP A 166 30.70 -12.43 -27.77
C TRP A 166 29.93 -13.28 -28.76
N GLY A 167 29.72 -14.54 -28.40
CA GLY A 167 29.10 -15.49 -29.31
C GLY A 167 30.09 -15.93 -30.38
N GLY A 168 31.38 -15.94 -30.04
CA GLY A 168 32.37 -16.31 -31.03
C GLY A 168 33.76 -16.02 -30.49
N PHE A 169 34.74 -15.83 -31.37
CA PHE A 169 36.09 -15.70 -30.85
C PHE A 169 36.58 -14.26 -30.87
N SER A 170 35.73 -13.37 -31.37
CA SER A 170 36.06 -11.96 -31.44
C SER A 170 34.74 -11.20 -31.44
N VAL A 171 34.82 -9.88 -31.30
CA VAL A 171 33.63 -9.09 -31.47
C VAL A 171 33.29 -9.07 -32.95
N GLY A 172 32.05 -9.46 -33.25
CA GLY A 172 31.57 -9.58 -34.61
C GLY A 172 30.06 -9.51 -34.65
N ASN A 173 29.49 -10.08 -35.72
CA ASN A 173 28.05 -10.01 -35.90
C ASN A 173 27.29 -10.57 -34.71
N PRO A 174 27.62 -11.75 -34.16
CA PRO A 174 26.85 -12.28 -33.04
C PRO A 174 26.79 -11.29 -31.89
N THR A 175 27.90 -10.56 -31.71
CA THR A 175 28.01 -9.70 -30.55
C THR A 175 27.07 -8.53 -30.74
N LEU A 176 27.06 -8.05 -31.97
CA LEU A 176 26.27 -6.89 -32.30
C LEU A 176 24.80 -7.21 -32.16
N GLN A 177 24.36 -8.35 -32.68
CA GLN A 177 22.97 -8.68 -32.56
C GLN A 177 22.54 -8.87 -31.12
N ARG A 178 23.38 -9.49 -30.30
CA ARG A 178 22.93 -9.68 -28.95
C ARG A 178 22.97 -8.38 -28.16
N PHE A 179 23.92 -7.49 -28.48
CA PHE A 179 23.90 -6.21 -27.77
C PHE A 179 22.70 -5.40 -28.19
N PHE A 180 22.22 -5.56 -29.43
CA PHE A 180 21.04 -4.82 -29.77
C PHE A 180 19.87 -5.29 -28.91
N ALA A 181 19.67 -6.60 -28.80
CA ALA A 181 18.53 -7.09 -28.06
C ALA A 181 18.66 -6.68 -26.60
N LEU A 182 19.87 -6.75 -26.04
CA LEU A 182 20.01 -6.37 -24.65
C LEU A 182 19.87 -4.88 -24.43
N HIS A 183 20.39 -4.08 -25.35
CA HIS A 183 20.29 -2.66 -25.19
C HIS A 183 18.82 -2.28 -25.25
N TYR A 184 18.02 -2.97 -26.06
CA TYR A 184 16.60 -2.67 -26.08
C TYR A 184 15.98 -2.98 -24.71
N LEU A 185 16.37 -4.10 -24.11
CA LEU A 185 15.72 -4.58 -22.92
C LEU A 185 16.13 -3.80 -21.67
N MET A 186 17.42 -3.53 -21.54
CA MET A 186 17.97 -3.01 -20.30
C MET A 186 17.27 -1.74 -19.81
N PRO A 187 16.94 -0.76 -20.65
CA PRO A 187 16.17 0.40 -20.20
C PRO A 187 14.85 0.07 -19.54
N PHE A 188 14.21 -1.04 -19.93
CA PHE A 188 12.99 -1.43 -19.25
C PHE A 188 13.28 -1.97 -17.87
N VAL A 189 14.36 -2.73 -17.73
CA VAL A 189 14.77 -3.20 -16.42
C VAL A 189 15.10 -1.99 -15.53
N LEU A 190 15.82 -1.03 -16.11
CA LEU A 190 16.24 0.16 -15.40
C LEU A 190 15.02 0.93 -14.90
N ALA A 191 14.02 1.10 -15.75
CA ALA A 191 12.77 1.73 -15.34
C ALA A 191 12.11 0.97 -14.18
N VAL A 192 12.13 -0.36 -14.18
CA VAL A 192 11.52 -1.06 -13.07
C VAL A 192 12.28 -0.76 -11.78
N PHE A 193 13.62 -0.80 -11.82
CA PHE A 193 14.35 -0.51 -10.60
C PHE A 193 14.16 0.92 -10.15
N ALA A 194 14.00 1.83 -11.12
CA ALA A 194 13.77 3.21 -10.75
C ALA A 194 12.46 3.28 -9.98
N LEU A 195 11.48 2.53 -10.45
CA LEU A 195 10.22 2.53 -9.75
C LEU A 195 10.34 1.88 -8.36
N LEU A 196 11.13 0.80 -8.25
CA LEU A 196 11.35 0.20 -6.95
C LEU A 196 12.02 1.16 -5.97
N HIS A 197 13.01 1.94 -6.42
CA HIS A 197 13.61 2.78 -5.42
C HIS A 197 12.63 3.85 -4.95
N LEU A 198 11.69 4.27 -5.80
CA LEU A 198 10.68 5.22 -5.33
C LEU A 198 9.70 4.61 -4.35
N ILE A 199 9.27 3.37 -4.61
CA ILE A 199 8.36 2.73 -3.70
C ILE A 199 9.07 2.55 -2.36
N ALA A 200 10.35 2.17 -2.39
CA ALA A 200 11.06 2.03 -1.13
C ALA A 200 11.14 3.38 -0.42
N LEU A 201 11.29 4.46 -1.16
CA LEU A 201 11.41 5.76 -0.52
C LEU A 201 10.09 6.20 0.09
N HIS A 202 8.98 5.66 -0.38
CA HIS A 202 7.71 6.21 0.02
C HIS A 202 7.44 6.01 1.50
N THR A 203 8.13 5.06 2.11
CA THR A 203 7.91 4.82 3.52
C THR A 203 8.43 5.97 4.38
N ALA A 204 9.55 6.58 3.98
CA ALA A 204 10.13 7.64 4.79
C ALA A 204 9.80 9.02 4.23
N GLY A 205 9.50 9.05 2.93
CA GLY A 205 9.44 10.32 2.21
C GLY A 205 10.81 10.89 1.90
N SER A 206 10.84 11.90 1.02
CA SER A 206 12.02 12.69 0.73
C SER A 206 12.68 13.21 2.01
N SER A 207 14.00 13.20 1.99
CA SER A 207 14.76 13.95 2.97
C SER A 207 14.65 15.42 2.56
N ASN A 208 15.29 16.33 3.30
CA ASN A 208 15.25 17.72 2.92
C ASN A 208 16.60 18.35 3.24
N PRO A 209 16.90 19.54 2.71
CA PRO A 209 18.22 20.08 2.91
C PRO A 209 18.63 20.41 4.34
N LEU A 210 17.70 20.50 5.31
CA LEU A 210 18.14 20.76 6.66
C LEU A 210 18.45 19.46 7.39
N GLY A 211 17.92 18.35 6.90
CA GLY A 211 18.21 17.05 7.47
C GLY A 211 17.36 16.73 8.68
N ILE A 212 16.39 17.60 8.99
CA ILE A 212 15.46 17.38 10.08
C ILE A 212 14.21 16.72 9.52
N THR A 213 13.32 16.30 10.41
CA THR A 213 12.03 15.78 10.00
C THR A 213 11.22 16.85 9.26
N SER A 214 10.44 16.41 8.29
CA SER A 214 9.53 17.31 7.63
C SER A 214 8.09 16.98 8.01
N ASN A 215 7.93 16.03 8.95
CA ASN A 215 6.59 15.62 9.32
C ASN A 215 5.80 16.78 9.90
N VAL A 216 6.50 17.82 10.34
CA VAL A 216 5.85 18.96 10.95
C VAL A 216 5.26 19.91 9.91
N ASP A 217 5.71 19.84 8.64
CA ASP A 217 5.39 20.87 7.65
C ASP A 217 5.47 20.35 6.21
N LYS A 218 4.37 19.79 5.73
CA LYS A 218 4.40 19.14 4.44
C LYS A 218 3.62 19.97 3.42
N LEU A 219 3.96 19.78 2.15
CA LEU A 219 3.31 20.44 1.03
C LEU A 219 2.93 19.36 0.03
N SER A 220 1.77 19.44 -0.63
CA SER A 220 1.42 18.48 -1.66
C SER A 220 2.43 18.55 -2.80
N MET A 221 2.76 17.40 -3.38
CA MET A 221 3.67 17.34 -4.50
C MET A 221 3.18 18.20 -5.66
N HIS A 222 1.85 18.21 -5.89
CA HIS A 222 1.24 19.09 -6.87
C HIS A 222 0.33 20.04 -6.12
N PRO A 223 0.26 21.34 -6.43
CA PRO A 223 1.02 21.94 -7.53
C PRO A 223 2.44 22.43 -7.29
N TYR A 224 2.95 22.34 -6.07
CA TYR A 224 4.16 23.09 -5.78
C TYR A 224 5.38 22.53 -6.47
N TYR A 225 5.56 21.22 -6.39
CA TYR A 225 6.74 20.68 -7.01
C TYR A 225 6.53 20.42 -8.50
N SER A 226 5.30 20.24 -8.94
CA SER A 226 5.00 20.21 -10.36
C SER A 226 5.53 21.44 -11.08
N PHE A 227 5.21 22.63 -10.54
CA PHE A 227 5.58 23.88 -11.18
C PHE A 227 7.05 24.16 -10.99
N LYS A 228 7.63 23.66 -9.90
CA LYS A 228 9.06 23.89 -9.71
C LYS A 228 9.84 22.98 -10.64
N ASP A 229 9.30 21.79 -10.94
CA ASP A 229 9.93 20.84 -11.86
C ASP A 229 9.94 21.39 -13.28
N LEU A 230 8.91 22.16 -13.65
CA LEU A 230 8.88 22.79 -14.95
C LEU A 230 10.06 23.72 -15.17
N ILE A 231 10.51 24.45 -14.15
CA ILE A 231 11.61 25.35 -14.40
C ILE A 231 12.84 24.55 -14.82
N THR A 232 13.15 23.47 -14.12
CA THR A 232 14.34 22.73 -14.52
C THR A 232 14.12 21.97 -15.82
N VAL A 233 12.88 21.54 -16.09
CA VAL A 233 12.64 20.94 -17.39
C VAL A 233 13.00 21.92 -18.50
N PHE A 234 12.54 23.16 -18.42
CA PHE A 234 12.86 24.11 -19.47
C PHE A 234 14.34 24.46 -19.47
N ALA A 235 14.98 24.50 -18.31
CA ALA A 235 16.41 24.76 -18.29
C ALA A 235 17.17 23.62 -18.95
N PHE A 236 16.73 22.40 -18.67
CA PHE A 236 17.33 21.21 -19.26
C PHE A 236 17.15 21.26 -20.78
N LEU A 237 15.94 21.56 -21.25
CA LEU A 237 15.64 21.54 -22.67
C LEU A 237 16.39 22.63 -23.40
N LEU A 238 16.71 23.74 -22.72
CA LEU A 238 17.55 24.75 -23.31
C LEU A 238 18.96 24.22 -23.55
N MET A 239 19.53 23.55 -22.54
CA MET A 239 20.84 22.91 -22.68
C MET A 239 20.77 21.84 -23.77
N PHE A 240 19.71 21.03 -23.76
CA PHE A 240 19.53 19.97 -24.73
C PHE A 240 19.56 20.57 -26.13
N THR A 241 18.79 21.64 -26.33
CA THR A 241 18.68 22.35 -27.60
C THR A 241 20.05 22.86 -28.06
N LEU A 242 20.83 23.46 -27.17
CA LEU A 242 22.13 23.94 -27.60
C LEU A 242 23.04 22.81 -28.08
N PHE A 243 22.96 21.61 -27.49
CA PHE A 243 23.80 20.54 -27.97
C PHE A 243 23.19 19.91 -29.21
N VAL A 244 21.93 19.52 -29.14
CA VAL A 244 21.32 18.78 -30.22
C VAL A 244 21.30 19.61 -31.50
N PHE A 245 20.96 20.90 -31.42
CA PHE A 245 20.78 21.64 -32.67
C PHE A 245 22.01 22.41 -33.08
N PHE A 246 22.86 22.78 -32.12
CA PHE A 246 23.96 23.68 -32.47
C PHE A 246 25.33 23.01 -32.41
N SER A 247 25.48 21.99 -31.58
CA SER A 247 26.79 21.37 -31.45
C SER A 247 26.65 19.88 -31.24
N PRO A 248 26.00 19.12 -32.15
CA PRO A 248 25.56 17.77 -31.79
C PRO A 248 26.68 16.77 -31.55
N ASP A 249 27.92 17.13 -31.91
CA ASP A 249 29.02 16.18 -31.84
C ASP A 249 30.05 16.60 -30.79
N LYS A 250 29.74 17.63 -29.97
CA LYS A 250 30.71 18.21 -29.05
C LYS A 250 31.08 17.19 -27.96
N LEU A 251 30.12 16.36 -27.56
CA LEU A 251 30.38 15.49 -26.43
C LEU A 251 30.99 14.16 -26.87
N GLY A 252 31.06 13.94 -28.18
CA GLY A 252 31.45 12.64 -28.68
C GLY A 252 32.85 12.59 -29.30
N HIS A 253 33.08 11.44 -29.92
CA HIS A 253 34.37 11.05 -30.41
C HIS A 253 34.26 10.77 -31.91
N PRO A 254 35.03 11.52 -32.72
CA PRO A 254 35.06 11.32 -34.17
C PRO A 254 35.31 9.91 -34.66
N ASP A 255 36.00 9.11 -33.86
CA ASP A 255 36.42 7.80 -34.30
C ASP A 255 35.21 6.90 -34.52
N ASN A 256 34.09 7.25 -33.89
CA ASN A 256 32.94 6.41 -34.12
C ASN A 256 32.25 6.71 -35.46
N TYR A 257 32.83 7.57 -36.29
CA TYR A 257 32.26 7.77 -37.61
C TYR A 257 33.14 7.10 -38.62
N ILE A 258 34.06 6.28 -38.12
CA ILE A 258 34.80 5.45 -39.02
C ILE A 258 34.24 4.04 -38.86
N PRO A 259 33.82 3.32 -39.91
CA PRO A 259 33.34 1.95 -39.71
C PRO A 259 34.36 1.01 -39.04
N ALA A 260 33.88 0.14 -38.14
CA ALA A 260 34.71 -0.80 -37.40
C ALA A 260 35.63 -1.55 -38.36
N ASN A 261 36.91 -1.65 -37.99
CA ASN A 261 37.92 -2.33 -38.77
C ASN A 261 38.77 -3.11 -37.79
N PRO A 262 38.62 -4.44 -37.73
CA PRO A 262 39.36 -5.24 -36.77
C PRO A 262 40.88 -5.19 -36.89
N MET A 263 41.39 -4.78 -38.07
CA MET A 263 42.81 -4.70 -38.30
C MET A 263 43.35 -3.41 -37.68
N VAL A 264 42.92 -2.27 -38.22
CA VAL A 264 43.35 -0.97 -37.75
C VAL A 264 42.86 -0.70 -36.32
N THR A 265 43.80 -0.38 -35.42
CA THR A 265 43.41 0.03 -34.09
C THR A 265 43.40 1.55 -34.05
N PRO A 266 42.38 2.19 -33.45
CA PRO A 266 42.35 3.65 -33.38
C PRO A 266 43.52 4.17 -32.55
N ALA A 267 43.85 5.45 -32.77
CA ALA A 267 44.93 6.14 -32.08
C ALA A 267 44.83 5.92 -30.57
N SER A 268 43.67 6.26 -29.99
CA SER A 268 43.40 6.09 -28.57
C SER A 268 41.98 5.56 -28.37
N ILE A 269 41.88 4.47 -27.60
CA ILE A 269 40.62 3.95 -27.08
C ILE A 269 40.42 4.64 -25.73
N VAL A 270 39.50 5.62 -25.67
CA VAL A 270 38.99 6.12 -24.42
C VAL A 270 37.50 5.92 -24.41
N PRO A 271 36.91 5.60 -23.25
CA PRO A 271 35.45 5.50 -23.17
C PRO A 271 34.79 6.88 -23.28
N GLU A 272 33.46 6.84 -23.34
CA GLU A 272 32.63 8.03 -23.22
C GLU A 272 32.94 8.73 -21.91
N TRP A 273 32.85 10.05 -21.92
CA TRP A 273 33.32 10.86 -20.80
C TRP A 273 32.78 10.35 -19.46
N TYR A 274 31.52 9.89 -19.41
CA TYR A 274 30.91 9.60 -18.12
C TYR A 274 31.47 8.32 -17.51
N LEU A 275 32.21 7.54 -18.29
CA LEU A 275 32.82 6.35 -17.71
C LEU A 275 34.24 6.65 -17.28
N LEU A 276 34.73 7.85 -17.54
CA LEU A 276 36.16 8.05 -17.45
C LEU A 276 36.72 7.89 -16.05
N PRO A 277 36.02 8.31 -14.97
CA PRO A 277 36.60 8.15 -13.64
C PRO A 277 36.86 6.68 -13.30
N PHE A 278 35.96 5.79 -13.72
CA PHE A 278 36.12 4.38 -13.39
C PHE A 278 37.26 3.80 -14.20
N TYR A 279 37.45 4.35 -15.38
CA TYR A 279 38.54 3.91 -16.23
C TYR A 279 39.88 4.31 -15.61
N ALA A 280 39.94 5.50 -15.01
CA ALA A 280 41.17 5.93 -14.37
C ALA A 280 41.49 5.03 -13.18
N ILE A 281 40.45 4.65 -12.43
CA ILE A 281 40.65 3.80 -11.27
C ILE A 281 41.22 2.47 -11.73
N LEU A 282 40.72 1.97 -12.86
CA LEU A 282 41.16 0.67 -13.32
C LEU A 282 42.63 0.71 -13.71
N ARG A 283 43.03 1.76 -14.44
CA ARG A 283 44.42 1.91 -14.84
C ARG A 283 45.38 2.01 -13.65
N ALA A 284 44.89 2.54 -12.52
CA ALA A 284 45.75 2.80 -11.38
C ALA A 284 46.33 1.52 -10.81
N ILE A 285 45.54 0.45 -10.81
CA ILE A 285 46.01 -0.81 -10.27
C ILE A 285 46.78 -1.54 -11.36
N PRO A 286 48.06 -1.94 -11.15
CA PRO A 286 48.85 -2.59 -12.21
C PRO A 286 48.36 -3.99 -12.60
N ASP A 287 47.89 -4.77 -11.61
CA ASP A 287 47.32 -6.10 -11.83
C ASP A 287 46.01 -5.99 -12.61
N LYS A 288 45.80 -6.91 -13.58
CA LYS A 288 44.62 -6.95 -14.43
C LYS A 288 43.37 -7.19 -13.58
N LEU A 289 43.41 -8.24 -12.76
CA LEU A 289 42.28 -8.63 -11.94
C LEU A 289 42.06 -7.57 -10.86
N GLY A 290 43.15 -7.12 -10.25
CA GLY A 290 43.09 -6.05 -9.27
C GLY A 290 42.35 -4.84 -9.83
N GLY A 291 42.76 -4.41 -11.03
CA GLY A 291 42.13 -3.27 -11.67
C GLY A 291 40.62 -3.44 -11.87
N VAL A 292 40.19 -4.64 -12.22
CA VAL A 292 38.78 -4.85 -12.50
C VAL A 292 38.01 -4.79 -11.19
N ILE A 293 38.58 -5.44 -10.17
CA ILE A 293 37.96 -5.46 -8.86
C ILE A 293 37.83 -4.02 -8.35
N ALA A 294 38.92 -3.25 -8.44
CA ALA A 294 38.93 -1.87 -7.98
C ALA A 294 37.84 -1.08 -8.68
N MET A 295 37.68 -1.31 -9.99
CA MET A 295 36.75 -0.52 -10.76
C MET A 295 35.32 -0.82 -10.32
N VAL A 296 35.03 -2.10 -10.04
CA VAL A 296 33.70 -2.49 -9.58
C VAL A 296 33.48 -2.02 -8.14
N ALA A 297 34.50 -2.20 -7.30
CA ALA A 297 34.50 -1.73 -5.93
C ALA A 297 34.27 -0.21 -5.85
N ALA A 298 34.78 0.55 -6.82
CA ALA A 298 34.56 1.99 -6.84
C ALA A 298 33.06 2.33 -6.92
N ILE A 299 32.27 1.41 -7.47
CA ILE A 299 30.84 1.66 -7.52
C ILE A 299 30.19 1.01 -6.30
N LEU A 300 30.60 -0.20 -5.97
CA LEU A 300 29.91 -0.91 -4.91
C LEU A 300 30.23 -0.32 -3.54
N ILE A 301 31.35 0.40 -3.42
CA ILE A 301 31.72 1.00 -2.15
C ILE A 301 30.69 2.03 -1.68
N LEU A 302 29.88 2.55 -2.61
CA LEU A 302 28.79 3.44 -2.25
C LEU A 302 27.83 2.76 -1.30
N LEU A 303 27.74 1.43 -1.37
CA LEU A 303 26.83 0.67 -0.52
C LEU A 303 27.24 0.73 0.95
N ILE A 304 28.46 1.15 1.27
CA ILE A 304 28.84 1.13 2.67
C ILE A 304 28.73 2.52 3.29
N LEU A 305 28.34 3.52 2.52
CA LEU A 305 28.19 4.83 3.15
C LEU A 305 27.29 4.78 4.37
N PRO A 306 26.17 4.03 4.38
CA PRO A 306 25.31 3.97 5.56
C PRO A 306 26.04 3.57 6.83
N ILE A 307 27.14 2.83 6.69
CA ILE A 307 27.86 2.30 7.83
C ILE A 307 28.98 3.25 8.26
N VAL A 308 29.70 3.76 7.26
CA VAL A 308 30.91 4.51 7.56
C VAL A 308 30.62 5.94 7.98
N ASP A 309 29.43 6.46 7.64
CA ASP A 309 29.04 7.78 8.13
C ASP A 309 28.56 7.64 9.57
N ARG A 310 29.33 8.16 10.52
CA ARG A 310 29.02 7.91 11.91
C ARG A 310 28.36 9.12 12.52
N SER A 311 27.92 10.06 11.70
CA SER A 311 27.38 11.29 12.25
C SER A 311 26.03 11.06 12.94
N ILE A 312 25.77 11.83 13.99
CA ILE A 312 24.45 11.81 14.62
C ILE A 312 23.51 12.79 13.89
N ILE A 313 24.03 13.48 12.88
CA ILE A 313 23.30 14.52 12.18
C ILE A 313 23.22 14.16 10.69
N ARG A 314 22.06 14.35 10.07
CA ARG A 314 21.92 13.92 8.69
C ARG A 314 22.34 15.03 7.75
N GLY A 315 23.32 14.77 6.88
CA GLY A 315 23.68 15.68 5.82
C GLY A 315 24.73 16.71 6.22
N ASN A 316 25.15 17.54 5.26
CA ASN A 316 26.31 18.39 5.43
C ASN A 316 25.94 19.86 5.59
N ALA A 317 24.67 20.22 5.52
CA ALA A 317 24.36 21.62 5.61
C ALA A 317 25.01 22.31 6.82
N PHE A 318 25.17 21.58 7.94
CA PHE A 318 25.63 22.22 9.16
C PHE A 318 27.00 21.71 9.58
N LYS A 319 27.74 21.11 8.65
CA LYS A 319 28.96 20.44 9.06
C LYS A 319 30.11 20.99 8.22
N PRO A 320 30.78 22.04 8.67
CA PRO A 320 31.81 22.69 7.87
C PRO A 320 32.95 21.78 7.44
N ILE A 321 33.41 20.88 8.32
CA ILE A 321 34.52 20.04 7.91
C ILE A 321 34.06 19.01 6.87
N SER A 322 32.93 18.37 7.12
CA SER A 322 32.35 17.46 6.13
C SER A 322 32.14 18.14 4.78
N LYS A 323 31.74 19.42 4.77
CA LYS A 323 31.57 20.11 3.50
C LYS A 323 32.90 20.25 2.77
N LEU A 324 33.99 20.51 3.50
CA LEU A 324 35.28 20.67 2.85
C LEU A 324 35.74 19.33 2.27
N LEU A 325 35.58 18.28 3.08
CA LEU A 325 35.94 16.95 2.65
C LEU A 325 35.13 16.55 1.42
N PHE A 326 33.87 16.95 1.38
CA PHE A 326 33.02 16.57 0.26
C PHE A 326 33.49 17.30 -0.99
N GLY A 327 33.88 18.56 -0.82
CA GLY A 327 34.38 19.35 -1.93
C GLY A 327 35.59 18.68 -2.58
N PHE A 328 36.52 18.22 -1.72
CA PHE A 328 37.73 17.55 -2.19
C PHE A 328 37.40 16.23 -2.85
N PHE A 329 36.45 15.50 -2.28
CA PHE A 329 36.01 14.24 -2.86
C PHE A 329 35.49 14.45 -4.28
N ILE A 330 34.61 15.44 -4.46
CA ILE A 330 33.97 15.66 -5.75
C ILE A 330 35.01 16.11 -6.77
N CYS A 331 35.91 17.01 -6.38
CA CYS A 331 36.90 17.48 -7.33
C CYS A 331 37.87 16.37 -7.70
N ASN A 332 38.20 15.49 -6.76
CA ASN A 332 39.04 14.36 -7.06
C ASN A 332 38.32 13.43 -8.03
N PHE A 333 37.00 13.29 -7.89
CA PHE A 333 36.28 12.46 -8.83
C PHE A 333 36.36 13.03 -10.24
N LEU A 334 36.35 14.37 -10.35
CA LEU A 334 36.54 14.99 -11.65
C LEU A 334 37.99 14.84 -12.14
N LEU A 335 38.97 14.96 -11.25
CA LEU A 335 40.35 14.78 -11.69
C LEU A 335 40.55 13.35 -12.20
N LEU A 336 39.99 12.35 -11.51
CA LEU A 336 39.99 11.00 -12.02
C LEU A 336 39.44 10.95 -13.44
N GLY A 337 38.31 11.62 -13.66
CA GLY A 337 37.75 11.68 -14.99
C GLY A 337 38.77 12.18 -16.01
N VAL A 338 39.44 13.29 -15.72
CA VAL A 338 40.42 13.85 -16.62
C VAL A 338 41.60 12.88 -16.83
N LEU A 339 42.06 12.24 -15.76
CA LEU A 339 43.17 11.30 -15.92
C LEU A 339 42.78 10.05 -16.69
N GLY A 340 41.48 9.83 -16.86
CA GLY A 340 41.02 8.69 -17.62
C GLY A 340 41.26 8.90 -19.10
N GLN A 341 41.49 10.15 -19.50
CA GLN A 341 41.61 10.41 -20.93
C GLN A 341 43.00 10.89 -21.33
N VAL A 342 43.93 10.98 -20.38
CA VAL A 342 45.30 11.28 -20.75
C VAL A 342 45.99 9.98 -21.16
N HIS A 343 47.17 10.08 -21.76
CA HIS A 343 47.90 8.88 -22.12
C HIS A 343 48.59 8.33 -20.88
N ILE A 344 48.86 7.04 -20.90
CA ILE A 344 49.57 6.41 -19.79
C ILE A 344 51.04 6.80 -19.88
N GLU A 345 51.34 7.97 -19.30
CA GLU A 345 52.66 8.59 -19.37
C GLU A 345 52.96 9.28 -18.05
N PRO A 346 54.24 9.50 -17.70
CA PRO A 346 54.59 10.40 -16.59
C PRO A 346 54.16 11.84 -16.90
N PRO A 347 53.73 12.62 -15.88
CA PRO A 347 53.61 12.15 -14.50
C PRO A 347 52.21 11.67 -14.11
N PHE A 348 51.38 11.38 -15.11
CA PHE A 348 49.99 11.11 -14.82
C PHE A 348 49.79 9.72 -14.24
N ILE A 349 50.81 8.87 -14.31
CA ILE A 349 50.64 7.50 -13.83
C ILE A 349 50.52 7.52 -12.31
N VAL A 350 51.48 8.17 -11.65
CA VAL A 350 51.52 8.28 -10.21
C VAL A 350 50.36 9.14 -9.72
N LEU A 351 50.07 10.22 -10.43
CA LEU A 351 48.95 11.07 -10.04
C LEU A 351 47.65 10.28 -9.98
N GLY A 352 47.44 9.40 -10.97
CA GLY A 352 46.21 8.64 -11.01
C GLY A 352 46.11 7.68 -9.83
N GLN A 353 47.27 7.20 -9.35
CA GLN A 353 47.33 6.28 -8.23
C GLN A 353 47.00 7.02 -6.93
N ILE A 354 47.55 8.23 -6.79
CA ILE A 354 47.21 9.06 -5.66
C ILE A 354 45.72 9.38 -5.66
N CYS A 355 45.17 9.85 -6.78
CA CYS A 355 43.74 10.13 -6.81
C CYS A 355 42.90 8.90 -6.51
N THR A 356 43.37 7.72 -6.92
CA THR A 356 42.60 6.51 -6.66
C THR A 356 42.61 6.20 -5.17
N ILE A 357 43.77 6.38 -4.52
CA ILE A 357 43.85 6.17 -3.09
C ILE A 357 42.93 7.17 -2.39
N PHE A 358 42.94 8.43 -2.84
CA PHE A 358 42.08 9.42 -2.21
C PHE A 358 40.61 9.01 -2.34
N TYR A 359 40.22 8.53 -3.52
CA TYR A 359 38.84 8.16 -3.75
C TYR A 359 38.40 7.14 -2.71
N PHE A 360 39.19 6.08 -2.50
CA PHE A 360 38.78 5.01 -1.62
C PHE A 360 38.87 5.42 -0.16
N SER A 361 39.84 6.29 0.15
CA SER A 361 40.14 6.62 1.53
C SER A 361 39.06 7.55 2.10
N TYR A 362 38.36 8.24 1.20
CA TYR A 362 37.20 8.98 1.65
C TYR A 362 36.22 8.04 2.34
N PHE A 363 35.88 6.91 1.72
CA PHE A 363 34.89 6.03 2.31
C PHE A 363 35.46 5.29 3.51
N LEU A 364 36.75 5.01 3.49
CA LEU A 364 37.23 4.01 4.42
C LEU A 364 37.87 4.65 5.65
N ILE A 365 38.35 5.88 5.51
CA ILE A 365 39.14 6.47 6.57
C ILE A 365 38.55 7.82 6.94
N LEU A 366 38.52 8.73 5.97
CA LEU A 366 38.25 10.12 6.25
C LEU A 366 36.82 10.33 6.70
N LEU A 367 35.85 9.74 5.97
CA LEU A 367 34.47 10.01 6.35
C LEU A 367 34.18 9.47 7.75
N PRO A 368 34.55 8.21 8.08
CA PRO A 368 34.43 7.73 9.46
C PRO A 368 35.16 8.59 10.50
N MET A 369 36.37 9.10 10.19
CA MET A 369 37.09 9.92 11.15
C MET A 369 36.38 11.27 11.32
N VAL A 370 36.11 11.94 10.21
CA VAL A 370 35.62 13.30 10.26
C VAL A 370 34.23 13.31 10.88
N SER A 371 33.42 12.32 10.54
CA SER A 371 32.07 12.30 11.09
C SER A 371 32.07 12.05 12.60
N THR A 372 33.02 11.24 13.09
CA THR A 372 33.21 11.00 14.52
C THR A 372 33.61 12.28 15.26
N ILE A 373 34.60 12.99 14.72
CA ILE A 373 35.09 14.21 15.32
C ILE A 373 34.02 15.30 15.31
N GLU A 374 33.23 15.39 14.25
CA GLU A 374 32.25 16.44 14.24
C GLU A 374 31.18 16.19 15.30
N ASN A 375 30.87 14.91 15.55
CA ASN A 375 29.92 14.57 16.60
C ASN A 375 30.41 15.18 17.90
N ILE A 376 31.71 15.01 18.19
CA ILE A 376 32.25 15.47 19.46
C ILE A 376 32.28 16.99 19.50
N PHE A 377 32.64 17.63 18.39
CA PHE A 377 32.58 19.09 18.36
C PHE A 377 31.18 19.64 18.54
N PHE A 378 30.15 19.00 17.97
CA PHE A 378 28.81 19.53 18.17
C PHE A 378 28.42 19.51 19.63
N TYR A 379 28.80 18.42 20.31
CA TYR A 379 28.39 18.26 21.67
C TYR A 379 29.17 19.20 22.57
N ILE A 380 30.49 19.19 22.45
CA ILE A 380 31.29 20.02 23.34
C ILE A 380 31.03 21.50 23.04
N GLY A 381 30.85 21.80 21.76
CA GLY A 381 30.76 23.18 21.31
C GLY A 381 29.46 23.83 21.73
N SER A 382 28.47 23.02 22.07
CA SER A 382 27.19 23.61 22.41
C SER A 382 26.88 23.49 23.91
N LEU A 383 27.80 22.90 24.68
CA LEU A 383 27.68 22.80 26.14
C LEU A 383 27.64 24.17 26.85
N GLY B 39 -23.86 -32.67 16.51
CA GLY B 39 -25.05 -31.79 16.18
C GLY B 39 -25.27 -30.68 17.21
N LYS B 40 -24.61 -30.80 18.38
CA LYS B 40 -24.68 -29.82 19.46
C LYS B 40 -23.34 -29.71 20.22
N SER B 41 -22.81 -30.82 20.74
CA SER B 41 -21.63 -30.70 21.58
C SER B 41 -20.41 -30.42 20.73
N THR B 42 -19.61 -29.43 21.12
CA THR B 42 -18.45 -29.12 20.31
C THR B 42 -17.23 -29.90 20.78
N TYR B 43 -17.37 -30.71 21.84
CA TYR B 43 -16.26 -31.48 22.32
C TYR B 43 -16.30 -32.87 21.70
N LYS B 44 -17.39 -33.17 21.00
CA LYS B 44 -17.46 -34.44 20.31
C LYS B 44 -16.92 -34.22 18.91
N ILE B 45 -15.63 -34.49 18.73
CA ILE B 45 -14.97 -34.26 17.45
C ILE B 45 -15.69 -35.07 16.38
N PRO B 46 -16.01 -34.46 15.22
CA PRO B 46 -16.61 -35.19 14.10
C PRO B 46 -15.80 -36.40 13.68
N ASP B 47 -16.41 -37.31 12.93
CA ASP B 47 -15.77 -38.56 12.58
C ASP B 47 -14.72 -38.36 11.49
N PHE B 48 -13.46 -38.66 11.83
CA PHE B 48 -12.36 -38.53 10.91
C PHE B 48 -11.68 -39.87 10.65
N THR B 49 -12.30 -40.96 11.13
CA THR B 49 -11.69 -42.28 11.09
C THR B 49 -11.47 -42.75 9.64
N PRO B 50 -12.36 -42.45 8.67
CA PRO B 50 -12.09 -42.66 7.26
C PRO B 50 -10.76 -42.12 6.72
N TYR B 51 -10.16 -41.14 7.40
CA TYR B 51 -8.97 -40.49 6.84
C TYR B 51 -7.76 -40.59 7.76
N LEU B 52 -7.97 -40.91 9.04
CA LEU B 52 -6.85 -40.92 9.96
C LEU B 52 -5.94 -42.11 9.66
N LYS B 53 -4.63 -41.84 9.56
CA LYS B 53 -3.61 -42.88 9.51
C LYS B 53 -3.33 -43.37 10.92
N LYS B 54 -3.21 -44.69 11.08
CA LYS B 54 -2.91 -45.24 12.39
C LYS B 54 -1.49 -44.85 12.85
N ASP B 55 -0.51 -44.93 11.94
CA ASP B 55 0.89 -44.69 12.31
C ASP B 55 1.31 -43.23 12.08
N ARG B 56 0.48 -42.27 12.44
CA ARG B 56 0.64 -40.93 11.94
C ARG B 56 1.83 -40.23 12.60
N ASN B 57 2.27 -40.76 13.74
CA ASN B 57 3.27 -40.08 14.53
C ASN B 57 4.65 -40.69 14.35
N THR B 58 4.77 -41.71 13.49
CA THR B 58 6.04 -42.37 13.26
C THR B 58 6.94 -41.54 12.34
N ASP B 59 8.25 -41.74 12.45
CA ASP B 59 9.20 -41.11 11.55
C ASP B 59 9.02 -41.66 10.15
N ALA B 60 8.69 -42.95 10.03
CA ALA B 60 8.43 -43.58 8.75
C ALA B 60 7.38 -42.79 7.99
N ASN B 61 6.34 -42.36 8.71
CA ASN B 61 5.22 -41.69 8.11
C ASN B 61 5.66 -40.35 7.52
N ARG B 62 6.39 -39.53 8.32
CA ARG B 62 6.82 -38.23 7.85
C ARG B 62 7.78 -38.40 6.68
N LEU B 63 8.65 -39.41 6.80
CA LEU B 63 9.73 -39.61 5.85
C LEU B 63 9.14 -39.88 4.49
N PHE B 64 8.03 -40.63 4.44
CA PHE B 64 7.47 -40.93 3.15
C PHE B 64 7.03 -39.67 2.44
N SER B 65 6.33 -38.77 3.15
CA SER B 65 5.84 -37.61 2.44
C SER B 65 7.01 -36.71 2.03
N TYR B 66 8.11 -36.73 2.78
CA TYR B 66 9.24 -35.92 2.38
C TYR B 66 9.97 -36.54 1.21
N PHE B 67 9.82 -37.85 1.06
CA PHE B 67 10.37 -38.50 -0.10
C PHE B 67 9.63 -38.03 -1.35
N MET B 68 8.31 -37.89 -1.27
CA MET B 68 7.54 -37.34 -2.38
C MET B 68 7.94 -35.90 -2.70
N ILE B 69 7.95 -35.03 -1.68
CA ILE B 69 8.37 -33.66 -1.83
C ILE B 69 9.79 -33.58 -2.41
N GLY B 70 10.68 -34.40 -1.87
CA GLY B 70 12.08 -34.35 -2.29
C GLY B 70 12.27 -34.87 -3.70
N SER B 71 11.51 -35.90 -4.10
CA SER B 71 11.56 -36.39 -5.47
C SER B 71 11.13 -35.31 -6.44
N PHE B 72 10.10 -34.58 -6.03
CA PHE B 72 9.58 -33.53 -6.86
C PHE B 72 10.61 -32.42 -6.98
N GLY B 73 11.28 -32.11 -5.86
CA GLY B 73 12.33 -31.11 -5.90
C GLY B 73 13.51 -31.61 -6.72
N MET B 74 13.73 -32.92 -6.72
CA MET B 74 14.89 -33.47 -7.41
C MET B 74 14.64 -33.38 -8.92
N LEU B 75 13.44 -33.75 -9.36
CA LEU B 75 13.16 -33.67 -10.79
C LEU B 75 13.09 -32.22 -11.25
N SER B 76 12.59 -31.35 -10.39
CA SER B 76 12.55 -29.94 -10.74
C SER B 76 13.97 -29.39 -10.86
N ALA B 77 14.88 -29.81 -9.98
CA ALA B 77 16.27 -29.39 -10.05
C ALA B 77 16.93 -29.92 -11.32
N ALA B 78 16.70 -31.21 -11.63
CA ALA B 78 17.28 -31.82 -12.81
C ALA B 78 16.74 -31.17 -14.08
N GLY B 79 15.43 -30.90 -14.09
CA GLY B 79 14.75 -30.27 -15.19
C GLY B 79 15.18 -28.82 -15.39
N ALA B 80 15.37 -28.10 -14.29
CA ALA B 80 15.79 -26.71 -14.41
C ALA B 80 17.24 -26.62 -14.92
N LYS B 81 18.09 -27.54 -14.44
CA LYS B 81 19.44 -27.57 -14.94
C LYS B 81 19.43 -27.83 -16.44
N ALA B 82 18.68 -28.84 -16.88
CA ALA B 82 18.59 -29.17 -18.29
C ALA B 82 18.08 -27.98 -19.09
N THR B 83 17.02 -27.35 -18.60
CA THR B 83 16.39 -26.24 -19.28
C THR B 83 17.39 -25.10 -19.43
N VAL B 84 17.98 -24.67 -18.31
CA VAL B 84 18.95 -23.59 -18.33
C VAL B 84 20.10 -23.91 -19.29
N GLN B 85 20.70 -25.09 -19.16
CA GLN B 85 21.91 -25.39 -19.91
C GLN B 85 21.58 -25.42 -21.39
N ASP B 86 20.45 -26.02 -21.75
CA ASP B 86 20.16 -26.15 -23.17
C ASP B 86 19.80 -24.79 -23.74
N PHE B 87 18.97 -24.06 -23.00
CA PHE B 87 18.49 -22.78 -23.46
C PHE B 87 19.63 -21.77 -23.58
N LEU B 88 20.49 -21.66 -22.55
CA LEU B 88 21.58 -20.71 -22.65
C LEU B 88 22.63 -21.07 -23.69
N SER B 89 22.73 -22.35 -24.07
CA SER B 89 23.74 -22.71 -25.04
C SER B 89 23.51 -22.00 -26.37
N ASN B 90 22.31 -21.47 -26.60
CA ASN B 90 22.09 -20.70 -27.80
C ASN B 90 23.11 -19.55 -27.89
N MET B 91 23.68 -19.13 -26.77
CA MET B 91 24.51 -17.93 -26.77
C MET B 91 25.96 -18.25 -27.11
N SER B 92 26.34 -19.52 -26.99
CA SER B 92 27.61 -20.05 -27.44
C SER B 92 27.71 -19.94 -28.96
N ALA B 93 28.95 -19.94 -29.51
CA ALA B 93 29.13 -19.87 -30.96
C ALA B 93 28.29 -20.90 -31.70
N SER B 94 27.51 -20.39 -32.66
CA SER B 94 26.70 -21.19 -33.56
C SER B 94 27.58 -21.93 -34.56
N ALA B 95 26.97 -22.89 -35.25
CA ALA B 95 27.66 -23.84 -36.10
C ALA B 95 28.33 -23.14 -37.29
N ASP B 96 27.73 -22.05 -37.77
CA ASP B 96 28.33 -21.34 -38.88
C ASP B 96 29.61 -20.61 -38.44
N VAL B 97 29.62 -20.14 -37.20
CA VAL B 97 30.77 -19.46 -36.63
C VAL B 97 31.85 -20.48 -36.37
N LEU B 98 31.46 -21.63 -35.84
CA LEU B 98 32.45 -22.63 -35.51
C LEU B 98 33.08 -23.19 -36.78
N ALA B 99 32.44 -22.96 -37.92
CA ALA B 99 32.93 -23.53 -39.16
C ALA B 99 33.97 -22.61 -39.78
N MET B 100 33.88 -21.32 -39.45
CA MET B 100 34.79 -20.30 -39.96
C MET B 100 36.07 -20.29 -39.12
N ALA B 101 36.04 -20.99 -37.97
CA ALA B 101 37.25 -21.18 -37.19
C ALA B 101 38.15 -22.19 -37.92
N LYS B 102 39.41 -22.33 -37.49
CA LYS B 102 40.36 -23.25 -38.13
C LYS B 102 40.62 -22.79 -39.57
N VAL B 103 41.09 -21.53 -39.74
CA VAL B 103 41.43 -21.01 -41.06
C VAL B 103 42.59 -21.82 -41.64
N GLU B 104 42.40 -22.27 -42.88
CA GLU B 104 43.43 -22.98 -43.59
C GLU B 104 44.12 -22.03 -44.57
N VAL B 105 45.46 -22.09 -44.59
CA VAL B 105 46.25 -21.29 -45.51
C VAL B 105 47.21 -22.20 -46.27
N LYS B 106 47.33 -21.98 -47.59
CA LYS B 106 48.31 -22.62 -48.45
C LYS B 106 49.70 -22.05 -48.14
N LEU B 107 50.76 -22.72 -48.62
CA LEU B 107 52.12 -22.30 -48.36
C LEU B 107 52.97 -22.31 -49.63
N GLY B 108 52.42 -22.89 -50.71
CA GLY B 108 53.09 -22.94 -52.00
C GLY B 108 53.23 -21.55 -52.62
N ALA B 109 52.25 -20.68 -52.34
CA ALA B 109 52.17 -19.32 -52.88
C ALA B 109 53.25 -18.43 -52.29
N ILE B 110 53.67 -18.74 -51.06
CA ILE B 110 54.54 -17.88 -50.26
C ILE B 110 55.99 -18.08 -50.66
N PRO B 111 56.65 -17.03 -51.23
CA PRO B 111 58.07 -17.10 -51.59
C PRO B 111 58.95 -17.00 -50.35
N LEU B 112 60.23 -17.38 -50.50
CA LEU B 112 61.22 -17.21 -49.44
C LEU B 112 61.45 -15.72 -49.18
N GLY B 113 61.59 -15.36 -47.89
CA GLY B 113 61.86 -14.00 -47.46
C GLY B 113 60.63 -13.10 -47.56
N LYS B 114 59.45 -13.67 -47.28
CA LYS B 114 58.20 -12.94 -47.35
C LYS B 114 57.35 -13.23 -46.13
N ASN B 115 56.54 -12.24 -45.76
CA ASN B 115 55.63 -12.33 -44.62
C ASN B 115 54.20 -12.01 -45.08
N VAL B 116 53.29 -12.96 -44.84
CA VAL B 116 51.89 -12.84 -45.21
C VAL B 116 51.12 -12.33 -43.99
N ILE B 117 49.91 -11.81 -44.25
CA ILE B 117 48.99 -11.35 -43.21
C ILE B 117 47.62 -11.98 -43.49
N ILE B 118 47.25 -12.95 -42.65
CA ILE B 118 46.03 -13.72 -42.79
C ILE B 118 45.10 -13.24 -41.69
N LYS B 119 43.87 -12.82 -42.02
CA LYS B 119 42.96 -12.58 -40.90
C LYS B 119 42.40 -13.89 -40.37
N TRP B 120 42.42 -14.00 -39.05
CA TRP B 120 42.07 -15.23 -38.37
C TRP B 120 41.46 -14.74 -37.08
N ARG B 121 40.14 -14.88 -36.98
CA ARG B 121 39.39 -14.39 -35.83
C ARG B 121 39.69 -12.91 -35.59
N GLY B 122 39.63 -12.14 -36.68
CA GLY B 122 39.72 -10.69 -36.61
C GLY B 122 41.14 -10.19 -36.31
N LYS B 123 41.93 -10.99 -35.59
CA LYS B 123 43.34 -10.69 -35.40
C LYS B 123 44.06 -10.97 -36.71
N PRO B 124 45.08 -10.15 -37.09
CA PRO B 124 46.00 -10.52 -38.17
C PRO B 124 47.05 -11.57 -37.74
N ILE B 125 47.38 -12.46 -38.70
CA ILE B 125 48.36 -13.51 -38.53
C ILE B 125 49.51 -13.22 -39.50
N PHE B 126 50.71 -13.02 -38.93
CA PHE B 126 51.90 -12.92 -39.77
C PHE B 126 52.45 -14.31 -40.05
N ILE B 127 52.52 -14.66 -41.33
CA ILE B 127 53.23 -15.87 -41.72
C ILE B 127 54.41 -15.48 -42.58
N ARG B 128 55.61 -15.74 -42.05
CA ARG B 128 56.85 -15.52 -42.75
C ARG B 128 57.46 -16.86 -43.19
N HIS B 129 57.86 -16.91 -44.47
CA HIS B 129 58.68 -17.98 -45.01
C HIS B 129 60.16 -17.60 -44.86
N ARG B 130 60.72 -17.95 -43.69
CA ARG B 130 62.07 -17.55 -43.30
C ARG B 130 63.10 -18.34 -44.10
N THR B 131 64.15 -17.62 -44.53
CA THR B 131 65.33 -18.20 -45.18
C THR B 131 66.24 -18.84 -44.12
N SER B 132 67.22 -19.63 -44.60
CA SER B 132 68.22 -20.29 -43.78
C SER B 132 68.95 -19.30 -42.87
N GLU B 133 69.41 -18.18 -43.44
CA GLU B 133 70.23 -17.21 -42.73
C GLU B 133 69.41 -16.41 -41.71
N GLU B 134 68.10 -16.31 -41.96
CA GLU B 134 67.17 -15.64 -41.05
C GLU B 134 67.03 -16.47 -39.77
N ILE B 135 66.88 -17.80 -39.95
CA ILE B 135 66.78 -18.79 -38.88
C ILE B 135 68.02 -18.69 -38.01
N GLU B 136 69.19 -18.60 -38.67
CA GLU B 136 70.48 -18.50 -38.03
C GLU B 136 70.54 -17.23 -37.17
N GLU B 137 70.07 -16.10 -37.73
CA GLU B 137 70.09 -14.80 -37.05
C GLU B 137 69.26 -14.87 -35.76
N ALA B 138 68.16 -15.63 -35.81
CA ALA B 138 67.24 -15.74 -34.69
C ALA B 138 67.81 -16.68 -33.62
N ASN B 139 68.60 -17.67 -34.04
CA ASN B 139 69.12 -18.69 -33.12
C ASN B 139 70.39 -18.20 -32.43
N GLU B 140 70.73 -16.91 -32.60
CA GLU B 140 71.95 -16.32 -32.05
C GLU B 140 71.71 -15.82 -30.62
N VAL B 141 70.75 -14.90 -30.48
CA VAL B 141 70.45 -14.17 -29.25
C VAL B 141 70.39 -15.15 -28.07
N ASN B 142 71.23 -14.89 -27.06
CA ASN B 142 71.18 -15.65 -25.82
C ASN B 142 69.83 -15.43 -25.16
N VAL B 143 69.16 -16.54 -24.83
CA VAL B 143 67.84 -16.55 -24.19
C VAL B 143 67.85 -15.67 -22.94
N ALA B 144 68.98 -15.70 -22.21
CA ALA B 144 69.13 -14.97 -20.96
C ALA B 144 68.67 -13.52 -21.08
N THR B 145 69.12 -12.82 -22.13
CA THR B 145 68.84 -11.39 -22.31
C THR B 145 67.63 -11.19 -23.22
N LEU B 146 66.44 -11.43 -22.65
CA LEU B 146 65.17 -11.40 -23.37
C LEU B 146 64.07 -11.19 -22.33
N ARG B 147 63.38 -10.05 -22.41
CA ARG B 147 62.26 -9.75 -21.54
C ARG B 147 61.43 -11.01 -21.34
N ASP B 148 61.01 -11.61 -22.47
CA ASP B 148 60.29 -12.89 -22.53
C ASP B 148 61.24 -13.97 -23.06
N PRO B 149 61.92 -14.75 -22.19
CA PRO B 149 62.93 -15.72 -22.61
C PRO B 149 62.34 -16.96 -23.29
N GLN B 150 62.60 -17.07 -24.60
CA GLN B 150 62.14 -18.17 -25.44
C GLN B 150 63.12 -18.30 -26.59
N THR B 151 63.34 -19.53 -27.05
CA THR B 151 64.11 -19.78 -28.26
C THR B 151 63.15 -20.09 -29.40
N ASP B 152 63.63 -19.93 -30.64
CA ASP B 152 62.83 -20.06 -31.85
C ASP B 152 62.15 -21.44 -31.88
N ASP B 153 62.82 -22.44 -31.34
CA ASP B 153 62.35 -23.82 -31.31
C ASP B 153 61.08 -23.96 -30.47
N GLU B 154 60.93 -23.10 -29.45
CA GLU B 154 59.73 -23.08 -28.62
C GLU B 154 58.57 -22.44 -29.37
N ARG B 155 58.91 -21.48 -30.24
CA ARG B 155 57.94 -20.67 -30.96
C ARG B 155 57.42 -21.43 -32.17
N VAL B 156 58.32 -21.81 -33.09
CA VAL B 156 57.94 -22.51 -34.31
C VAL B 156 57.97 -24.02 -34.08
N GLN B 157 57.09 -24.74 -34.78
CA GLN B 157 57.17 -26.20 -34.82
C GLN B 157 57.83 -26.62 -36.12
N LYS B 158 58.06 -25.63 -37.00
CA LYS B 158 58.76 -25.83 -38.26
C LYS B 158 59.59 -24.59 -38.55
N PRO B 159 60.94 -24.69 -38.53
CA PRO B 159 61.80 -23.51 -38.63
C PRO B 159 61.62 -22.60 -39.85
N GLU B 160 60.86 -23.07 -40.86
CA GLU B 160 60.67 -22.33 -42.10
C GLU B 160 59.32 -21.62 -42.06
N TRP B 161 58.56 -21.82 -40.98
CA TRP B 161 57.24 -21.23 -40.88
C TRP B 161 57.03 -20.51 -39.55
N LEU B 162 57.44 -19.24 -39.51
CA LEU B 162 57.06 -18.39 -38.39
C LEU B 162 55.59 -17.98 -38.53
N VAL B 163 54.75 -18.56 -37.68
CA VAL B 163 53.35 -18.21 -37.60
C VAL B 163 53.11 -17.51 -36.27
N MET B 164 52.64 -16.25 -36.32
CA MET B 164 52.37 -15.49 -35.11
C MET B 164 51.06 -14.72 -35.25
N ILE B 165 50.48 -14.42 -34.08
CA ILE B 165 49.42 -13.44 -33.97
C ILE B 165 50.06 -12.05 -33.98
N GLY B 166 49.86 -11.35 -35.12
CA GLY B 166 50.55 -10.11 -35.45
C GLY B 166 49.99 -8.89 -34.73
N VAL B 167 49.64 -9.05 -33.46
CA VAL B 167 49.24 -7.94 -32.60
C VAL B 167 50.37 -7.68 -31.62
N CYS B 168 50.79 -6.41 -31.50
CA CYS B 168 51.85 -6.03 -30.57
C CYS B 168 51.39 -6.21 -29.13
N THR B 169 52.31 -6.73 -28.31
CA THR B 169 51.99 -7.21 -26.98
C THR B 169 51.88 -6.06 -25.99
N HIS B 170 52.31 -4.86 -26.43
CA HIS B 170 52.24 -3.67 -25.60
C HIS B 170 50.78 -3.25 -25.35
N LEU B 171 50.15 -2.62 -26.36
CA LEU B 171 48.78 -2.19 -26.21
C LEU B 171 47.85 -2.90 -27.19
N GLY B 172 48.26 -3.02 -28.45
CA GLY B 172 47.57 -3.94 -29.34
C GLY B 172 47.53 -3.47 -30.80
N CYS B 173 48.48 -2.61 -31.15
CA CYS B 173 48.73 -2.17 -32.53
C CYS B 173 49.30 -3.33 -33.35
N VAL B 174 49.33 -3.16 -34.68
CA VAL B 174 49.93 -4.18 -35.51
C VAL B 174 51.32 -3.72 -35.97
N PRO B 175 52.39 -4.49 -35.65
CA PRO B 175 53.73 -4.13 -36.10
C PRO B 175 53.86 -4.17 -37.61
N ILE B 176 54.61 -3.21 -38.14
CA ILE B 176 55.00 -3.17 -39.54
C ILE B 176 56.20 -4.11 -39.66
N GLY B 177 56.07 -5.15 -40.49
CA GLY B 177 57.12 -6.14 -40.65
C GLY B 177 58.29 -5.63 -41.48
N GLU B 178 59.41 -6.36 -41.41
CA GLU B 178 60.66 -6.08 -42.11
C GLU B 178 61.34 -4.84 -41.51
N ALA B 179 60.54 -3.90 -41.00
CA ALA B 179 61.04 -2.77 -40.21
C ALA B 179 61.44 -3.24 -38.81
N GLY B 180 62.06 -2.34 -38.05
CA GLY B 180 62.59 -2.66 -36.73
C GLY B 180 64.05 -2.23 -36.60
N ASP B 181 64.79 -2.92 -35.72
CA ASP B 181 66.19 -2.65 -35.43
C ASP B 181 66.86 -3.99 -35.21
N PHE B 182 66.00 -5.00 -35.21
CA PHE B 182 66.35 -6.40 -35.08
C PHE B 182 65.74 -7.06 -36.30
N GLY B 183 65.49 -6.21 -37.30
CA GLY B 183 64.92 -6.48 -38.61
C GLY B 183 63.83 -7.55 -38.65
N GLY B 184 62.80 -7.42 -37.81
CA GLY B 184 61.69 -8.36 -37.81
C GLY B 184 60.37 -7.62 -38.01
N TRP B 185 59.94 -6.95 -36.94
CA TRP B 185 58.68 -6.25 -36.87
C TRP B 185 58.90 -5.04 -35.98
N PHE B 186 58.31 -3.90 -36.39
CA PHE B 186 58.38 -2.69 -35.60
C PHE B 186 56.98 -2.17 -35.40
N CYS B 187 56.57 -2.09 -34.13
CA CYS B 187 55.33 -1.44 -33.78
C CYS B 187 55.54 0.08 -33.86
N PRO B 188 54.79 0.80 -34.72
CA PRO B 188 55.03 2.23 -34.91
C PRO B 188 54.48 3.07 -33.76
N CYS B 189 53.56 2.47 -32.98
CA CYS B 189 52.75 3.13 -31.97
C CYS B 189 53.62 3.65 -30.82
N HIS B 190 54.46 2.78 -30.28
CA HIS B 190 55.31 3.17 -29.16
C HIS B 190 56.76 2.79 -29.44
N GLY B 191 57.01 2.25 -30.64
CA GLY B 191 58.35 1.89 -31.07
C GLY B 191 58.91 0.69 -30.32
N SER B 192 58.23 -0.45 -30.46
CA SER B 192 58.73 -1.71 -29.93
C SER B 192 59.18 -2.62 -31.08
N HIS B 193 60.36 -3.21 -30.91
CA HIS B 193 60.99 -3.96 -31.99
C HIS B 193 60.91 -5.45 -31.69
N TYR B 194 60.40 -6.19 -32.67
CA TYR B 194 60.34 -7.63 -32.56
C TYR B 194 61.35 -8.24 -33.54
N ASP B 195 61.68 -9.52 -33.31
CA ASP B 195 62.77 -10.23 -33.96
C ASP B 195 62.29 -11.06 -35.16
N ILE B 196 63.17 -11.93 -35.67
CA ILE B 196 62.83 -12.85 -36.76
C ILE B 196 62.17 -14.08 -36.16
N SER B 197 62.26 -14.20 -34.85
CA SER B 197 61.48 -15.17 -34.10
C SER B 197 60.20 -14.47 -33.66
N GLY B 198 60.17 -13.15 -33.83
CA GLY B 198 59.07 -12.37 -33.28
C GLY B 198 59.16 -12.25 -31.76
N ARG B 199 60.40 -12.22 -31.26
CA ARG B 199 60.68 -11.94 -29.86
C ARG B 199 60.90 -10.44 -29.67
N ILE B 200 60.43 -9.94 -28.52
CA ILE B 200 60.59 -8.53 -28.17
C ILE B 200 62.05 -8.27 -27.79
N ARG B 201 62.62 -7.19 -28.35
CA ARG B 201 64.02 -6.85 -28.14
C ARG B 201 64.15 -5.47 -27.50
N ARG B 202 63.43 -4.49 -28.08
CA ARG B 202 63.48 -3.10 -27.65
C ARG B 202 62.09 -2.49 -27.66
N GLY B 203 61.82 -1.60 -26.70
CA GLY B 203 60.58 -0.84 -26.63
C GLY B 203 59.64 -1.33 -25.53
N PRO B 204 58.44 -0.71 -25.39
CA PRO B 204 57.56 -0.91 -24.23
C PRO B 204 56.96 -2.30 -24.03
N ALA B 205 56.86 -3.04 -25.14
CA ALA B 205 56.14 -4.30 -25.19
C ALA B 205 56.75 -5.31 -24.22
N PRO B 206 55.92 -5.96 -23.36
CA PRO B 206 56.38 -6.93 -22.37
C PRO B 206 56.68 -8.35 -22.86
N LEU B 207 55.89 -8.85 -23.82
CA LEU B 207 55.92 -10.25 -24.24
C LEU B 207 56.30 -10.38 -25.71
N ASN B 208 56.68 -11.59 -26.13
CA ASN B 208 56.91 -11.87 -27.54
C ASN B 208 55.57 -12.10 -28.22
N LEU B 209 55.50 -11.80 -29.52
CA LEU B 209 54.29 -11.92 -30.33
C LEU B 209 53.72 -13.34 -30.22
N GLU B 210 52.49 -13.47 -29.68
CA GLU B 210 51.83 -14.75 -29.41
C GLU B 210 51.82 -15.69 -30.60
N ILE B 211 51.89 -16.99 -30.31
CA ILE B 211 51.82 -18.01 -31.33
C ILE B 211 50.46 -18.67 -31.22
N PRO B 212 49.68 -18.72 -32.34
CA PRO B 212 48.40 -19.42 -32.30
C PRO B 212 48.61 -20.92 -32.22
N GLU B 213 47.54 -21.68 -32.01
CA GLU B 213 47.66 -23.12 -32.20
C GLU B 213 47.46 -23.46 -33.67
N TYR B 214 48.56 -23.85 -34.29
CA TYR B 214 48.55 -24.16 -35.71
C TYR B 214 49.17 -25.54 -35.90
N ASP B 215 48.64 -26.28 -36.87
CA ASP B 215 49.13 -27.60 -37.22
C ASP B 215 49.31 -27.68 -38.73
N PHE B 216 50.37 -28.39 -39.14
CA PHE B 216 50.60 -28.69 -40.54
C PHE B 216 49.85 -29.97 -40.90
N ALA B 217 48.65 -29.79 -41.50
CA ALA B 217 47.82 -30.87 -42.00
C ALA B 217 48.53 -31.56 -43.16
N ASP B 218 48.90 -30.75 -44.17
CA ASP B 218 49.83 -31.11 -45.22
C ASP B 218 51.13 -30.35 -44.98
N ALA B 219 52.15 -30.60 -45.81
CA ALA B 219 53.41 -29.87 -45.76
C ALA B 219 53.29 -28.53 -46.47
N GLU B 220 52.15 -28.31 -47.13
CA GLU B 220 51.92 -27.20 -48.04
C GLU B 220 50.70 -26.39 -47.58
N THR B 221 50.01 -26.90 -46.54
CA THR B 221 48.89 -26.20 -45.93
C THR B 221 48.93 -26.34 -44.41
N LEU B 222 48.75 -25.19 -43.73
CA LEU B 222 48.55 -25.21 -42.29
C LEU B 222 47.16 -24.68 -41.95
N VAL B 223 46.58 -25.30 -40.92
CA VAL B 223 45.32 -24.88 -40.33
C VAL B 223 45.61 -24.16 -39.02
N ILE B 224 44.83 -23.14 -38.69
CA ILE B 224 45.18 -22.33 -37.54
C ILE B 224 44.08 -22.44 -36.49
N ALA C 2 26.39 6.47 14.62
CA ALA C 2 26.88 6.52 16.10
C ALA C 2 25.77 6.70 17.13
N SER C 3 26.04 6.23 18.35
CA SER C 3 25.09 6.39 19.44
C SER C 3 25.39 7.69 20.18
N ILE C 4 24.35 8.32 20.69
CA ILE C 4 24.52 9.53 21.48
C ILE C 4 25.36 9.20 22.72
N THR C 5 25.17 7.99 23.25
CA THR C 5 25.93 7.56 24.41
C THR C 5 27.43 7.66 24.12
N SER C 6 27.86 7.14 22.95
CA SER C 6 29.25 7.15 22.54
C SER C 6 29.78 8.57 22.53
N VAL C 7 29.00 9.46 21.92
CA VAL C 7 29.42 10.83 21.73
C VAL C 7 29.61 11.48 23.09
N VAL C 8 28.65 11.23 23.98
CA VAL C 8 28.68 11.84 25.29
C VAL C 8 29.85 11.32 26.11
N LYS C 9 30.09 10.00 26.10
CA LYS C 9 31.20 9.42 26.86
C LYS C 9 32.56 9.94 26.39
N THR C 10 32.75 9.96 25.07
CA THR C 10 34.02 10.40 24.51
C THR C 10 34.25 11.87 24.84
N SER C 11 33.19 12.66 24.76
CA SER C 11 33.30 14.06 25.08
C SER C 11 33.72 14.23 26.54
N GLU C 12 33.23 13.35 27.41
CA GLU C 12 33.53 13.49 28.82
C GLU C 12 35.00 13.14 29.08
N LEU C 13 35.55 12.16 28.34
CA LEU C 13 36.98 11.84 28.43
C LEU C 13 37.84 13.04 28.06
N ILE C 14 37.40 13.81 27.08
CA ILE C 14 38.17 14.96 26.58
C ILE C 14 38.09 16.09 27.60
N LEU C 15 36.88 16.32 28.13
CA LEU C 15 36.69 17.41 29.06
C LEU C 15 37.42 17.18 30.37
N LYS C 16 37.63 15.89 30.74
CA LYS C 16 38.42 15.54 31.92
C LYS C 16 39.87 15.96 31.74
N SER C 17 40.53 15.50 30.65
CA SER C 17 41.94 15.77 30.39
C SER C 17 42.16 17.27 30.22
N PRO C 18 42.98 17.94 31.08
CA PRO C 18 43.18 19.39 31.00
C PRO C 18 43.77 19.82 29.67
N LEU C 19 44.85 19.13 29.26
CA LEU C 19 45.53 19.31 27.98
C LEU C 19 44.53 19.25 26.82
N LEU C 20 43.78 18.15 26.77
CA LEU C 20 42.85 17.91 25.67
C LEU C 20 41.78 19.00 25.63
N SER C 21 41.18 19.32 26.77
CA SER C 21 40.14 20.34 26.81
C SER C 21 40.69 21.70 26.38
N LYS C 22 41.94 22.00 26.76
CA LYS C 22 42.57 23.27 26.44
C LYS C 22 42.65 23.48 24.93
N ILE C 23 42.75 22.39 24.17
CA ILE C 23 42.92 22.52 22.72
C ILE C 23 41.62 22.24 21.98
N VAL C 24 40.70 21.47 22.58
CA VAL C 24 39.52 20.99 21.88
C VAL C 24 38.36 21.96 22.12
N VAL C 25 38.20 22.47 23.34
CA VAL C 25 37.04 23.29 23.62
C VAL C 25 36.99 24.56 22.77
N PRO C 26 38.10 25.30 22.56
CA PRO C 26 38.07 26.44 21.64
C PRO C 26 37.76 26.06 20.19
N LEU C 27 38.27 24.91 19.75
CA LEU C 27 37.99 24.45 18.40
C LEU C 27 36.50 24.14 18.26
N ALA C 28 35.93 23.52 19.29
CA ALA C 28 34.55 23.09 19.20
C ALA C 28 33.66 24.31 19.16
N LYS C 29 34.05 25.36 19.88
CA LYS C 29 33.29 26.60 19.87
C LYS C 29 33.31 27.24 18.50
N THR C 30 34.46 27.20 17.82
CA THR C 30 34.50 27.78 16.49
C THR C 30 33.72 26.93 15.52
N TYR C 31 33.83 25.60 15.68
CA TYR C 31 33.11 24.70 14.79
C TYR C 31 31.63 25.05 14.83
N VAL C 32 31.11 25.22 16.03
CA VAL C 32 29.69 25.46 16.19
C VAL C 32 29.32 26.80 15.57
N LYS C 33 30.21 27.80 15.67
CA LYS C 33 29.96 29.12 15.10
C LYS C 33 29.93 29.04 13.58
N PHE C 34 30.86 28.28 12.99
CA PHE C 34 30.88 28.14 11.55
C PHE C 34 29.76 27.25 11.03
N SER C 35 29.29 26.32 11.86
CA SER C 35 28.25 25.39 11.46
C SER C 35 27.03 26.18 11.02
N GLY C 36 26.67 27.16 11.85
CA GLY C 36 25.65 28.14 11.51
C GLY C 36 24.24 27.64 11.74
N TYR C 37 24.06 26.58 12.53
CA TYR C 37 22.70 26.17 12.78
C TYR C 37 21.96 27.19 13.66
N ARG C 38 22.71 27.98 14.42
CA ARG C 38 22.07 28.95 15.28
C ARG C 38 21.45 30.08 14.47
N GLN C 39 21.93 30.26 13.23
CA GLN C 39 21.41 31.30 12.37
C GLN C 39 20.07 30.91 11.77
N LEU C 40 19.61 29.67 12.01
CA LEU C 40 18.28 29.30 11.60
C LEU C 40 17.38 29.12 12.82
N GLY C 41 17.94 29.45 13.98
CA GLY C 41 17.18 29.45 15.21
C GLY C 41 17.01 28.03 15.77
N PHE C 42 17.93 27.14 15.42
CA PHE C 42 17.89 25.81 15.96
C PHE C 42 18.73 25.73 17.23
N LYS C 43 18.36 24.83 18.13
CA LYS C 43 19.30 24.39 19.16
C LYS C 43 19.99 23.14 18.64
N MET C 44 21.23 22.89 19.08
CA MET C 44 21.99 21.76 18.58
C MET C 44 21.14 20.49 18.52
N ASN C 45 20.40 20.19 19.59
CA ASN C 45 19.72 18.91 19.70
C ASN C 45 18.62 18.75 18.66
N ASP C 46 18.11 19.85 18.10
CA ASP C 46 17.12 19.79 17.04
C ASP C 46 17.65 19.08 15.81
N LEU C 47 18.98 18.98 15.67
CA LEU C 47 19.53 18.42 14.45
C LEU C 47 19.74 16.91 14.51
N ILE C 48 19.55 16.30 15.68
CA ILE C 48 19.86 14.88 15.80
C ILE C 48 18.83 14.03 15.06
N ILE C 49 19.31 13.02 14.32
CA ILE C 49 18.48 12.16 13.49
C ILE C 49 17.44 11.47 14.36
N GLU C 50 16.17 11.53 13.98
CA GLU C 50 15.14 11.06 14.88
C GLU C 50 14.41 9.84 14.34
N GLU C 51 14.71 9.41 13.11
CA GLU C 51 13.98 8.30 12.54
C GLU C 51 14.67 7.01 12.97
N THR C 52 14.66 6.75 14.27
CA THR C 52 15.17 5.52 14.85
C THR C 52 14.22 5.19 15.99
N PRO C 53 13.99 3.91 16.36
CA PRO C 53 13.04 3.60 17.43
C PRO C 53 13.44 4.30 18.74
N ASN C 54 14.74 4.30 19.05
CA ASN C 54 15.24 4.90 20.27
C ASN C 54 14.92 6.38 20.33
N MET C 55 15.14 7.09 19.23
CA MET C 55 14.95 8.52 19.25
C MET C 55 13.48 8.87 19.26
N GLN C 56 12.67 8.03 18.62
CA GLN C 56 11.25 8.25 18.65
C GLN C 56 10.77 8.16 20.09
N LEU C 57 11.32 7.20 20.84
CA LEU C 57 10.94 7.00 22.23
C LEU C 57 11.39 8.19 23.06
N ALA C 58 12.61 8.67 22.83
CA ALA C 58 13.08 9.83 23.59
C ALA C 58 12.20 11.04 23.31
N LEU C 59 11.72 11.20 22.08
CA LEU C 59 10.94 12.39 21.79
C LEU C 59 9.59 12.34 22.47
N ARG C 60 9.04 11.13 22.59
CA ARG C 60 7.77 10.91 23.27
C ARG C 60 7.89 11.21 24.76
N ARG C 61 9.11 11.16 25.30
CA ARG C 61 9.33 11.38 26.72
C ARG C 61 9.59 12.84 27.04
N LEU C 62 9.73 13.70 26.01
CA LEU C 62 9.91 15.12 26.26
C LEU C 62 8.71 15.69 27.02
N PRO C 63 8.94 16.64 27.96
CA PRO C 63 7.86 17.40 28.58
C PRO C 63 7.04 18.13 27.52
N PRO C 64 5.71 18.27 27.67
CA PRO C 64 4.87 18.81 26.59
C PRO C 64 5.36 20.17 26.06
N THR C 65 5.75 21.06 26.97
CA THR C 65 6.22 22.39 26.63
C THR C 65 7.46 22.31 25.75
N GLU C 66 8.45 21.50 26.15
CA GLU C 66 9.67 21.33 25.38
C GLU C 66 9.34 20.79 23.99
N SER C 67 8.37 19.88 23.95
CA SER C 67 8.00 19.30 22.70
C SER C 67 7.36 20.35 21.79
N TYR C 68 6.47 21.18 22.34
CA TYR C 68 5.77 22.18 21.54
C TYR C 68 6.76 23.19 21.00
N ASP C 69 7.77 23.51 21.82
CA ASP C 69 8.76 24.49 21.41
C ASP C 69 9.62 23.94 20.27
N ARG C 70 9.93 22.65 20.35
CA ARG C 70 10.76 22.03 19.33
C ARG C 70 10.00 22.08 18.00
N VAL C 71 8.71 21.77 18.04
CA VAL C 71 7.93 21.79 16.81
C VAL C 71 7.97 23.18 16.20
N TYR C 72 7.82 24.21 17.03
CA TYR C 72 7.93 25.53 16.48
C TYR C 72 9.30 25.83 15.88
N ARG C 73 10.39 25.47 16.56
CA ARG C 73 11.70 25.72 15.98
C ARG C 73 11.88 25.00 14.64
N LEU C 74 11.37 23.78 14.51
CA LEU C 74 11.54 23.09 13.24
C LEU C 74 10.73 23.77 12.14
N ILE C 75 9.54 24.25 12.48
CA ILE C 75 8.69 24.84 11.45
C ILE C 75 9.28 26.18 11.04
N ARG C 76 9.68 26.96 12.02
CA ARG C 76 10.33 28.22 11.74
C ARG C 76 11.59 28.01 10.86
N ALA C 77 12.43 27.02 11.19
CA ALA C 77 13.67 26.85 10.42
C ALA C 77 13.32 26.43 9.01
N THR C 78 12.31 25.58 8.87
CA THR C 78 11.96 25.14 7.54
C THR C 78 11.50 26.32 6.70
N GLN C 79 10.84 27.29 7.34
CA GLN C 79 10.37 28.44 6.59
C GLN C 79 11.56 29.32 6.21
N PHE C 80 12.56 29.46 7.09
CA PHE C 80 13.73 30.23 6.70
C PHE C 80 14.46 29.55 5.55
N SER C 81 14.56 28.23 5.62
CA SER C 81 15.21 27.45 4.59
C SER C 81 14.53 27.70 3.24
N LEU C 82 13.20 27.64 3.19
CA LEU C 82 12.58 27.68 1.89
C LEU C 82 12.59 29.10 1.32
N SER C 83 12.67 30.09 2.20
CA SER C 83 12.74 31.49 1.80
C SER C 83 14.17 31.93 1.52
N HIS C 84 15.16 31.08 1.85
CA HIS C 84 16.58 31.42 1.76
C HIS C 84 16.94 32.66 2.57
N LYS C 85 16.35 32.78 3.75
CA LYS C 85 16.62 33.86 4.67
C LYS C 85 17.33 33.26 5.87
N LEU C 86 17.98 34.11 6.67
CA LEU C 86 18.44 33.66 7.97
C LEU C 86 17.54 34.26 9.07
N ALA C 87 17.61 33.69 10.27
CA ALA C 87 16.97 34.27 11.44
C ALA C 87 17.59 35.64 11.72
N THR C 88 16.78 36.56 12.22
CA THR C 88 17.32 37.82 12.70
C THR C 88 16.78 38.06 14.11
N GLY C 89 17.50 38.88 14.87
CA GLY C 89 17.03 39.35 16.16
C GLY C 89 16.83 38.19 17.13
N ASN C 90 15.59 38.02 17.60
CA ASN C 90 15.31 37.08 18.67
C ASN C 90 15.24 35.65 18.15
N ASP C 91 15.18 35.51 16.83
CA ASP C 91 15.10 34.19 16.23
C ASP C 91 16.47 33.51 16.24
N ILE C 92 17.55 34.30 16.27
CA ILE C 92 18.88 33.72 16.34
C ILE C 92 19.06 33.08 17.72
N THR C 93 19.54 31.83 17.73
CA THR C 93 19.78 31.13 18.98
C THR C 93 21.04 31.70 19.61
N LYS C 94 20.89 32.25 20.83
CA LYS C 94 22.02 32.79 21.56
C LYS C 94 22.72 31.61 22.22
N PRO C 95 24.07 31.64 22.39
CA PRO C 95 24.80 30.51 22.99
C PRO C 95 24.25 29.99 24.31
N GLU C 96 23.63 30.89 25.11
CA GLU C 96 23.06 30.59 26.42
C GLU C 96 21.72 29.88 26.29
N GLU C 97 21.07 29.97 25.12
CA GLU C 97 19.80 29.31 24.90
C GLU C 97 20.00 27.93 24.27
N ASP C 98 21.23 27.60 23.89
CA ASP C 98 21.47 26.34 23.18
C ASP C 98 21.60 25.21 24.20
N ASP C 99 20.49 24.82 24.83
CA ASP C 99 20.52 23.85 25.91
C ASP C 99 20.26 22.45 25.37
N HIS C 100 20.91 21.45 25.99
CA HIS C 100 20.78 20.07 25.57
C HIS C 100 19.51 19.44 26.13
N TYR C 101 18.35 19.84 25.60
CA TYR C 101 17.09 19.49 26.23
C TYR C 101 16.83 18.01 26.00
N LEU C 102 17.41 17.44 24.95
CA LEU C 102 17.01 16.10 24.57
C LEU C 102 18.02 15.06 25.03
N ILE C 103 19.27 15.49 25.23
CA ILE C 103 20.36 14.55 25.54
C ILE C 103 19.98 13.66 26.73
N PRO C 104 19.47 14.17 27.88
CA PRO C 104 19.11 13.32 29.01
C PRO C 104 18.10 12.22 28.69
N TYR C 105 17.12 12.53 27.84
CA TYR C 105 16.11 11.56 27.49
C TYR C 105 16.71 10.46 26.62
N ILE C 106 17.55 10.85 25.66
CA ILE C 106 18.03 9.81 24.75
C ILE C 106 19.06 8.97 25.48
N LEU C 107 19.79 9.58 26.42
CA LEU C 107 20.75 8.80 27.16
C LEU C 107 20.06 7.75 28.01
N ASP C 108 18.87 8.05 28.54
CA ASP C 108 18.14 7.07 29.34
C ASP C 108 17.58 5.96 28.47
N VAL C 109 16.99 6.32 27.32
CA VAL C 109 16.45 5.34 26.41
C VAL C 109 17.56 4.37 26.01
N GLU C 110 18.71 4.94 25.62
CA GLU C 110 19.81 4.13 25.11
C GLU C 110 20.40 3.29 26.25
N ALA C 111 20.46 3.84 27.47
CA ALA C 111 21.05 3.12 28.60
C ALA C 111 20.33 1.79 28.75
N GLU C 112 18.99 1.86 28.70
CA GLU C 112 18.18 0.67 28.87
C GLU C 112 18.37 -0.27 27.69
N ALA C 113 18.40 0.28 26.48
CA ALA C 113 18.55 -0.56 25.31
C ALA C 113 19.89 -1.29 25.33
N PHE C 114 20.94 -0.62 25.82
CA PHE C 114 22.25 -1.25 25.83
C PHE C 114 22.37 -2.25 26.96
N GLU C 115 21.69 -1.99 28.08
CA GLU C 115 21.68 -2.94 29.17
C GLU C 115 20.96 -4.20 28.70
N LYS C 116 19.88 -3.99 27.94
CA LYS C 116 19.08 -5.11 27.49
C LYS C 116 19.94 -6.02 26.62
N ASP C 117 20.70 -5.44 25.68
CA ASP C 117 21.63 -6.20 24.85
C ASP C 117 22.68 -6.92 25.70
N ALA C 118 23.22 -6.26 26.71
CA ALA C 118 24.21 -6.94 27.54
C ALA C 118 23.57 -8.14 28.23
N LEU C 119 22.38 -7.94 28.80
CA LEU C 119 21.80 -8.94 29.67
C LEU C 119 21.28 -10.11 28.86
N ASP C 120 21.01 -9.88 27.57
CA ASP C 120 20.62 -10.93 26.65
C ASP C 120 21.79 -11.89 26.40
N ASN C 121 22.99 -11.48 26.81
CA ASN C 121 24.21 -12.24 26.59
C ASN C 121 24.86 -12.59 27.92
N LEU C 122 24.04 -12.71 28.97
CA LEU C 122 24.68 -13.09 30.22
C LEU C 122 24.87 -14.61 30.29
N GLU C 123 25.93 -15.01 30.99
CA GLU C 123 26.27 -16.40 31.20
C GLU C 123 26.37 -16.65 32.70
N VAL C 124 25.47 -17.50 33.23
CA VAL C 124 25.54 -17.89 34.62
C VAL C 124 26.86 -18.62 34.87
N VAL C 125 27.64 -18.11 35.84
CA VAL C 125 28.96 -18.63 36.14
C VAL C 125 28.90 -19.72 37.22
N PRO D 66 47.96 34.94 -58.05
CA PRO D 66 48.63 33.94 -57.20
C PRO D 66 47.98 33.67 -55.84
N ASP D 67 48.44 32.60 -55.20
CA ASP D 67 47.87 32.11 -53.94
C ASP D 67 48.10 33.15 -52.85
N PRO D 68 47.01 33.67 -52.23
CA PRO D 68 47.12 34.72 -51.22
C PRO D 68 47.90 34.25 -50.01
N ALA D 69 47.84 32.93 -49.72
CA ALA D 69 48.44 32.37 -48.53
C ALA D 69 49.95 32.58 -48.52
N ILE D 70 50.58 32.48 -49.70
CA ILE D 70 52.03 32.56 -49.86
C ILE D 70 52.54 33.87 -49.26
N ALA D 71 51.92 34.98 -49.68
CA ALA D 71 52.29 36.32 -49.24
C ALA D 71 52.02 36.51 -47.74
N LEU D 72 50.85 36.02 -47.28
CA LEU D 72 50.46 36.23 -45.90
C LEU D 72 51.39 35.47 -44.95
N HIS D 73 51.80 34.27 -45.35
CA HIS D 73 52.67 33.42 -44.56
C HIS D 73 54.06 34.03 -44.47
N GLU D 74 54.49 34.66 -45.56
CA GLU D 74 55.84 35.22 -45.61
C GLU D 74 55.91 36.44 -44.68
N ALA D 75 54.84 37.25 -44.75
CA ALA D 75 54.67 38.46 -43.97
C ALA D 75 54.63 38.15 -42.48
N ALA D 76 53.94 37.06 -42.12
CA ALA D 76 53.78 36.68 -40.73
C ALA D 76 55.08 36.08 -40.17
N ALA D 77 55.92 35.53 -41.06
CA ALA D 77 57.16 34.93 -40.62
C ALA D 77 58.19 36.03 -40.31
N GLU D 78 58.19 37.08 -41.14
CA GLU D 78 59.13 38.19 -41.04
C GLU D 78 58.73 39.13 -39.91
N GLY D 79 57.43 39.13 -39.60
CA GLY D 79 56.85 40.06 -38.64
C GLY D 79 56.62 39.41 -37.27
N PRO D 80 55.36 39.05 -36.93
CA PRO D 80 55.02 38.62 -35.56
C PRO D 80 55.59 37.27 -35.12
N CYS D 81 56.09 36.49 -36.08
CA CYS D 81 56.64 35.18 -35.77
C CYS D 81 58.11 35.14 -36.13
N HIS D 82 58.83 36.23 -35.84
CA HIS D 82 60.22 36.34 -36.26
C HIS D 82 61.14 35.52 -35.37
N ASP D 83 60.79 35.46 -34.08
CA ASP D 83 61.57 34.73 -33.09
C ASP D 83 61.53 33.24 -33.43
N PHE D 84 60.33 32.77 -33.84
CA PHE D 84 60.13 31.37 -34.16
C PHE D 84 60.77 31.02 -35.50
N LYS D 85 60.79 32.00 -36.41
CA LYS D 85 61.43 31.83 -37.71
C LYS D 85 62.91 31.57 -37.49
N HIS D 86 63.51 32.38 -36.61
CA HIS D 86 64.92 32.32 -36.30
C HIS D 86 65.26 31.00 -35.59
N HIS D 87 64.36 30.52 -34.70
CA HIS D 87 64.56 29.26 -34.00
C HIS D 87 64.65 28.11 -34.98
N PHE D 88 63.68 28.06 -35.90
CA PHE D 88 63.62 27.01 -36.89
C PHE D 88 64.88 27.06 -37.75
N ASP D 89 65.27 28.27 -38.17
CA ASP D 89 66.45 28.44 -39.01
C ASP D 89 67.69 27.88 -38.31
N GLU D 90 67.90 28.31 -37.06
CA GLU D 90 69.05 27.85 -36.29
C GLU D 90 69.04 26.33 -36.14
N CYS D 91 67.86 25.76 -35.85
CA CYS D 91 67.70 24.31 -35.77
C CYS D 91 68.18 23.65 -37.07
N VAL D 92 67.67 24.12 -38.22
CA VAL D 92 67.97 23.52 -39.51
C VAL D 92 69.49 23.51 -39.72
N GLU D 93 70.14 24.66 -39.44
CA GLU D 93 71.58 24.81 -39.55
C GLU D 93 72.30 23.70 -38.77
N ARG D 94 71.89 23.47 -37.51
CA ARG D 94 72.50 22.48 -36.63
C ARG D 94 72.33 21.08 -37.20
N VAL D 95 71.12 20.77 -37.66
CA VAL D 95 70.79 19.41 -38.05
C VAL D 95 71.52 19.06 -39.35
N THR D 96 71.50 19.99 -40.32
CA THR D 96 72.16 19.79 -41.60
C THR D 96 73.65 19.55 -41.40
N LYS D 97 74.26 20.35 -40.51
CA LYS D 97 75.67 20.29 -40.17
C LYS D 97 75.99 18.94 -39.52
N ALA D 98 75.05 18.45 -38.71
CA ALA D 98 75.23 17.22 -37.97
C ALA D 98 75.13 16.02 -38.91
N GLN D 99 74.31 16.17 -39.95
CA GLN D 99 74.10 15.13 -40.95
C GLN D 99 75.30 15.06 -41.88
N GLU D 100 75.95 16.22 -42.08
CA GLU D 100 77.13 16.38 -42.92
C GLU D 100 78.30 15.60 -42.34
N ALA D 101 78.43 15.63 -41.01
CA ALA D 101 79.48 14.94 -40.28
C ALA D 101 79.29 13.43 -40.41
N GLU D 102 80.43 12.71 -40.46
CA GLU D 102 80.47 11.28 -40.61
C GLU D 102 80.13 10.59 -39.29
N ASP D 103 79.69 9.33 -39.40
CA ASP D 103 79.23 8.49 -38.31
C ASP D 103 78.00 9.12 -37.64
N TYR D 104 77.21 9.81 -38.47
CA TYR D 104 75.90 10.31 -38.07
C TYR D 104 74.89 9.18 -38.14
N ASP D 105 75.08 8.28 -39.12
CA ASP D 105 74.17 7.16 -39.35
C ASP D 105 74.27 6.15 -38.21
N HIS D 106 75.44 6.10 -37.55
CA HIS D 106 75.67 5.23 -36.40
C HIS D 106 75.65 6.05 -35.11
N ALA D 107 74.68 6.97 -35.02
CA ALA D 107 74.46 7.72 -33.79
C ALA D 107 73.21 7.19 -33.08
N GLU D 108 73.13 7.45 -31.78
CA GLU D 108 72.00 7.02 -30.97
C GLU D 108 70.82 7.94 -31.25
N TYR D 109 71.05 9.25 -31.07
CA TYR D 109 70.01 10.27 -31.18
C TYR D 109 70.22 11.12 -32.43
N LYS D 110 69.24 11.07 -33.33
CA LYS D 110 69.23 11.93 -34.52
C LYS D 110 68.18 13.03 -34.32
N GLU D 111 68.65 14.28 -34.19
CA GLU D 111 67.81 15.44 -33.96
C GLU D 111 67.03 15.77 -35.24
N ASP D 112 65.76 16.15 -35.07
CA ASP D 112 64.93 16.74 -36.12
C ASP D 112 64.62 18.19 -35.77
N CYS D 113 63.82 18.84 -36.62
CA CYS D 113 63.44 20.21 -36.41
C CYS D 113 61.93 20.36 -36.39
N VAL D 114 61.26 19.25 -36.12
CA VAL D 114 59.82 19.24 -36.17
C VAL D 114 59.25 20.16 -35.10
N GLU D 115 59.84 20.11 -33.90
CA GLU D 115 59.32 20.90 -32.80
C GLU D 115 59.30 22.38 -33.16
N GLU D 116 60.44 22.85 -33.69
CA GLU D 116 60.61 24.25 -34.03
C GLU D 116 59.70 24.63 -35.18
N PHE D 117 59.54 23.68 -36.10
CA PHE D 117 58.67 23.87 -37.24
C PHE D 117 57.24 24.05 -36.75
N PHE D 118 56.80 23.19 -35.83
CA PHE D 118 55.47 23.32 -35.28
C PHE D 118 55.29 24.66 -34.59
N HIS D 119 56.32 25.12 -33.85
CA HIS D 119 56.16 26.38 -33.14
C HIS D 119 55.95 27.51 -34.13
N LEU D 120 56.70 27.45 -35.23
CA LEU D 120 56.60 28.46 -36.27
C LEU D 120 55.24 28.40 -36.95
N GLN D 121 54.82 27.20 -37.36
CA GLN D 121 53.60 27.06 -38.16
C GLN D 121 52.41 27.45 -37.30
N HIS D 122 52.44 27.01 -36.03
CA HIS D 122 51.35 27.29 -35.13
C HIS D 122 51.18 28.80 -34.98
N CYS D 123 52.32 29.50 -34.93
CA CYS D 123 52.35 30.95 -34.80
C CYS D 123 51.83 31.60 -36.08
N ILE D 124 52.33 31.15 -37.23
CA ILE D 124 51.90 31.75 -38.49
C ILE D 124 50.40 31.60 -38.66
N ASN D 125 49.87 30.44 -38.27
CA ASN D 125 48.46 30.16 -38.51
C ASN D 125 47.59 31.08 -37.66
N ASP D 126 48.04 31.36 -36.43
CA ASP D 126 47.36 32.24 -35.50
C ASP D 126 47.28 33.67 -36.05
N ASN D 127 48.25 34.05 -36.89
CA ASN D 127 48.34 35.42 -37.37
C ASN D 127 47.77 35.59 -38.77
N THR D 128 47.14 34.55 -39.33
CA THR D 128 46.91 34.52 -40.76
C THR D 128 45.50 34.04 -41.08
N ALA D 129 45.05 33.04 -40.32
CA ALA D 129 43.75 32.41 -40.46
C ALA D 129 42.66 33.41 -40.91
N ASP D 130 42.42 34.45 -40.11
CA ASP D 130 41.35 35.40 -40.35
C ASP D 130 41.60 36.18 -41.63
N LYS D 131 42.86 36.55 -41.85
CA LYS D 131 43.22 37.39 -42.98
C LYS D 131 43.01 36.63 -44.29
N LEU D 132 43.36 35.34 -44.26
CA LEU D 132 43.30 34.52 -45.46
C LEU D 132 41.85 34.32 -45.88
N PHE D 133 41.01 33.93 -44.93
CA PHE D 133 39.64 33.63 -45.29
C PHE D 133 38.88 34.89 -45.71
N ARG D 134 39.43 36.06 -45.36
CA ARG D 134 38.83 37.32 -45.73
C ARG D 134 39.02 37.62 -47.22
N VAL D 135 40.03 37.02 -47.85
CA VAL D 135 40.34 37.28 -49.26
C VAL D 135 39.96 36.10 -50.16
N LEU D 136 39.04 35.23 -49.71
CA LEU D 136 38.53 34.16 -50.56
C LEU D 136 37.00 34.26 -50.70
N VAL E 26 -51.10 37.72 8.28
CA VAL E 26 -50.79 39.18 8.01
C VAL E 26 -50.49 39.92 9.31
N SER E 27 -49.22 40.34 9.46
CA SER E 27 -48.70 40.96 10.67
C SER E 27 -49.25 42.38 10.85
N PRO E 28 -49.40 42.91 12.10
CA PRO E 28 -49.75 44.32 12.29
C PRO E 28 -48.66 45.24 11.76
N LYS E 29 -49.09 46.41 11.31
CA LYS E 29 -48.27 47.44 10.71
C LYS E 29 -47.26 48.00 11.70
N THR E 30 -46.00 48.18 11.25
CA THR E 30 -44.97 48.79 12.07
C THR E 30 -45.08 50.31 11.96
N ARG E 31 -45.44 50.97 13.07
CA ARG E 31 -45.56 52.42 13.04
C ARG E 31 -44.19 53.03 13.34
N THR E 32 -43.94 54.19 12.72
CA THR E 32 -42.66 54.87 12.79
C THR E 32 -42.92 56.36 12.96
N SER E 33 -42.26 56.96 13.95
CA SER E 33 -42.27 58.40 14.16
C SER E 33 -40.85 58.87 14.43
N ASN E 34 -40.63 60.17 14.19
CA ASN E 34 -39.40 60.86 14.52
C ASN E 34 -39.66 61.88 15.64
N LEU E 35 -38.59 62.21 16.37
CA LEU E 35 -38.56 63.37 17.25
C LEU E 35 -37.87 64.52 16.52
N LYS E 36 -37.71 65.63 17.24
CA LYS E 36 -37.10 66.85 16.73
C LYS E 36 -35.59 66.68 16.58
N ASN E 37 -34.95 66.00 17.54
CA ASN E 37 -33.51 65.78 17.47
C ASN E 37 -33.16 64.82 16.33
N GLY E 38 -34.10 63.92 16.01
CA GLY E 38 -33.97 63.02 14.87
C GLY E 38 -33.95 61.56 15.32
N LEU E 39 -34.35 61.35 16.58
CA LEU E 39 -34.52 60.00 17.08
C LEU E 39 -35.73 59.37 16.40
N THR E 40 -35.54 58.16 15.86
CA THR E 40 -36.61 57.36 15.29
C THR E 40 -37.26 56.50 16.37
N ILE E 41 -38.60 56.47 16.39
CA ILE E 41 -39.35 55.56 17.24
C ILE E 41 -40.13 54.60 16.35
N ALA E 42 -39.97 53.30 16.59
CA ALA E 42 -40.59 52.31 15.72
C ALA E 42 -41.21 51.23 16.59
N SER E 43 -42.46 50.88 16.31
CA SER E 43 -43.17 50.01 17.23
C SER E 43 -44.02 49.01 16.47
N GLU E 44 -44.06 47.76 16.96
CA GLU E 44 -44.99 46.78 16.43
C GLU E 44 -45.74 46.07 17.55
N SER E 45 -47.00 46.48 17.74
CA SER E 45 -47.86 46.04 18.83
C SER E 45 -48.48 44.66 18.52
N ASN E 46 -48.61 43.85 19.58
CA ASN E 46 -49.17 42.50 19.52
C ASN E 46 -50.08 42.30 20.72
N PRO E 47 -51.41 42.53 20.59
CA PRO E 47 -52.32 42.52 21.74
C PRO E 47 -52.62 41.12 22.31
N LEU E 48 -51.85 40.13 21.84
CA LEU E 48 -51.97 38.74 22.24
C LEU E 48 -50.95 38.39 23.31
N VAL E 49 -49.89 39.20 23.44
CA VAL E 49 -48.86 38.96 24.45
C VAL E 49 -49.01 39.96 25.59
N GLN E 50 -48.28 39.70 26.67
CA GLN E 50 -48.41 40.46 27.91
C GLN E 50 -47.07 41.09 28.29
N THR E 51 -46.01 40.69 27.58
CA THR E 51 -44.69 41.27 27.77
C THR E 51 -44.40 42.28 26.67
N ALA E 52 -43.39 43.13 26.89
CA ALA E 52 -42.91 44.04 25.87
C ALA E 52 -41.39 44.08 25.85
N THR E 53 -40.80 44.22 24.66
CA THR E 53 -39.38 44.53 24.56
C THR E 53 -39.22 45.96 24.04
N VAL E 54 -38.78 46.89 24.88
CA VAL E 54 -38.31 48.16 24.36
C VAL E 54 -36.79 48.17 24.40
N GLY E 55 -36.21 48.87 23.43
CA GLY E 55 -34.78 49.05 23.43
C GLY E 55 -34.33 50.13 22.46
N VAL E 56 -33.03 50.41 22.51
CA VAL E 56 -32.41 51.36 21.62
C VAL E 56 -31.42 50.61 20.74
N TRP E 57 -31.65 50.66 19.42
CA TRP E 57 -30.71 50.17 18.44
C TRP E 57 -29.88 51.35 17.96
N ILE E 58 -28.55 51.21 18.01
CA ILE E 58 -27.67 52.29 17.61
C ILE E 58 -26.86 51.87 16.41
N ASP E 59 -26.82 52.76 15.42
CA ASP E 59 -26.03 52.55 14.22
C ASP E 59 -24.59 52.98 14.48
N ALA E 60 -23.90 52.22 15.34
CA ALA E 60 -22.55 52.49 15.79
C ALA E 60 -22.04 51.21 16.46
N GLY E 61 -20.75 50.91 16.32
CA GLY E 61 -20.22 49.71 16.94
C GLY E 61 -18.70 49.80 16.94
N SER E 62 -18.02 48.65 16.97
CA SER E 62 -16.58 48.66 17.01
C SER E 62 -15.95 49.36 15.80
N ARG E 63 -16.67 49.34 14.68
CA ARG E 63 -16.12 49.81 13.44
C ARG E 63 -15.87 51.31 13.52
N ASN E 64 -16.44 51.94 14.55
CA ASN E 64 -16.39 53.39 14.65
C ASN E 64 -15.17 53.84 15.44
N GLU E 65 -14.46 52.87 16.03
CA GLU E 65 -13.22 53.16 16.70
C GLU E 65 -12.08 53.20 15.69
N ASN E 66 -10.97 53.87 16.08
CA ASN E 66 -9.70 53.75 15.37
C ASN E 66 -8.85 52.71 16.08
N ALA E 67 -7.56 52.66 15.77
CA ALA E 67 -6.75 51.54 16.26
C ALA E 67 -6.36 51.75 17.72
N TYR E 68 -6.35 53.02 18.14
CA TYR E 68 -5.92 53.42 19.46
C TYR E 68 -7.04 53.22 20.49
N ASN E 69 -8.28 53.44 20.07
CA ASN E 69 -9.39 53.29 21.00
C ASN E 69 -10.22 52.07 20.66
N ASN E 70 -9.60 51.08 20.02
CA ASN E 70 -10.31 49.86 19.70
C ASN E 70 -10.61 49.11 21.00
N GLY E 71 -11.89 48.83 21.23
CA GLY E 71 -12.34 48.14 22.43
C GLY E 71 -13.23 49.04 23.27
N THR E 72 -13.27 50.33 22.93
CA THR E 72 -14.03 51.33 23.66
C THR E 72 -15.51 50.98 23.72
N ALA E 73 -16.10 50.62 22.57
CA ALA E 73 -17.53 50.38 22.49
C ALA E 73 -17.93 49.23 23.41
N HIS E 74 -17.09 48.20 23.46
CA HIS E 74 -17.41 47.07 24.31
C HIS E 74 -17.19 47.43 25.78
N PHE E 75 -16.18 48.27 26.00
CA PHE E 75 -15.88 48.73 27.34
C PHE E 75 -17.08 49.48 27.89
N PHE E 76 -17.68 50.34 27.06
CA PHE E 76 -18.78 51.17 27.49
C PHE E 76 -19.98 50.31 27.90
N GLU E 77 -20.25 49.26 27.15
CA GLU E 77 -21.31 48.30 27.47
C GLU E 77 -21.20 47.83 28.93
N HIS E 78 -19.97 47.63 29.43
CA HIS E 78 -19.76 47.18 30.81
C HIS E 78 -20.07 48.32 31.78
N LEU E 79 -19.67 49.54 31.40
CA LEU E 79 -19.77 50.67 32.29
C LEU E 79 -21.17 51.26 32.32
N ALA E 80 -21.96 50.95 31.29
CA ALA E 80 -23.32 51.47 31.20
C ALA E 80 -24.13 50.97 32.40
N PHE E 81 -23.73 49.81 32.94
CA PHE E 81 -24.49 49.21 34.02
C PHE E 81 -23.78 49.38 35.35
N LYS E 82 -22.82 50.31 35.37
CA LYS E 82 -21.99 50.49 36.56
C LYS E 82 -22.43 51.74 37.30
N GLY E 83 -23.57 52.32 36.94
CA GLY E 83 -24.14 53.43 37.71
C GLY E 83 -24.17 54.75 36.95
N THR E 84 -25.19 55.55 37.29
CA THR E 84 -25.49 56.79 36.60
C THR E 84 -25.36 57.92 37.61
N ASP E 85 -25.59 59.15 37.15
CA ASP E 85 -25.49 60.35 37.98
C ASP E 85 -26.50 60.32 39.14
N LYS E 86 -27.68 59.69 38.95
CA LYS E 86 -28.67 59.50 40.01
C LYS E 86 -28.43 58.17 40.72
N ARG E 87 -28.84 57.08 40.06
CA ARG E 87 -28.80 55.75 40.68
C ARG E 87 -27.37 55.23 40.66
N SER E 88 -26.93 54.73 41.82
CA SER E 88 -25.64 54.06 41.96
C SER E 88 -25.73 52.67 41.33
N GLN E 89 -24.62 51.92 41.32
CA GLN E 89 -24.60 50.59 40.73
C GLN E 89 -25.67 49.73 41.41
N HIS E 90 -25.77 49.89 42.73
CA HIS E 90 -26.62 49.06 43.56
C HIS E 90 -28.09 49.41 43.35
N GLN E 91 -28.35 50.73 43.31
CA GLN E 91 -29.68 51.25 43.07
C GLN E 91 -30.17 50.79 41.70
N LEU E 92 -29.29 50.83 40.70
CA LEU E 92 -29.62 50.39 39.35
C LEU E 92 -30.10 48.94 39.40
N GLU E 93 -29.30 48.06 40.02
CA GLU E 93 -29.62 46.65 40.14
C GLU E 93 -31.03 46.50 40.73
N LEU E 94 -31.26 47.18 41.86
CA LEU E 94 -32.53 47.12 42.57
C LEU E 94 -33.69 47.56 41.69
N ASP E 95 -33.51 48.67 40.95
CA ASP E 95 -34.57 49.28 40.16
C ASP E 95 -35.08 48.30 39.11
N ILE E 96 -34.14 47.57 38.49
CA ILE E 96 -34.45 46.60 37.45
C ILE E 96 -35.09 45.36 38.10
N GLU E 97 -34.56 44.93 39.24
CA GLU E 97 -35.13 43.79 39.94
C GLU E 97 -36.58 44.08 40.29
N ASN E 98 -36.89 45.34 40.66
CA ASN E 98 -38.22 45.75 41.07
C ASN E 98 -39.17 45.87 39.88
N MET E 99 -38.61 46.13 38.69
CA MET E 99 -39.37 46.15 37.46
C MET E 99 -39.93 44.74 37.21
N GLY E 100 -39.06 43.74 37.36
CA GLY E 100 -39.48 42.37 37.15
C GLY E 100 -38.80 41.70 35.96
N GLY E 101 -38.55 42.46 34.89
CA GLY E 101 -37.92 41.91 33.70
C GLY E 101 -36.41 41.98 33.78
N HIS E 102 -35.75 41.99 32.61
CA HIS E 102 -34.31 42.11 32.57
C HIS E 102 -33.88 43.11 31.50
N LEU E 103 -32.62 43.54 31.60
CA LEU E 103 -31.95 44.37 30.62
C LEU E 103 -30.89 43.52 29.94
N ASN E 104 -30.58 43.88 28.70
CA ASN E 104 -29.55 43.16 27.98
C ASN E 104 -28.92 44.13 27.00
N ALA E 105 -27.65 43.88 26.67
CA ALA E 105 -26.91 44.70 25.73
C ALA E 105 -25.99 43.83 24.90
N TYR E 106 -25.75 44.23 23.64
CA TYR E 106 -24.62 43.67 22.91
C TYR E 106 -24.08 44.67 21.91
N THR E 107 -22.77 44.59 21.73
CA THR E 107 -22.01 45.41 20.81
C THR E 107 -21.52 44.50 19.69
N SER E 108 -21.77 44.89 18.45
CA SER E 108 -21.20 44.18 17.32
C SER E 108 -20.27 45.12 16.56
N ARG E 109 -19.91 44.75 15.33
CA ARG E 109 -19.01 45.59 14.58
C ARG E 109 -19.70 46.87 14.15
N GLU E 110 -20.98 46.78 13.79
CA GLU E 110 -21.65 47.94 13.22
C GLU E 110 -22.87 48.37 14.02
N SER E 111 -23.19 47.64 15.10
CA SER E 111 -24.47 47.86 15.75
C SER E 111 -24.32 47.68 17.25
N THR E 112 -24.98 48.54 18.03
CA THR E 112 -25.04 48.35 19.48
C THR E 112 -26.50 48.34 19.88
N VAL E 113 -26.89 47.40 20.75
CA VAL E 113 -28.28 47.27 21.16
C VAL E 113 -28.36 47.28 22.68
N TYR E 114 -29.34 48.01 23.22
CA TYR E 114 -29.58 48.01 24.65
C TYR E 114 -31.08 47.87 24.84
N TYR E 115 -31.52 46.73 25.35
CA TYR E 115 -32.97 46.58 25.45
C TYR E 115 -33.41 46.09 26.82
N ALA E 116 -34.72 46.19 27.05
CA ALA E 116 -35.33 45.85 28.32
C ALA E 116 -36.63 45.10 28.06
N LYS E 117 -36.65 43.83 28.46
CA LYS E 117 -37.84 43.01 28.39
C LYS E 117 -38.58 43.18 29.71
N SER E 118 -39.88 43.49 29.65
CA SER E 118 -40.62 43.77 30.87
C SER E 118 -42.06 43.31 30.73
N PHE E 119 -42.87 43.68 31.72
CA PHE E 119 -44.31 43.53 31.68
C PHE E 119 -44.91 44.73 30.95
N LYS E 120 -46.19 44.62 30.59
CA LYS E 120 -46.86 45.61 29.74
C LYS E 120 -46.79 47.01 30.35
N ASP E 121 -46.96 47.09 31.68
CA ASP E 121 -47.21 48.36 32.33
C ASP E 121 -45.94 48.85 33.02
N ASP E 122 -44.85 48.11 32.80
CA ASP E 122 -43.53 48.40 33.32
C ASP E 122 -42.67 49.02 32.23
N VAL E 123 -43.31 49.45 31.14
CA VAL E 123 -42.57 49.97 30.01
C VAL E 123 -42.06 51.37 30.34
N PRO E 124 -42.85 52.27 30.97
CA PRO E 124 -42.33 53.58 31.36
C PRO E 124 -41.12 53.56 32.28
N LYS E 125 -40.97 52.50 33.09
CA LYS E 125 -39.83 52.37 33.98
C LYS E 125 -38.59 52.04 33.16
N SER E 126 -38.78 51.09 32.24
CA SER E 126 -37.69 50.54 31.46
C SER E 126 -37.16 51.58 30.47
N VAL E 127 -38.06 52.39 29.89
CA VAL E 127 -37.59 53.42 28.96
C VAL E 127 -36.77 54.44 29.74
N GLU E 128 -37.21 54.73 30.97
CA GLU E 128 -36.55 55.69 31.83
C GLU E 128 -35.16 55.17 32.22
N ILE E 129 -35.06 53.87 32.51
CA ILE E 129 -33.77 53.31 32.88
C ILE E 129 -32.82 53.33 31.68
N LEU E 130 -33.32 52.99 30.48
CA LEU E 130 -32.44 52.94 29.32
C LEU E 130 -31.94 54.33 28.98
N ALA E 131 -32.83 55.33 29.11
CA ALA E 131 -32.47 56.70 28.78
C ALA E 131 -31.39 57.19 29.74
N ASP E 132 -31.44 56.67 30.98
CA ASP E 132 -30.54 57.09 32.03
C ASP E 132 -29.15 56.51 31.79
N ILE E 133 -29.08 55.22 31.41
CA ILE E 133 -27.78 54.56 31.34
C ILE E 133 -27.04 55.01 30.09
N LEU E 134 -27.79 55.51 29.09
CA LEU E 134 -27.16 55.94 27.84
C LEU E 134 -26.71 57.39 27.91
N GLN E 135 -27.48 58.25 28.59
CA GLN E 135 -27.18 59.67 28.53
C GLN E 135 -26.37 60.12 29.74
N HIS E 136 -26.58 59.44 30.87
CA HIS E 136 -26.17 60.01 32.15
C HIS E 136 -25.33 59.01 32.94
N SER E 137 -24.43 58.30 32.25
CA SER E 137 -23.60 57.31 32.93
C SER E 137 -22.43 58.00 33.64
N LYS E 138 -22.05 57.48 34.81
CA LYS E 138 -21.01 58.15 35.60
C LYS E 138 -19.65 58.01 34.93
N LEU E 139 -19.27 56.76 34.57
CA LEU E 139 -17.95 56.41 34.08
C LEU E 139 -16.89 56.95 35.04
N ALA E 140 -16.94 56.44 36.27
CA ALA E 140 -16.05 56.86 37.34
C ALA E 140 -14.74 56.09 37.25
N GLU E 141 -13.60 56.79 37.39
CA GLU E 141 -12.26 56.23 37.27
C GLU E 141 -12.13 54.90 38.04
N SER E 142 -12.77 54.83 39.21
CA SER E 142 -12.73 53.66 40.07
C SER E 142 -13.37 52.45 39.38
N ALA E 143 -14.41 52.70 38.58
CA ALA E 143 -15.18 51.65 37.93
C ALA E 143 -14.51 51.22 36.64
N ILE E 144 -13.90 52.19 35.94
CA ILE E 144 -13.09 51.92 34.76
C ILE E 144 -11.98 50.96 35.14
N ASP E 145 -11.38 51.19 36.33
CA ASP E 145 -10.22 50.43 36.79
C ASP E 145 -10.64 49.01 37.17
N ARG E 146 -11.83 48.89 37.76
CA ARG E 146 -12.39 47.61 38.15
C ARG E 146 -12.73 46.74 36.93
N GLU E 147 -13.30 47.35 35.87
CA GLU E 147 -13.78 46.58 34.72
C GLU E 147 -12.62 46.18 33.83
N ARG E 148 -11.54 46.95 33.96
CA ARG E 148 -10.32 46.75 33.19
C ARG E 148 -9.74 45.37 33.47
N GLU E 149 -10.09 44.77 34.62
CA GLU E 149 -9.60 43.44 34.95
C GLU E 149 -10.58 42.40 34.42
N VAL E 150 -11.87 42.71 34.53
CA VAL E 150 -12.95 41.84 34.11
C VAL E 150 -12.85 41.57 32.61
N ILE E 151 -12.60 42.66 31.87
CA ILE E 151 -12.49 42.62 30.43
C ILE E 151 -11.18 41.92 30.05
N THR E 152 -10.13 42.11 30.86
CA THR E 152 -8.85 41.47 30.58
C THR E 152 -9.01 39.96 30.66
N ARG E 153 -9.81 39.49 31.63
CA ARG E 153 -10.06 38.08 31.80
C ARG E 153 -10.95 37.52 30.69
N GLU E 154 -11.74 38.38 30.02
CA GLU E 154 -12.62 37.95 28.95
C GLU E 154 -11.81 37.58 27.71
N LEU E 155 -10.65 38.23 27.55
CA LEU E 155 -9.69 37.90 26.50
C LEU E 155 -9.20 36.46 26.57
N GLU E 156 -9.12 35.86 27.78
CA GLU E 156 -8.63 34.50 27.89
C GLU E 156 -9.71 33.45 28.11
N GLU E 157 -10.97 33.73 27.71
CA GLU E 157 -12.08 32.82 27.98
C GLU E 157 -13.03 32.73 26.79
N VAL E 158 -12.88 33.65 25.83
CA VAL E 158 -13.49 33.59 24.50
C VAL E 158 -12.88 32.40 23.77
N ASN E 159 -11.61 32.12 24.10
CA ASN E 159 -10.74 31.07 23.59
C ASN E 159 -11.46 29.72 23.50
N LYS E 160 -12.50 29.58 24.33
CA LYS E 160 -13.28 28.36 24.47
C LYS E 160 -14.43 28.32 23.46
N GLN E 161 -14.98 29.48 23.09
CA GLN E 161 -16.09 29.57 22.16
C GLN E 161 -15.55 29.47 20.73
N TYR E 162 -15.47 28.24 20.21
CA TYR E 162 -14.65 28.02 19.03
C TYR E 162 -15.25 28.71 17.82
N GLU E 163 -16.58 28.65 17.68
CA GLU E 163 -17.18 29.31 16.54
C GLU E 163 -16.82 30.79 16.55
N GLU E 164 -16.84 31.41 17.73
CA GLU E 164 -16.56 32.83 17.78
C GLU E 164 -15.08 33.09 17.47
N VAL E 165 -14.21 32.22 17.95
CA VAL E 165 -12.79 32.38 17.64
C VAL E 165 -12.58 32.31 16.14
N VAL E 166 -13.24 31.35 15.52
CA VAL E 166 -13.08 31.19 14.10
C VAL E 166 -13.60 32.42 13.37
N PHE E 167 -14.81 32.88 13.71
CA PHE E 167 -15.28 34.06 13.00
C PHE E 167 -14.47 35.31 13.27
N ASP E 168 -13.88 35.43 14.47
CA ASP E 168 -13.10 36.63 14.73
C ASP E 168 -11.83 36.61 13.88
N HIS E 169 -11.21 35.44 13.76
CA HIS E 169 -10.04 35.40 12.90
C HIS E 169 -10.44 35.61 11.45
N LEU E 170 -11.61 35.10 11.08
CA LEU E 170 -12.06 35.25 9.70
C LEU E 170 -12.20 36.71 9.35
N HIS E 171 -12.78 37.54 10.22
CA HIS E 171 -12.85 38.95 9.88
C HIS E 171 -11.47 39.59 9.86
N ALA E 172 -10.62 39.16 10.79
CA ALA E 172 -9.30 39.76 10.91
C ALA E 172 -8.50 39.57 9.62
N THR E 173 -8.63 38.38 9.02
CA THR E 173 -7.86 38.10 7.83
C THR E 173 -8.55 38.61 6.56
N ALA E 174 -9.86 38.39 6.43
CA ALA E 174 -10.59 38.90 5.28
C ALA E 174 -10.42 40.42 5.14
N PHE E 175 -10.47 41.17 6.25
CA PHE E 175 -10.41 42.62 6.13
C PHE E 175 -9.14 43.10 6.81
N MET E 176 -8.02 42.53 6.38
CA MET E 176 -6.73 42.72 7.01
C MET E 176 -6.39 44.21 7.10
N ASN E 177 -6.03 44.66 8.31
CA ASN E 177 -5.68 46.04 8.64
C ASN E 177 -6.76 47.06 8.30
N GLN E 178 -8.03 46.66 8.34
CA GLN E 178 -9.10 47.60 8.07
C GLN E 178 -10.03 47.62 9.28
N PRO E 179 -10.86 48.66 9.47
CA PRO E 179 -11.81 48.70 10.59
C PRO E 179 -12.69 47.49 10.83
N LEU E 180 -13.24 46.88 9.76
CA LEU E 180 -14.02 45.66 9.97
C LEU E 180 -13.16 44.50 10.47
N GLY E 181 -11.84 44.58 10.31
CA GLY E 181 -11.00 43.46 10.67
C GLY E 181 -10.69 43.42 12.16
N ARG E 182 -10.96 44.52 12.87
CA ARG E 182 -10.63 44.62 14.28
C ARG E 182 -11.63 43.81 15.08
N THR E 183 -11.21 43.35 16.26
CA THR E 183 -12.10 42.63 17.14
C THR E 183 -12.95 43.63 17.91
N ILE E 184 -13.95 43.11 18.60
CA ILE E 184 -14.84 43.95 19.39
C ILE E 184 -14.19 44.24 20.74
N LEU E 185 -13.51 43.23 21.31
CA LEU E 185 -12.88 43.38 22.61
C LEU E 185 -11.71 44.34 22.56
N GLY E 186 -11.00 44.37 21.43
CA GLY E 186 -9.83 45.23 21.32
C GLY E 186 -8.59 44.53 21.86
N PRO E 187 -7.37 45.06 21.60
CA PRO E 187 -6.14 44.44 22.12
C PRO E 187 -6.00 44.68 23.62
N ARG E 188 -5.27 43.78 24.29
CA ARG E 188 -4.95 43.86 25.72
C ARG E 188 -4.37 45.22 26.08
N GLU E 189 -3.53 45.76 25.18
CA GLU E 189 -2.82 47.02 25.34
C GLU E 189 -3.80 48.19 25.52
N ASN E 190 -4.92 48.16 24.78
CA ASN E 190 -5.89 49.24 24.79
C ASN E 190 -6.73 49.17 26.05
N ILE E 191 -7.04 47.94 26.46
CA ILE E 191 -7.85 47.73 27.63
C ILE E 191 -7.18 48.37 28.84
N GLN E 192 -5.84 48.35 28.87
CA GLN E 192 -5.09 48.92 29.98
C GLN E 192 -5.02 50.45 29.91
N THR E 193 -5.35 51.05 28.76
CA THR E 193 -5.14 52.48 28.55
C THR E 193 -6.42 53.25 28.21
N ILE E 194 -7.58 52.58 28.28
CA ILE E 194 -8.85 53.26 28.01
C ILE E 194 -9.18 54.15 29.22
N THR E 195 -9.39 55.45 28.97
CA THR E 195 -9.72 56.40 30.02
C THR E 195 -11.20 56.79 29.92
N ASN E 196 -11.72 57.37 31.02
CA ASN E 196 -13.09 57.85 31.04
C ASN E 196 -13.30 58.95 30.00
N THR E 197 -12.22 59.66 29.64
CA THR E 197 -12.26 60.76 28.69
C THR E 197 -12.57 60.22 27.30
N GLU E 198 -11.85 59.17 26.91
CA GLU E 198 -12.03 58.63 25.58
C GLU E 198 -13.35 57.87 25.51
N LEU E 199 -13.80 57.30 26.62
CA LEU E 199 -15.11 56.66 26.65
C LEU E 199 -16.19 57.71 26.41
N ARG E 200 -16.06 58.86 27.09
CA ARG E 200 -17.03 59.93 27.01
C ARG E 200 -17.07 60.47 25.58
N LYS E 201 -15.87 60.62 25.01
CA LYS E 201 -15.70 61.17 23.67
C LYS E 201 -16.37 60.25 22.65
N PHE E 202 -16.25 58.93 22.87
CA PHE E 202 -16.75 57.97 21.90
C PHE E 202 -18.27 58.03 21.89
N ILE E 203 -18.87 58.04 23.07
CA ILE E 203 -20.32 57.93 23.14
C ILE E 203 -20.97 59.27 22.82
N THR E 204 -20.17 60.34 22.78
CA THR E 204 -20.70 61.65 22.45
C THR E 204 -20.67 61.83 20.94
N GLU E 205 -19.66 61.26 20.30
CA GLU E 205 -19.52 61.35 18.86
C GLU E 205 -20.46 60.37 18.17
N ASN E 206 -20.77 59.23 18.82
CA ASN E 206 -21.37 58.12 18.10
C ASN E 206 -22.83 57.87 18.49
N TYR E 207 -23.14 57.98 19.78
CA TYR E 207 -24.49 57.70 20.26
C TYR E 207 -25.33 58.96 20.14
N THR E 208 -25.58 59.34 18.90
CA THR E 208 -26.35 60.53 18.59
C THR E 208 -27.74 60.12 18.12
N ALA E 209 -28.66 61.07 18.26
CA ALA E 209 -30.08 60.86 18.09
C ALA E 209 -30.38 60.39 16.67
N ASP E 210 -29.62 60.88 15.70
CA ASP E 210 -29.90 60.54 14.31
C ASP E 210 -29.35 59.15 13.98
N ARG E 211 -28.66 58.53 14.94
CA ARG E 211 -28.14 57.19 14.72
C ARG E 211 -28.86 56.16 15.58
N MET E 212 -29.90 56.60 16.28
CA MET E 212 -30.54 55.75 17.28
C MET E 212 -31.99 55.49 16.91
N VAL E 213 -32.45 54.29 17.21
CA VAL E 213 -33.84 53.95 17.02
C VAL E 213 -34.37 53.36 18.32
N LEU E 214 -35.44 53.96 18.84
CA LEU E 214 -36.12 53.39 19.99
C LEU E 214 -37.23 52.48 19.48
N VAL E 215 -37.15 51.20 19.86
CA VAL E 215 -37.98 50.17 19.27
C VAL E 215 -38.83 49.58 20.36
N GLY E 216 -40.13 49.41 20.09
CA GLY E 216 -41.01 48.70 21.00
C GLY E 216 -41.77 47.58 20.29
N ALA E 217 -41.68 46.37 20.83
CA ALA E 217 -42.44 45.24 20.30
C ALA E 217 -43.19 44.54 21.43
N GLY E 218 -44.40 44.05 21.11
CA GLY E 218 -45.22 43.35 22.07
C GLY E 218 -46.34 44.24 22.56
N ALA E 219 -46.53 44.27 23.88
CA ALA E 219 -47.63 45.04 24.44
C ALA E 219 -47.19 46.48 24.68
N VAL E 220 -47.05 47.24 23.59
CA VAL E 220 -46.66 48.64 23.64
C VAL E 220 -47.68 49.41 22.81
N ASP E 221 -48.07 50.60 23.28
CA ASP E 221 -48.75 51.53 22.40
C ASP E 221 -47.71 52.46 21.78
N HIS E 222 -47.80 52.66 20.46
CA HIS E 222 -46.86 53.53 19.76
C HIS E 222 -46.89 54.95 20.32
N ASP E 223 -48.10 55.46 20.57
CA ASP E 223 -48.27 56.86 20.95
C ASP E 223 -47.73 57.08 22.36
N ALA E 224 -47.80 56.01 23.18
CA ALA E 224 -47.31 56.05 24.55
C ALA E 224 -45.79 56.06 24.56
N LEU E 225 -45.20 55.30 23.61
CA LEU E 225 -43.77 55.16 23.46
C LEU E 225 -43.15 56.46 22.98
N VAL E 226 -43.87 57.17 22.11
CA VAL E 226 -43.44 58.43 21.54
C VAL E 226 -43.39 59.49 22.64
N GLU E 227 -44.34 59.41 23.58
CA GLU E 227 -44.44 60.37 24.68
C GLU E 227 -43.28 60.15 25.64
N LEU E 228 -42.95 58.88 25.88
CA LEU E 228 -41.85 58.49 26.74
C LEU E 228 -40.52 58.91 26.13
N ALA E 229 -40.45 58.98 24.79
CA ALA E 229 -39.24 59.35 24.08
C ALA E 229 -39.02 60.85 24.19
N GLU E 230 -40.14 61.58 24.22
CA GLU E 230 -40.15 63.03 24.28
C GLU E 230 -39.78 63.46 25.70
N LYS E 231 -39.98 62.54 26.64
CA LYS E 231 -39.77 62.84 28.05
C LYS E 231 -38.33 62.54 28.44
N TYR E 232 -37.73 61.54 27.78
CA TYR E 232 -36.47 61.00 28.26
C TYR E 232 -35.33 61.18 27.27
N PHE E 233 -35.62 61.07 25.97
CA PHE E 233 -34.55 61.14 25.00
C PHE E 233 -34.57 62.46 24.25
N SER E 234 -35.10 63.53 24.86
CA SER E 234 -35.21 64.77 24.11
C SER E 234 -33.88 65.53 24.10
N HIS E 235 -33.12 65.46 25.19
CA HIS E 235 -31.81 66.08 25.26
C HIS E 235 -30.71 65.07 24.87
N LEU E 236 -30.89 64.43 23.71
CA LEU E 236 -29.80 63.67 23.09
C LEU E 236 -29.07 64.59 22.12
N PRO E 237 -27.72 64.49 22.03
CA PRO E 237 -26.95 65.23 21.03
C PRO E 237 -27.35 64.82 19.61
N SER E 238 -27.38 65.80 18.70
CA SER E 238 -27.51 65.50 17.28
C SER E 238 -26.14 65.62 16.64
N SER E 239 -25.84 64.74 15.66
CA SER E 239 -24.58 64.82 14.93
C SER E 239 -24.60 66.03 13.99
N GLN E 240 -23.40 66.54 13.67
CA GLN E 240 -23.20 67.73 12.86
C GLN E 240 -23.73 67.52 11.44
N SER E 241 -23.42 66.33 10.87
CA SER E 241 -23.82 65.95 9.53
C SER E 241 -24.74 64.74 9.57
N PRO E 242 -26.08 64.93 9.73
CA PRO E 242 -27.04 63.82 9.77
C PRO E 242 -27.21 63.16 8.40
N VAL E 243 -26.53 62.02 8.24
CA VAL E 243 -26.73 61.13 7.11
C VAL E 243 -27.93 60.21 7.42
N PRO E 244 -28.58 59.57 6.42
CA PRO E 244 -29.67 58.62 6.68
C PRO E 244 -29.15 57.37 7.40
N LEU E 245 -30.06 56.66 8.07
CA LEU E 245 -29.69 55.45 8.79
C LEU E 245 -29.19 54.39 7.82
N GLY E 246 -28.14 53.68 8.24
CA GLY E 246 -27.54 52.57 7.50
C GLY E 246 -26.61 53.05 6.38
N THR E 247 -26.04 54.25 6.56
CA THR E 247 -25.05 54.79 5.64
C THR E 247 -23.67 54.37 6.13
N PRO E 248 -22.77 53.86 5.24
CA PRO E 248 -21.43 53.44 5.62
C PRO E 248 -20.61 54.39 6.52
N ILE E 260 -12.72 51.97 2.75
CA ILE E 260 -13.65 51.25 1.81
C ILE E 260 -13.21 49.80 1.67
N PRO E 261 -14.00 48.80 2.15
CA PRO E 261 -13.46 47.48 2.45
C PRO E 261 -12.88 46.73 1.25
N ASN E 262 -11.69 46.20 1.44
CA ASN E 262 -10.93 45.61 0.37
C ASN E 262 -10.52 44.23 0.86
N PHE E 263 -11.28 43.22 0.44
CA PHE E 263 -11.15 41.86 0.91
C PHE E 263 -9.76 41.32 0.61
N VAL E 264 -9.18 40.52 1.52
CA VAL E 264 -7.89 39.93 1.25
C VAL E 264 -8.04 38.42 1.27
N GLY E 265 -7.81 37.78 0.12
CA GLY E 265 -7.86 36.32 0.13
C GLY E 265 -6.66 35.80 0.92
N SER E 266 -6.91 34.94 1.90
CA SER E 266 -5.86 34.69 2.88
C SER E 266 -6.27 33.55 3.78
N GLU E 267 -5.36 33.06 4.62
CA GLU E 267 -5.73 31.95 5.47
C GLU E 267 -5.06 32.11 6.82
N VAL E 268 -5.77 31.71 7.88
CA VAL E 268 -5.19 31.60 9.20
C VAL E 268 -5.34 30.15 9.63
N ARG E 269 -4.24 29.52 10.00
CA ARG E 269 -4.36 28.18 10.53
C ARG E 269 -3.95 28.18 11.99
N LEU E 270 -4.83 27.66 12.84
CA LEU E 270 -4.58 27.62 14.25
C LEU E 270 -4.62 26.16 14.64
N ARG E 271 -3.59 25.45 14.22
CA ARG E 271 -3.60 24.02 14.44
C ARG E 271 -3.45 23.73 15.93
N ASP E 272 -4.25 22.78 16.43
CA ASP E 272 -4.24 22.36 17.81
C ASP E 272 -4.58 20.89 17.82
N ASP E 273 -3.53 20.06 17.90
CA ASP E 273 -3.69 18.63 17.75
C ASP E 273 -4.46 18.03 18.93
N THR E 274 -4.53 18.77 20.04
CA THR E 274 -5.15 18.27 21.24
C THR E 274 -6.68 18.38 21.17
N MET E 275 -7.19 19.25 20.30
CA MET E 275 -8.64 19.36 20.10
C MET E 275 -9.13 18.15 19.31
N PRO E 276 -10.31 17.60 19.67
CA PRO E 276 -10.94 16.51 18.92
C PRO E 276 -11.65 16.87 17.61
N VAL E 277 -12.17 18.11 17.53
CA VAL E 277 -13.00 18.56 16.42
C VAL E 277 -12.27 19.68 15.69
N ALA E 278 -12.24 19.63 14.36
CA ALA E 278 -11.72 20.71 13.54
C ALA E 278 -12.84 21.69 13.19
N HIS E 279 -12.54 22.98 13.21
CA HIS E 279 -13.50 24.01 12.91
C HIS E 279 -12.94 24.80 11.75
N ILE E 280 -13.71 24.93 10.67
CA ILE E 280 -13.19 25.57 9.48
C ILE E 280 -14.23 26.55 8.95
N ALA E 281 -13.80 27.76 8.61
CA ALA E 281 -14.71 28.63 7.90
C ALA E 281 -14.09 28.96 6.56
N ILE E 282 -14.90 29.01 5.50
CA ILE E 282 -14.44 29.50 4.23
C ILE E 282 -15.39 30.61 3.81
N ALA E 283 -14.88 31.74 3.34
CA ALA E 283 -15.79 32.82 3.00
C ALA E 283 -15.24 33.54 1.78
N VAL E 284 -16.13 34.13 1.02
CA VAL E 284 -15.73 35.06 -0.01
C VAL E 284 -16.38 36.39 0.33
N GLU E 285 -15.96 37.45 -0.35
CA GLU E 285 -16.59 38.72 -0.10
C GLU E 285 -18.05 38.62 -0.56
N GLY E 286 -18.98 38.97 0.35
CA GLY E 286 -20.40 38.83 0.10
C GLY E 286 -21.05 40.17 -0.21
N VAL E 287 -22.26 40.39 0.29
CA VAL E 287 -23.09 41.50 -0.18
C VAL E 287 -23.47 42.39 0.99
N SER E 288 -23.63 43.68 0.72
CA SER E 288 -24.05 44.61 1.76
C SER E 288 -25.58 44.56 1.91
N TRP E 289 -26.10 45.25 2.92
CA TRP E 289 -27.52 45.18 3.22
C TRP E 289 -28.30 45.70 2.03
N THR E 290 -27.74 46.69 1.34
CA THR E 290 -28.50 47.39 0.34
C THR E 290 -28.08 46.97 -1.06
N SER E 291 -27.28 45.89 -1.15
CA SER E 291 -26.99 45.32 -2.45
C SER E 291 -28.27 44.92 -3.17
N GLU E 292 -28.18 45.00 -4.51
CA GLU E 292 -29.21 44.50 -5.40
C GLU E 292 -29.23 42.98 -5.35
N ASP E 293 -28.14 42.39 -4.85
CA ASP E 293 -27.97 40.95 -4.88
C ASP E 293 -28.22 40.34 -3.52
N TYR E 294 -28.75 41.14 -2.59
CA TYR E 294 -28.92 40.70 -1.22
C TYR E 294 -29.78 39.44 -1.17
N TYR E 295 -30.90 39.42 -1.90
CA TYR E 295 -31.78 38.26 -1.85
C TYR E 295 -31.20 37.11 -2.67
N THR E 296 -30.48 37.46 -3.73
CA THR E 296 -29.89 36.41 -4.53
C THR E 296 -28.88 35.66 -3.68
N ALA E 297 -28.10 36.38 -2.88
CA ALA E 297 -27.10 35.73 -2.05
C ALA E 297 -27.77 34.86 -0.98
N LEU E 298 -28.96 35.26 -0.50
CA LEU E 298 -29.66 34.45 0.50
C LEU E 298 -30.17 33.17 -0.12
N VAL E 299 -30.75 33.28 -1.31
CA VAL E 299 -31.18 32.07 -1.97
C VAL E 299 -29.98 31.16 -2.23
N ALA E 300 -28.85 31.72 -2.65
CA ALA E 300 -27.73 30.84 -2.95
C ALA E 300 -27.29 30.13 -1.68
N GLN E 301 -27.26 30.86 -0.57
CA GLN E 301 -26.90 30.29 0.71
C GLN E 301 -27.86 29.17 1.07
N ALA E 302 -29.15 29.30 0.73
CA ALA E 302 -30.16 28.31 1.09
C ALA E 302 -30.03 27.03 0.27
N ILE E 303 -29.48 27.15 -0.94
CA ILE E 303 -29.25 25.98 -1.76
C ILE E 303 -28.22 25.07 -1.10
N ILE E 304 -27.20 25.63 -0.45
CA ILE E 304 -26.25 24.79 0.26
C ILE E 304 -26.84 24.39 1.61
N GLY E 305 -27.24 25.40 2.38
CA GLY E 305 -27.98 25.20 3.61
C GLY E 305 -27.13 24.70 4.76
N ASN E 306 -27.80 24.11 5.75
CA ASN E 306 -27.20 23.75 7.01
C ASN E 306 -27.32 22.25 7.20
N TYR E 307 -26.52 21.70 8.11
CA TYR E 307 -26.59 20.29 8.40
C TYR E 307 -26.09 20.10 9.81
N ASP E 308 -26.74 19.20 10.56
CA ASP E 308 -26.25 18.89 11.90
C ASP E 308 -26.53 17.43 12.19
N ARG E 309 -25.49 16.63 12.48
CA ARG E 309 -25.71 15.20 12.67
C ARG E 309 -26.61 14.92 13.87
N ALA E 310 -26.71 15.88 14.79
CA ALA E 310 -27.46 15.68 16.01
C ALA E 310 -28.96 15.91 15.78
N VAL E 311 -29.31 16.53 14.65
CA VAL E 311 -30.73 16.75 14.41
C VAL E 311 -31.24 15.57 13.61
N GLY E 312 -32.43 15.07 13.96
CA GLY E 312 -32.96 13.86 13.34
C GLY E 312 -33.22 13.98 11.84
N THR E 313 -33.79 15.11 11.44
CA THR E 313 -34.25 15.32 10.07
C THR E 313 -33.09 15.56 9.11
N SER E 314 -31.89 15.86 9.63
CA SER E 314 -30.84 16.38 8.77
C SER E 314 -30.36 15.35 7.75
N ARG E 315 -30.50 14.07 8.04
CA ARG E 315 -30.04 13.09 7.06
C ARG E 315 -30.98 13.05 5.85
N HIS E 316 -32.13 13.72 5.92
CA HIS E 316 -33.08 13.60 4.83
C HIS E 316 -33.21 14.90 4.06
N GLN E 317 -32.37 15.88 4.37
CA GLN E 317 -32.44 17.18 3.70
C GLN E 317 -32.16 17.04 2.20
N GLY E 318 -32.69 18.01 1.44
CA GLY E 318 -32.60 17.97 -0.01
C GLY E 318 -31.25 18.39 -0.57
N SER E 319 -30.58 19.31 0.13
CA SER E 319 -29.27 19.86 -0.17
C SER E 319 -28.29 18.76 -0.59
N ARG E 320 -27.60 18.96 -1.73
CA ARG E 320 -26.66 17.97 -2.24
C ARG E 320 -25.49 17.81 -1.28
N LEU E 321 -25.01 18.93 -0.72
CA LEU E 321 -23.88 18.85 0.18
C LEU E 321 -24.27 18.08 1.43
N SER E 322 -25.50 18.30 1.89
CA SER E 322 -26.01 17.61 3.05
C SER E 322 -25.97 16.10 2.81
N ASN E 323 -26.38 15.68 1.61
CA ASN E 323 -26.38 14.27 1.30
C ASN E 323 -24.97 13.71 1.31
N ILE E 324 -24.03 14.40 0.67
CA ILE E 324 -22.68 13.88 0.58
C ILE E 324 -22.09 13.74 1.98
N VAL E 325 -22.34 14.75 2.80
CA VAL E 325 -21.67 14.84 4.09
C VAL E 325 -22.26 13.78 5.01
N SER E 326 -23.58 13.62 4.97
CA SER E 326 -24.21 12.65 5.84
C SER E 326 -23.84 11.21 5.45
N GLU E 327 -23.85 10.89 4.14
CA GLU E 327 -23.57 9.53 3.68
C GLU E 327 -22.14 9.11 4.01
N ASN E 328 -21.23 10.08 3.99
CA ASN E 328 -19.82 9.80 4.13
C ASN E 328 -19.29 10.10 5.53
N ASN E 329 -20.15 10.51 6.47
CA ASN E 329 -19.79 10.97 7.81
C ASN E 329 -18.62 11.95 7.77
N LEU E 330 -18.72 12.96 6.91
CA LEU E 330 -17.60 13.84 6.75
C LEU E 330 -17.58 14.91 7.82
N ALA E 331 -18.73 15.22 8.42
CA ALA E 331 -18.77 16.38 9.30
C ALA E 331 -19.80 16.15 10.38
N ASN E 332 -19.63 16.85 11.48
CA ASN E 332 -20.64 16.91 12.51
C ASN E 332 -21.67 17.93 12.09
N SER E 333 -21.21 19.02 11.47
CA SER E 333 -22.16 20.06 11.10
C SER E 333 -21.56 20.93 10.03
N PHE E 334 -22.44 21.60 9.29
CA PHE E 334 -22.03 22.80 8.60
C PHE E 334 -23.17 23.79 8.60
N GLN E 335 -22.81 25.07 8.47
CA GLN E 335 -23.76 26.16 8.57
C GLN E 335 -23.36 27.19 7.53
N SER E 336 -24.18 27.38 6.51
CA SER E 336 -23.90 28.41 5.53
C SER E 336 -24.29 29.74 6.15
N PHE E 337 -23.53 30.79 5.84
CA PHE E 337 -23.89 32.09 6.38
C PHE E 337 -23.74 33.13 5.29
N SER E 338 -24.48 34.22 5.46
CA SER E 338 -24.28 35.38 4.61
C SER E 338 -24.41 36.62 5.48
N THR E 339 -23.28 37.03 6.04
CA THR E 339 -23.20 38.21 6.89
C THR E 339 -23.12 39.48 6.03
N SER E 340 -23.95 40.48 6.34
CA SER E 340 -23.89 41.75 5.64
C SER E 340 -23.44 42.86 6.56
N TYR E 341 -22.77 43.84 5.97
CA TYR E 341 -22.46 45.08 6.65
C TYR E 341 -22.93 46.19 5.73
N SER E 342 -22.61 47.42 6.10
CA SER E 342 -23.16 48.55 5.39
C SER E 342 -22.57 48.62 3.98
N ASP E 343 -21.34 48.17 3.81
CA ASP E 343 -20.66 48.39 2.55
C ASP E 343 -19.96 47.13 2.04
N THR E 344 -20.08 46.02 2.75
CA THR E 344 -19.50 44.76 2.30
C THR E 344 -20.24 43.62 2.98
N GLY E 345 -19.72 42.39 2.84
CA GLY E 345 -20.25 41.27 3.58
C GLY E 345 -19.32 40.07 3.47
N LEU E 346 -19.66 38.98 4.14
CA LEU E 346 -18.93 37.75 3.98
C LEU E 346 -19.96 36.67 3.70
N TRP E 347 -19.72 35.84 2.71
CA TRP E 347 -20.65 34.78 2.40
C TRP E 347 -19.83 33.51 2.45
N GLY E 348 -20.28 32.50 3.15
CA GLY E 348 -19.41 31.34 3.23
C GLY E 348 -20.04 30.22 4.04
N ILE E 349 -19.21 29.37 4.60
CA ILE E 349 -19.77 28.23 5.31
C ILE E 349 -18.87 27.98 6.50
N TYR E 350 -19.45 27.43 7.57
CA TYR E 350 -18.68 27.07 8.72
C TYR E 350 -18.85 25.57 8.93
N LEU E 351 -17.76 24.81 8.99
CA LEU E 351 -17.83 23.35 9.08
C LEU E 351 -17.25 22.89 10.40
N THR E 352 -17.77 21.79 10.94
CA THR E 352 -17.09 21.17 12.06
C THR E 352 -17.04 19.68 11.84
N SER E 353 -15.95 19.07 12.24
CA SER E 353 -15.72 17.70 11.84
C SER E 353 -14.76 17.05 12.83
N GLU E 354 -15.05 15.79 13.18
CA GLU E 354 -14.10 14.97 13.91
C GLU E 354 -13.35 14.04 12.95
N ASN E 355 -13.72 14.04 11.67
CA ASN E 355 -13.16 13.08 10.75
C ASN E 355 -11.88 13.68 10.20
N THR E 356 -10.80 13.51 10.95
CA THR E 356 -9.66 14.36 10.66
C THR E 356 -8.84 13.86 9.48
N THR E 357 -9.09 12.63 9.05
CA THR E 357 -8.41 12.10 7.88
C THR E 357 -9.20 12.37 6.61
N GLN E 358 -10.39 12.98 6.71
CA GLN E 358 -11.11 13.23 5.48
C GLN E 358 -11.54 14.68 5.40
N ILE E 359 -10.77 15.55 6.04
CA ILE E 359 -11.06 16.96 5.98
C ILE E 359 -10.93 17.43 4.53
N ASP E 360 -9.96 16.84 3.82
CA ASP E 360 -9.74 17.17 2.43
C ASP E 360 -11.00 16.90 1.63
N ASP E 361 -11.68 15.76 1.90
CA ASP E 361 -12.88 15.41 1.19
C ASP E 361 -14.00 16.39 1.53
N LEU E 362 -14.13 16.68 2.82
CA LEU E 362 -15.13 17.64 3.24
C LEU E 362 -14.97 18.96 2.50
N VAL E 363 -13.75 19.50 2.49
CA VAL E 363 -13.54 20.79 1.84
C VAL E 363 -13.74 20.65 0.34
N HIS E 364 -13.18 19.59 -0.25
CA HIS E 364 -13.36 19.34 -1.67
C HIS E 364 -14.84 19.35 -2.05
N PHE E 365 -15.65 18.53 -1.37
CA PHE E 365 -17.05 18.42 -1.74
C PHE E 365 -17.81 19.73 -1.50
N THR E 366 -17.49 20.42 -0.42
CA THR E 366 -18.10 21.72 -0.19
C THR E 366 -17.82 22.67 -1.36
N LEU E 367 -16.58 22.76 -1.79
CA LEU E 367 -16.29 23.77 -2.80
C LEU E 367 -16.85 23.37 -4.15
N LYS E 368 -16.94 22.06 -4.39
CA LYS E 368 -17.55 21.61 -5.64
C LYS E 368 -19.05 21.89 -5.64
N GLU E 369 -19.69 21.90 -4.45
CA GLU E 369 -21.09 22.31 -4.39
C GLU E 369 -21.27 23.79 -4.69
N TRP E 370 -20.33 24.61 -4.23
CA TRP E 370 -20.37 26.00 -4.62
C TRP E 370 -20.17 26.16 -6.12
N ASN E 371 -19.30 25.33 -6.73
CA ASN E 371 -19.04 25.49 -8.14
C ASN E 371 -20.35 25.36 -8.90
N ARG E 372 -21.21 24.45 -8.45
CA ARG E 372 -22.44 24.18 -9.16
C ARG E 372 -23.43 25.34 -9.08
N LEU E 373 -23.24 26.30 -8.17
CA LEU E 373 -24.09 27.47 -8.20
C LEU E 373 -23.81 28.28 -9.45
N SER E 374 -22.59 28.15 -9.98
CA SER E 374 -22.19 28.86 -11.19
C SER E 374 -22.55 28.04 -12.42
N THR E 375 -22.47 26.72 -12.33
CA THR E 375 -22.44 25.98 -13.57
C THR E 375 -23.76 25.27 -13.82
N SER E 376 -24.45 24.86 -12.75
CA SER E 376 -25.48 23.84 -12.91
C SER E 376 -26.85 24.23 -12.37
N VAL E 377 -26.97 25.29 -11.54
CA VAL E 377 -28.23 25.41 -10.83
C VAL E 377 -29.32 25.78 -11.80
N SER E 378 -30.48 25.18 -11.58
CA SER E 378 -31.61 25.32 -12.47
C SER E 378 -32.81 25.70 -11.63
N ASN E 379 -33.97 25.72 -12.28
CA ASN E 379 -35.19 26.06 -11.60
C ASN E 379 -35.48 25.09 -10.46
N LEU E 380 -34.89 23.89 -10.54
CA LEU E 380 -35.18 22.88 -9.54
C LEU E 380 -34.70 23.34 -8.16
N GLN E 381 -33.43 23.75 -8.05
CA GLN E 381 -32.86 24.07 -6.76
C GLN E 381 -33.37 25.45 -6.34
N VAL E 382 -33.40 26.39 -7.29
CA VAL E 382 -33.76 27.76 -6.97
C VAL E 382 -35.17 27.83 -6.39
N GLU E 383 -36.15 27.15 -7.02
CA GLU E 383 -37.52 27.25 -6.54
C GLU E 383 -37.70 26.57 -5.18
N ARG E 384 -36.95 25.49 -4.95
CA ARG E 384 -36.99 24.82 -3.67
C ARG E 384 -36.48 25.75 -2.57
N ALA E 385 -35.40 26.49 -2.84
CA ALA E 385 -34.74 27.32 -1.84
C ALA E 385 -35.56 28.57 -1.57
N LYS E 386 -36.23 29.06 -2.62
CA LYS E 386 -37.11 30.21 -2.45
C LYS E 386 -38.26 29.83 -1.52
N SER E 387 -38.82 28.63 -1.70
CA SER E 387 -39.92 28.17 -0.88
C SER E 387 -39.53 28.14 0.60
N GLN E 388 -38.34 27.60 0.86
CA GLN E 388 -37.81 27.45 2.20
C GLN E 388 -37.53 28.82 2.84
N LEU E 389 -37.28 29.86 2.03
CA LEU E 389 -36.85 31.14 2.56
C LEU E 389 -38.06 32.04 2.81
N LYS E 390 -39.05 31.92 1.93
CA LYS E 390 -40.29 32.66 2.01
C LYS E 390 -40.90 32.47 3.40
N ALA E 391 -40.78 31.25 3.94
CA ALA E 391 -41.21 30.98 5.30
C ALA E 391 -40.13 31.38 6.31
N GLY E 392 -38.86 31.02 6.02
CA GLY E 392 -37.78 31.17 6.98
C GLY E 392 -37.59 32.60 7.49
N LEU E 393 -37.82 33.58 6.60
CA LEU E 393 -37.61 34.98 6.92
C LEU E 393 -38.73 35.52 7.82
N LEU E 394 -39.84 34.79 7.85
CA LEU E 394 -40.96 35.12 8.73
C LEU E 394 -40.92 34.29 10.01
N LEU E 395 -40.37 33.06 9.93
CA LEU E 395 -40.38 32.10 11.03
C LEU E 395 -39.45 32.57 12.15
N SER E 396 -38.33 33.18 11.76
CA SER E 396 -37.34 33.74 12.66
C SER E 396 -37.96 34.64 13.73
N LEU E 397 -39.03 35.36 13.35
CA LEU E 397 -39.70 36.29 14.24
C LEU E 397 -40.78 35.57 15.05
N ASP E 398 -40.38 34.96 16.16
CA ASP E 398 -41.31 34.14 16.95
C ASP E 398 -41.52 34.60 18.40
N GLY E 399 -40.89 35.69 18.84
CA GLY E 399 -41.14 36.31 20.15
C GLY E 399 -40.86 37.81 20.11
N THR E 400 -41.15 38.54 21.19
CA THR E 400 -41.09 40.00 21.11
C THR E 400 -39.66 40.49 20.92
N THR E 401 -38.69 39.74 21.47
CA THR E 401 -37.30 40.13 21.35
C THR E 401 -36.85 39.96 19.91
N TYR E 402 -37.35 38.92 19.24
CA TYR E 402 -36.96 38.67 17.86
C TYR E 402 -37.60 39.69 16.94
N VAL E 403 -38.84 40.08 17.26
CA VAL E 403 -39.51 41.09 16.47
C VAL E 403 -38.80 42.42 16.65
N ALA E 404 -38.43 42.74 17.90
CA ALA E 404 -37.77 44.02 18.15
C ALA E 404 -36.42 44.03 17.47
N GLU E 405 -35.75 42.86 17.45
CA GLU E 405 -34.45 42.77 16.84
C GLU E 405 -34.60 42.96 15.34
N ASP E 406 -35.72 42.50 14.78
CA ASP E 406 -35.96 42.63 13.36
C ASP E 406 -36.26 44.08 13.00
N ILE E 407 -37.10 44.75 13.81
CA ILE E 407 -37.42 46.13 13.49
C ILE E 407 -36.15 46.95 13.63
N GLY E 408 -35.42 46.74 14.74
CA GLY E 408 -34.22 47.52 15.00
C GLY E 408 -33.14 47.33 13.93
N ARG E 409 -32.95 46.08 13.50
CA ARG E 409 -31.90 45.75 12.55
C ARG E 409 -32.25 46.44 11.24
N GLN E 410 -33.48 46.24 10.77
CA GLN E 410 -33.87 46.80 9.49
C GLN E 410 -33.85 48.33 9.51
N LEU E 411 -34.22 48.95 10.63
CA LEU E 411 -34.30 50.40 10.63
C LEU E 411 -32.90 51.00 10.62
N THR E 412 -31.93 50.28 11.17
CA THR E 412 -30.59 50.83 11.29
C THR E 412 -29.72 50.43 10.10
N THR E 413 -30.23 49.58 9.20
CA THR E 413 -29.45 49.11 8.06
C THR E 413 -30.05 49.58 6.75
N LEU E 414 -31.38 49.72 6.71
CA LEU E 414 -32.05 50.06 5.46
C LEU E 414 -32.79 51.37 5.60
N GLY E 415 -33.02 51.80 6.85
CA GLY E 415 -33.73 53.05 7.09
C GLY E 415 -35.25 52.88 7.11
N ARG E 416 -35.72 51.65 6.88
CA ARG E 416 -37.14 51.35 6.95
C ARG E 416 -37.33 49.88 7.30
N ARG E 417 -38.54 49.56 7.78
CA ARG E 417 -38.98 48.19 7.94
C ARG E 417 -39.52 47.74 6.60
N VAL E 418 -38.99 46.63 6.10
CA VAL E 418 -39.51 46.06 4.87
C VAL E 418 -40.65 45.10 5.22
N THR E 419 -41.84 45.39 4.66
CA THR E 419 -43.07 44.63 4.88
C THR E 419 -42.90 43.22 4.32
N PRO E 420 -43.55 42.18 4.89
CA PRO E 420 -43.47 40.82 4.35
C PRO E 420 -43.88 40.68 2.88
N ALA E 421 -44.78 41.55 2.43
CA ALA E 421 -45.22 41.57 1.04
C ALA E 421 -44.09 41.96 0.10
N GLU E 422 -43.27 42.95 0.50
CA GLU E 422 -42.13 43.40 -0.28
C GLU E 422 -41.07 42.32 -0.28
N VAL E 423 -40.85 41.68 0.87
CA VAL E 423 -39.84 40.64 1.00
C VAL E 423 -40.23 39.46 0.13
N GLU E 424 -41.54 39.20 0.03
CA GLU E 424 -42.02 38.06 -0.72
C GLU E 424 -41.85 38.35 -2.22
N ALA E 425 -41.97 39.62 -2.60
CA ALA E 425 -41.82 40.02 -4.00
C ALA E 425 -40.35 40.02 -4.42
N LYS E 426 -39.45 40.43 -3.51
CA LYS E 426 -38.02 40.45 -3.80
C LYS E 426 -37.50 39.03 -3.94
N LEU E 427 -37.99 38.10 -3.12
CA LEU E 427 -37.62 36.70 -3.23
C LEU E 427 -38.15 36.10 -4.53
N GLU E 428 -39.39 36.46 -4.90
CA GLU E 428 -40.00 35.95 -6.11
C GLU E 428 -39.24 36.41 -7.35
N ALA E 429 -38.57 37.56 -7.24
CA ALA E 429 -37.85 38.11 -8.38
C ALA E 429 -36.53 37.37 -8.63
N VAL E 430 -36.08 36.51 -7.69
CA VAL E 430 -34.81 35.83 -7.85
C VAL E 430 -35.02 34.65 -8.80
N THR E 431 -34.36 34.66 -9.96
CA THR E 431 -34.49 33.54 -10.89
C THR E 431 -33.26 32.65 -10.82
N GLU E 432 -33.31 31.49 -11.49
CA GLU E 432 -32.12 30.66 -11.59
C GLU E 432 -31.01 31.41 -12.31
N HIS E 433 -31.41 32.27 -13.26
CA HIS E 433 -30.43 32.96 -14.06
C HIS E 433 -29.69 33.99 -13.20
N ASP E 434 -30.43 34.62 -12.28
CA ASP E 434 -29.87 35.55 -11.31
C ASP E 434 -28.89 34.84 -10.38
N VAL E 435 -29.26 33.66 -9.87
CA VAL E 435 -28.31 32.98 -9.00
C VAL E 435 -27.05 32.63 -9.76
N ARG E 436 -27.19 32.04 -10.96
CA ARG E 436 -25.98 31.71 -11.71
C ARG E 436 -25.15 32.98 -11.98
N ALA E 437 -25.81 34.08 -12.34
CA ALA E 437 -25.04 35.29 -12.63
C ALA E 437 -24.27 35.74 -11.41
N TRP E 438 -24.93 35.68 -10.24
CA TRP E 438 -24.33 36.20 -9.03
C TRP E 438 -23.16 35.31 -8.65
N ALA E 439 -23.34 33.99 -8.76
CA ALA E 439 -22.33 33.06 -8.32
C ALA E 439 -21.09 33.19 -9.21
N GLN E 440 -21.32 33.47 -10.50
CA GLN E 440 -20.23 33.52 -11.45
C GLN E 440 -19.41 34.79 -11.24
N LYS E 441 -20.00 35.81 -10.60
CA LYS E 441 -19.25 37.03 -10.35
C LYS E 441 -18.66 37.06 -8.94
N THR E 442 -19.20 36.22 -8.04
CA THR E 442 -18.92 36.37 -6.62
C THR E 442 -18.16 35.18 -6.08
N LEU E 443 -18.43 34.00 -6.64
CA LEU E 443 -17.82 32.81 -6.11
C LEU E 443 -16.82 32.22 -7.08
N TYR E 444 -17.17 32.19 -8.36
CA TYR E 444 -16.45 31.35 -9.28
C TYR E 444 -15.03 31.86 -9.40
N ASP E 445 -14.04 31.02 -9.09
CA ASP E 445 -12.65 31.39 -9.28
C ASP E 445 -12.30 32.65 -8.48
N LYS E 446 -12.81 32.81 -7.27
CA LYS E 446 -12.52 34.02 -6.51
C LYS E 446 -11.67 33.64 -5.31
N ASP E 447 -11.03 34.64 -4.70
CA ASP E 447 -10.18 34.39 -3.56
C ASP E 447 -11.03 34.10 -2.34
N ILE E 448 -10.55 33.21 -1.48
CA ILE E 448 -11.34 32.91 -0.30
C ILE E 448 -10.55 33.38 0.91
N ALA E 449 -11.26 33.59 2.01
CA ALA E 449 -10.58 33.70 3.29
C ALA E 449 -10.88 32.39 3.99
N LEU E 450 -9.88 31.80 4.62
CA LEU E 450 -10.03 30.47 5.14
C LEU E 450 -9.47 30.45 6.54
N VAL E 451 -10.22 29.90 7.50
CA VAL E 451 -9.67 29.81 8.83
C VAL E 451 -9.88 28.39 9.29
N GLY E 452 -8.83 27.78 9.80
CA GLY E 452 -8.97 26.44 10.34
C GLY E 452 -8.45 26.41 11.76
N LEU E 453 -9.18 25.72 12.63
CA LEU E 453 -8.78 25.63 14.01
C LEU E 453 -8.91 24.18 14.46
N GLY E 454 -7.90 23.69 15.17
CA GLY E 454 -8.00 22.37 15.71
C GLY E 454 -7.10 21.41 14.95
N PRO E 455 -7.46 20.13 14.87
CA PRO E 455 -6.62 19.16 14.16
C PRO E 455 -6.83 19.25 12.65
N ILE E 456 -6.14 20.21 12.03
CA ILE E 456 -6.38 20.53 10.63
C ILE E 456 -5.16 20.15 9.79
N GLU E 457 -4.36 19.20 10.28
CA GLU E 457 -3.21 18.70 9.52
C GLU E 457 -3.63 18.33 8.10
N GLY E 458 -4.81 17.72 7.98
CA GLY E 458 -5.28 17.23 6.70
C GLY E 458 -5.88 18.32 5.81
N LEU E 459 -5.95 19.56 6.29
CA LEU E 459 -6.46 20.61 5.43
C LEU E 459 -5.31 21.02 4.53
N TYR E 460 -5.50 20.98 3.21
CA TYR E 460 -4.39 21.30 2.32
C TYR E 460 -4.08 22.80 2.38
N ASP E 461 -2.97 23.18 1.77
CA ASP E 461 -2.53 24.56 1.67
C ASP E 461 -3.52 25.41 0.86
N TYR E 462 -3.33 26.74 0.93
CA TYR E 462 -4.23 27.67 0.29
C TYR E 462 -4.46 27.36 -1.19
N ASN E 463 -3.40 27.09 -1.98
CA ASN E 463 -3.58 26.87 -3.41
C ASN E 463 -4.56 25.74 -3.72
N ARG E 464 -4.39 24.61 -3.04
CA ARG E 464 -5.25 23.49 -3.35
C ARG E 464 -6.69 23.78 -2.98
N ILE E 465 -6.91 24.53 -1.90
CA ILE E 465 -8.29 24.86 -1.56
C ILE E 465 -8.80 25.81 -2.62
N ARG E 466 -8.05 26.87 -2.91
CA ARG E 466 -8.53 27.86 -3.85
C ARG E 466 -8.70 27.27 -5.25
N ASN E 467 -7.98 26.21 -5.59
CA ASN E 467 -8.17 25.60 -6.91
C ASN E 467 -9.54 24.97 -7.05
N ASP E 468 -10.16 24.58 -5.93
CA ASP E 468 -11.51 24.04 -6.00
C ASP E 468 -12.56 25.13 -6.23
N MET E 469 -12.15 26.39 -6.32
CA MET E 469 -13.13 27.42 -6.59
C MET E 469 -13.49 27.49 -8.07
N SER E 470 -12.94 26.56 -8.87
CA SER E 470 -13.36 26.49 -10.25
C SER E 470 -13.37 25.03 -10.67
N MET E 471 -13.96 24.74 -11.83
CA MET E 471 -13.99 23.38 -12.33
C MET E 471 -13.30 23.38 -13.69
N MET E 472 -12.35 22.49 -13.90
CA MET E 472 -11.69 22.46 -15.19
C MET E 472 -12.61 21.89 -16.26
N ARG E 473 -13.63 21.14 -15.85
CA ARG E 473 -14.52 20.50 -16.80
C ARG E 473 -15.50 21.51 -17.38
N TRP E 474 -15.58 22.71 -16.78
CA TRP E 474 -16.51 23.71 -17.25
C TRP E 474 -15.75 24.85 -17.92
N PHE F 15 -56.61 30.86 24.59
CA PHE F 15 -56.76 29.50 23.99
C PHE F 15 -58.13 28.91 24.28
N SER F 16 -59.01 28.95 23.27
CA SER F 16 -60.34 28.36 23.36
C SER F 16 -60.25 26.84 23.31
N THR F 17 -60.41 26.23 24.50
CA THR F 17 -60.48 24.80 24.70
C THR F 17 -61.79 24.27 24.08
N ALA F 18 -61.67 23.25 23.21
CA ALA F 18 -62.81 22.47 22.71
C ALA F 18 -62.44 20.99 22.54
N GLU F 19 -63.34 20.25 21.89
CA GLU F 19 -63.18 18.83 21.66
C GLU F 19 -63.54 18.50 20.21
N ALA F 20 -62.67 17.72 19.57
CA ALA F 20 -62.88 17.30 18.20
C ALA F 20 -62.62 15.81 18.11
N ALA F 21 -63.70 15.04 17.89
CA ALA F 21 -63.66 13.59 17.76
C ALA F 21 -62.88 12.96 18.91
N GLY F 22 -63.16 13.44 20.13
CA GLY F 22 -62.63 12.82 21.34
C GLY F 22 -61.24 13.31 21.70
N VAL F 23 -60.70 14.21 20.88
CA VAL F 23 -59.39 14.79 21.11
C VAL F 23 -59.62 16.23 21.57
N LYS F 24 -58.94 16.62 22.65
CA LYS F 24 -59.00 17.97 23.17
C LYS F 24 -58.12 18.91 22.37
N VAL F 25 -58.72 19.98 21.84
CA VAL F 25 -58.06 20.92 20.93
C VAL F 25 -58.18 22.33 21.52
N ALA F 26 -57.03 23.01 21.67
CA ALA F 26 -57.01 24.39 22.15
C ALA F 26 -56.28 25.27 21.14
N ALA F 27 -56.96 26.33 20.70
CA ALA F 27 -56.39 27.19 19.69
C ALA F 27 -56.65 28.64 20.02
N GLN F 28 -55.71 29.49 19.63
CA GLN F 28 -55.79 30.92 19.81
C GLN F 28 -55.43 31.55 18.48
N ASP F 29 -56.39 32.22 17.85
CA ASP F 29 -56.11 32.91 16.60
C ASP F 29 -55.35 34.21 16.87
N GLY F 30 -54.48 34.57 15.94
CA GLY F 30 -53.59 35.71 16.09
C GLY F 30 -53.43 36.46 14.78
N GLN F 31 -52.51 37.42 14.77
CA GLN F 31 -52.28 38.23 13.58
C GLN F 31 -50.81 38.13 13.23
N SER F 32 -50.46 36.99 12.63
CA SER F 32 -49.09 36.69 12.24
C SER F 32 -49.18 35.73 11.08
N PRO F 33 -48.15 35.64 10.21
CA PRO F 33 -48.13 34.62 9.17
C PRO F 33 -47.64 33.25 9.65
N ILE F 34 -47.32 33.12 10.94
CA ILE F 34 -46.66 31.92 11.45
C ILE F 34 -47.54 31.18 12.46
N SER F 35 -47.82 29.91 12.18
CA SER F 35 -48.63 29.10 13.08
C SER F 35 -47.78 28.03 13.72
N ASP F 36 -48.06 27.75 15.00
CA ASP F 36 -47.40 26.66 15.71
C ASP F 36 -48.47 25.63 16.07
N LEU F 37 -48.37 24.42 15.52
CA LEU F 37 -49.23 23.34 15.94
C LEU F 37 -48.43 22.37 16.79
N SER F 38 -48.95 22.05 17.98
CA SER F 38 -48.26 21.14 18.87
C SER F 38 -49.18 20.00 19.32
N VAL F 39 -48.70 18.77 19.19
CA VAL F 39 -49.37 17.64 19.80
C VAL F 39 -48.72 17.38 21.17
N VAL F 40 -49.50 17.48 22.25
CA VAL F 40 -48.95 17.17 23.57
C VAL F 40 -49.45 15.79 23.99
N LEU F 41 -48.52 14.91 24.31
CA LEU F 41 -48.85 13.54 24.69
C LEU F 41 -48.58 13.31 26.17
N ARG F 42 -49.52 12.61 26.82
CA ARG F 42 -49.30 12.18 28.18
C ARG F 42 -48.36 10.99 28.14
N GLY F 43 -47.08 11.26 27.91
CA GLY F 43 -46.19 10.16 27.64
C GLY F 43 -44.79 10.48 28.14
N GLY F 44 -44.71 11.41 29.09
CA GLY F 44 -43.43 11.77 29.64
C GLY F 44 -42.83 10.61 30.45
N SER F 45 -41.69 10.87 31.07
CA SER F 45 -40.91 9.82 31.68
C SER F 45 -41.57 9.26 32.94
N ARG F 46 -42.51 9.98 33.54
CA ARG F 46 -43.08 9.45 34.76
C ARG F 46 -44.01 8.29 34.42
N TYR F 47 -44.37 8.21 33.15
CA TYR F 47 -45.30 7.18 32.71
C TYR F 47 -44.53 6.05 32.04
N ALA F 48 -43.22 6.24 31.87
CA ALA F 48 -42.38 5.30 31.15
C ALA F 48 -42.46 3.92 31.77
N THR F 49 -42.78 2.94 30.92
CA THR F 49 -42.75 1.54 31.28
C THR F 49 -41.33 1.13 31.66
N VAL F 50 -40.38 1.45 30.77
CA VAL F 50 -38.98 1.11 30.92
C VAL F 50 -38.15 2.40 30.82
N PRO F 51 -36.97 2.49 31.47
CA PRO F 51 -36.17 3.71 31.46
C PRO F 51 -35.73 4.18 30.08
N GLY F 52 -36.15 5.39 29.71
CA GLY F 52 -35.68 5.99 28.48
C GLY F 52 -36.70 5.87 27.34
N VAL F 53 -37.81 5.19 27.58
CA VAL F 53 -38.69 4.89 26.48
C VAL F 53 -39.39 6.16 25.97
N SER F 54 -39.64 7.12 26.84
CA SER F 54 -40.37 8.28 26.39
C SER F 54 -39.46 9.14 25.51
N HIS F 55 -38.16 9.17 25.82
CA HIS F 55 -37.20 9.87 24.98
C HIS F 55 -37.12 9.22 23.60
N ILE F 56 -37.11 7.88 23.56
CA ILE F 56 -37.03 7.15 22.30
C ILE F 56 -38.32 7.34 21.50
N LEU F 57 -39.46 7.31 22.17
CA LEU F 57 -40.70 7.55 21.45
C LEU F 57 -40.73 8.95 20.83
N GLU F 58 -40.19 9.94 21.54
CA GLU F 58 -40.12 11.30 21.02
C GLU F 58 -39.22 11.33 19.78
N LYS F 59 -38.08 10.64 19.84
CA LYS F 59 -37.18 10.59 18.71
C LYS F 59 -37.71 9.72 17.56
N PHE F 60 -38.73 8.91 17.82
CA PHE F 60 -39.29 8.09 16.77
C PHE F 60 -40.46 8.80 16.10
N ALA F 61 -40.76 10.04 16.52
CA ALA F 61 -41.79 10.79 15.82
C ALA F 61 -41.24 11.29 14.49
N PHE F 62 -42.09 11.24 13.46
CA PHE F 62 -41.75 11.63 12.11
C PHE F 62 -40.68 10.72 11.52
N GLN F 63 -40.68 9.45 11.95
CA GLN F 63 -39.98 8.40 11.22
C GLN F 63 -40.91 7.86 10.14
N ASN F 64 -40.64 6.66 9.61
CA ASN F 64 -41.44 6.15 8.53
C ASN F 64 -42.82 5.82 9.03
N THR F 65 -43.83 6.38 8.37
CA THR F 65 -45.18 5.94 8.58
C THR F 65 -45.55 5.11 7.36
N VAL F 66 -46.71 4.47 7.40
CA VAL F 66 -47.21 3.69 6.30
C VAL F 66 -47.55 4.58 5.10
N PRO F 67 -48.30 5.71 5.25
CA PRO F 67 -48.55 6.60 4.12
C PRO F 67 -47.36 7.39 3.57
N LYS F 68 -46.37 7.69 4.41
CA LYS F 68 -45.36 8.68 4.04
C LYS F 68 -44.06 8.39 4.79
N SER F 69 -42.97 8.23 4.02
CA SER F 69 -41.67 7.91 4.59
C SER F 69 -41.10 9.13 5.29
N ALA F 70 -40.17 8.88 6.22
CA ALA F 70 -39.48 9.97 6.87
C ALA F 70 -38.84 10.89 5.84
N LEU F 71 -38.21 10.29 4.82
CA LEU F 71 -37.60 11.05 3.74
C LEU F 71 -38.63 11.93 3.05
N ARG F 72 -39.76 11.35 2.63
CA ARG F 72 -40.71 12.19 1.92
C ARG F 72 -41.23 13.31 2.82
N PHE F 73 -41.43 13.02 4.10
CA PHE F 73 -41.93 14.05 4.99
C PHE F 73 -40.95 15.21 5.07
N VAL F 74 -39.68 14.92 5.32
CA VAL F 74 -38.69 15.96 5.45
C VAL F 74 -38.60 16.79 4.17
N ARG F 75 -38.59 16.15 3.00
CA ARG F 75 -38.45 16.92 1.77
C ARG F 75 -39.68 17.80 1.53
N GLU F 76 -40.85 17.37 1.99
CA GLU F 76 -42.03 18.16 1.71
C GLU F 76 -42.15 19.29 2.73
N LEU F 77 -41.69 19.03 3.96
CA LEU F 77 -41.69 20.05 4.99
C LEU F 77 -40.76 21.19 4.60
N GLU F 78 -39.68 20.88 3.85
CA GLU F 78 -38.75 21.89 3.33
C GLU F 78 -39.39 22.71 2.22
N LEU F 79 -40.37 22.16 1.50
CA LEU F 79 -41.08 22.93 0.48
C LEU F 79 -42.08 23.89 1.11
N PHE F 80 -42.51 23.62 2.34
CA PHE F 80 -43.40 24.53 3.03
C PHE F 80 -42.60 25.46 3.95
N GLY F 81 -41.29 25.16 4.04
CA GLY F 81 -40.39 25.84 4.93
C GLY F 81 -40.78 25.70 6.40
N GLY F 82 -41.56 24.66 6.72
CA GLY F 82 -41.85 24.32 8.10
C GLY F 82 -40.63 23.86 8.89
N LYS F 83 -40.76 23.87 10.22
CA LYS F 83 -39.72 23.37 11.09
C LYS F 83 -40.40 22.43 12.08
N LEU F 84 -39.60 21.50 12.59
CA LEU F 84 -40.08 20.48 13.49
C LEU F 84 -39.27 20.53 14.78
N TYR F 85 -39.96 20.49 15.91
CA TYR F 85 -39.29 20.52 17.20
C TYR F 85 -39.97 19.50 18.08
N THR F 86 -39.18 18.70 18.79
CA THR F 86 -39.76 17.72 19.68
C THR F 86 -39.01 17.78 21.00
N HIS F 87 -39.68 17.54 22.12
CA HIS F 87 -38.95 17.33 23.36
C HIS F 87 -39.74 16.46 24.31
N THR F 88 -39.04 15.88 25.28
CA THR F 88 -39.62 15.04 26.31
C THR F 88 -39.43 15.74 27.65
N THR F 89 -40.47 15.76 28.46
CA THR F 89 -40.34 16.16 29.86
C THR F 89 -40.66 14.98 30.77
N ARG F 90 -40.83 15.25 32.06
CA ARG F 90 -41.23 14.19 32.96
C ARG F 90 -42.71 13.88 32.79
N GLU F 91 -43.43 14.86 32.25
CA GLU F 91 -44.87 14.78 32.17
C GLU F 91 -45.33 14.53 30.74
N HIS F 92 -44.66 15.13 29.75
CA HIS F 92 -45.21 15.10 28.40
C HIS F 92 -44.16 14.78 27.36
N ILE F 93 -44.61 14.35 26.19
CA ILE F 93 -43.84 14.44 24.96
C ILE F 93 -44.53 15.53 24.18
N VAL F 94 -43.73 16.45 23.63
CA VAL F 94 -44.29 17.56 22.87
C VAL F 94 -43.69 17.52 21.48
N LEU F 95 -44.56 17.54 20.48
CA LEU F 95 -44.16 17.55 19.09
C LEU F 95 -44.72 18.83 18.50
N ARG F 96 -43.84 19.71 18.04
CA ARG F 96 -44.30 21.02 17.63
C ARG F 96 -43.88 21.26 16.19
N THR F 97 -44.80 21.79 15.39
CA THR F 97 -44.39 22.23 14.06
C THR F 97 -44.66 23.70 13.91
N GLN F 98 -43.77 24.38 13.19
CA GLN F 98 -43.92 25.80 12.96
C GLN F 98 -43.99 25.98 11.45
N PHE F 99 -45.03 26.62 10.95
CA PHE F 99 -45.22 26.73 9.51
C PHE F 99 -46.02 28.00 9.18
N LEU F 100 -46.28 28.23 7.90
CA LEU F 100 -47.09 29.36 7.51
C LEU F 100 -48.55 29.00 7.68
N LYS F 101 -49.38 29.99 8.03
CA LYS F 101 -50.75 29.78 8.47
C LYS F 101 -51.46 28.87 7.48
N GLN F 102 -51.24 29.12 6.19
CA GLN F 102 -52.04 28.52 5.15
C GLN F 102 -51.83 27.01 5.06
N ASP F 103 -50.67 26.52 5.52
CA ASP F 103 -50.30 25.12 5.35
C ASP F 103 -50.83 24.25 6.48
N LEU F 104 -51.82 24.73 7.25
CA LEU F 104 -52.30 24.00 8.42
C LEU F 104 -52.74 22.58 8.08
N PRO F 105 -53.58 22.32 7.05
CA PRO F 105 -54.11 20.98 6.81
C PRO F 105 -53.05 19.89 6.62
N TYR F 106 -51.94 20.28 5.98
CA TYR F 106 -50.82 19.38 5.78
C TYR F 106 -50.27 18.89 7.13
N PHE F 107 -50.08 19.83 8.06
CA PHE F 107 -49.46 19.51 9.34
C PHE F 107 -50.40 18.72 10.24
N VAL F 108 -51.70 18.95 10.11
CA VAL F 108 -52.66 18.19 10.88
C VAL F 108 -52.59 16.73 10.43
N ASP F 109 -52.58 16.52 9.11
CA ASP F 109 -52.55 15.18 8.56
C ASP F 109 -51.26 14.47 8.89
N ALA F 110 -50.16 15.21 9.02
CA ALA F 110 -48.86 14.61 9.30
C ALA F 110 -48.82 14.07 10.73
N PHE F 111 -49.38 14.85 11.66
CA PHE F 111 -49.52 14.41 13.03
C PHE F 111 -50.39 13.18 13.10
N ALA F 112 -51.50 13.19 12.35
CA ALA F 112 -52.37 12.03 12.34
C ALA F 112 -51.61 10.78 11.86
N ASN F 113 -50.76 10.91 10.83
CA ASN F 113 -50.06 9.73 10.34
C ASN F 113 -49.09 9.22 11.39
N VAL F 114 -48.51 10.11 12.19
CA VAL F 114 -47.50 9.72 13.17
C VAL F 114 -48.16 8.92 14.28
N LEU F 115 -49.38 9.32 14.65
CA LEU F 115 -50.06 8.74 15.80
C LEU F 115 -50.74 7.43 15.39
N LYS F 116 -51.19 7.33 14.14
CA LYS F 116 -51.94 6.18 13.67
C LYS F 116 -51.05 5.11 13.04
N GLU F 117 -50.00 5.52 12.30
CA GLU F 117 -49.41 4.64 11.29
C GLU F 117 -47.88 4.59 11.32
N THR F 118 -47.24 4.87 12.47
CA THR F 118 -45.79 4.76 12.54
C THR F 118 -45.40 3.29 12.48
N LYS F 119 -44.57 2.93 11.49
CA LYS F 119 -43.99 1.60 11.39
C LYS F 119 -42.76 1.60 12.28
N PHE F 120 -42.79 0.95 13.44
CA PHE F 120 -41.61 1.08 14.27
C PHE F 120 -40.65 0.00 13.84
N GLN F 121 -39.67 0.38 13.03
CA GLN F 121 -38.85 -0.61 12.37
C GLN F 121 -37.54 -0.71 13.13
N GLN F 122 -37.01 -1.92 13.25
CA GLN F 122 -35.86 -2.13 14.11
C GLN F 122 -34.65 -1.36 13.59
N PHE F 123 -34.52 -1.23 12.27
CA PHE F 123 -33.35 -0.54 11.74
C PHE F 123 -33.40 0.95 12.09
N GLU F 124 -34.61 1.54 12.17
CA GLU F 124 -34.74 2.95 12.48
C GLU F 124 -34.28 3.13 13.92
N LEU F 125 -34.61 2.16 14.78
CA LEU F 125 -34.18 2.26 16.15
C LEU F 125 -32.65 2.18 16.24
N THR F 126 -32.04 1.20 15.57
CA THR F 126 -30.60 0.99 15.68
C THR F 126 -29.79 2.11 15.02
N GLU F 127 -30.23 2.55 13.84
CA GLU F 127 -29.37 3.38 13.00
C GLU F 127 -29.74 4.85 13.12
N ARG F 128 -31.01 5.13 13.40
CA ARG F 128 -31.47 6.51 13.36
C ARG F 128 -31.82 7.03 14.72
N VAL F 129 -32.73 6.37 15.41
CA VAL F 129 -33.36 6.93 16.59
C VAL F 129 -32.39 6.85 17.77
N ALA F 130 -31.84 5.67 18.07
CA ALA F 130 -30.99 5.53 19.24
C ALA F 130 -29.76 6.44 19.17
N PRO F 131 -29.02 6.52 18.03
CA PRO F 131 -27.84 7.38 17.94
C PRO F 131 -28.12 8.87 18.17
N VAL F 132 -29.27 9.32 17.69
CA VAL F 132 -29.68 10.70 17.84
C VAL F 132 -30.04 10.95 19.30
N ALA F 133 -30.74 9.99 19.92
CA ALA F 133 -31.09 10.15 21.32
C ALA F 133 -29.82 10.20 22.15
N GLU F 134 -28.76 9.50 21.72
CA GLU F 134 -27.54 9.45 22.51
C GLU F 134 -26.80 10.80 22.40
N LEU F 135 -26.82 11.41 21.21
CA LEU F 135 -26.19 12.69 21.01
C LEU F 135 -26.94 13.80 21.72
N ASP F 136 -28.28 13.67 21.79
CA ASP F 136 -29.14 14.60 22.49
C ASP F 136 -28.68 14.66 23.95
N LEU F 137 -28.48 13.48 24.55
CA LEU F 137 -28.18 13.44 25.96
C LEU F 137 -26.76 13.94 26.22
N LEU F 138 -25.81 13.55 25.37
CA LEU F 138 -24.43 13.97 25.57
C LEU F 138 -24.30 15.49 25.49
N LYS F 139 -25.13 16.12 24.65
CA LYS F 139 -25.08 17.56 24.53
C LYS F 139 -25.61 18.21 25.80
N ARG F 140 -26.63 17.60 26.41
CA ARG F 140 -27.23 18.17 27.60
C ARG F 140 -26.30 18.05 28.79
N GLU F 141 -25.58 16.93 28.85
CA GLU F 141 -24.71 16.60 29.96
C GLU F 141 -23.41 17.40 29.92
N SER F 142 -23.15 18.08 28.80
CA SER F 142 -22.00 18.98 28.73
C SER F 142 -22.10 20.05 29.82
N ASP F 143 -23.34 20.41 30.18
CA ASP F 143 -23.63 21.31 31.29
C ASP F 143 -23.76 20.50 32.59
N PRO F 144 -22.83 20.64 33.57
CA PRO F 144 -22.91 19.85 34.79
C PRO F 144 -24.11 20.18 35.67
N ALA F 145 -24.72 21.35 35.45
CA ALA F 145 -25.90 21.73 36.23
C ALA F 145 -27.10 20.88 35.84
N PHE F 146 -27.13 20.49 34.56
CA PHE F 146 -28.21 19.66 34.04
C PHE F 146 -28.14 18.31 34.73
N THR F 147 -26.95 17.71 34.69
CA THR F 147 -26.70 16.45 35.37
C THR F 147 -27.10 16.51 36.85
N ALA F 148 -26.73 17.59 37.54
CA ALA F 148 -26.99 17.69 38.96
C ALA F 148 -28.50 17.72 39.21
N LEU F 149 -29.23 18.43 38.37
CA LEU F 149 -30.65 18.55 38.66
C LEU F 149 -31.38 17.26 38.30
N GLU F 150 -30.85 16.53 37.30
CA GLU F 150 -31.37 15.22 36.93
C GLU F 150 -31.15 14.24 38.07
N ALA F 151 -29.91 14.20 38.58
CA ALA F 151 -29.55 13.33 39.68
C ALA F 151 -30.45 13.61 40.88
N ALA F 152 -30.77 14.90 41.12
CA ALA F 152 -31.55 15.25 42.30
C ALA F 152 -32.96 14.70 42.22
N HIS F 153 -33.55 14.68 41.01
CA HIS F 153 -34.90 14.16 40.89
C HIS F 153 -34.90 12.66 41.13
N GLU F 154 -33.77 12.03 40.81
CA GLU F 154 -33.68 10.58 40.87
C GLU F 154 -33.66 10.15 42.33
N VAL F 155 -32.93 10.92 43.14
CA VAL F 155 -32.82 10.68 44.56
C VAL F 155 -34.13 10.98 45.26
N ALA F 156 -34.79 12.05 44.81
CA ALA F 156 -35.93 12.55 45.56
C ALA F 156 -37.13 11.63 45.36
N PHE F 157 -37.27 11.05 44.16
CA PHE F 157 -38.52 10.39 43.85
C PHE F 157 -38.34 8.91 43.58
N ARG F 158 -37.11 8.51 43.22
CA ARG F 158 -36.72 7.13 42.93
C ARG F 158 -37.33 6.62 41.62
N THR F 159 -38.64 6.46 41.60
CA THR F 159 -39.34 6.03 40.41
C THR F 159 -40.33 7.11 40.02
N GLY F 160 -41.07 6.89 38.93
CA GLY F 160 -42.04 7.86 38.47
C GLY F 160 -41.35 9.14 38.03
N LEU F 161 -41.45 10.18 38.86
CA LEU F 161 -40.72 11.41 38.62
C LEU F 161 -39.23 11.18 38.71
N GLY F 162 -38.85 10.06 39.32
CA GLY F 162 -37.45 9.79 39.51
C GLY F 162 -36.84 9.04 38.33
N ASN F 163 -37.67 8.55 37.39
CA ASN F 163 -37.14 7.88 36.22
C ASN F 163 -36.32 8.88 35.41
N SER F 164 -35.28 8.40 34.70
CA SER F 164 -34.55 9.33 33.84
C SER F 164 -35.43 9.80 32.69
N VAL F 165 -35.25 11.04 32.26
CA VAL F 165 -36.01 11.57 31.15
C VAL F 165 -35.40 11.07 29.85
N TYR F 166 -34.07 10.91 29.84
CA TYR F 166 -33.35 10.63 28.61
C TYR F 166 -32.90 9.19 28.62
N ALA F 167 -32.74 8.66 27.40
CA ALA F 167 -32.32 7.30 27.22
C ALA F 167 -30.82 7.20 27.51
N GLN F 168 -30.47 6.25 28.37
CA GLN F 168 -29.07 6.06 28.70
C GLN F 168 -28.57 4.74 28.12
N GLY F 169 -27.25 4.70 27.90
CA GLY F 169 -26.56 3.58 27.26
C GLY F 169 -26.56 2.35 28.15
N TYR F 170 -26.58 2.56 29.47
CA TYR F 170 -26.47 1.47 30.41
C TYR F 170 -27.75 0.62 30.45
N SER F 171 -28.90 1.25 30.17
CA SER F 171 -30.17 0.52 30.13
C SER F 171 -30.83 0.65 28.77
N PRO F 172 -30.67 -0.35 27.87
CA PRO F 172 -31.09 -0.23 26.47
C PRO F 172 -32.58 -0.42 26.26
N VAL F 173 -33.19 0.45 25.43
CA VAL F 173 -34.60 0.38 25.09
C VAL F 173 -34.71 -0.48 23.84
N THR F 174 -35.64 -1.44 23.86
CA THR F 174 -35.80 -2.37 22.74
C THR F 174 -36.99 -1.94 21.89
N LEU F 175 -37.08 -2.49 20.69
CA LEU F 175 -38.15 -2.09 19.79
C LEU F 175 -39.49 -2.55 20.35
N GLU F 176 -39.47 -3.61 21.17
CA GLU F 176 -40.72 -4.09 21.73
C GLU F 176 -41.21 -3.16 22.83
N ASP F 177 -40.28 -2.66 23.65
CA ASP F 177 -40.54 -1.65 24.65
C ASP F 177 -41.16 -0.41 24.01
N VAL F 178 -40.54 0.10 22.94
CA VAL F 178 -41.05 1.33 22.35
C VAL F 178 -42.41 1.09 21.72
N LYS F 179 -42.61 -0.08 21.11
CA LYS F 179 -43.88 -0.37 20.44
C LYS F 179 -45.02 -0.46 21.45
N GLU F 180 -44.74 -1.06 22.61
CA GLU F 180 -45.73 -1.23 23.67
C GLU F 180 -46.15 0.12 24.23
N PHE F 181 -45.15 0.93 24.56
CA PHE F 181 -45.40 2.24 25.13
C PHE F 181 -46.23 3.06 24.16
N ALA F 182 -45.87 3.01 22.87
CA ALA F 182 -46.57 3.78 21.87
C ALA F 182 -48.04 3.35 21.73
N ARG F 183 -48.32 2.06 21.97
CA ARG F 183 -49.68 1.54 21.91
C ARG F 183 -50.53 2.18 22.99
N GLN F 184 -49.91 2.46 24.16
CA GLN F 184 -50.61 3.12 25.26
C GLN F 184 -50.73 4.63 24.99
N VAL F 185 -49.64 5.25 24.58
CA VAL F 185 -49.56 6.69 24.49
C VAL F 185 -50.34 7.22 23.29
N TYR F 186 -50.15 6.62 22.12
CA TYR F 186 -50.74 7.25 20.94
C TYR F 186 -52.22 6.87 20.86
N ALA F 187 -53.05 7.50 21.69
CA ALA F 187 -54.47 7.16 21.85
C ALA F 187 -55.22 8.44 22.17
N LYS F 188 -56.51 8.50 21.84
CA LYS F 188 -57.27 9.72 22.02
C LYS F 188 -57.21 10.24 23.46
N GLN F 189 -56.98 9.33 24.41
CA GLN F 189 -57.08 9.70 25.81
C GLN F 189 -55.80 10.41 26.26
N ASN F 190 -54.75 10.34 25.45
CA ASN F 190 -53.48 10.84 25.93
C ASN F 190 -52.95 11.95 25.02
N VAL F 191 -53.83 12.50 24.19
CA VAL F 191 -53.40 13.43 23.16
C VAL F 191 -54.18 14.73 23.33
N ALA F 192 -53.45 15.84 23.25
CA ALA F 192 -54.02 17.19 23.19
C ALA F 192 -53.35 17.94 22.04
N VAL F 193 -54.16 18.66 21.27
CA VAL F 193 -53.66 19.46 20.16
C VAL F 193 -53.75 20.94 20.55
N VAL F 194 -52.62 21.64 20.45
CA VAL F 194 -52.53 23.06 20.81
C VAL F 194 -52.07 23.88 19.61
N GLY F 195 -52.91 24.84 19.20
CA GLY F 195 -52.67 25.63 18.01
C GLY F 195 -52.50 27.11 18.32
N ASN F 196 -51.25 27.59 18.21
CA ASN F 196 -50.92 29.00 18.35
C ASN F 196 -50.97 29.69 16.98
N ASN F 197 -51.83 30.72 16.88
CA ASN F 197 -52.08 31.50 15.67
C ASN F 197 -52.73 30.60 14.64
N VAL F 198 -53.70 29.82 15.11
CA VAL F 198 -54.46 28.91 14.28
C VAL F 198 -55.90 29.28 14.54
N VAL F 199 -56.69 29.42 13.46
CA VAL F 199 -58.10 29.72 13.60
C VAL F 199 -58.80 28.58 14.33
N PRO F 200 -59.40 28.79 15.53
CA PRO F 200 -59.92 27.67 16.33
C PRO F 200 -61.00 26.82 15.66
N ALA F 201 -61.82 27.44 14.82
CA ALA F 201 -62.91 26.73 14.15
C ALA F 201 -62.35 25.76 13.10
N ASP F 202 -61.27 26.20 12.45
CA ASP F 202 -60.66 25.48 11.34
C ASP F 202 -59.87 24.29 11.86
N LEU F 203 -59.24 24.46 13.03
CA LEU F 203 -58.47 23.37 13.60
C LEU F 203 -59.40 22.26 14.04
N GLN F 204 -60.53 22.62 14.65
CA GLN F 204 -61.48 21.63 15.16
C GLN F 204 -61.98 20.76 14.02
N GLN F 205 -62.22 21.39 12.88
CA GLN F 205 -62.75 20.71 11.70
C GLN F 205 -61.70 19.74 11.15
N LEU F 206 -60.42 20.11 11.23
CA LEU F 206 -59.38 19.30 10.60
C LEU F 206 -59.01 18.14 11.53
N VAL F 207 -58.92 18.41 12.83
CA VAL F 207 -58.56 17.38 13.79
C VAL F 207 -59.69 16.37 13.85
N GLY F 208 -60.91 16.86 13.58
CA GLY F 208 -62.11 16.06 13.64
C GLY F 208 -62.18 15.03 12.53
N THR F 209 -61.45 15.29 11.43
CA THR F 209 -61.49 14.39 10.30
C THR F 209 -60.28 13.47 10.33
N ALA F 210 -59.17 13.98 10.88
CA ALA F 210 -57.88 13.32 10.74
C ALA F 210 -57.64 12.37 11.89
N PHE F 211 -58.11 12.72 13.09
CA PHE F 211 -57.83 11.93 14.27
C PHE F 211 -59.06 11.15 14.69
N ALA F 212 -59.94 10.84 13.73
CA ALA F 212 -61.18 10.17 14.05
C ALA F 212 -60.95 8.67 14.25
N ASP F 213 -59.90 8.14 13.59
CA ASP F 213 -59.64 6.71 13.52
C ASP F 213 -58.52 6.32 14.48
N LEU F 214 -58.10 7.28 15.31
CA LEU F 214 -57.11 7.01 16.34
C LEU F 214 -57.78 6.14 17.41
N GLN F 215 -57.05 5.18 18.00
CA GLN F 215 -57.62 4.38 19.08
C GLN F 215 -58.13 5.32 20.16
N GLU F 216 -59.14 4.86 20.92
CA GLU F 216 -59.52 5.60 22.11
C GLU F 216 -58.51 5.35 23.24
N GLY F 217 -58.17 4.09 23.48
CA GLY F 217 -57.19 3.73 24.50
C GLY F 217 -57.68 4.08 25.90
N SER F 218 -56.74 4.16 26.84
CA SER F 218 -57.04 4.61 28.19
C SER F 218 -55.95 5.57 28.66
N LYS F 219 -56.28 6.35 29.71
CA LYS F 219 -55.32 7.25 30.33
C LYS F 219 -54.15 6.45 30.87
N VAL F 220 -52.96 6.84 30.41
CA VAL F 220 -51.70 6.33 30.91
C VAL F 220 -51.56 6.77 32.37
N THR F 221 -51.09 5.85 33.22
CA THR F 221 -50.90 6.16 34.63
C THR F 221 -49.50 5.79 35.08
N GLN F 222 -49.07 6.45 36.15
CA GLN F 222 -47.81 6.20 36.82
C GLN F 222 -47.97 4.90 37.58
N ALA F 223 -47.09 3.93 37.29
CA ALA F 223 -46.99 2.73 38.10
C ALA F 223 -46.44 3.09 39.47
N GLY F 224 -47.34 3.11 40.48
CA GLY F 224 -46.98 3.37 41.86
C GLY F 224 -47.19 4.84 42.23
N THR F 225 -47.44 5.12 43.51
CA THR F 225 -47.66 6.49 43.95
C THR F 225 -46.32 7.18 44.19
N THR F 226 -46.35 8.51 44.09
CA THR F 226 -45.19 9.33 44.31
C THR F 226 -44.82 9.33 45.79
N THR F 227 -43.62 8.83 46.08
CA THR F 227 -43.05 8.82 47.42
C THR F 227 -41.80 9.71 47.41
N LEU F 228 -41.63 10.49 48.48
CA LEU F 228 -40.50 11.40 48.59
C LEU F 228 -39.45 10.79 49.49
N HIS F 229 -38.18 11.03 49.15
CA HIS F 229 -37.05 10.50 49.87
C HIS F 229 -35.98 11.58 49.86
N GLY F 230 -35.13 11.56 50.88
CA GLY F 230 -33.95 12.41 50.91
C GLY F 230 -32.72 11.61 50.49
N GLY F 231 -31.57 12.26 50.44
CA GLY F 231 -30.38 11.48 50.12
C GLY F 231 -29.28 12.29 49.47
N GLU F 232 -28.36 11.58 48.81
CA GLU F 232 -27.24 12.17 48.11
C GLU F 232 -26.99 11.40 46.82
N ALA F 233 -26.55 12.15 45.81
CA ALA F 233 -26.02 11.57 44.60
C ALA F 233 -24.66 12.20 44.33
N ARG F 234 -23.72 11.37 43.88
CA ARG F 234 -22.37 11.85 43.68
C ARG F 234 -21.85 11.36 42.33
N VAL F 235 -22.23 12.08 41.28
CA VAL F 235 -21.87 11.73 39.93
C VAL F 235 -20.46 12.24 39.64
N ARG F 236 -19.45 11.35 39.63
CA ARG F 236 -18.08 11.75 39.38
C ARG F 236 -17.85 11.96 37.89
N THR F 237 -17.69 13.22 37.46
CA THR F 237 -17.35 13.53 36.08
C THR F 237 -16.02 14.29 36.05
N SER F 238 -15.51 14.51 34.83
CA SER F 238 -14.30 15.30 34.62
C SER F 238 -14.62 16.59 33.87
N THR F 239 -15.93 16.85 33.66
CA THR F 239 -16.38 17.90 32.76
C THR F 239 -17.21 18.94 33.51
N GLY F 240 -16.58 19.60 34.49
CA GLY F 240 -17.22 20.69 35.22
C GLY F 240 -17.81 20.20 36.55
N ASN F 241 -18.22 21.17 37.38
CA ASN F 241 -18.63 20.90 38.75
C ASN F 241 -19.97 21.58 38.97
N ALA F 242 -20.88 20.89 39.65
CA ALA F 242 -22.13 21.51 40.03
C ALA F 242 -22.66 20.84 41.28
N LEU F 243 -23.64 21.48 41.90
CA LEU F 243 -24.20 20.99 43.13
C LEU F 243 -25.65 21.45 43.23
N THR F 244 -26.56 20.50 43.35
CA THR F 244 -27.95 20.85 43.54
C THR F 244 -28.36 20.56 44.98
N ILE F 245 -29.09 21.49 45.58
CA ILE F 245 -29.67 21.28 46.88
C ILE F 245 -31.18 21.27 46.73
N ALA F 246 -31.76 20.08 46.67
CA ALA F 246 -33.18 20.02 46.36
C ALA F 246 -33.96 19.71 47.63
N LEU F 247 -35.20 20.18 47.67
CA LEU F 247 -36.10 19.87 48.78
C LEU F 247 -37.41 19.39 48.19
N PRO F 248 -37.71 18.08 48.27
CA PRO F 248 -38.97 17.56 47.77
C PRO F 248 -40.16 18.13 48.55
N ILE F 249 -41.23 18.46 47.83
CA ILE F 249 -42.40 19.08 48.43
C ILE F 249 -43.55 18.10 48.27
N ALA F 250 -44.21 17.80 49.39
CA ALA F 250 -45.31 16.85 49.41
C ALA F 250 -46.62 17.52 48.98
N GLU F 251 -46.78 18.79 49.38
CA GLU F 251 -47.93 19.59 49.00
C GLU F 251 -47.46 20.72 48.10
N PRO F 252 -47.50 20.56 46.76
CA PRO F 252 -47.10 21.65 45.87
C PRO F 252 -48.08 22.81 46.01
N LYS F 253 -47.53 24.00 46.29
CA LYS F 253 -48.30 25.22 46.49
C LYS F 253 -47.72 26.31 45.57
N PRO F 254 -48.53 27.29 45.09
CA PRO F 254 -48.04 28.32 44.17
C PRO F 254 -47.06 29.32 44.79
N VAL F 255 -46.99 29.34 46.12
CA VAL F 255 -46.06 30.21 46.82
C VAL F 255 -44.61 29.85 46.48
N TYR F 256 -44.33 28.61 46.06
CA TYR F 256 -42.94 28.23 45.85
C TYR F 256 -42.39 28.87 44.58
N HIS F 257 -43.28 29.23 43.64
CA HIS F 257 -42.90 30.00 42.47
C HIS F 257 -42.36 31.34 42.89
N ALA F 258 -43.14 32.02 43.76
CA ALA F 258 -42.73 33.31 44.29
C ALA F 258 -41.41 33.17 45.03
N LEU F 259 -41.28 32.11 45.82
CA LEU F 259 -40.04 31.97 46.57
C LEU F 259 -38.86 31.72 45.64
N ALA F 260 -39.07 30.96 44.56
CA ALA F 260 -37.97 30.66 43.66
C ALA F 260 -37.48 31.93 42.97
N SER F 261 -38.44 32.80 42.62
CA SER F 261 -38.12 34.02 41.91
C SER F 261 -37.47 35.01 42.85
N PHE F 262 -37.98 35.08 44.10
CA PHE F 262 -37.36 35.90 45.13
C PHE F 262 -35.89 35.52 45.33
N LEU F 263 -35.63 34.25 45.69
CA LEU F 263 -34.27 33.79 45.95
C LEU F 263 -33.41 34.01 44.72
N GLY F 264 -34.03 33.86 43.54
CA GLY F 264 -33.46 34.21 42.25
C GLY F 264 -32.16 33.47 41.97
N GLY F 265 -31.11 34.25 41.69
CA GLY F 265 -29.80 33.71 41.40
C GLY F 265 -29.18 34.29 40.13
N PRO F 266 -29.86 34.24 38.95
CA PRO F 266 -29.35 34.89 37.74
C PRO F 266 -29.50 36.40 37.82
N ALA F 267 -28.65 37.12 37.07
CA ALA F 267 -28.60 38.57 37.07
C ALA F 267 -29.60 39.14 36.06
N SER F 268 -30.11 40.33 36.36
CA SER F 268 -31.16 40.95 35.55
C SER F 268 -30.57 42.05 34.68
N MET F 269 -29.26 41.96 34.42
CA MET F 269 -28.44 43.04 33.92
C MET F 269 -27.10 42.45 33.50
N PRO F 270 -26.48 42.88 32.39
CA PRO F 270 -25.20 42.30 31.96
C PRO F 270 -24.08 42.70 32.92
N TRP F 271 -23.08 41.81 33.07
CA TRP F 271 -21.87 42.08 33.83
C TRP F 271 -22.18 42.46 35.27
N SER F 272 -23.31 41.98 35.79
CA SER F 272 -23.67 42.30 37.17
C SER F 272 -23.81 41.01 37.97
N VAL F 273 -23.92 41.16 39.29
CA VAL F 273 -24.14 40.00 40.15
C VAL F 273 -25.63 39.80 40.38
N GLY F 274 -26.33 40.89 40.72
CA GLY F 274 -27.77 40.81 40.94
C GLY F 274 -28.11 41.13 42.39
N ALA F 275 -29.39 41.41 42.65
CA ALA F 275 -29.81 41.93 43.94
C ALA F 275 -30.54 40.85 44.74
N SER F 276 -30.66 39.66 44.13
CA SER F 276 -31.33 38.52 44.72
C SER F 276 -30.41 37.90 45.79
N PRO F 277 -30.96 37.39 46.91
CA PRO F 277 -30.14 36.78 47.96
C PRO F 277 -29.14 35.72 47.50
N LEU F 278 -29.55 34.88 46.53
CA LEU F 278 -28.69 33.84 46.03
C LEU F 278 -27.61 34.39 45.11
N ALA F 279 -27.91 35.51 44.46
CA ALA F 279 -26.96 36.15 43.55
C ALA F 279 -25.84 36.77 44.36
N GLN F 280 -26.20 37.31 45.54
CA GLN F 280 -25.30 38.00 46.45
C GLN F 280 -24.43 36.99 47.19
N ALA F 281 -24.78 35.70 47.05
CA ALA F 281 -24.03 34.62 47.67
C ALA F 281 -22.83 34.24 46.79
N THR F 282 -22.77 34.78 45.58
CA THR F 282 -21.74 34.36 44.63
C THR F 282 -20.63 35.39 44.54
N VAL F 283 -20.66 36.43 45.39
CA VAL F 283 -19.75 37.55 45.21
C VAL F 283 -18.31 37.13 45.51
N GLY F 284 -17.43 37.37 44.52
CA GLY F 284 -16.01 37.05 44.62
C GLY F 284 -15.70 35.67 44.07
N THR F 285 -16.72 35.02 43.51
CA THR F 285 -16.59 33.69 42.93
C THR F 285 -17.12 33.70 41.50
N HIS F 286 -16.49 32.89 40.64
CA HIS F 286 -16.98 32.63 39.30
C HIS F 286 -17.91 31.42 39.36
N THR F 287 -19.00 31.60 40.08
CA THR F 287 -20.03 30.60 40.23
C THR F 287 -21.36 31.24 39.86
N SER F 288 -22.26 30.41 39.33
CA SER F 288 -23.63 30.84 39.14
C SER F 288 -24.56 29.95 39.96
N VAL F 289 -25.74 30.51 40.24
CA VAL F 289 -26.74 29.95 41.12
C VAL F 289 -28.10 30.20 40.50
N LYS F 290 -29.07 29.33 40.81
CA LYS F 290 -30.35 29.36 40.15
C LYS F 290 -31.35 28.59 41.01
N ALA F 291 -32.38 29.27 41.51
CA ALA F 291 -33.42 28.56 42.23
C ALA F 291 -34.55 28.22 41.27
N THR F 292 -35.04 26.98 41.34
CA THR F 292 -36.15 26.59 40.49
C THR F 292 -37.18 25.81 41.30
N TYR F 293 -38.45 25.96 40.92
CA TYR F 293 -39.45 25.14 41.54
C TYR F 293 -40.21 24.40 40.46
N HIS F 294 -40.39 23.09 40.65
CA HIS F 294 -41.08 22.28 39.67
C HIS F 294 -42.29 21.64 40.33
N ASN F 295 -43.46 22.05 39.86
CA ASN F 295 -44.69 21.43 40.26
C ASN F 295 -44.94 20.25 39.33
N TYR F 296 -45.28 19.09 39.89
CA TYR F 296 -45.62 17.95 39.05
C TYR F 296 -46.99 17.40 39.45
N GLY F 297 -47.80 18.26 40.04
CA GLY F 297 -49.18 17.93 40.37
C GLY F 297 -49.31 17.41 41.79
N ASP F 298 -48.62 16.30 42.07
CA ASP F 298 -48.86 15.55 43.28
C ASP F 298 -47.63 15.65 44.18
N ALA F 299 -46.54 16.17 43.62
CA ALA F 299 -45.33 16.44 44.36
C ALA F 299 -44.57 17.54 43.64
N GLY F 300 -43.62 18.14 44.34
CA GLY F 300 -42.89 19.28 43.82
C GLY F 300 -41.42 19.17 44.17
N LEU F 301 -40.61 19.98 43.51
CA LEU F 301 -39.22 19.97 43.86
C LEU F 301 -38.68 21.39 43.82
N PHE F 302 -38.15 21.83 44.96
CA PHE F 302 -37.52 23.13 44.99
C PHE F 302 -36.03 22.91 44.96
N ALA F 303 -35.36 23.48 43.96
CA ALA F 303 -33.95 23.19 43.84
C ALA F 303 -33.15 24.49 43.79
N ILE F 304 -31.92 24.42 44.27
CA ILE F 304 -30.94 25.49 44.14
C ILE F 304 -29.69 24.85 43.56
N THR F 305 -29.34 25.24 42.35
CA THR F 305 -28.21 24.62 41.68
C THR F 305 -27.09 25.63 41.59
N ILE F 306 -25.87 25.14 41.80
CA ILE F 306 -24.69 25.97 41.82
C ILE F 306 -23.67 25.33 40.89
N LYS F 307 -23.26 26.02 39.83
CA LYS F 307 -22.17 25.49 39.05
C LYS F 307 -21.00 26.44 39.15
N GLY F 308 -19.82 25.98 38.73
CA GLY F 308 -18.58 26.71 38.89
C GLY F 308 -17.43 25.80 38.48
N ASP F 309 -16.22 26.36 38.39
CA ASP F 309 -15.04 25.59 38.01
C ASP F 309 -14.28 25.16 39.26
N SER F 310 -14.50 25.87 40.36
CA SER F 310 -13.80 25.59 41.60
C SER F 310 -14.72 24.85 42.55
N PRO F 311 -14.36 23.63 43.01
CA PRO F 311 -15.16 22.91 43.99
C PRO F 311 -15.13 23.62 45.35
N ALA F 312 -14.03 24.30 45.64
CA ALA F 312 -13.87 25.07 46.87
C ALA F 312 -14.87 26.23 46.91
N GLU F 313 -15.04 26.91 45.77
CA GLU F 313 -15.95 28.04 45.65
C GLU F 313 -17.40 27.55 45.74
N ILE F 314 -17.67 26.41 45.09
CA ILE F 314 -19.01 25.85 45.08
C ILE F 314 -19.44 25.56 46.52
N SER F 315 -18.52 24.97 47.30
CA SER F 315 -18.76 24.59 48.69
C SER F 315 -19.09 25.83 49.52
N GLN F 316 -18.28 26.88 49.30
CA GLN F 316 -18.39 28.16 49.96
C GLN F 316 -19.76 28.79 49.67
N VAL F 317 -20.19 28.72 48.41
CA VAL F 317 -21.45 29.33 48.00
C VAL F 317 -22.61 28.53 48.57
N ALA F 318 -22.43 27.21 48.64
CA ALA F 318 -23.49 26.31 49.06
C ALA F 318 -23.87 26.62 50.50
N HIS F 319 -22.87 26.93 51.33
CA HIS F 319 -23.14 27.30 52.71
C HIS F 319 -23.96 28.58 52.76
N LYS F 320 -23.56 29.57 51.96
CA LYS F 320 -24.24 30.87 51.93
C LYS F 320 -25.67 30.69 51.41
N ALA F 321 -25.82 29.78 50.45
CA ALA F 321 -27.10 29.52 49.81
C ALA F 321 -28.10 28.95 50.81
N VAL F 322 -27.65 28.01 51.65
CA VAL F 322 -28.58 27.42 52.60
C VAL F 322 -28.91 28.44 53.68
N GLN F 323 -27.92 29.27 54.03
CA GLN F 323 -28.10 30.35 54.99
C GLN F 323 -29.16 31.32 54.49
N ALA F 324 -29.06 31.71 53.22
CA ALA F 324 -30.01 32.62 52.56
C ALA F 324 -31.44 32.11 52.72
N LEU F 325 -31.63 30.80 52.53
CA LEU F 325 -32.94 30.19 52.65
C LEU F 325 -33.44 30.29 54.09
N LYS F 326 -32.54 30.09 55.08
CA LYS F 326 -32.88 30.15 56.50
C LYS F 326 -33.23 31.57 56.90
N ASP F 327 -32.43 32.54 56.44
CA ASP F 327 -32.64 33.96 56.64
C ASP F 327 -33.99 34.41 56.07
N THR F 328 -34.39 33.81 54.94
CA THR F 328 -35.67 34.12 54.34
C THR F 328 -36.79 33.61 55.25
N GLY F 329 -36.56 32.43 55.86
CA GLY F 329 -37.50 31.81 56.77
C GLY F 329 -37.77 32.68 58.00
N ALA F 330 -36.79 33.54 58.33
CA ALA F 330 -36.86 34.47 59.44
C ALA F 330 -37.80 35.61 59.10
N GLU F 331 -37.40 36.46 58.13
CA GLU F 331 -38.16 37.65 57.80
C GLU F 331 -37.92 38.07 56.34
N VAL F 332 -39.01 38.42 55.66
CA VAL F 332 -39.00 39.07 54.35
C VAL F 332 -39.56 40.48 54.53
N THR F 333 -38.96 41.46 53.83
CA THR F 333 -39.45 42.83 53.85
C THR F 333 -40.62 42.96 52.87
N GLU F 334 -41.39 44.05 52.98
CA GLU F 334 -42.49 44.31 52.06
C GLU F 334 -41.96 44.57 50.64
N GLU F 335 -40.84 45.31 50.55
CA GLU F 335 -40.15 45.56 49.30
C GLU F 335 -39.82 44.25 48.59
N GLN F 336 -39.31 43.28 49.38
CA GLN F 336 -38.80 42.02 48.85
C GLN F 336 -39.96 41.16 48.39
N ALA F 337 -41.09 41.28 49.10
CA ALA F 337 -42.27 40.52 48.72
C ALA F 337 -42.86 41.07 47.42
N ALA F 338 -42.71 42.37 47.19
CA ALA F 338 -43.25 42.98 45.98
C ALA F 338 -42.33 42.65 44.79
N ARG F 339 -41.02 42.66 45.06
CA ARG F 339 -40.01 42.26 44.10
C ARG F 339 -40.28 40.82 43.67
N ALA F 340 -40.84 40.00 44.56
CA ALA F 340 -41.04 38.60 44.26
C ALA F 340 -42.24 38.46 43.34
N TYR F 341 -43.27 39.27 43.61
CA TYR F 341 -44.49 39.27 42.83
C TYR F 341 -44.18 39.69 41.41
N ALA F 342 -43.31 40.70 41.28
CA ALA F 342 -43.00 41.25 39.98
C ALA F 342 -42.18 40.25 39.18
N LYS F 343 -41.15 39.68 39.81
CA LYS F 343 -40.30 38.72 39.13
C LYS F 343 -41.11 37.48 38.75
N SER F 344 -42.14 37.17 39.55
CA SER F 344 -42.86 35.94 39.30
C SER F 344 -43.90 36.12 38.20
N LYS F 345 -44.60 37.26 38.19
CA LYS F 345 -45.54 37.58 37.12
C LYS F 345 -44.81 37.52 35.79
N PHE F 346 -43.59 38.09 35.77
CA PHE F 346 -42.82 38.16 34.55
C PHE F 346 -42.46 36.75 34.10
N ALA F 347 -42.01 35.92 35.05
CA ALA F 347 -41.60 34.58 34.67
C ALA F 347 -42.78 33.84 34.05
N ALA F 348 -43.97 34.06 34.61
CA ALA F 348 -45.17 33.38 34.13
C ALA F 348 -45.50 33.83 32.71
N ALA F 349 -45.33 35.13 32.44
CA ALA F 349 -45.69 35.71 31.16
C ALA F 349 -44.78 35.15 30.06
N GLU F 350 -43.46 35.18 30.29
CA GLU F 350 -42.50 34.78 29.29
C GLU F 350 -42.58 33.26 29.02
N ALA F 351 -43.05 32.49 30.01
CA ALA F 351 -43.23 31.07 29.83
C ALA F 351 -44.40 30.80 28.88
N PHE F 352 -45.45 31.59 29.02
CA PHE F 352 -46.64 31.45 28.18
C PHE F 352 -46.39 32.01 26.78
N GLU F 353 -45.26 32.70 26.60
CA GLU F 353 -44.90 33.24 25.29
C GLU F 353 -44.03 32.25 24.51
N ASN F 354 -42.96 31.76 25.15
CA ASN F 354 -42.07 30.77 24.54
C ASN F 354 -42.87 29.56 24.07
N PRO F 355 -42.86 29.21 22.76
CA PRO F 355 -43.73 28.16 22.22
C PRO F 355 -43.55 26.79 22.87
N ASP F 356 -42.31 26.45 23.24
CA ASP F 356 -42.03 25.16 23.86
C ASP F 356 -42.82 25.01 25.15
N SER F 357 -42.71 26.00 26.04
CA SER F 357 -43.33 25.93 27.35
C SER F 357 -44.82 26.22 27.24
N SER F 358 -45.20 27.10 26.30
CA SER F 358 -46.59 27.45 26.09
C SER F 358 -47.42 26.19 25.88
N ALA F 359 -46.98 25.37 24.91
CA ALA F 359 -47.66 24.15 24.49
C ALA F 359 -47.92 23.25 25.69
N SER F 360 -46.89 23.05 26.53
CA SER F 360 -47.00 22.14 27.66
C SER F 360 -47.92 22.69 28.75
N VAL F 361 -48.02 24.02 28.85
CA VAL F 361 -48.86 24.66 29.86
C VAL F 361 -50.33 24.37 29.57
N ILE F 362 -50.77 24.64 28.33
CA ILE F 362 -52.14 24.35 27.94
C ILE F 362 -52.34 22.85 27.79
N GLY F 363 -51.27 22.15 27.39
CA GLY F 363 -51.30 20.70 27.37
C GLY F 363 -51.68 20.13 28.74
N MET F 364 -51.14 20.70 29.81
CA MET F 364 -51.46 20.21 31.14
C MET F 364 -52.93 20.49 31.47
N GLU F 365 -53.41 21.67 31.04
CA GLU F 365 -54.78 22.09 31.29
C GLU F 365 -55.74 21.15 30.57
N LEU F 366 -55.36 20.76 29.35
CA LEU F 366 -56.20 19.91 28.54
C LEU F 366 -56.11 18.46 28.99
N LEU F 367 -54.92 17.97 29.33
CA LEU F 367 -54.77 16.56 29.60
C LEU F 367 -55.21 16.23 31.02
N SER F 368 -54.86 17.08 31.98
CA SER F 368 -55.41 16.96 33.31
C SER F 368 -56.71 17.77 33.36
N GLY F 369 -56.85 18.66 34.32
CA GLY F 369 -57.97 19.58 34.30
C GLY F 369 -57.59 20.86 35.03
N VAL F 370 -56.30 20.90 35.44
CA VAL F 370 -55.65 21.98 36.17
C VAL F 370 -55.65 23.20 35.26
N SER F 371 -56.58 24.12 35.51
CA SER F 371 -56.65 25.40 34.82
C SER F 371 -55.30 26.10 34.91
N ARG F 372 -54.82 26.63 33.78
CA ARG F 372 -53.60 27.42 33.73
C ARG F 372 -53.79 28.68 34.58
N ILE F 373 -52.72 29.07 35.27
CA ILE F 373 -52.70 30.36 35.93
C ILE F 373 -52.14 31.38 34.95
N ALA F 374 -53.05 32.23 34.45
CA ALA F 374 -52.71 33.33 33.55
C ALA F 374 -51.77 34.28 34.28
N PRO F 375 -50.72 34.82 33.60
CA PRO F 375 -49.79 35.77 34.23
C PRO F 375 -50.44 36.96 34.94
N GLU F 376 -51.61 37.38 34.47
CA GLU F 376 -52.37 38.46 35.06
C GLU F 376 -53.08 38.05 36.35
N ASN F 377 -53.00 36.76 36.73
CA ASN F 377 -53.77 36.22 37.84
C ASN F 377 -52.86 35.62 38.90
N VAL F 378 -51.55 35.78 38.66
CA VAL F 378 -50.50 35.33 39.56
C VAL F 378 -50.69 36.04 40.89
N GLN F 379 -50.74 35.24 41.96
CA GLN F 379 -51.11 35.71 43.28
C GLN F 379 -49.98 36.53 43.90
N LYS F 380 -50.34 37.60 44.60
CA LYS F 380 -49.37 38.36 45.38
C LYS F 380 -49.29 37.78 46.78
N PHE F 381 -48.10 37.29 47.16
CA PHE F 381 -47.86 36.74 48.48
C PHE F 381 -47.29 37.81 49.40
N THR F 382 -47.87 37.91 50.61
CA THR F 382 -47.41 38.80 51.68
C THR F 382 -46.04 38.32 52.20
N PRO F 383 -45.28 39.16 52.94
CA PRO F 383 -44.01 38.71 53.52
C PRO F 383 -44.18 37.54 54.49
N ALA F 384 -45.35 37.47 55.13
CA ALA F 384 -45.70 36.43 56.08
C ALA F 384 -45.74 35.06 55.38
N GLU F 385 -46.40 35.01 54.22
CA GLU F 385 -46.64 33.79 53.47
C GLU F 385 -45.34 33.27 52.85
N LEU F 386 -44.44 34.19 52.50
CA LEU F 386 -43.20 33.81 51.83
C LEU F 386 -42.22 33.24 52.84
N SER F 387 -42.17 33.88 54.02
CA SER F 387 -41.24 33.52 55.07
C SER F 387 -41.64 32.15 55.63
N GLU F 388 -42.96 31.91 55.66
CA GLU F 388 -43.54 30.67 56.17
C GLU F 388 -43.16 29.51 55.25
N ALA F 389 -43.18 29.78 53.94
CA ALA F 389 -42.83 28.79 52.94
C ALA F 389 -41.34 28.50 52.98
N ALA F 390 -40.51 29.51 53.29
CA ALA F 390 -39.07 29.28 53.30
C ALA F 390 -38.66 28.53 54.56
N ALA F 391 -39.51 28.67 55.59
CA ALA F 391 -39.26 28.07 56.89
C ALA F 391 -39.46 26.57 56.77
N GLN F 392 -40.52 26.19 56.03
CA GLN F 392 -40.84 24.79 55.77
C GLN F 392 -39.72 24.11 55.00
N LEU F 393 -39.03 24.88 54.16
CA LEU F 393 -37.99 24.31 53.31
C LEU F 393 -36.70 24.12 54.08
N SER F 394 -36.38 25.10 54.93
CA SER F 394 -35.20 25.04 55.77
C SER F 394 -35.32 23.91 56.79
N ALA F 395 -36.58 23.56 57.11
CA ALA F 395 -36.89 22.53 58.10
C ALA F 395 -37.50 21.32 57.39
N SER F 396 -36.87 20.90 56.29
CA SER F 396 -37.32 19.71 55.58
C SER F 396 -36.57 18.50 56.13
N ALA F 397 -37.29 17.39 56.27
CA ALA F 397 -36.75 16.17 56.85
C ALA F 397 -36.05 15.34 55.77
N LYS F 398 -36.19 15.77 54.51
CA LYS F 398 -35.76 14.95 53.38
C LYS F 398 -34.92 15.78 52.40
N PRO F 399 -33.83 16.45 52.81
CA PRO F 399 -33.01 17.20 51.86
C PRO F 399 -32.19 16.28 50.95
N VAL F 400 -32.17 16.66 49.68
CA VAL F 400 -31.41 15.97 48.67
C VAL F 400 -30.23 16.87 48.30
N VAL F 401 -29.07 16.25 48.04
CA VAL F 401 -27.91 16.96 47.55
C VAL F 401 -27.26 16.12 46.45
N ALA F 402 -27.17 16.70 45.26
CA ALA F 402 -26.53 16.00 44.16
C ALA F 402 -25.28 16.76 43.78
N ALA F 403 -24.13 16.10 43.86
CA ALA F 403 -22.88 16.73 43.51
C ALA F 403 -22.37 16.10 42.22
N VAL F 404 -21.82 16.92 41.32
CA VAL F 404 -21.31 16.45 40.05
C VAL F 404 -19.92 17.04 39.89
N GLY F 405 -18.95 16.22 39.48
CA GLY F 405 -17.61 16.73 39.18
C GLY F 405 -16.59 16.16 40.16
N GLN F 406 -15.79 17.03 40.78
CA GLN F 406 -14.84 16.55 41.76
C GLN F 406 -15.60 16.32 43.06
N VAL F 407 -16.20 15.15 43.19
CA VAL F 407 -17.23 14.94 44.21
C VAL F 407 -16.60 14.82 45.58
N HIS F 408 -15.32 14.46 45.64
CA HIS F 408 -14.59 14.36 46.90
C HIS F 408 -14.41 15.73 47.55
N ALA F 409 -14.59 16.79 46.76
CA ALA F 409 -14.34 18.15 47.22
C ALA F 409 -15.63 18.94 47.36
N LEU F 410 -16.76 18.31 47.07
CA LEU F 410 -18.00 19.04 47.13
C LEU F 410 -18.69 18.70 48.45
N PRO F 411 -19.64 19.52 48.93
CA PRO F 411 -20.30 19.29 50.22
C PRO F 411 -21.18 18.05 50.26
N PHE F 412 -21.54 17.64 51.48
CA PHE F 412 -22.47 16.56 51.70
C PHE F 412 -23.72 17.11 52.37
N ALA F 413 -24.78 16.30 52.43
CA ALA F 413 -26.07 16.74 52.94
C ALA F 413 -25.98 17.16 54.41
N ASP F 414 -25.24 16.36 55.19
CA ASP F 414 -25.16 16.53 56.63
C ASP F 414 -24.27 17.73 56.98
N GLU F 415 -23.46 18.18 56.00
CA GLU F 415 -22.67 19.39 56.17
C GLU F 415 -23.54 20.63 55.98
N LEU F 416 -24.69 20.50 55.30
CA LEU F 416 -25.52 21.65 54.93
C LEU F 416 -26.79 21.72 55.81
N MET G 85 52.71 12.03 -25.44
CA MET G 85 53.20 11.77 -26.81
C MET G 85 53.87 13.05 -27.32
N THR G 86 54.78 12.88 -28.29
CA THR G 86 55.38 13.96 -29.03
C THR G 86 54.30 14.68 -29.83
N ALA G 87 54.52 15.96 -30.10
CA ALA G 87 53.55 16.73 -30.86
C ALA G 87 53.46 16.18 -32.30
N ALA G 88 54.60 15.70 -32.80
CA ALA G 88 54.72 15.01 -34.08
C ALA G 88 53.73 13.84 -34.14
N GLU G 89 53.67 13.04 -33.08
CA GLU G 89 52.84 11.85 -33.09
C GLU G 89 51.38 12.24 -33.10
N HIS G 90 51.06 13.41 -32.53
CA HIS G 90 49.69 13.88 -32.49
C HIS G 90 49.30 14.53 -33.81
N GLY G 91 50.27 15.16 -34.47
CA GLY G 91 49.95 16.10 -35.54
C GLY G 91 49.76 17.50 -34.99
N LEU G 92 50.13 18.48 -35.81
CA LEU G 92 49.89 19.88 -35.52
C LEU G 92 48.39 20.15 -35.52
N HIS G 93 47.90 20.93 -34.55
CA HIS G 93 46.47 21.18 -34.53
C HIS G 93 46.16 22.30 -35.50
N PRO G 94 45.13 22.13 -36.35
CA PRO G 94 44.76 23.15 -37.33
C PRO G 94 44.22 24.43 -36.68
N ALA G 95 44.48 25.56 -37.35
CA ALA G 95 43.93 26.87 -36.98
C ALA G 95 42.41 26.83 -37.00
N GLU G 96 41.77 27.77 -36.29
CA GLU G 96 40.33 27.92 -36.40
C GLU G 96 40.02 28.97 -37.44
N TYR G 97 39.59 28.51 -38.60
CA TYR G 97 39.33 29.42 -39.68
C TYR G 97 37.89 29.87 -39.59
N PRO G 98 37.57 31.12 -39.98
CA PRO G 98 36.17 31.58 -39.97
C PRO G 98 35.32 31.13 -41.16
N TRP G 99 34.85 29.88 -41.10
CA TRP G 99 33.97 29.31 -42.10
C TRP G 99 32.65 30.06 -42.12
N PRO G 100 32.01 30.23 -43.29
CA PRO G 100 30.69 30.87 -43.36
C PRO G 100 29.66 30.18 -42.48
N GLN G 101 29.80 28.86 -42.30
CA GLN G 101 28.79 28.11 -41.57
C GLN G 101 29.07 28.16 -40.07
N ASN G 102 30.20 28.72 -39.64
CA ASN G 102 30.39 28.88 -38.21
C ASN G 102 29.49 30.00 -37.74
N GLY G 103 28.79 29.78 -36.65
CA GLY G 103 27.87 30.82 -36.22
C GLY G 103 26.49 30.21 -36.13
N MET G 104 25.87 30.46 -34.98
CA MET G 104 24.64 29.79 -34.63
C MET G 104 23.61 30.01 -35.74
N LEU G 105 23.70 31.12 -36.46
CA LEU G 105 22.62 31.45 -37.37
C LEU G 105 23.01 31.29 -38.83
N SER G 106 24.16 30.64 -39.09
CA SER G 106 24.77 30.75 -40.40
C SER G 106 24.61 29.46 -41.17
N THR G 107 24.21 29.57 -42.44
CA THR G 107 24.18 28.38 -43.28
C THR G 107 25.51 28.24 -44.00
N PHE G 108 25.66 27.16 -44.79
CA PHE G 108 26.73 27.03 -45.76
C PHE G 108 26.53 28.09 -46.84
N ASP G 109 27.63 28.49 -47.48
CA ASP G 109 27.55 29.25 -48.72
C ASP G 109 27.37 28.26 -49.87
N HIS G 110 26.20 28.27 -50.50
CA HIS G 110 25.92 27.20 -51.46
C HIS G 110 26.74 27.36 -52.73
N ALA G 111 27.16 28.58 -53.03
CA ALA G 111 28.04 28.79 -54.17
C ALA G 111 29.40 28.15 -53.94
N SER G 112 29.87 28.18 -52.69
CA SER G 112 31.10 27.51 -52.31
C SER G 112 30.90 26.00 -52.37
N LEU G 113 29.72 25.49 -51.95
CA LEU G 113 29.44 24.06 -52.01
C LEU G 113 29.54 23.59 -53.45
N ARG G 114 28.97 24.36 -54.38
CA ARG G 114 28.98 23.98 -55.78
C ARG G 114 30.41 23.95 -56.31
N ARG G 115 31.20 24.96 -55.94
CA ARG G 115 32.58 25.01 -56.42
C ARG G 115 33.36 23.84 -55.85
N GLY G 116 33.05 23.50 -54.60
CA GLY G 116 33.70 22.40 -53.92
C GLY G 116 33.38 21.06 -54.59
N TYR G 117 32.15 20.92 -55.07
CA TYR G 117 31.79 19.70 -55.77
C TYR G 117 32.67 19.59 -57.02
N GLN G 118 32.92 20.71 -57.69
CA GLN G 118 33.72 20.64 -58.90
C GLN G 118 35.17 20.26 -58.62
N VAL G 119 35.70 20.70 -57.49
CA VAL G 119 37.03 20.25 -57.09
C VAL G 119 37.00 18.76 -56.77
N TYR G 120 35.97 18.30 -56.06
CA TYR G 120 35.92 16.88 -55.71
C TYR G 120 35.94 16.06 -56.99
N LYS G 121 35.08 16.46 -57.93
CA LYS G 121 34.86 15.73 -59.17
C LYS G 121 36.14 15.70 -60.02
N GLU G 122 36.94 16.78 -60.00
CA GLU G 122 38.08 16.85 -60.91
C GLU G 122 39.41 16.44 -60.27
N VAL G 123 39.47 16.38 -58.94
CA VAL G 123 40.72 16.11 -58.27
C VAL G 123 40.58 14.89 -57.34
N CYS G 124 39.73 14.99 -56.32
CA CYS G 124 39.69 13.94 -55.33
C CYS G 124 39.09 12.64 -55.86
N ALA G 125 38.19 12.75 -56.85
CA ALA G 125 37.38 11.58 -57.15
C ALA G 125 38.24 10.54 -57.86
N ALA G 126 39.45 10.94 -58.24
CA ALA G 126 40.39 10.04 -58.85
C ALA G 126 40.74 8.91 -57.88
N CYS G 127 40.73 9.20 -56.58
CA CYS G 127 41.20 8.22 -55.61
C CYS G 127 40.19 8.01 -54.50
N HIS G 128 39.29 8.97 -54.31
CA HIS G 128 38.44 8.88 -53.14
C HIS G 128 36.98 8.73 -53.56
N SER G 129 36.29 7.89 -52.82
CA SER G 129 34.87 7.73 -53.11
C SER G 129 34.06 8.69 -52.25
N LEU G 130 32.79 8.80 -52.62
CA LEU G 130 31.82 9.59 -51.89
C LEU G 130 30.52 8.79 -51.84
N ASP G 131 30.59 7.64 -51.18
CA ASP G 131 29.65 6.55 -51.39
C ASP G 131 28.30 6.80 -50.75
N ARG G 132 28.23 7.78 -49.85
CA ARG G 132 27.02 7.92 -49.08
C ARG G 132 26.17 9.03 -49.67
N ILE G 133 26.64 9.60 -50.78
CA ILE G 133 25.92 10.71 -51.38
C ILE G 133 25.27 10.19 -52.65
N ALA G 134 23.97 10.46 -52.84
CA ALA G 134 23.32 10.07 -54.07
C ALA G 134 23.19 11.30 -54.96
N TRP G 135 22.95 11.11 -56.26
CA TRP G 135 22.81 12.27 -57.12
C TRP G 135 21.68 13.16 -56.65
N ARG G 136 20.64 12.57 -56.08
CA ARG G 136 19.50 13.36 -55.64
C ARG G 136 19.91 14.32 -54.52
N ASN G 137 21.01 14.03 -53.82
CA ASN G 137 21.40 14.85 -52.68
C ASN G 137 21.94 16.20 -53.13
N LEU G 138 22.49 16.27 -54.34
CA LEU G 138 22.98 17.53 -54.87
C LEU G 138 21.83 18.45 -55.25
N VAL G 139 20.64 17.89 -55.48
CA VAL G 139 19.60 18.67 -56.10
C VAL G 139 19.03 19.66 -55.08
N GLY G 140 19.00 20.93 -55.47
CA GLY G 140 18.47 21.98 -54.62
C GLY G 140 19.45 22.35 -53.50
N VAL G 141 20.71 21.93 -53.65
CA VAL G 141 21.76 22.30 -52.72
C VAL G 141 22.85 22.95 -53.55
N THR G 142 23.30 22.23 -54.59
CA THR G 142 24.38 22.69 -55.45
C THR G 142 23.93 22.75 -56.90
N HIS G 143 22.95 21.94 -57.30
CA HIS G 143 22.62 21.78 -58.70
C HIS G 143 21.11 21.71 -58.87
N THR G 144 20.62 22.03 -60.06
CA THR G 144 19.20 21.86 -60.34
C THR G 144 18.94 20.39 -60.64
N THR G 145 17.67 19.98 -60.68
CA THR G 145 17.35 18.60 -60.97
C THR G 145 17.94 18.18 -62.32
N ASP G 146 17.93 19.09 -63.30
CA ASP G 146 18.37 18.72 -64.64
C ASP G 146 19.87 18.47 -64.71
N GLU G 147 20.64 19.30 -64.01
CA GLU G 147 22.09 19.16 -64.00
C GLU G 147 22.47 17.85 -63.33
N ALA G 148 21.74 17.48 -62.27
CA ALA G 148 22.09 16.29 -61.53
C ALA G 148 21.71 15.07 -62.35
N LYS G 149 20.58 15.14 -63.07
CA LYS G 149 20.16 14.00 -63.86
C LYS G 149 21.17 13.80 -64.99
N ALA G 150 21.67 14.92 -65.53
CA ALA G 150 22.68 14.84 -66.58
C ALA G 150 23.91 14.11 -66.07
N PHE G 151 24.35 14.44 -64.85
CA PHE G 151 25.53 13.79 -64.30
C PHE G 151 25.28 12.30 -64.12
N ALA G 152 24.09 11.92 -63.66
CA ALA G 152 23.80 10.52 -63.39
C ALA G 152 23.77 9.74 -64.69
N GLU G 153 23.13 10.31 -65.73
CA GLU G 153 22.85 9.64 -66.99
C GLU G 153 24.13 9.39 -67.80
N GLU G 154 25.23 10.06 -67.45
CA GLU G 154 26.50 9.85 -68.14
C GLU G 154 27.16 8.55 -67.68
N LEU G 155 26.68 7.99 -66.57
CA LEU G 155 27.34 6.80 -66.03
C LEU G 155 26.51 5.57 -66.32
N GLU G 156 27.17 4.40 -66.17
CA GLU G 156 26.52 3.10 -66.30
C GLU G 156 26.50 2.41 -64.95
N TYR G 157 25.34 1.85 -64.61
CA TYR G 157 25.19 1.14 -63.36
C TYR G 157 24.64 -0.24 -63.67
N ASP G 158 24.84 -1.18 -62.74
CA ASP G 158 24.31 -2.52 -62.91
C ASP G 158 22.79 -2.53 -62.83
N ASP G 159 22.18 -3.04 -63.90
CA ASP G 159 20.74 -3.29 -63.97
C ASP G 159 20.43 -4.69 -63.43
N GLU G 160 19.13 -4.99 -63.29
CA GLU G 160 18.62 -6.34 -63.09
C GLU G 160 18.90 -7.18 -64.33
N PRO G 161 19.19 -8.49 -64.23
CA PRO G 161 19.60 -9.28 -65.40
C PRO G 161 18.49 -9.32 -66.44
N ASP G 162 18.87 -9.56 -67.71
CA ASP G 162 17.89 -9.67 -68.77
C ASP G 162 17.13 -10.99 -68.66
N ASP G 163 16.37 -11.33 -69.70
CA ASP G 163 15.41 -12.43 -69.63
C ASP G 163 16.10 -13.79 -69.71
N GLU G 164 17.32 -13.82 -70.28
CA GLU G 164 18.14 -15.02 -70.32
C GLU G 164 19.04 -15.07 -69.08
N GLY G 165 18.82 -14.11 -68.16
CA GLY G 165 19.59 -13.99 -66.93
C GLY G 165 21.03 -13.52 -67.15
N ASN G 166 21.31 -12.84 -68.26
CA ASN G 166 22.64 -12.28 -68.52
C ASN G 166 22.74 -10.91 -67.85
N PRO G 167 23.91 -10.51 -67.30
CA PRO G 167 24.08 -9.17 -66.74
C PRO G 167 23.93 -8.05 -67.75
N ARG G 168 23.48 -6.89 -67.26
CA ARG G 168 23.14 -5.73 -68.07
C ARG G 168 23.49 -4.46 -67.32
N LYS G 169 23.78 -3.39 -68.07
CA LYS G 169 24.01 -2.07 -67.50
C LYS G 169 22.86 -1.15 -67.87
N ARG G 170 22.61 -0.15 -67.02
CA ARG G 170 21.67 0.92 -67.35
C ARG G 170 22.35 2.27 -67.13
N PRO G 171 21.82 3.36 -67.74
CA PRO G 171 22.23 4.71 -67.34
C PRO G 171 21.73 5.06 -65.93
N GLY G 172 22.50 5.89 -65.23
CA GLY G 172 22.22 6.28 -63.85
C GLY G 172 20.98 7.14 -63.73
N LYS G 173 20.35 7.07 -62.56
CA LYS G 173 19.18 7.82 -62.19
C LYS G 173 19.49 8.63 -60.94
N LEU G 174 18.59 9.52 -60.53
CA LEU G 174 18.90 10.35 -59.38
C LEU G 174 19.07 9.54 -58.09
N ALA G 175 18.47 8.36 -58.04
CA ALA G 175 18.48 7.59 -56.81
C ALA G 175 19.81 6.85 -56.64
N ASP G 176 20.64 6.87 -57.68
CA ASP G 176 21.90 6.15 -57.65
C ASP G 176 22.91 6.89 -56.76
N TYR G 177 23.82 6.15 -56.13
CA TYR G 177 24.91 6.73 -55.37
C TYR G 177 26.07 7.06 -56.29
N ILE G 178 26.81 8.12 -55.95
CA ILE G 178 27.93 8.54 -56.77
C ILE G 178 28.96 7.42 -56.71
N PRO G 179 29.37 6.88 -57.88
CA PRO G 179 30.22 5.69 -57.90
C PRO G 179 31.69 6.00 -57.61
N GLY G 180 32.38 5.04 -56.95
CA GLY G 180 33.75 5.20 -56.51
C GLY G 180 34.76 4.88 -57.60
N PRO G 181 36.04 5.28 -57.44
CA PRO G 181 37.03 5.00 -58.48
C PRO G 181 37.57 3.57 -58.55
N TYR G 182 37.43 2.81 -57.46
CA TYR G 182 38.00 1.48 -57.37
C TYR G 182 36.93 0.46 -57.02
N PRO G 183 37.00 -0.78 -57.60
CA PRO G 183 36.07 -1.85 -57.27
C PRO G 183 36.14 -2.43 -55.86
N ASN G 184 37.31 -2.40 -55.22
CA ASN G 184 37.46 -2.91 -53.87
C ASN G 184 38.69 -2.29 -53.22
N GLU G 185 38.92 -2.62 -51.93
CA GLU G 185 40.03 -2.07 -51.17
C GLU G 185 41.37 -2.45 -51.81
N GLN G 186 41.42 -3.63 -52.41
CA GLN G 186 42.69 -4.20 -52.82
C GLN G 186 43.17 -3.41 -54.03
N ALA G 187 42.21 -3.11 -54.90
CA ALA G 187 42.47 -2.32 -56.09
C ALA G 187 42.85 -0.90 -55.68
N ALA G 188 42.25 -0.42 -54.60
CA ALA G 188 42.49 0.94 -54.16
C ALA G 188 43.92 1.06 -53.65
N ARG G 189 44.31 0.10 -52.81
CA ARG G 189 45.63 0.11 -52.21
C ARG G 189 46.70 -0.12 -53.26
N ALA G 190 46.38 -0.91 -54.30
CA ALA G 190 47.38 -1.25 -55.30
C ALA G 190 47.74 -0.01 -56.10
N ALA G 191 46.77 0.89 -56.22
CA ALA G 191 46.93 2.10 -57.02
C ALA G 191 47.58 3.22 -56.19
N ASN G 192 47.70 3.00 -54.88
CA ASN G 192 48.16 4.07 -54.02
C ASN G 192 49.29 3.59 -53.12
N GLN G 193 50.19 2.78 -53.69
CA GLN G 193 51.39 2.31 -53.02
C GLN G 193 51.04 1.86 -51.60
N GLY G 194 49.94 1.12 -51.50
CA GLY G 194 49.62 0.40 -50.29
C GLY G 194 48.59 1.12 -49.43
N ALA G 195 48.50 2.44 -49.59
CA ALA G 195 47.65 3.28 -48.75
C ALA G 195 46.21 3.25 -49.25
N LEU G 196 45.25 3.29 -48.33
CA LEU G 196 43.89 3.20 -48.79
C LEU G 196 43.21 4.54 -48.61
N PRO G 197 42.86 5.25 -49.70
CA PRO G 197 42.28 6.58 -49.56
C PRO G 197 40.89 6.40 -48.98
N PRO G 198 40.56 7.01 -47.82
CA PRO G 198 39.28 6.78 -47.18
C PRO G 198 38.16 7.41 -47.99
N ASP G 199 36.95 6.91 -47.75
CA ASP G 199 35.76 7.50 -48.33
C ASP G 199 35.56 8.85 -47.67
N LEU G 200 35.13 9.86 -48.43
CA LEU G 200 35.13 11.21 -47.88
C LEU G 200 33.75 11.64 -47.39
N SER G 201 32.75 10.77 -47.48
CA SER G 201 31.40 11.12 -47.09
C SER G 201 31.29 11.56 -45.64
N LEU G 202 32.15 11.04 -44.77
CA LEU G 202 32.01 11.34 -43.36
C LEU G 202 33.30 11.94 -42.79
N ILE G 203 34.31 12.14 -43.65
CA ILE G 203 35.62 12.52 -43.18
C ILE G 203 35.62 13.81 -42.37
N ALA G 204 34.73 14.76 -42.66
CA ALA G 204 34.67 15.97 -41.88
C ALA G 204 34.18 15.72 -40.45
N LYS G 205 33.47 14.61 -40.23
CA LYS G 205 33.02 14.30 -38.88
C LYS G 205 33.98 13.33 -38.21
N ALA G 206 34.83 12.71 -39.03
CA ALA G 206 35.56 11.55 -38.56
C ALA G 206 36.98 11.95 -38.20
N ARG G 207 37.25 13.24 -38.24
CA ARG G 207 38.56 13.72 -37.84
C ARG G 207 38.37 14.86 -36.87
N HIS G 208 39.22 14.94 -35.83
CA HIS G 208 39.19 16.09 -34.94
C HIS G 208 39.54 17.33 -35.76
N GLY G 209 38.73 18.37 -35.68
CA GLY G 209 39.07 19.51 -36.50
C GLY G 209 38.07 19.77 -37.62
N GLY G 210 37.53 18.71 -38.25
CA GLY G 210 36.48 18.95 -39.22
C GLY G 210 36.99 19.70 -40.45
N ALA G 211 36.23 20.70 -40.91
CA ALA G 211 36.65 21.43 -42.10
C ALA G 211 38.04 22.00 -41.89
N ASP G 212 38.38 22.40 -40.65
CA ASP G 212 39.64 23.07 -40.44
C ASP G 212 40.78 22.09 -40.70
N TYR G 213 40.54 20.83 -40.34
CA TYR G 213 41.58 19.84 -40.55
C TYR G 213 41.74 19.59 -42.04
N ILE G 214 40.63 19.44 -42.76
CA ILE G 214 40.76 19.17 -44.17
C ILE G 214 41.48 20.35 -44.85
N PHE G 215 41.07 21.56 -44.51
CA PHE G 215 41.71 22.71 -45.12
C PHE G 215 43.20 22.76 -44.80
N ALA G 216 43.55 22.55 -43.53
CA ALA G 216 44.94 22.63 -43.10
C ALA G 216 45.80 21.57 -43.79
N LEU G 217 45.25 20.36 -43.90
CA LEU G 217 45.97 19.26 -44.50
C LEU G 217 46.26 19.53 -45.97
N LEU G 218 45.26 20.00 -46.72
CA LEU G 218 45.45 20.09 -48.16
C LEU G 218 46.38 21.23 -48.50
N THR G 219 46.44 22.22 -47.61
CA THR G 219 47.24 23.40 -47.87
C THR G 219 48.59 23.32 -47.18
N GLY G 220 48.81 22.27 -46.37
CA GLY G 220 49.93 22.29 -45.43
C GLY G 220 51.09 21.36 -45.80
N TYR G 221 51.30 21.11 -47.09
CA TYR G 221 52.47 20.36 -47.49
C TYR G 221 53.60 21.35 -47.68
N PRO G 222 54.65 21.32 -46.83
CA PRO G 222 55.79 22.20 -46.99
C PRO G 222 56.57 21.73 -48.21
N ASP G 223 57.27 22.67 -48.86
CA ASP G 223 58.08 22.35 -50.02
C ASP G 223 59.16 21.36 -49.62
N GLU G 224 59.74 21.59 -48.44
CA GLU G 224 60.78 20.71 -47.93
C GLU G 224 60.40 20.25 -46.52
N PRO G 225 60.48 18.92 -46.24
CA PRO G 225 60.31 18.42 -44.87
C PRO G 225 61.32 19.06 -43.93
N PRO G 226 60.89 19.37 -42.68
CA PRO G 226 61.80 19.89 -41.65
C PRO G 226 63.03 19.01 -41.58
N ALA G 227 64.20 19.66 -41.48
CA ALA G 227 65.46 18.96 -41.53
C ALA G 227 65.49 17.87 -40.47
N GLY G 228 65.74 16.63 -40.91
CA GLY G 228 65.98 15.52 -40.01
C GLY G 228 64.82 14.52 -39.96
N VAL G 229 63.70 14.87 -40.60
CA VAL G 229 62.58 13.96 -40.77
C VAL G 229 62.97 12.91 -41.81
N VAL G 230 62.83 11.63 -41.45
CA VAL G 230 63.06 10.55 -42.39
C VAL G 230 61.70 10.01 -42.80
N LEU G 231 61.35 10.27 -44.06
CA LEU G 231 60.08 9.77 -44.57
C LEU G 231 60.27 8.34 -45.06
N ALA G 232 59.34 7.46 -44.64
CA ALA G 232 59.18 6.14 -45.21
C ALA G 232 58.90 6.23 -46.73
N PRO G 233 59.21 5.20 -47.55
CA PRO G 233 59.02 5.30 -49.00
C PRO G 233 57.54 5.41 -49.37
N GLY G 234 57.24 6.37 -50.26
CA GLY G 234 55.89 6.62 -50.74
C GLY G 234 55.08 7.50 -49.79
N MET G 235 55.75 8.07 -48.78
CA MET G 235 55.17 9.02 -47.85
C MET G 235 55.61 10.43 -48.20
N ASN G 236 54.75 11.38 -47.82
CA ASN G 236 54.95 12.80 -48.05
C ASN G 236 54.86 13.47 -46.69
N TYR G 237 55.62 14.55 -46.50
CA TYR G 237 55.60 15.14 -45.18
C TYR G 237 54.42 16.09 -45.10
N ASN G 238 53.59 15.97 -44.06
CA ASN G 238 52.55 16.95 -43.82
C ASN G 238 52.35 17.03 -42.32
N PRO G 239 52.63 18.18 -41.67
CA PRO G 239 52.61 18.24 -40.21
C PRO G 239 51.24 18.06 -39.57
N TYR G 240 50.17 18.25 -40.34
CA TYR G 240 48.86 18.13 -39.73
C TYR G 240 48.45 16.67 -39.61
N PHE G 241 49.10 15.81 -40.38
CA PHE G 241 48.75 14.41 -40.35
C PHE G 241 49.53 13.75 -39.22
N PRO G 242 48.88 12.98 -38.32
CA PRO G 242 49.55 12.42 -37.15
C PRO G 242 50.72 11.51 -37.56
N GLY G 243 51.92 11.80 -37.03
CA GLY G 243 53.09 11.04 -37.41
C GLY G 243 53.89 11.68 -38.55
N GLY G 244 53.23 12.55 -39.34
CA GLY G 244 53.92 13.42 -40.28
C GLY G 244 53.98 12.89 -41.72
N GLY G 245 53.93 11.56 -41.88
CA GLY G 245 54.12 10.97 -43.18
C GLY G 245 52.78 10.49 -43.72
N ILE G 246 52.30 11.12 -44.78
CA ILE G 246 50.98 10.78 -45.29
C ILE G 246 51.16 10.20 -46.69
N GLY G 247 50.31 9.22 -47.03
CA GLY G 247 50.45 8.55 -48.30
C GLY G 247 49.84 9.35 -49.45
N MET G 248 49.19 10.48 -49.14
CA MET G 248 48.57 11.28 -50.18
C MET G 248 49.52 12.44 -50.47
N ALA G 249 49.85 12.65 -51.74
CA ALA G 249 50.77 13.70 -52.10
C ALA G 249 50.01 15.02 -52.18
N ARG G 250 50.73 16.14 -52.28
CA ARG G 250 50.04 17.39 -52.54
C ARG G 250 49.35 17.32 -53.90
N THR G 251 48.10 17.78 -53.98
CA THR G 251 47.28 17.59 -55.18
C THR G 251 46.72 18.90 -55.70
N LEU G 252 46.55 19.89 -54.81
CA LEU G 252 46.00 21.17 -55.23
C LEU G 252 47.13 22.12 -55.56
N PHE G 253 47.14 22.53 -56.82
CA PHE G 253 48.05 23.55 -57.30
C PHE G 253 47.23 24.57 -58.05
N ASP G 254 47.72 25.81 -58.05
CA ASP G 254 47.01 26.91 -58.68
C ASP G 254 46.65 26.51 -60.11
N GLY G 255 45.34 26.46 -60.35
CA GLY G 255 44.75 26.26 -61.66
C GLY G 255 44.64 24.80 -62.10
N VAL G 256 44.42 23.88 -61.16
CA VAL G 256 44.19 22.49 -61.54
C VAL G 256 42.72 22.33 -61.92
N VAL G 257 41.90 23.24 -61.40
CA VAL G 257 40.49 23.30 -61.70
C VAL G 257 40.24 24.63 -62.39
N GLU G 258 39.29 24.66 -63.32
CA GLU G 258 38.85 25.93 -63.85
C GLU G 258 37.39 26.13 -63.43
N TYR G 259 37.17 26.99 -62.43
CA TYR G 259 35.83 27.14 -61.89
C TYR G 259 34.91 27.74 -62.94
N GLU G 260 33.65 27.30 -62.94
CA GLU G 260 32.71 27.67 -63.99
C GLU G 260 32.10 29.05 -63.72
N ASP G 261 32.41 29.64 -62.55
CA ASP G 261 31.81 30.87 -62.08
C ASP G 261 32.83 32.02 -62.10
N GLY G 262 34.04 31.71 -62.59
CA GLY G 262 35.07 32.72 -62.86
C GLY G 262 35.96 33.04 -61.65
N THR G 263 35.66 32.42 -60.49
CA THR G 263 36.46 32.51 -59.28
C THR G 263 37.89 32.03 -59.57
N PRO G 264 38.95 32.78 -59.18
CA PRO G 264 40.33 32.33 -59.37
C PRO G 264 40.63 31.07 -58.56
N ALA G 265 41.06 30.00 -59.23
CA ALA G 265 41.27 28.73 -58.56
C ALA G 265 42.69 28.67 -58.01
N THR G 266 42.90 29.37 -56.90
CA THR G 266 44.13 29.25 -56.15
C THR G 266 44.03 28.04 -55.23
N THR G 267 45.20 27.53 -54.83
CA THR G 267 45.26 26.42 -53.90
C THR G 267 44.35 26.68 -52.71
N SER G 268 44.43 27.88 -52.14
CA SER G 268 43.68 28.17 -50.94
C SER G 268 42.19 28.18 -51.25
N GLN G 269 41.81 28.75 -52.39
CA GLN G 269 40.41 28.84 -52.75
C GLN G 269 39.83 27.44 -52.94
N MET G 270 40.59 26.58 -53.62
CA MET G 270 40.09 25.24 -53.88
C MET G 270 39.99 24.44 -52.59
N ALA G 271 40.96 24.64 -51.69
CA ALA G 271 40.90 23.89 -50.44
C ALA G 271 39.70 24.35 -49.62
N LYS G 272 39.44 25.66 -49.62
CA LYS G 272 38.32 26.17 -48.86
C LYS G 272 37.01 25.60 -49.42
N ASP G 273 36.88 25.60 -50.75
CA ASP G 273 35.66 25.13 -51.37
C ASP G 273 35.46 23.64 -51.12
N VAL G 274 36.51 22.84 -51.33
CA VAL G 274 36.33 21.41 -51.19
C VAL G 274 36.06 21.06 -49.72
N ALA G 275 36.70 21.79 -48.79
CA ALA G 275 36.47 21.52 -47.39
C ALA G 275 35.04 21.88 -47.00
N ALA G 276 34.49 22.96 -47.56
CA ALA G 276 33.08 23.26 -47.33
C ALA G 276 32.22 22.13 -47.88
N PHE G 277 32.52 21.69 -49.11
CA PHE G 277 31.73 20.67 -49.76
C PHE G 277 31.71 19.39 -48.92
N LEU G 278 32.87 18.95 -48.44
CA LEU G 278 32.94 17.71 -47.66
C LEU G 278 32.24 17.86 -46.32
N THR G 279 32.25 19.07 -45.77
CA THR G 279 31.52 19.30 -44.55
C THR G 279 30.03 19.15 -44.78
N TRP G 280 29.57 19.71 -45.89
CA TRP G 280 28.18 19.50 -46.22
C TRP G 280 27.89 18.01 -46.39
N ALA G 281 28.78 17.27 -47.06
CA ALA G 281 28.54 15.87 -47.31
C ALA G 281 28.37 15.12 -45.99
N ALA G 282 29.12 15.53 -44.97
CA ALA G 282 29.07 14.78 -43.72
C ALA G 282 27.81 15.14 -42.96
N GLU G 283 27.35 16.38 -43.08
CA GLU G 283 26.21 16.79 -42.28
C GLU G 283 25.25 17.57 -43.16
N PRO G 284 24.48 16.93 -44.06
CA PRO G 284 23.65 17.68 -44.99
C PRO G 284 22.43 18.37 -44.40
N GLU G 285 22.09 17.97 -43.17
CA GLU G 285 20.96 18.54 -42.46
C GLU G 285 21.33 19.86 -41.79
N HIS G 286 22.61 20.22 -41.81
CA HIS G 286 23.17 21.34 -41.08
C HIS G 286 22.31 22.60 -41.15
N ASP G 287 21.92 23.03 -42.36
CA ASP G 287 21.16 24.25 -42.49
C ASP G 287 19.79 24.14 -41.81
N GLU G 288 19.06 23.06 -42.05
CA GLU G 288 17.76 22.86 -41.43
C GLU G 288 17.85 22.76 -39.92
N ARG G 289 18.85 22.03 -39.46
CA ARG G 289 19.07 21.81 -38.04
C ARG G 289 19.24 23.15 -37.34
N LYS G 290 20.01 24.07 -37.93
CA LYS G 290 20.24 25.30 -37.20
C LYS G 290 19.03 26.22 -37.23
N LYS G 291 18.24 26.16 -38.30
CA LYS G 291 17.03 26.95 -38.29
C LYS G 291 16.03 26.41 -37.27
N LEU G 292 15.90 25.08 -37.14
CA LEU G 292 14.96 24.57 -36.15
C LEU G 292 15.46 24.89 -34.76
N GLY G 293 16.77 24.90 -34.58
CA GLY G 293 17.37 25.25 -33.31
C GLY G 293 17.03 26.67 -32.90
N LEU G 294 16.98 27.57 -33.89
CA LEU G 294 16.66 28.95 -33.60
C LEU G 294 15.23 29.03 -33.07
N LYS G 295 14.29 28.39 -33.76
CA LYS G 295 12.92 28.35 -33.29
C LYS G 295 12.84 27.74 -31.89
N ALA G 296 13.55 26.62 -31.67
CA ALA G 296 13.51 25.96 -30.38
C ALA G 296 14.04 26.88 -29.29
N ILE G 297 15.18 27.53 -29.53
CA ILE G 297 15.79 28.41 -28.54
C ILE G 297 14.78 29.48 -28.15
N ILE G 298 14.11 30.09 -29.13
CA ILE G 298 13.17 31.17 -28.84
C ILE G 298 11.99 30.66 -28.01
N VAL G 299 11.33 29.60 -28.47
CA VAL G 299 10.18 29.11 -27.74
C VAL G 299 10.59 28.64 -26.34
N ILE G 300 11.71 27.91 -26.26
CA ILE G 300 12.09 27.33 -24.98
C ILE G 300 12.49 28.44 -24.02
N SER G 301 13.15 29.50 -24.50
CA SER G 301 13.44 30.66 -23.69
C SER G 301 12.17 31.32 -23.14
N ALA G 302 11.19 31.58 -24.01
CA ALA G 302 9.91 32.14 -23.58
C ALA G 302 9.28 31.26 -22.50
N MET G 303 9.25 29.94 -22.74
CA MET G 303 8.62 29.02 -21.80
C MET G 303 9.41 29.03 -20.50
N LEU G 304 10.71 29.30 -20.55
CA LEU G 304 11.49 29.30 -19.34
C LEU G 304 11.11 30.52 -18.51
N GLY G 305 11.02 31.67 -19.18
CA GLY G 305 10.62 32.91 -18.53
C GLY G 305 9.24 32.77 -17.89
N LEU G 306 8.30 32.20 -18.64
CA LEU G 306 6.95 32.10 -18.13
C LEU G 306 6.88 31.08 -17.01
N SER G 307 7.65 30.00 -17.14
CA SER G 307 7.62 29.00 -16.09
C SER G 307 8.12 29.62 -14.79
N VAL G 308 9.00 30.61 -14.88
CA VAL G 308 9.49 31.20 -13.64
C VAL G 308 8.44 32.09 -13.02
N TYR G 309 7.77 32.90 -13.84
CA TYR G 309 6.65 33.65 -13.34
C TYR G 309 5.63 32.72 -12.69
N ILE G 310 5.23 31.67 -13.39
CA ILE G 310 4.17 30.84 -12.83
C ILE G 310 4.62 30.19 -11.53
N LYS G 311 5.86 29.71 -11.47
CA LYS G 311 6.32 29.10 -10.24
C LYS G 311 6.25 30.12 -9.10
N LYS G 312 6.80 31.32 -9.31
CA LYS G 312 6.78 32.34 -8.26
C LYS G 312 5.36 32.68 -7.86
N PHE G 313 4.47 32.76 -8.82
CA PHE G 313 3.09 33.05 -8.53
C PHE G 313 2.50 31.95 -7.64
N LYS G 314 2.61 30.68 -8.04
CA LYS G 314 1.99 29.62 -7.26
C LYS G 314 2.68 29.46 -5.91
N TRP G 315 3.99 29.74 -5.82
CA TRP G 315 4.64 29.52 -4.55
C TRP G 315 4.48 30.67 -3.58
N SER G 316 3.89 31.80 -3.99
CA SER G 316 4.00 32.96 -3.13
C SER G 316 3.33 32.74 -1.77
N PRO G 317 2.19 32.03 -1.68
CA PRO G 317 1.61 31.77 -0.36
C PRO G 317 2.57 31.04 0.58
N ILE G 318 3.41 30.17 0.05
CA ILE G 318 4.32 29.45 0.91
C ILE G 318 5.49 30.36 1.28
N LYS G 319 6.00 31.12 0.33
CA LYS G 319 7.14 31.96 0.66
C LYS G 319 6.72 33.04 1.64
N ASN G 320 5.47 33.50 1.56
CA ASN G 320 5.06 34.66 2.33
C ASN G 320 4.43 34.29 3.67
N ARG G 321 4.42 33.00 4.00
CA ARG G 321 3.78 32.53 5.22
C ARG G 321 4.45 33.15 6.44
N LYS G 322 3.65 33.51 7.44
CA LYS G 322 4.15 34.09 8.67
C LYS G 322 3.61 33.28 9.84
N PHE G 323 4.34 33.24 10.96
CA PHE G 323 3.89 32.52 12.14
C PHE G 323 3.85 33.42 13.36
N ILE G 324 2.98 33.08 14.32
CA ILE G 324 3.01 33.71 15.61
C ILE G 324 2.95 32.54 16.58
N TYR G 325 3.94 32.44 17.47
CA TYR G 325 3.93 31.28 18.36
C TYR G 325 3.63 31.75 19.77
N ASN G 326 2.61 31.13 20.39
CA ASN G 326 2.35 31.36 21.78
C ASN G 326 2.55 30.07 22.55
N PRO G 327 3.65 29.93 23.32
CA PRO G 327 3.97 28.67 23.98
C PRO G 327 2.83 28.29 24.93
N PRO G 328 2.27 27.06 24.81
CA PRO G 328 1.11 26.61 25.60
C PRO G 328 1.25 26.50 27.12
N TYR H 7 7.40 5.78 9.58
CA TYR H 7 8.16 7.12 9.85
C TYR H 7 7.56 8.34 9.15
N MET H 8 6.77 8.10 8.11
CA MET H 8 5.91 9.15 7.60
C MET H 8 4.51 8.57 7.49
N GLY H 9 3.51 9.35 7.90
CA GLY H 9 2.15 8.87 7.71
C GLY H 9 1.54 9.42 6.43
N TRP H 10 0.37 10.02 6.60
CA TRP H 10 -0.36 10.60 5.50
C TRP H 10 -1.15 11.76 6.07
N TRP H 11 -1.79 12.55 5.20
CA TRP H 11 -2.48 13.72 5.69
C TRP H 11 -3.48 13.33 6.76
N GLY H 12 -3.43 14.06 7.86
CA GLY H 12 -4.28 13.70 8.98
C GLY H 12 -3.51 12.97 10.07
N HIS H 13 -2.52 12.16 9.67
CA HIS H 13 -1.75 11.41 10.65
C HIS H 13 -0.29 11.31 10.21
N MET H 14 0.32 12.48 9.98
CA MET H 14 1.61 12.55 9.33
C MET H 14 2.71 12.03 10.26
N GLY H 15 2.50 12.15 11.56
CA GLY H 15 3.51 11.66 12.50
C GLY H 15 4.31 12.80 13.12
N SER H 16 3.76 14.01 13.02
CA SER H 16 4.27 15.16 13.77
C SER H 16 4.07 14.92 15.26
N PRO H 17 4.97 15.41 16.13
CA PRO H 17 4.65 15.58 17.54
C PRO H 17 3.44 16.49 17.59
N PRO H 18 2.59 16.45 18.65
CA PRO H 18 1.41 17.30 18.68
C PRO H 18 1.80 18.77 18.60
N GLN H 19 1.09 19.51 17.76
CA GLN H 19 1.38 20.91 17.56
C GLN H 19 0.32 21.70 18.30
N LYS H 20 0.76 22.73 19.01
CA LYS H 20 -0.17 23.62 19.67
C LYS H 20 0.50 24.97 19.73
N GLY H 21 -0.27 26.04 19.54
CA GLY H 21 0.29 27.34 19.86
C GLY H 21 0.94 28.06 18.67
N ILE H 22 0.96 27.45 17.49
CA ILE H 22 1.48 28.17 16.34
C ILE H 22 0.33 28.66 15.48
N ALA H 23 0.30 29.97 15.19
CA ALA H 23 -0.67 30.51 14.26
C ALA H 23 0.06 30.78 12.96
N GLY H 24 -0.48 30.28 11.85
CA GLY H 24 0.15 30.49 10.55
C GLY H 24 -0.73 31.39 9.70
N TYR H 25 -0.12 32.31 8.98
CA TYR H 25 -0.91 33.23 8.17
C TYR H 25 -0.30 33.28 6.78
N THR H 26 -1.16 33.35 5.76
CA THR H 26 -0.64 33.64 4.45
C THR H 26 -1.68 34.34 3.60
N ILE H 27 -1.24 34.89 2.47
CA ILE H 27 -2.20 35.52 1.58
C ILE H 27 -2.24 34.80 0.24
N SER H 28 -3.34 35.01 -0.48
CA SER H 28 -3.62 34.43 -1.78
C SER H 28 -2.53 34.77 -2.79
N PRO H 29 -2.19 33.87 -3.73
CA PRO H 29 -1.28 34.21 -4.83
C PRO H 29 -1.79 35.39 -5.64
N PHE H 30 -3.11 35.53 -5.77
CA PHE H 30 -3.65 36.64 -6.54
C PHE H 30 -3.57 37.96 -5.78
N ALA H 31 -3.40 37.90 -4.46
CA ALA H 31 -3.32 39.14 -3.70
C ALA H 31 -1.87 39.60 -3.56
N ALA H 32 -0.91 38.72 -3.88
CA ALA H 32 0.48 39.03 -3.64
C ALA H 32 1.19 39.46 -4.92
N ARG H 33 2.23 40.26 -4.74
CA ARG H 33 3.12 40.59 -5.84
C ARG H 33 4.17 39.49 -5.89
N PRO H 34 4.19 38.61 -6.90
CA PRO H 34 5.04 37.43 -6.87
C PRO H 34 6.52 37.82 -6.92
N PHE H 35 6.80 38.99 -7.51
CA PHE H 35 8.14 39.45 -7.70
C PHE H 35 8.51 40.56 -6.73
N ALA H 36 7.79 40.67 -5.62
CA ALA H 36 8.10 41.71 -4.65
C ALA H 36 9.52 41.51 -4.12
N GLY H 37 10.31 42.59 -4.15
CA GLY H 37 11.67 42.64 -3.62
C GLY H 37 12.63 41.69 -4.31
N VAL H 38 12.36 41.40 -5.60
CA VAL H 38 13.15 40.45 -6.36
C VAL H 38 14.53 41.03 -6.64
N VAL H 39 14.58 42.35 -6.88
CA VAL H 39 15.82 43.02 -7.23
C VAL H 39 16.75 43.01 -6.02
N HIS H 40 16.20 43.39 -4.86
CA HIS H 40 16.95 43.29 -3.63
C HIS H 40 17.47 41.87 -3.38
N ALA H 41 16.63 40.85 -3.60
CA ALA H 41 17.03 39.47 -3.32
C ALA H 41 18.10 39.04 -4.32
N ALA H 42 17.88 39.37 -5.59
CA ALA H 42 18.77 38.92 -6.64
C ALA H 42 20.17 39.48 -6.41
N ILE H 43 20.26 40.63 -5.75
CA ILE H 43 21.56 41.27 -5.55
C ILE H 43 22.09 40.92 -4.16
N PHE H 44 21.35 41.31 -3.12
CA PHE H 44 21.90 41.28 -1.77
C PHE H 44 21.79 39.89 -1.18
N ASN H 45 20.67 39.23 -1.40
CA ASN H 45 20.52 37.89 -0.89
C ASN H 45 21.50 36.94 -1.59
N THR H 46 21.59 37.01 -2.93
CA THR H 46 22.50 36.11 -3.61
C THR H 46 23.95 36.37 -3.20
N PHE H 47 24.29 37.65 -2.97
CA PHE H 47 25.64 37.95 -2.53
C PHE H 47 25.92 37.31 -1.18
N ARG H 48 25.01 37.49 -0.22
CA ARG H 48 25.16 36.88 1.10
C ARG H 48 25.32 35.37 0.96
N ARG H 49 24.42 34.72 0.22
CA ARG H 49 24.49 33.27 0.20
C ARG H 49 25.76 32.75 -0.49
N THR H 50 26.26 33.48 -1.49
CA THR H 50 27.43 33.05 -2.21
C THR H 50 28.68 33.26 -1.36
N LYS H 51 28.76 34.43 -0.74
CA LYS H 51 29.90 34.74 0.10
C LYS H 51 30.07 33.66 1.16
N ASN H 52 28.95 33.18 1.72
CA ASN H 52 29.00 32.23 2.81
C ASN H 52 29.51 30.86 2.39
N GLN H 53 29.42 30.53 1.10
CA GLN H 53 29.75 29.21 0.62
C GLN H 53 31.00 29.25 -0.23
N ALA H 54 31.64 30.42 -0.39
CA ALA H 54 32.65 30.57 -1.43
C ALA H 54 33.85 29.64 -1.19
N LEU H 55 34.34 29.57 0.05
CA LEU H 55 35.54 28.81 0.39
C LEU H 55 35.40 27.33 0.05
N PHE H 56 34.19 26.79 0.20
CA PHE H 56 33.95 25.38 0.07
C PHE H 56 34.03 24.97 -1.39
N VAL H 57 33.98 25.97 -2.27
CA VAL H 57 34.11 25.69 -3.68
C VAL H 57 35.52 26.06 -4.13
N ILE H 58 35.95 27.25 -3.73
CA ILE H 58 37.23 27.78 -4.16
C ILE H 58 38.37 26.88 -3.69
N LEU H 59 38.41 26.45 -2.43
CA LEU H 59 39.59 25.70 -1.98
C LEU H 59 39.81 24.43 -2.78
N PRO H 60 38.85 23.48 -2.87
CA PRO H 60 39.10 22.26 -3.63
C PRO H 60 39.30 22.51 -5.11
N VAL H 61 38.56 23.46 -5.68
CA VAL H 61 38.73 23.70 -7.11
C VAL H 61 40.12 24.24 -7.38
N SER H 62 40.57 25.22 -6.58
CA SER H 62 41.86 25.84 -6.85
C SER H 62 42.98 24.84 -6.64
N PHE H 63 42.80 23.93 -5.69
CA PHE H 63 43.86 22.97 -5.42
C PHE H 63 43.98 21.99 -6.59
N PHE H 64 42.85 21.41 -6.98
CA PHE H 64 42.90 20.40 -8.00
C PHE H 64 43.26 21.01 -9.35
N TYR H 65 42.97 22.30 -9.53
CA TYR H 65 43.35 22.91 -10.79
C TYR H 65 44.85 23.12 -10.80
N TYR H 66 45.41 23.42 -9.64
CA TYR H 66 46.84 23.64 -9.58
C TYR H 66 47.57 22.34 -9.87
N VAL H 67 47.12 21.25 -9.23
CA VAL H 67 47.68 19.93 -9.42
C VAL H 67 47.67 19.58 -10.92
N TRP H 68 46.54 19.81 -11.58
CA TRP H 68 46.39 19.38 -12.96
C TRP H 68 47.36 20.19 -13.83
N THR H 69 47.36 21.49 -13.60
CA THR H 69 48.23 22.43 -14.30
C THR H 69 49.69 21.99 -14.20
N GLN H 70 50.15 21.60 -13.00
CA GLN H 70 51.53 21.22 -12.82
C GLN H 70 51.83 19.93 -13.58
N ALA H 71 50.88 19.00 -13.53
CA ALA H 71 51.02 17.69 -14.14
C ALA H 71 51.04 17.84 -15.65
N SER H 72 50.10 18.60 -16.19
CA SER H 72 50.01 18.75 -17.62
C SER H 72 51.22 19.51 -18.16
N GLU H 73 51.76 20.47 -17.39
CA GLU H 73 52.92 21.21 -17.87
C GLU H 73 54.18 20.34 -17.84
N LYS H 74 54.28 19.46 -16.84
CA LYS H 74 55.44 18.58 -16.77
C LYS H 74 55.38 17.60 -17.91
N ASN H 75 54.16 17.07 -18.15
CA ASN H 75 54.00 16.04 -19.14
C ASN H 75 54.40 16.63 -20.49
N GLU H 76 53.99 17.88 -20.71
CA GLU H 76 54.27 18.55 -21.98
C GLU H 76 55.78 18.68 -22.14
N TRP H 77 56.45 19.03 -21.05
CA TRP H 77 57.87 19.33 -21.08
C TRP H 77 58.69 18.05 -21.27
N LEU H 78 58.20 16.92 -20.73
CA LEU H 78 58.93 15.67 -20.82
C LEU H 78 58.99 15.17 -22.27
N TYR H 79 58.01 15.57 -23.08
CA TYR H 79 57.92 15.07 -24.44
C TYR H 79 58.42 16.12 -25.41
N THR H 80 59.24 17.06 -24.90
CA THR H 80 60.00 17.94 -25.77
C THR H 80 61.42 17.38 -25.89
N LYS H 81 62.25 18.04 -26.72
CA LYS H 81 63.65 17.70 -26.90
C LYS H 81 64.41 17.90 -25.60
N ALA H 82 64.12 19.05 -24.96
CA ALA H 82 64.73 19.48 -23.71
C ALA H 82 64.46 18.46 -22.61
N GLY H 83 63.34 17.74 -22.70
CA GLY H 83 62.89 16.87 -21.64
C GLY H 83 63.25 15.40 -21.87
N ARG H 84 64.14 15.15 -22.84
CA ARG H 84 64.48 13.81 -23.32
C ARG H 84 65.04 12.97 -22.18
N HIS H 85 65.95 13.59 -21.41
CA HIS H 85 66.73 12.89 -20.42
C HIS H 85 65.86 12.55 -19.22
N GLU H 86 65.04 13.52 -18.83
CA GLU H 86 64.16 13.38 -17.68
C GLU H 86 63.07 12.36 -18.04
N LEU H 87 62.73 12.26 -19.33
CA LEU H 87 61.73 11.30 -19.77
C LEU H 87 62.32 9.89 -19.71
N ALA H 88 63.61 9.78 -20.01
CA ALA H 88 64.28 8.50 -20.10
C ALA H 88 64.34 7.86 -18.72
N LYS H 89 64.54 8.71 -17.70
CA LYS H 89 64.62 8.31 -16.30
C LYS H 89 63.25 7.96 -15.78
N ALA H 90 62.23 8.74 -16.20
CA ALA H 90 60.86 8.55 -15.74
C ALA H 90 60.29 7.23 -16.27
N LEU H 91 60.76 6.77 -17.44
CA LEU H 91 60.48 5.42 -17.90
C LEU H 91 61.62 4.47 -17.49
N ALA I 4 -12.44 44.88 -19.86
CA ALA I 4 -11.51 43.86 -19.09
C ALA I 4 -12.20 42.71 -18.35
N THR I 5 -13.25 43.01 -17.58
CA THR I 5 -14.20 42.04 -17.06
C THR I 5 -14.82 41.25 -18.21
N THR I 6 -15.18 41.97 -19.30
CA THR I 6 -15.74 41.37 -20.50
C THR I 6 -14.78 40.32 -21.03
N PHE I 7 -13.52 40.72 -21.19
CA PHE I 7 -12.53 39.81 -21.73
C PHE I 7 -12.42 38.58 -20.83
N TYR I 8 -12.38 38.81 -19.51
CA TYR I 8 -12.29 37.69 -18.58
C TYR I 8 -13.48 36.75 -18.76
N ASN I 9 -14.69 37.32 -18.76
CA ASN I 9 -15.92 36.55 -18.80
C ASN I 9 -16.05 35.71 -20.06
N VAL I 10 -15.57 36.23 -21.18
CA VAL I 10 -15.71 35.54 -22.44
C VAL I 10 -14.63 34.47 -22.61
N PHE I 11 -13.36 34.81 -22.37
CA PHE I 11 -12.32 33.92 -22.84
C PHE I 11 -11.70 33.10 -21.73
N VAL I 12 -11.94 33.50 -20.47
CA VAL I 12 -11.13 32.95 -19.41
C VAL I 12 -11.98 32.20 -18.40
N LYS I 13 -13.14 32.74 -18.06
CA LYS I 13 -13.95 32.21 -16.97
C LYS I 13 -14.24 30.73 -17.16
N ARG I 14 -14.76 30.35 -18.33
CA ARG I 14 -15.03 28.93 -18.60
C ARG I 14 -13.74 28.28 -19.09
N ASN I 15 -13.35 27.15 -18.50
CA ASN I 15 -12.15 26.47 -18.92
C ASN I 15 -12.28 25.95 -20.34
N SER I 16 -13.48 25.51 -20.72
CA SER I 16 -13.68 25.09 -22.10
C SER I 16 -13.29 26.23 -23.05
N ALA I 17 -13.66 27.46 -22.70
CA ALA I 17 -13.38 28.59 -23.56
C ALA I 17 -11.89 28.95 -23.50
N PHE I 18 -11.30 28.83 -22.31
CA PHE I 18 -9.91 29.17 -22.11
C PHE I 18 -9.03 28.20 -22.88
N VAL I 19 -9.36 26.91 -22.83
CA VAL I 19 -8.55 25.92 -23.53
C VAL I 19 -8.74 26.15 -25.03
N ALA I 20 -9.98 26.42 -25.46
CA ALA I 20 -10.21 26.70 -26.87
C ALA I 20 -9.43 27.93 -27.35
N THR I 21 -9.34 28.98 -26.52
CA THR I 21 -8.62 30.19 -26.86
C THR I 21 -7.13 29.93 -26.94
N ILE I 22 -6.61 29.11 -26.01
CA ILE I 22 -5.19 28.78 -25.98
C ILE I 22 -4.84 28.01 -27.25
N LEU I 23 -5.68 27.04 -27.64
CA LEU I 23 -5.39 26.22 -28.81
C LEU I 23 -5.50 27.04 -30.08
N ALA I 24 -6.47 27.95 -30.16
CA ALA I 24 -6.59 28.77 -31.35
C ALA I 24 -5.39 29.72 -31.45
N SER I 25 -4.94 30.24 -30.30
CA SER I 25 -3.76 31.09 -30.25
C SER I 25 -2.52 30.30 -30.67
N ALA I 26 -2.44 29.03 -30.24
CA ALA I 26 -1.32 28.17 -30.56
C ALA I 26 -1.25 27.97 -32.06
N PHE I 27 -2.42 27.76 -32.68
CA PHE I 27 -2.51 27.57 -34.11
C PHE I 27 -1.97 28.82 -34.82
N VAL I 28 -2.42 30.01 -34.37
CA VAL I 28 -2.04 31.23 -35.04
C VAL I 28 -0.55 31.48 -34.82
N PHE I 29 -0.09 31.31 -33.58
CA PHE I 29 1.31 31.52 -33.29
C PHE I 29 2.15 30.60 -34.18
N ASP I 30 1.83 29.30 -34.17
CA ASP I 30 2.56 28.33 -34.95
C ASP I 30 2.72 28.78 -36.41
N MET I 31 1.64 29.28 -37.02
CA MET I 31 1.64 29.61 -38.44
C MET I 31 2.45 30.88 -38.72
N THR I 32 2.29 31.87 -37.86
CA THR I 32 2.92 33.16 -38.06
C THR I 32 4.39 33.07 -37.70
N PHE I 33 4.71 32.29 -36.67
CA PHE I 33 6.09 32.22 -36.20
C PHE I 33 6.95 31.52 -37.25
N GLU I 34 6.36 30.50 -37.88
CA GLU I 34 6.98 29.77 -38.96
C GLU I 34 7.38 30.77 -40.05
N THR I 35 6.42 31.57 -40.48
CA THR I 35 6.62 32.54 -41.55
C THR I 35 7.66 33.59 -41.16
N ALA I 36 7.63 34.02 -39.89
CA ALA I 36 8.50 35.09 -39.42
C ALA I 36 9.95 34.62 -39.37
N ILE I 37 10.14 33.39 -38.91
CA ILE I 37 11.48 32.85 -38.79
C ILE I 37 12.04 32.61 -40.19
N ASP I 38 11.20 32.01 -41.06
CA ASP I 38 11.57 31.82 -42.45
C ASP I 38 12.18 33.09 -43.03
N ASN I 39 11.47 34.23 -42.90
CA ASN I 39 11.93 35.46 -43.53
C ASN I 39 13.21 35.96 -42.87
N PHE I 40 13.31 35.77 -41.57
CA PHE I 40 14.44 36.30 -40.84
C PHE I 40 15.70 35.52 -41.24
N TRP I 41 15.53 34.21 -41.35
CA TRP I 41 16.61 33.30 -41.65
C TRP I 41 17.17 33.60 -43.02
N ASP I 42 16.26 33.96 -43.94
CA ASP I 42 16.62 34.24 -45.32
C ASP I 42 17.38 35.56 -45.43
N ARG I 43 17.12 36.50 -44.50
CA ARG I 43 17.77 37.80 -44.54
C ARG I 43 19.16 37.71 -43.92
N ILE I 44 19.33 36.91 -42.87
CA ILE I 44 20.64 36.88 -42.24
C ILE I 44 21.60 36.00 -43.06
N ASN I 45 21.02 35.13 -43.91
CA ASN I 45 21.80 34.23 -44.73
C ASN I 45 21.53 34.63 -46.18
N ALA I 46 21.75 35.91 -46.49
CA ALA I 46 21.38 36.42 -47.81
C ALA I 46 22.53 36.20 -48.78
N GLY I 47 22.18 35.69 -49.98
CA GLY I 47 23.14 35.39 -51.01
C GLY I 47 23.86 34.06 -50.78
N LYS I 48 23.50 33.35 -49.69
CA LYS I 48 24.23 32.14 -49.36
C LYS I 48 23.44 30.91 -49.78
N GLN I 49 22.12 31.00 -49.75
CA GLN I 49 21.31 29.80 -49.83
C GLN I 49 21.06 29.44 -51.28
N TRP I 50 20.58 28.21 -51.53
CA TRP I 50 20.39 27.76 -52.90
C TRP I 50 19.40 28.66 -53.62
N LYS I 51 18.32 29.04 -52.92
CA LYS I 51 17.30 29.94 -53.44
C LYS I 51 17.90 31.25 -53.96
N ASP I 52 19.08 31.65 -53.46
CA ASP I 52 19.72 32.89 -53.86
C ASP I 52 20.59 32.73 -55.12
N ILE I 53 20.98 31.49 -55.45
CA ILE I 53 21.90 31.26 -56.57
C ILE I 53 21.24 30.46 -57.67
N ARG I 54 20.07 29.89 -57.34
CA ARG I 54 19.30 29.03 -58.22
C ARG I 54 19.08 29.71 -59.58
N HIS I 55 19.00 31.05 -59.59
CA HIS I 55 18.55 31.77 -60.77
C HIS I 55 19.56 31.68 -61.90
N LYS I 56 20.82 31.39 -61.56
CA LYS I 56 21.89 31.22 -62.54
C LYS I 56 21.71 29.99 -63.42
N TYR I 57 20.81 29.07 -63.04
CA TYR I 57 20.70 27.75 -63.66
C TYR I 57 19.28 27.40 -64.20
N TYR J 8 -56.27 28.09 2.10
CA TYR J 8 -55.63 26.85 2.74
C TYR J 8 -55.05 25.86 1.72
N VAL J 9 -53.83 25.36 2.03
CA VAL J 9 -53.08 24.47 1.17
C VAL J 9 -53.08 23.10 1.83
N LYS J 10 -53.51 22.07 1.10
CA LYS J 10 -53.65 20.74 1.69
C LYS J 10 -52.37 19.92 1.47
N LYS J 11 -51.69 20.18 0.35
CA LYS J 11 -50.61 19.34 -0.13
C LYS J 11 -49.60 20.22 -0.84
N PRO J 12 -48.28 19.94 -0.76
CA PRO J 12 -47.30 20.73 -1.50
C PRO J 12 -47.45 20.38 -2.98
N SER J 13 -47.14 21.34 -3.85
CA SER J 13 -47.44 21.15 -5.25
C SER J 13 -46.14 20.97 -6.01
N TYR J 14 -45.89 19.73 -6.47
CA TYR J 14 -44.65 19.41 -7.16
C TYR J 14 -44.85 18.23 -8.10
N LYS J 15 -43.89 18.09 -9.01
CA LYS J 15 -43.79 17.00 -9.96
C LYS J 15 -42.39 16.40 -9.84
N ILE J 16 -42.24 15.15 -10.29
CA ILE J 16 -40.91 14.61 -10.53
C ILE J 16 -40.60 14.74 -12.01
N VAL J 17 -39.49 15.43 -12.32
CA VAL J 17 -39.04 15.54 -13.69
C VAL J 17 -38.35 14.23 -14.08
N PRO J 18 -38.47 13.80 -15.35
CA PRO J 18 -37.76 12.62 -15.85
C PRO J 18 -36.25 12.72 -15.61
N HIS J 19 -35.66 11.62 -15.15
CA HIS J 19 -34.24 11.60 -14.87
C HIS J 19 -33.68 10.23 -15.23
N PHE J 20 -32.36 10.18 -15.40
CA PHE J 20 -31.67 8.98 -15.78
C PHE J 20 -30.22 9.12 -15.33
N LEU J 21 -29.76 8.18 -14.50
CA LEU J 21 -28.41 8.15 -13.97
C LEU J 21 -28.09 9.46 -13.26
N GLY J 22 -29.12 10.10 -12.69
CA GLY J 22 -28.97 11.34 -11.94
C GLY J 22 -28.81 12.57 -12.84
N PHE J 23 -29.20 12.44 -14.11
CA PHE J 23 -29.26 13.59 -14.99
C PHE J 23 -30.71 13.90 -15.31
N ASN J 24 -31.01 15.20 -15.38
CA ASN J 24 -32.34 15.61 -15.79
C ASN J 24 -32.18 16.65 -16.89
N ILE J 25 -33.28 16.99 -17.55
CA ILE J 25 -33.15 17.85 -18.70
C ILE J 25 -32.77 19.27 -18.29
N PRO J 26 -33.35 19.88 -17.22
CA PRO J 26 -32.91 21.20 -16.76
C PRO J 26 -31.39 21.30 -16.59
N THR J 27 -30.78 20.30 -15.95
CA THR J 27 -29.36 20.32 -15.68
C THR J 27 -28.55 20.22 -16.97
N VAL J 28 -28.88 19.24 -17.79
CA VAL J 28 -28.10 18.99 -18.98
C VAL J 28 -28.19 20.19 -19.91
N SER J 29 -29.35 20.84 -19.93
CA SER J 29 -29.53 21.96 -20.82
C SER J 29 -28.56 23.10 -20.48
N LYS J 30 -28.18 23.20 -19.20
CA LYS J 30 -27.24 24.23 -18.78
C LYS J 30 -25.85 23.91 -19.32
N TRP J 31 -25.57 22.64 -19.62
CA TRP J 31 -24.24 22.22 -20.02
C TRP J 31 -24.09 22.13 -21.53
N ILE J 32 -25.20 22.24 -22.27
CA ILE J 32 -25.18 22.08 -23.72
C ILE J 32 -24.15 23.03 -24.32
N PRO J 33 -24.18 24.35 -24.02
CA PRO J 33 -23.16 25.28 -24.50
C PRO J 33 -21.72 24.86 -24.21
N ILE J 34 -21.48 24.29 -23.04
CA ILE J 34 -20.14 23.89 -22.66
C ILE J 34 -19.66 22.73 -23.53
N PHE J 35 -20.54 21.79 -23.86
CA PHE J 35 -20.12 20.72 -24.76
C PHE J 35 -19.77 21.32 -26.12
N GLY J 36 -20.55 22.33 -26.53
CA GLY J 36 -20.25 23.10 -27.73
C GLY J 36 -18.81 23.59 -27.77
N ILE J 37 -18.41 24.30 -26.70
CA ILE J 37 -17.09 24.90 -26.64
C ILE J 37 -16.03 23.80 -26.57
N TRP J 38 -16.25 22.75 -25.77
CA TRP J 38 -15.30 21.66 -25.72
C TRP J 38 -15.16 21.00 -27.09
N GLY J 39 -16.25 20.97 -27.86
CA GLY J 39 -16.24 20.36 -29.18
C GLY J 39 -15.40 21.18 -30.15
N ALA J 40 -15.57 22.52 -30.05
CA ALA J 40 -14.76 23.49 -30.78
C ALA J 40 -13.30 23.32 -30.41
N ALA J 41 -13.01 23.23 -29.10
CA ALA J 41 -11.65 23.08 -28.61
C ALA J 41 -11.04 21.81 -29.19
N ALA J 42 -11.85 20.74 -29.25
CA ALA J 42 -11.37 19.47 -29.75
C ALA J 42 -11.18 19.55 -31.26
N GLY J 43 -12.07 20.28 -31.94
CA GLY J 43 -11.98 20.48 -33.38
C GLY J 43 -10.73 21.26 -33.76
N ILE J 44 -10.56 22.44 -33.15
CA ILE J 44 -9.39 23.30 -33.33
C ILE J 44 -8.13 22.47 -33.05
N GLY J 45 -8.13 21.74 -31.93
CA GLY J 45 -6.96 20.99 -31.49
C GLY J 45 -6.62 19.86 -32.45
N ALA J 46 -7.65 19.13 -32.90
CA ALA J 46 -7.43 18.01 -33.78
C ALA J 46 -6.87 18.50 -35.11
N LEU J 47 -7.49 19.57 -35.63
CA LEU J 47 -7.13 20.10 -36.93
C LEU J 47 -5.70 20.64 -36.87
N PHE J 48 -5.36 21.26 -35.74
CA PHE J 48 -4.03 21.75 -35.46
C PHE J 48 -3.00 20.61 -35.48
N LEU J 49 -3.37 19.45 -34.91
CA LEU J 49 -2.46 18.30 -34.84
C LEU J 49 -2.17 17.74 -36.23
N ILE J 50 -3.14 17.86 -37.14
CA ILE J 50 -2.95 17.24 -38.45
C ILE J 50 -2.74 18.30 -39.51
N GLU J 51 -2.35 19.50 -39.09
CA GLU J 51 -2.14 20.59 -40.01
C GLU J 51 -1.03 20.22 -40.98
N GLY J 52 -0.09 19.41 -40.50
CA GLY J 52 1.06 19.00 -41.31
C GLY J 52 0.69 17.97 -42.38
N VAL J 53 -0.29 17.13 -42.11
CA VAL J 53 -0.73 16.13 -43.08
C VAL J 53 -1.11 16.80 -44.40
N PRO J 54 -0.49 16.42 -45.55
CA PRO J 54 -0.74 17.09 -46.83
C PRO J 54 -2.20 17.08 -47.30
N ARG J 55 -2.92 16.01 -46.94
CA ARG J 55 -4.33 15.90 -47.27
C ARG J 55 -5.15 16.95 -46.52
N THR J 56 -4.82 17.21 -45.25
CA THR J 56 -5.49 18.23 -44.46
C THR J 56 -5.35 19.57 -45.15
N ARG J 57 -4.18 19.84 -45.74
CA ARG J 57 -3.95 21.13 -46.33
C ARG J 57 -4.74 21.22 -47.62
N GLN J 58 -4.60 20.17 -48.43
CA GLN J 58 -5.24 20.07 -49.74
C GLN J 58 -6.77 20.20 -49.61
N ASP J 59 -7.36 19.51 -48.64
CA ASP J 59 -8.81 19.33 -48.55
C ASP J 59 -9.48 20.33 -47.61
N ILE J 60 -8.78 20.80 -46.56
CA ILE J 60 -9.43 21.69 -45.60
C ILE J 60 -8.78 23.07 -45.66
N LEU J 61 -7.51 23.12 -45.30
CA LEU J 61 -6.88 24.38 -44.90
C LEU J 61 -6.71 25.33 -46.08
N SER J 62 -6.46 24.81 -47.28
CA SER J 62 -6.18 25.67 -48.43
C SER J 62 -7.48 26.27 -48.99
N LYS J 63 -8.63 25.76 -48.53
CA LYS J 63 -9.94 26.17 -49.01
C LYS J 63 -10.50 27.35 -48.20
N ILE J 64 -9.93 27.60 -47.01
CA ILE J 64 -10.32 28.74 -46.17
C ILE J 64 -10.02 30.03 -46.93
N PRO J 65 -10.99 30.97 -47.04
CA PRO J 65 -10.81 32.22 -47.78
C PRO J 65 -9.75 33.14 -47.17
N ILE J 66 -8.92 33.75 -48.04
CA ILE J 66 -7.88 34.71 -47.68
C ILE J 66 -6.66 33.99 -47.10
N ILE J 67 -6.87 33.37 -45.94
CA ILE J 67 -5.89 32.67 -45.12
C ILE J 67 -5.34 31.45 -45.88
N GLY J 68 -6.17 30.88 -46.76
CA GLY J 68 -5.94 29.56 -47.36
C GLY J 68 -4.71 29.46 -48.24
N GLU J 69 -4.16 30.60 -48.67
CA GLU J 69 -3.02 30.56 -49.57
C GLU J 69 -1.75 30.23 -48.79
N HIS J 70 -1.82 30.33 -47.45
CA HIS J 70 -0.71 29.97 -46.59
C HIS J 70 -0.30 28.52 -46.83
N TRP J 71 -1.25 27.69 -47.28
CA TRP J 71 -1.02 26.25 -47.38
C TRP J 71 -0.90 25.78 -48.83
N ILE J 72 -0.93 26.71 -49.78
CA ILE J 72 -0.70 26.36 -51.17
C ILE J 72 0.74 26.73 -51.49
N ARG J 73 1.63 25.75 -51.36
CA ARG J 73 3.05 25.96 -51.57
C ARG J 73 3.61 24.87 -52.49
N GLU J 74 4.30 25.31 -53.56
CA GLU J 74 4.91 24.42 -54.53
C GLU J 74 6.43 24.48 -54.42
N ILE J 75 7.04 23.29 -54.38
CA ILE J 75 8.47 23.14 -54.61
C ILE J 75 8.71 23.37 -56.10
N PRO J 76 9.64 24.28 -56.49
CA PRO J 76 9.96 24.49 -57.91
C PRO J 76 10.50 23.19 -58.50
N ALA J 77 10.13 22.89 -59.75
CA ALA J 77 10.44 21.60 -60.36
C ALA J 77 11.95 21.39 -60.50
N SER J 78 12.71 22.50 -60.50
CA SER J 78 14.15 22.53 -60.61
C SER J 78 14.82 22.09 -59.31
N ASP J 79 14.07 22.09 -58.20
CA ASP J 79 14.63 21.86 -56.87
C ASP J 79 14.09 20.56 -56.28
N ASN J 80 13.43 19.76 -57.11
CA ASN J 80 12.72 18.59 -56.63
C ASN J 80 13.36 17.35 -57.22
N PRO J 81 14.06 16.52 -56.41
CA PRO J 81 14.72 15.34 -56.95
C PRO J 81 13.71 14.27 -57.35
N PHE J 82 12.56 14.28 -56.67
CA PHE J 82 11.51 13.30 -56.92
C PHE J 82 10.50 13.90 -57.91
N MET K 1 6.39 -7.68 14.35
CA MET K 1 5.85 -7.87 12.92
C MET K 1 6.87 -8.54 11.99
N ALA K 2 6.37 -9.51 11.20
CA ALA K 2 7.17 -10.29 10.27
C ALA K 2 7.67 -9.39 9.15
N LEU K 3 8.91 -9.63 8.73
CA LEU K 3 9.53 -8.90 7.64
C LEU K 3 8.67 -8.81 6.38
N ARG K 4 8.03 -9.92 5.98
CA ARG K 4 7.25 -9.89 4.75
C ARG K 4 6.12 -8.87 4.83
N LYS K 5 5.74 -8.43 6.04
CA LYS K 5 4.64 -7.48 6.16
C LYS K 5 5.18 -6.09 6.44
N LYS K 6 6.35 -6.03 7.08
CA LYS K 6 6.96 -4.79 7.57
C LYS K 6 7.57 -4.03 6.40
N ASN K 7 8.39 -4.72 5.61
CA ASN K 7 9.12 -4.12 4.51
C ASN K 7 8.18 -3.83 3.35
N SER K 8 8.19 -2.60 2.83
CA SER K 8 7.25 -2.14 1.81
C SER K 8 7.35 -2.95 0.53
N LEU K 9 8.58 -3.24 0.10
CA LEU K 9 8.74 -3.97 -1.14
C LEU K 9 8.23 -5.40 -0.97
N LEU K 10 8.75 -6.10 0.04
CA LEU K 10 8.33 -7.46 0.31
C LEU K 10 6.82 -7.53 0.49
N ASN K 11 6.27 -6.52 1.15
CA ASN K 11 4.86 -6.51 1.43
C ASN K 11 4.04 -6.52 0.14
N MET K 12 4.54 -5.90 -0.92
CA MET K 12 3.76 -5.92 -2.15
C MET K 12 3.73 -7.32 -2.72
N ALA K 13 4.87 -8.02 -2.74
CA ALA K 13 4.85 -9.41 -3.19
C ALA K 13 3.93 -10.22 -2.30
N ASN K 14 4.10 -10.07 -0.98
CA ASN K 14 3.31 -10.77 0.01
C ASN K 14 1.81 -10.63 -0.28
N SER K 15 1.35 -9.40 -0.52
CA SER K 15 -0.07 -9.13 -0.70
C SER K 15 -0.61 -9.79 -1.96
N TYR K 16 0.24 -10.16 -2.91
CA TYR K 16 -0.26 -10.67 -4.18
C TYR K 16 -0.05 -12.16 -4.29
N VAL K 17 1.00 -12.69 -3.67
CA VAL K 17 1.31 -14.07 -4.02
C VAL K 17 1.39 -14.94 -2.78
N LEU K 18 1.32 -14.35 -1.60
CA LEU K 18 1.53 -15.21 -0.45
C LEU K 18 0.38 -15.09 0.55
N ASP K 19 0.23 -13.96 1.24
CA ASP K 19 -0.89 -13.81 2.15
C ASP K 19 -2.18 -13.41 1.44
N SER K 20 -2.16 -13.25 0.12
CA SER K 20 -3.37 -12.81 -0.56
C SER K 20 -4.57 -13.69 -0.14
N PRO K 21 -5.68 -13.18 0.41
CA PRO K 21 -6.79 -14.08 0.78
C PRO K 21 -7.63 -14.49 -0.42
N GLN K 22 -7.71 -15.79 -0.67
CA GLN K 22 -8.45 -16.29 -1.82
C GLN K 22 -9.68 -17.06 -1.36
N PRO K 23 -10.74 -17.16 -2.17
CA PRO K 23 -11.86 -18.04 -1.81
C PRO K 23 -11.32 -19.46 -1.67
N SER K 24 -11.94 -20.28 -0.82
CA SER K 24 -11.35 -21.60 -0.64
C SER K 24 -11.83 -22.58 -1.72
N ASN K 25 -12.75 -22.17 -2.59
CA ASN K 25 -13.35 -23.12 -3.49
C ASN K 25 -13.09 -22.79 -4.96
N LEU K 26 -11.94 -22.18 -5.32
CA LEU K 26 -11.68 -21.95 -6.73
C LEU K 26 -11.46 -23.30 -7.41
N ASN K 27 -12.03 -23.49 -8.61
CA ASN K 27 -11.84 -24.74 -9.33
C ASN K 27 -10.71 -24.60 -10.34
N TYR K 28 -10.48 -25.59 -11.22
CA TYR K 28 -9.30 -25.56 -12.06
C TYR K 28 -9.35 -24.45 -13.10
N PHE K 29 -10.53 -23.94 -13.41
CA PHE K 29 -10.57 -22.84 -14.34
C PHE K 29 -10.00 -21.54 -13.78
N TRP K 30 -9.71 -21.50 -12.48
CA TRP K 30 -9.02 -20.32 -11.97
C TRP K 30 -7.52 -20.45 -12.18
N ASN K 31 -7.10 -21.49 -12.89
CA ASN K 31 -5.66 -21.63 -13.03
C ASN K 31 -5.16 -21.03 -14.34
N PHE K 32 -6.05 -20.60 -15.25
CA PHE K 32 -5.55 -20.01 -16.48
C PHE K 32 -4.82 -18.70 -16.28
N GLY K 33 -5.17 -17.92 -15.25
CA GLY K 33 -4.44 -16.72 -14.94
C GLY K 33 -2.94 -16.98 -14.78
N SER K 34 -2.58 -18.00 -13.98
CA SER K 34 -1.16 -18.29 -13.83
C SER K 34 -0.59 -18.91 -15.09
N LEU K 35 -1.38 -19.68 -15.85
CA LEU K 35 -0.80 -20.15 -17.10
C LEU K 35 -0.51 -18.97 -18.02
N LEU K 36 -1.40 -18.00 -18.09
CA LEU K 36 -1.13 -16.86 -18.94
C LEU K 36 0.11 -16.12 -18.46
N ALA K 37 0.34 -16.05 -17.15
CA ALA K 37 1.58 -15.48 -16.66
C ALA K 37 2.79 -16.30 -17.13
N LEU K 38 2.69 -17.63 -17.05
CA LEU K 38 3.74 -18.49 -17.55
C LEU K 38 3.99 -18.33 -19.06
N CYS K 39 2.93 -18.27 -19.86
CA CYS K 39 3.09 -18.02 -21.30
C CYS K 39 3.81 -16.70 -21.50
N LEU K 40 3.42 -15.69 -20.75
CA LEU K 40 4.04 -14.40 -20.97
C LEU K 40 5.51 -14.48 -20.63
N VAL K 41 5.88 -15.17 -19.57
CA VAL K 41 7.29 -15.33 -19.29
C VAL K 41 8.00 -16.16 -20.35
N ILE K 42 7.43 -17.27 -20.81
CA ILE K 42 8.11 -18.03 -21.86
C ILE K 42 8.30 -17.18 -23.12
N GLN K 43 7.27 -16.43 -23.52
CA GLN K 43 7.39 -15.56 -24.67
C GLN K 43 8.44 -14.49 -24.44
N LEU K 44 8.57 -13.94 -23.23
CA LEU K 44 9.64 -12.97 -23.08
C LEU K 44 11.00 -13.65 -23.20
N ALA K 45 11.18 -14.80 -22.57
CA ALA K 45 12.49 -15.43 -22.59
C ALA K 45 12.82 -15.91 -24.00
N THR K 46 11.88 -16.59 -24.65
CA THR K 46 12.22 -17.04 -25.99
C THR K 46 12.33 -15.86 -26.94
N GLY K 47 11.45 -14.87 -26.76
CA GLY K 47 11.45 -13.74 -27.67
C GLY K 47 12.74 -12.94 -27.61
N ILE K 48 13.21 -12.65 -26.40
CA ILE K 48 14.46 -11.91 -26.28
C ILE K 48 15.58 -12.75 -26.86
N THR K 49 15.57 -14.06 -26.63
CA THR K 49 16.58 -14.89 -27.25
C THR K 49 16.53 -14.85 -28.78
N LEU K 50 15.34 -14.94 -29.38
CA LEU K 50 15.30 -14.87 -30.82
C LEU K 50 15.79 -13.52 -31.30
N ALA K 51 15.46 -12.44 -30.57
CA ALA K 51 15.92 -11.13 -30.99
C ALA K 51 17.44 -11.07 -31.02
N MET K 52 18.13 -11.89 -30.24
CA MET K 52 19.58 -11.88 -30.33
C MET K 52 20.09 -12.56 -31.59
N HIS K 53 19.21 -13.16 -32.39
CA HIS K 53 19.68 -13.88 -33.55
C HIS K 53 18.99 -13.41 -34.81
N TYR K 54 18.02 -12.52 -34.67
CA TYR K 54 17.16 -12.24 -35.81
C TYR K 54 17.65 -10.95 -36.46
N THR K 55 17.47 -10.81 -37.77
CA THR K 55 17.87 -9.55 -38.35
C THR K 55 16.63 -8.94 -38.96
N SER K 56 16.37 -7.66 -38.71
CA SER K 56 15.07 -7.12 -39.04
C SER K 56 15.02 -6.64 -40.49
N HIS K 57 16.17 -6.55 -41.15
CA HIS K 57 16.19 -6.17 -42.55
C HIS K 57 15.46 -7.18 -43.44
N ALA K 58 14.61 -6.70 -44.35
CA ALA K 58 13.84 -7.59 -45.22
C ALA K 58 14.71 -8.47 -46.13
N SER K 59 15.96 -8.07 -46.37
CA SER K 59 16.78 -8.90 -47.24
C SER K 59 17.33 -10.11 -46.49
N LEU K 60 17.21 -10.09 -45.16
CA LEU K 60 17.92 -11.03 -44.32
C LEU K 60 17.03 -11.70 -43.29
N ALA K 61 15.78 -11.23 -43.14
CA ALA K 61 14.93 -11.68 -42.05
C ALA K 61 14.67 -13.17 -42.16
N PHE K 62 14.14 -13.57 -43.32
CA PHE K 62 13.78 -14.96 -43.54
C PHE K 62 15.00 -15.84 -43.33
N ASP K 63 16.13 -15.40 -43.86
CA ASP K 63 17.35 -16.17 -43.70
C ASP K 63 17.79 -16.20 -42.25
N SER K 64 17.50 -15.15 -41.47
CA SER K 64 17.95 -15.16 -40.08
C SER K 64 17.12 -16.18 -39.32
N VAL K 65 15.89 -16.37 -39.77
CA VAL K 65 15.09 -17.35 -39.08
C VAL K 65 15.56 -18.75 -39.45
N GLU K 66 16.02 -18.94 -40.68
CA GLU K 66 16.62 -20.22 -41.02
C GLU K 66 17.93 -20.44 -40.26
N HIS K 67 18.69 -19.38 -40.03
CA HIS K 67 19.90 -19.49 -39.25
C HIS K 67 19.59 -19.95 -37.83
N ILE K 68 18.54 -19.39 -37.25
CA ILE K 68 18.12 -19.80 -35.93
C ILE K 68 17.78 -21.30 -35.95
N MET K 69 16.97 -21.73 -36.89
CA MET K 69 16.59 -23.13 -36.99
C MET K 69 17.80 -24.04 -37.20
N ARG K 70 18.79 -23.61 -38.01
CA ARG K 70 19.80 -24.56 -38.47
C ARG K 70 21.14 -24.45 -37.75
N ASP K 71 21.54 -23.26 -37.29
CA ASP K 71 22.90 -23.04 -36.81
C ASP K 71 22.96 -22.78 -35.31
N VAL K 72 22.00 -22.04 -34.76
CA VAL K 72 22.05 -21.69 -33.35
C VAL K 72 21.79 -22.94 -32.52
N ASN K 73 22.58 -23.15 -31.47
CA ASN K 73 22.41 -24.30 -30.59
C ASN K 73 21.04 -24.23 -29.92
N PHE K 74 20.22 -25.28 -30.08
CA PHE K 74 18.85 -25.26 -29.58
C PHE K 74 17.99 -24.19 -30.23
N GLY K 75 18.45 -23.67 -31.37
CA GLY K 75 17.67 -22.62 -31.98
C GLY K 75 16.29 -23.14 -32.36
N TRP K 76 16.24 -24.39 -32.84
CA TRP K 76 14.98 -24.94 -33.27
C TRP K 76 14.01 -24.89 -32.10
N PHE K 77 14.51 -25.14 -30.90
CA PHE K 77 13.63 -25.26 -29.75
C PHE K 77 13.09 -23.87 -29.41
N ILE K 78 13.99 -22.90 -29.36
CA ILE K 78 13.60 -21.56 -29.02
C ILE K 78 12.61 -21.05 -30.06
N ARG K 79 12.85 -21.31 -31.34
CA ARG K 79 11.91 -20.83 -32.33
C ARG K 79 10.56 -21.53 -32.17
N TYR K 80 10.54 -22.86 -32.11
CA TYR K 80 9.26 -23.55 -32.01
C TYR K 80 8.56 -23.26 -30.69
N ALA K 81 9.30 -23.16 -29.59
CA ALA K 81 8.68 -22.77 -28.34
C ALA K 81 7.98 -21.43 -28.52
N HIS K 82 8.63 -20.47 -29.18
CA HIS K 82 8.05 -19.15 -29.25
C HIS K 82 6.80 -19.21 -30.09
N ALA K 83 6.86 -19.94 -31.20
CA ALA K 83 5.73 -19.98 -32.12
C ALA K 83 4.55 -20.73 -31.52
N ASN K 84 4.82 -21.83 -30.81
CA ASN K 84 3.75 -22.64 -30.26
C ASN K 84 3.14 -21.99 -29.03
N THR K 85 3.98 -21.41 -28.18
CA THR K 85 3.46 -20.75 -27.01
C THR K 85 2.54 -19.61 -27.43
N ALA K 86 2.77 -19.01 -28.60
CA ALA K 86 1.79 -18.03 -29.03
C ALA K 86 0.41 -18.66 -29.20
N SER K 87 0.31 -19.91 -29.67
CA SER K 87 -1.00 -20.55 -29.77
C SER K 87 -1.52 -20.90 -28.38
N PHE K 88 -0.66 -21.39 -27.50
CA PHE K 88 -1.10 -21.72 -26.16
C PHE K 88 -1.54 -20.47 -25.40
N PHE K 89 -0.88 -19.33 -25.65
CA PHE K 89 -1.32 -18.09 -25.04
C PHE K 89 -2.77 -17.83 -25.42
N PHE K 90 -3.15 -18.12 -26.66
CA PHE K 90 -4.54 -17.85 -27.02
C PHE K 90 -5.50 -18.92 -26.52
N ILE K 91 -5.05 -20.16 -26.40
CA ILE K 91 -5.93 -21.13 -25.79
C ILE K 91 -6.18 -20.71 -24.34
N CYS K 92 -5.13 -20.38 -23.60
CA CYS K 92 -5.33 -19.97 -22.23
C CYS K 92 -6.15 -18.69 -22.13
N ILE K 93 -6.03 -17.77 -23.10
CA ILE K 93 -6.70 -16.49 -22.94
C ILE K 93 -8.18 -16.65 -23.22
N TYR K 94 -8.50 -17.52 -24.19
CA TYR K 94 -9.89 -17.79 -24.47
C TYR K 94 -10.51 -18.50 -23.28
N ALA K 95 -9.78 -19.41 -22.65
CA ALA K 95 -10.27 -20.13 -21.50
C ALA K 95 -10.49 -19.17 -20.33
N HIS K 96 -9.53 -18.27 -20.09
CA HIS K 96 -9.64 -17.31 -19.02
C HIS K 96 -10.82 -16.38 -19.27
N MET K 97 -10.98 -15.88 -20.49
CA MET K 97 -12.17 -15.11 -20.84
C MET K 97 -13.47 -15.91 -20.70
N GLY K 98 -13.46 -17.17 -21.14
CA GLY K 98 -14.62 -18.04 -21.01
C GLY K 98 -15.03 -18.20 -19.54
N ARG K 99 -14.04 -18.44 -18.68
CA ARG K 99 -14.26 -18.57 -17.26
C ARG K 99 -14.92 -17.29 -16.78
N ASN K 100 -14.37 -16.15 -17.17
CA ASN K 100 -14.91 -14.89 -16.69
C ASN K 100 -16.34 -14.67 -17.13
N ILE K 101 -16.69 -15.08 -18.35
CA ILE K 101 -18.05 -14.85 -18.80
C ILE K 101 -19.02 -15.80 -18.10
N TYR K 102 -18.65 -17.06 -17.99
CA TYR K 102 -19.53 -18.04 -17.39
C TYR K 102 -19.78 -17.73 -15.92
N TYR K 103 -18.77 -17.30 -15.20
CA TYR K 103 -18.96 -17.10 -13.77
C TYR K 103 -19.25 -15.66 -13.42
N GLY K 104 -19.48 -14.80 -14.42
CA GLY K 104 -19.96 -13.46 -14.13
C GLY K 104 -18.86 -12.59 -13.51
N SER K 105 -17.61 -12.90 -13.80
CA SER K 105 -16.50 -12.12 -13.28
C SER K 105 -16.55 -10.70 -13.81
N TYR K 106 -17.36 -10.43 -14.84
CA TYR K 106 -17.39 -9.06 -15.32
C TYR K 106 -18.35 -8.20 -14.50
N LYS K 107 -19.18 -8.76 -13.61
CA LYS K 107 -20.15 -7.94 -12.89
C LYS K 107 -19.47 -7.12 -11.80
N THR K 108 -20.17 -6.08 -11.34
CA THR K 108 -19.77 -5.35 -10.15
C THR K 108 -19.45 -6.35 -9.04
N PRO K 109 -18.41 -6.13 -8.23
CA PRO K 109 -17.52 -4.97 -8.35
C PRO K 109 -16.26 -5.24 -9.17
N ARG K 110 -16.36 -6.02 -10.23
CA ARG K 110 -15.14 -6.31 -10.96
C ARG K 110 -15.18 -5.79 -12.39
N VAL K 111 -15.91 -4.70 -12.64
CA VAL K 111 -15.99 -4.17 -13.98
C VAL K 111 -14.63 -3.65 -14.43
N LEU K 112 -13.86 -3.06 -13.52
CA LEU K 112 -12.61 -2.45 -13.98
C LEU K 112 -11.58 -3.51 -14.38
N PRO K 113 -11.27 -4.57 -13.59
CA PRO K 113 -10.36 -5.60 -14.07
C PRO K 113 -10.87 -6.18 -15.39
N TRP K 114 -12.17 -6.31 -15.57
CA TRP K 114 -12.67 -6.88 -16.81
C TRP K 114 -12.39 -5.96 -17.98
N SER K 115 -12.63 -4.67 -17.80
CA SER K 115 -12.47 -3.73 -18.88
C SER K 115 -11.01 -3.57 -19.27
N ILE K 116 -10.11 -3.57 -18.27
CA ILE K 116 -8.70 -3.57 -18.63
C ILE K 116 -8.36 -4.86 -19.35
N GLY K 117 -8.97 -5.96 -18.92
CA GLY K 117 -8.71 -7.23 -19.57
C GLY K 117 -9.06 -7.17 -21.06
N VAL K 118 -10.12 -6.45 -21.41
CA VAL K 118 -10.49 -6.42 -22.82
C VAL K 118 -9.39 -5.74 -23.61
N ILE K 119 -8.70 -4.80 -22.98
CA ILE K 119 -7.62 -4.16 -23.68
C ILE K 119 -6.41 -5.07 -23.77
N ILE K 120 -6.14 -5.85 -22.72
CA ILE K 120 -5.06 -6.82 -22.78
C ILE K 120 -5.29 -7.71 -24.00
N PHE K 121 -6.54 -8.10 -24.23
CA PHE K 121 -6.84 -9.01 -25.31
C PHE K 121 -6.54 -8.36 -26.66
N LEU K 122 -6.90 -7.09 -26.83
CA LEU K 122 -6.51 -6.37 -28.03
C LEU K 122 -5.00 -6.27 -28.20
N LEU K 123 -4.28 -5.94 -27.14
CA LEU K 123 -2.84 -5.86 -27.28
C LEU K 123 -2.24 -7.21 -27.65
N LEU K 124 -2.81 -8.30 -27.13
CA LEU K 124 -2.25 -9.60 -27.45
C LEU K 124 -2.45 -9.87 -28.94
N ILE K 125 -3.60 -9.49 -29.50
CA ILE K 125 -3.84 -9.72 -30.91
C ILE K 125 -2.81 -8.96 -31.74
N ILE K 126 -2.60 -7.69 -31.43
CA ILE K 126 -1.67 -6.87 -32.18
C ILE K 126 -0.26 -7.44 -32.03
N THR K 127 0.13 -7.79 -30.80
CA THR K 127 1.45 -8.36 -30.59
C THR K 127 1.63 -9.57 -31.48
N ALA K 128 0.68 -10.50 -31.46
CA ALA K 128 0.85 -11.75 -32.18
C ALA K 128 0.83 -11.49 -33.68
N PHE K 129 0.06 -10.49 -34.12
CA PHE K 129 0.01 -10.25 -35.54
C PHE K 129 1.36 -9.71 -36.03
N MET K 130 1.93 -8.76 -35.29
CA MET K 130 3.22 -8.23 -35.70
C MET K 130 4.29 -9.30 -35.68
N GLY K 131 4.24 -10.20 -34.68
CA GLY K 131 5.28 -11.22 -34.60
C GLY K 131 5.24 -12.10 -35.84
N TYR K 132 4.04 -12.36 -36.34
CA TYR K 132 3.86 -13.24 -37.47
C TYR K 132 4.53 -12.65 -38.71
N VAL K 133 4.50 -11.32 -38.84
CA VAL K 133 5.09 -10.65 -39.99
C VAL K 133 6.62 -10.77 -39.98
N LEU K 134 7.23 -10.95 -38.81
CA LEU K 134 8.68 -10.84 -38.75
C LEU K 134 9.38 -11.94 -39.53
N VAL K 135 8.70 -13.04 -39.78
CA VAL K 135 9.34 -14.13 -40.48
C VAL K 135 9.64 -13.71 -41.91
N PHE K 136 8.76 -12.89 -42.46
CA PHE K 136 8.81 -12.44 -43.84
C PHE K 136 8.74 -13.60 -44.83
N GLY K 137 7.89 -14.57 -44.49
CA GLY K 137 7.50 -15.59 -45.45
C GLY K 137 6.27 -15.13 -46.23
N GLN K 138 5.64 -16.02 -47.00
CA GLN K 138 4.53 -15.59 -47.81
C GLN K 138 3.34 -15.22 -46.94
N MET K 139 3.12 -15.95 -45.84
CA MET K 139 1.98 -15.58 -45.02
C MET K 139 2.25 -14.27 -44.31
N SER K 140 3.51 -14.06 -43.92
CA SER K 140 3.89 -12.80 -43.29
C SER K 140 3.53 -11.63 -44.18
N LEU K 141 3.89 -11.71 -45.45
CA LEU K 141 3.74 -10.55 -46.30
C LEU K 141 2.27 -10.32 -46.58
N TRP K 142 1.61 -11.41 -46.95
CA TRP K 142 0.26 -11.26 -47.44
C TRP K 142 -0.66 -10.93 -46.28
N GLY K 143 -0.33 -11.42 -45.09
CA GLY K 143 -0.97 -10.97 -43.86
C GLY K 143 -0.86 -9.46 -43.67
N ALA K 144 0.36 -8.93 -43.70
CA ALA K 144 0.52 -7.51 -43.45
C ALA K 144 -0.19 -6.71 -44.54
N THR K 145 -0.17 -7.18 -45.79
CA THR K 145 -0.80 -6.44 -46.87
C THR K 145 -2.30 -6.30 -46.60
N VAL K 146 -2.94 -7.42 -46.29
CA VAL K 146 -4.38 -7.38 -46.31
C VAL K 146 -4.86 -6.71 -45.05
N ILE K 147 -4.12 -6.93 -43.96
CA ILE K 147 -4.64 -6.43 -42.73
C ILE K 147 -4.43 -4.93 -42.67
N CYS K 148 -3.31 -4.47 -43.22
CA CYS K 148 -3.10 -3.04 -43.14
C CYS K 148 -3.95 -2.34 -44.21
N ASN K 149 -4.38 -3.02 -45.26
CA ASN K 149 -5.33 -2.38 -46.17
C ASN K 149 -6.75 -2.24 -45.64
N LEU K 150 -7.10 -2.87 -44.51
CA LEU K 150 -8.38 -2.63 -43.85
C LEU K 150 -8.48 -1.22 -43.32
N VAL K 151 -7.33 -0.68 -42.88
CA VAL K 151 -7.18 0.68 -42.39
C VAL K 151 -7.54 1.67 -43.49
N SER K 152 -7.37 1.27 -44.76
CA SER K 152 -7.78 2.09 -45.89
C SER K 152 -9.26 2.41 -45.88
N ALA K 153 -10.04 1.70 -45.06
CA ALA K 153 -11.48 1.88 -45.07
C ALA K 153 -11.89 3.05 -44.17
N ILE K 154 -11.05 3.39 -43.18
CA ILE K 154 -11.19 4.65 -42.46
C ILE K 154 -11.38 5.76 -43.49
N PRO K 155 -12.47 6.56 -43.42
CA PRO K 155 -12.76 7.50 -44.49
C PRO K 155 -11.76 8.67 -44.47
N TRP K 156 -11.48 9.20 -45.66
CA TRP K 156 -10.71 10.42 -45.86
C TRP K 156 -9.21 10.19 -45.65
N LEU K 157 -8.81 9.72 -44.46
CA LEU K 157 -7.41 9.62 -44.11
C LEU K 157 -6.85 8.21 -44.19
N GLY K 158 -7.72 7.23 -44.42
CA GLY K 158 -7.36 5.83 -44.36
C GLY K 158 -6.14 5.46 -45.17
N GLU K 159 -6.09 5.85 -46.45
CA GLU K 159 -4.99 5.50 -47.33
C GLU K 159 -3.68 6.06 -46.79
N ASP K 160 -3.73 7.33 -46.37
CA ASP K 160 -2.60 8.05 -45.83
C ASP K 160 -2.07 7.33 -44.60
N ILE K 161 -2.98 6.83 -43.77
CA ILE K 161 -2.56 6.18 -42.55
C ILE K 161 -1.83 4.89 -42.90
N VAL K 162 -2.33 4.16 -43.91
CA VAL K 162 -1.72 2.90 -44.28
C VAL K 162 -0.28 3.15 -44.72
N HIS K 163 -0.09 4.10 -45.62
CA HIS K 163 1.23 4.39 -46.12
C HIS K 163 2.15 4.82 -45.00
N PHE K 164 1.60 5.51 -44.00
CA PHE K 164 2.37 5.93 -42.87
C PHE K 164 2.81 4.73 -42.03
N LEU K 165 1.91 3.77 -41.82
CA LEU K 165 2.28 2.60 -41.04
C LEU K 165 3.28 1.72 -41.78
N TRP K 166 3.13 1.58 -43.10
CA TRP K 166 4.04 0.77 -43.87
C TRP K 166 5.40 1.42 -44.01
N GLY K 167 5.41 2.75 -43.97
CA GLY K 167 6.63 3.50 -44.21
C GLY K 167 6.97 3.50 -45.70
N GLY K 168 5.96 3.42 -46.55
CA GLY K 168 6.22 3.37 -47.98
C GLY K 168 4.93 3.04 -48.72
N PHE K 169 5.04 2.51 -49.92
CA PHE K 169 3.81 2.33 -50.70
C PHE K 169 3.36 0.88 -50.72
N SER K 170 4.12 0.01 -50.08
CA SER K 170 3.80 -1.40 -50.01
C SER K 170 4.46 -1.95 -48.76
N VAL K 171 4.11 -3.18 -48.40
CA VAL K 171 4.84 -3.82 -47.32
C VAL K 171 6.22 -4.19 -47.84
N GLY K 172 7.23 -3.72 -47.11
CA GLY K 172 8.61 -3.91 -47.49
C GLY K 172 9.52 -3.73 -46.28
N ASN K 173 10.78 -3.40 -46.53
CA ASN K 173 11.75 -3.35 -45.45
C ASN K 173 11.33 -2.38 -44.34
N PRO K 174 10.87 -1.15 -44.63
CA PRO K 174 10.48 -0.25 -43.55
C PRO K 174 9.44 -0.88 -42.63
N THR K 175 8.56 -1.67 -43.23
CA THR K 175 7.44 -2.20 -42.48
C THR K 175 7.98 -3.24 -41.52
N LEU K 176 8.90 -4.04 -42.06
CA LEU K 176 9.46 -5.12 -41.31
C LEU K 176 10.25 -4.59 -40.13
N GLN K 177 11.09 -3.58 -40.36
CA GLN K 177 11.86 -3.05 -39.26
C GLN K 177 10.98 -2.42 -38.20
N ARG K 178 9.92 -1.73 -38.59
CA ARG K 178 9.14 -1.13 -37.54
C ARG K 178 8.30 -2.17 -36.81
N PHE K 179 7.89 -3.23 -37.50
CA PHE K 179 7.17 -4.28 -36.78
C PHE K 179 8.10 -5.00 -35.82
N PHE K 180 9.37 -5.09 -36.16
CA PHE K 180 10.26 -5.73 -35.20
C PHE K 180 10.31 -4.90 -33.93
N ALA K 181 10.52 -3.58 -34.06
CA ALA K 181 10.67 -2.75 -32.87
C ALA K 181 9.38 -2.79 -32.08
N LEU K 182 8.23 -2.75 -32.75
CA LEU K 182 6.99 -2.75 -32.01
C LEU K 182 6.68 -4.11 -31.39
N HIS K 183 7.01 -5.18 -32.10
CA HIS K 183 6.75 -6.48 -31.55
C HIS K 183 7.60 -6.67 -30.31
N TYR K 184 8.81 -6.11 -30.30
CA TYR K 184 9.60 -6.22 -29.09
C TYR K 184 8.92 -5.48 -27.93
N LEU K 185 8.36 -4.31 -28.22
CA LEU K 185 7.86 -3.43 -27.18
C LEU K 185 6.52 -3.91 -26.63
N MET K 186 5.61 -4.30 -27.52
CA MET K 186 4.24 -4.55 -27.14
C MET K 186 4.09 -5.54 -25.98
N PRO K 187 4.83 -6.66 -25.90
CA PRO K 187 4.78 -7.53 -24.74
C PRO K 187 5.09 -6.86 -23.42
N PHE K 188 5.90 -5.81 -23.43
CA PHE K 188 6.13 -5.08 -22.18
C PHE K 188 4.91 -4.25 -21.81
N VAL K 189 4.27 -3.65 -22.80
CA VAL K 189 3.03 -2.93 -22.54
C VAL K 189 1.98 -3.90 -22.02
N LEU K 190 1.91 -5.08 -22.64
CA LEU K 190 0.94 -6.09 -22.28
C LEU K 190 1.15 -6.52 -20.84
N ALA K 191 2.39 -6.75 -20.44
CA ALA K 191 2.71 -7.05 -19.06
C ALA K 191 2.24 -5.95 -18.11
N VAL K 192 2.42 -4.68 -18.48
CA VAL K 192 1.95 -3.64 -17.57
C VAL K 192 0.44 -3.70 -17.43
N PHE K 193 -0.30 -3.86 -18.52
CA PHE K 193 -1.74 -3.91 -18.38
C PHE K 193 -2.19 -5.14 -17.62
N ALA K 194 -1.44 -6.24 -17.77
CA ALA K 194 -1.80 -7.42 -17.02
C ALA K 194 -1.66 -7.11 -15.55
N LEU K 195 -0.61 -6.38 -15.20
CA LEU K 195 -0.43 -6.04 -13.81
C LEU K 195 -1.52 -5.06 -13.35
N LEU K 196 -1.92 -4.11 -14.20
CA LEU K 196 -3.01 -3.22 -13.83
C LEU K 196 -4.32 -3.98 -13.59
N HIS K 197 -4.64 -4.97 -14.41
CA HIS K 197 -5.91 -5.60 -14.12
C HIS K 197 -5.85 -6.37 -12.81
N LEU K 198 -4.66 -6.84 -12.40
CA LEU K 198 -4.58 -7.48 -11.09
C LEU K 198 -4.71 -6.50 -9.94
N ILE K 199 -4.08 -5.34 -10.07
CA ILE K 199 -4.20 -4.36 -9.01
C ILE K 199 -5.66 -3.92 -8.91
N ALA K 200 -6.32 -3.77 -10.05
CA ALA K 200 -7.73 -3.41 -9.98
C ALA K 200 -8.53 -4.51 -9.30
N LEU K 201 -8.17 -5.77 -9.54
CA LEU K 201 -8.93 -6.85 -8.94
C LEU K 201 -8.72 -6.93 -7.43
N HIS K 202 -7.62 -6.37 -6.94
CA HIS K 202 -7.27 -6.61 -5.56
C HIS K 202 -8.28 -6.00 -4.61
N THR K 203 -9.06 -5.03 -5.09
CA THR K 203 -10.04 -4.41 -4.23
C THR K 203 -11.18 -5.36 -3.86
N ALA K 204 -11.58 -6.23 -4.79
CA ALA K 204 -12.70 -7.11 -4.54
C ALA K 204 -12.22 -8.51 -4.22
N GLY K 205 -11.02 -8.84 -4.69
CA GLY K 205 -10.55 -10.21 -4.71
C GLY K 205 -11.22 -11.05 -5.80
N SER K 206 -10.71 -12.28 -5.93
CA SER K 206 -11.26 -13.24 -6.89
C SER K 206 -12.73 -13.50 -6.60
N SER K 207 -13.47 -13.68 -7.69
CA SER K 207 -14.80 -14.24 -7.57
C SER K 207 -14.61 -15.72 -7.32
N ASN K 208 -15.70 -16.49 -7.20
CA ASN K 208 -15.54 -17.92 -7.01
C ASN K 208 -16.67 -18.61 -7.74
N PRO K 209 -16.58 -19.93 -7.96
CA PRO K 209 -17.59 -20.58 -8.77
C PRO K 209 -19.02 -20.58 -8.23
N LEU K 210 -19.25 -20.28 -6.96
CA LEU K 210 -20.64 -20.23 -6.51
C LEU K 210 -21.23 -18.84 -6.71
N GLY K 211 -20.37 -17.84 -6.84
CA GLY K 211 -20.83 -16.50 -7.13
C GLY K 211 -21.27 -15.74 -5.88
N ILE K 212 -21.07 -16.35 -4.71
CA ILE K 212 -21.37 -15.72 -3.43
C ILE K 212 -20.09 -15.07 -2.91
N THR K 213 -20.21 -14.32 -1.81
CA THR K 213 -19.05 -13.77 -1.14
C THR K 213 -18.13 -14.88 -0.63
N SER K 214 -16.83 -14.60 -0.63
CA SER K 214 -15.91 -15.51 -0.01
C SER K 214 -15.34 -14.90 1.26
N ASN K 215 -15.85 -13.72 1.63
CA ASN K 215 -15.34 -13.04 2.81
C ASN K 215 -15.50 -13.88 4.06
N VAL K 216 -16.38 -14.87 4.01
CA VAL K 216 -16.64 -15.70 5.17
C VAL K 216 -15.57 -16.78 5.34
N ASP K 217 -14.82 -17.11 4.28
CA ASP K 217 -13.98 -18.32 4.27
C ASP K 217 -12.81 -18.22 3.29
N LYS K 218 -11.69 -17.67 3.76
CA LYS K 218 -10.60 -17.41 2.85
C LYS K 218 -9.45 -18.38 3.11
N LEU K 219 -8.60 -18.58 2.10
CA LEU K 219 -7.39 -19.38 2.18
C LEU K 219 -6.24 -18.51 1.71
N SER K 220 -5.05 -18.61 2.29
CA SER K 220 -3.89 -17.91 1.75
C SER K 220 -3.59 -18.44 0.35
N MET K 221 -3.17 -17.53 -0.53
CA MET K 221 -2.80 -17.90 -1.88
C MET K 221 -1.69 -18.95 -1.87
N HIS K 222 -0.73 -18.83 -0.94
CA HIS K 222 0.30 -19.84 -0.75
C HIS K 222 0.09 -20.42 0.64
N PRO K 223 0.21 -21.74 0.88
CA PRO K 223 0.57 -22.70 -0.16
C PRO K 223 -0.52 -23.31 -1.03
N TYR K 224 -1.78 -22.97 -0.82
CA TYR K 224 -2.82 -23.78 -1.43
C TYR K 224 -2.90 -23.61 -2.93
N TYR K 225 -2.90 -22.36 -3.38
CA TYR K 225 -3.02 -22.17 -4.80
C TYR K 225 -1.67 -22.28 -5.50
N SER K 226 -0.56 -22.06 -4.79
CA SER K 226 0.75 -22.36 -5.33
C SER K 226 0.84 -23.80 -5.82
N PHE K 227 0.44 -24.74 -4.96
CA PHE K 227 0.57 -26.15 -5.27
C PHE K 227 -0.49 -26.57 -6.28
N LYS K 228 -1.64 -25.90 -6.28
CA LYS K 228 -2.66 -26.26 -7.24
C LYS K 228 -2.26 -25.74 -8.62
N ASP K 229 -1.54 -24.61 -8.67
CA ASP K 229 -1.04 -24.03 -9.91
C ASP K 229 0.01 -24.92 -10.55
N LEU K 230 0.80 -25.63 -9.71
CA LEU K 230 1.77 -26.58 -10.25
C LEU K 230 1.11 -27.68 -11.06
N ILE K 231 -0.06 -28.16 -10.67
CA ILE K 231 -0.63 -29.23 -11.46
C ILE K 231 -0.90 -28.76 -12.87
N THR K 232 -1.49 -27.58 -13.03
CA THR K 232 -1.76 -27.14 -14.39
C THR K 232 -0.49 -26.72 -15.11
N VAL K 233 0.51 -26.21 -14.38
CA VAL K 233 1.77 -25.94 -15.04
C VAL K 233 2.32 -27.22 -15.68
N PHE K 234 2.34 -28.34 -14.94
CA PHE K 234 2.88 -29.56 -15.51
C PHE K 234 1.98 -30.08 -16.61
N ALA K 235 0.66 -29.90 -16.50
CA ALA K 235 -0.22 -30.35 -17.55
C ALA K 235 0.02 -29.51 -18.82
N PHE K 236 0.22 -28.22 -18.64
CA PHE K 236 0.51 -27.33 -19.74
C PHE K 236 1.82 -27.74 -20.40
N LEU K 237 2.87 -27.99 -19.60
CA LEU K 237 4.18 -28.30 -20.15
C LEU K 237 4.17 -29.64 -20.86
N LEU K 238 3.28 -30.55 -20.46
CA LEU K 238 3.13 -31.80 -21.20
C LEU K 238 2.56 -31.53 -22.59
N MET K 239 1.52 -30.70 -22.67
CA MET K 239 0.96 -30.30 -23.95
C MET K 239 2.01 -29.55 -24.77
N PHE K 240 2.73 -28.63 -24.12
CA PHE K 240 3.76 -27.85 -24.79
C PHE K 240 4.78 -28.81 -25.41
N THR K 241 5.24 -29.78 -24.62
CA THR K 241 6.21 -30.77 -25.05
C THR K 241 5.71 -31.57 -26.25
N LEU K 242 4.45 -32.01 -26.24
CA LEU K 242 3.96 -32.75 -27.39
C LEU K 242 3.98 -31.92 -28.67
N PHE K 243 3.73 -30.62 -28.59
CA PHE K 243 3.77 -29.83 -29.80
C PHE K 243 5.21 -29.48 -30.15
N VAL K 244 5.94 -28.91 -29.20
CA VAL K 244 7.27 -28.43 -29.50
C VAL K 244 8.19 -29.55 -29.96
N PHE K 245 8.14 -30.71 -29.32
CA PHE K 245 9.14 -31.72 -29.64
C PHE K 245 8.64 -32.74 -30.65
N PHE K 246 7.32 -32.96 -30.73
CA PHE K 246 6.85 -34.05 -31.55
C PHE K 246 6.10 -33.58 -32.79
N SER K 247 5.48 -32.41 -32.73
CA SER K 247 4.69 -31.96 -33.88
C SER K 247 4.81 -30.44 -34.02
N PRO K 248 6.01 -29.88 -34.20
CA PRO K 248 6.16 -28.44 -34.02
C PRO K 248 5.44 -27.57 -35.03
N ASP K 249 4.95 -28.18 -36.12
CA ASP K 249 4.37 -27.40 -37.20
C ASP K 249 2.87 -27.66 -37.34
N LYS K 250 2.27 -28.40 -36.38
CA LYS K 250 0.88 -28.83 -36.48
C LYS K 250 -0.07 -27.64 -36.48
N LEU K 251 0.29 -26.58 -35.73
CA LEU K 251 -0.65 -25.49 -35.58
C LEU K 251 -0.48 -24.44 -36.66
N GLY K 252 0.55 -24.59 -37.49
CA GLY K 252 0.89 -23.52 -38.42
C GLY K 252 0.59 -23.84 -39.88
N HIS K 253 1.04 -22.90 -40.70
CA HIS K 253 0.75 -22.86 -42.11
C HIS K 253 2.06 -22.95 -42.90
N PRO K 254 2.18 -23.99 -43.73
CA PRO K 254 3.37 -24.19 -44.56
C PRO K 254 3.81 -23.02 -45.40
N ASP K 255 2.87 -22.15 -45.76
CA ASP K 255 3.18 -21.07 -46.68
C ASP K 255 4.17 -20.10 -46.05
N ASN K 256 4.28 -20.11 -44.74
CA ASN K 256 5.26 -19.21 -44.16
C ASN K 256 6.68 -19.75 -44.25
N TYR K 257 6.90 -20.88 -44.92
CA TYR K 257 8.25 -21.33 -45.12
C TYR K 257 8.64 -21.09 -46.56
N ILE K 258 7.81 -20.31 -47.23
CA ILE K 258 8.22 -19.84 -48.54
C ILE K 258 8.61 -18.39 -48.35
N PRO K 259 9.78 -17.91 -48.79
CA PRO K 259 10.09 -16.48 -48.64
C PRO K 259 9.09 -15.56 -49.35
N ALA K 260 8.77 -14.42 -48.70
CA ALA K 260 7.82 -13.44 -49.22
C ALA K 260 8.15 -13.10 -50.68
N ASN K 261 7.11 -13.08 -51.52
CA ASN K 261 7.23 -12.77 -52.93
C ASN K 261 6.06 -11.87 -53.26
N PRO K 262 6.30 -10.57 -53.45
CA PRO K 262 5.19 -9.65 -53.71
C PRO K 262 4.36 -9.92 -54.97
N MET K 263 4.96 -10.67 -55.90
CA MET K 263 4.29 -10.99 -57.15
C MET K 263 3.31 -12.14 -56.93
N VAL K 264 3.84 -13.31 -56.58
CA VAL K 264 3.03 -14.50 -56.33
C VAL K 264 2.14 -14.32 -55.10
N THR K 265 0.82 -14.50 -55.29
CA THR K 265 -0.08 -14.50 -54.16
C THR K 265 -0.31 -15.94 -53.73
N PRO K 266 -0.29 -16.26 -52.43
CA PRO K 266 -0.53 -17.63 -51.99
C PRO K 266 -1.95 -18.07 -52.34
N ALA K 267 -2.15 -19.39 -52.36
CA ALA K 267 -3.45 -20.01 -52.58
C ALA K 267 -4.53 -19.37 -51.71
N SER K 268 -4.29 -19.36 -50.39
CA SER K 268 -5.25 -18.84 -49.42
C SER K 268 -4.58 -18.06 -48.30
N ILE K 269 -4.94 -16.77 -48.20
CA ILE K 269 -4.60 -15.92 -47.07
C ILE K 269 -5.64 -16.20 -45.99
N VAL K 270 -5.28 -17.07 -45.03
CA VAL K 270 -6.04 -17.22 -43.81
C VAL K 270 -5.15 -16.87 -42.64
N PRO K 271 -5.68 -16.18 -41.63
CA PRO K 271 -4.89 -15.87 -40.45
C PRO K 271 -4.58 -17.13 -39.63
N GLU K 272 -3.76 -16.93 -38.60
CA GLU K 272 -3.52 -17.91 -37.57
C GLU K 272 -4.85 -18.28 -36.93
N TRP K 273 -4.96 -19.54 -36.51
CA TRP K 273 -6.23 -20.08 -36.05
C TRP K 273 -6.92 -19.16 -35.04
N TYR K 274 -6.16 -18.53 -34.13
CA TYR K 274 -6.79 -17.82 -33.02
C TYR K 274 -7.44 -16.53 -33.49
N LEU K 275 -7.14 -16.08 -34.71
CA LEU K 275 -7.80 -14.88 -35.19
C LEU K 275 -9.01 -15.24 -36.04
N LEU K 276 -9.25 -16.53 -36.25
CA LEU K 276 -10.18 -16.89 -37.30
C LEU K 276 -11.61 -16.44 -37.03
N PRO K 277 -12.13 -16.46 -35.78
CA PRO K 277 -13.51 -16.04 -35.57
C PRO K 277 -13.73 -14.59 -35.97
N PHE K 278 -12.75 -13.72 -35.69
CA PHE K 278 -12.91 -12.31 -36.01
C PHE K 278 -12.85 -12.12 -37.53
N TYR K 279 -12.10 -12.99 -38.19
CA TYR K 279 -12.01 -12.93 -39.62
C TYR K 279 -13.35 -13.34 -40.25
N ALA K 280 -14.01 -14.33 -39.66
CA ALA K 280 -15.32 -14.74 -40.17
C ALA K 280 -16.34 -13.62 -40.02
N ILE K 281 -16.27 -12.91 -38.89
CA ILE K 281 -17.19 -11.81 -38.64
C ILE K 281 -16.97 -10.73 -39.71
N LEU K 282 -15.71 -10.50 -40.06
CA LEU K 282 -15.43 -9.44 -41.00
C LEU K 282 -15.97 -9.79 -42.38
N ARG K 283 -15.77 -11.05 -42.81
CA ARG K 283 -16.28 -11.51 -44.09
C ARG K 283 -17.79 -11.41 -44.19
N ALA K 284 -18.49 -11.52 -43.04
CA ALA K 284 -19.95 -11.58 -43.04
C ALA K 284 -20.56 -10.28 -43.54
N ILE K 285 -19.93 -9.15 -43.21
CA ILE K 285 -20.46 -7.87 -43.63
C ILE K 285 -19.93 -7.57 -45.03
N PRO K 286 -20.78 -7.31 -46.05
CA PRO K 286 -20.30 -7.08 -47.41
C PRO K 286 -19.50 -5.79 -47.61
N ASP K 287 -19.91 -4.71 -46.90
CA ASP K 287 -19.22 -3.43 -46.91
C ASP K 287 -17.84 -3.55 -46.26
N LYS K 288 -16.82 -2.90 -46.86
CA LYS K 288 -15.45 -2.92 -46.37
C LYS K 288 -15.37 -2.30 -44.98
N LEU K 289 -15.90 -1.07 -44.86
CA LEU K 289 -15.85 -0.34 -43.61
C LEU K 289 -16.73 -1.03 -42.57
N GLY K 290 -17.93 -1.44 -43.01
CA GLY K 290 -18.82 -2.20 -42.15
C GLY K 290 -18.11 -3.40 -41.54
N GLY K 291 -17.45 -4.18 -42.39
CA GLY K 291 -16.72 -5.35 -41.94
C GLY K 291 -15.67 -5.03 -40.88
N VAL K 292 -14.96 -3.92 -41.03
CA VAL K 292 -13.89 -3.60 -40.11
C VAL K 292 -14.50 -3.21 -38.77
N ILE K 293 -15.55 -2.39 -38.85
CA ILE K 293 -16.24 -1.94 -37.66
C ILE K 293 -16.76 -3.16 -36.90
N ALA K 294 -17.43 -4.07 -37.62
CA ALA K 294 -18.01 -5.26 -37.01
C ALA K 294 -16.92 -6.06 -36.30
N MET K 295 -15.76 -6.17 -36.94
CA MET K 295 -14.70 -7.01 -36.42
C MET K 295 -14.16 -6.41 -35.12
N VAL K 296 -14.04 -5.08 -35.06
CA VAL K 296 -13.57 -4.42 -33.85
C VAL K 296 -14.66 -4.45 -32.78
N ALA K 297 -15.91 -4.18 -33.19
CA ALA K 297 -17.06 -4.26 -32.31
C ALA K 297 -17.21 -5.66 -31.70
N ALA K 298 -16.84 -6.72 -32.43
CA ALA K 298 -16.89 -8.07 -31.88
C ALA K 298 -15.99 -8.21 -30.65
N ILE K 299 -14.96 -7.38 -30.54
CA ILE K 299 -14.12 -7.43 -29.36
C ILE K 299 -14.63 -6.41 -28.36
N LEU K 300 -14.95 -5.21 -28.84
CA LEU K 300 -15.30 -4.17 -27.89
C LEU K 300 -16.66 -4.40 -27.24
N ILE K 301 -17.52 -5.20 -27.89
CA ILE K 301 -18.83 -5.48 -27.33
C ILE K 301 -18.73 -6.20 -25.97
N LEU K 302 -17.60 -6.84 -25.70
CA LEU K 302 -17.37 -7.45 -24.41
C LEU K 302 -17.48 -6.42 -23.29
N LEU K 303 -17.19 -5.15 -23.62
CA LEU K 303 -17.24 -4.09 -22.63
C LEU K 303 -18.65 -3.81 -22.13
N ILE K 304 -19.68 -4.29 -22.83
CA ILE K 304 -21.02 -3.97 -22.39
C ILE K 304 -21.64 -5.11 -21.60
N LEU K 305 -20.93 -6.23 -21.44
CA LEU K 305 -21.52 -7.29 -20.63
C LEU K 305 -21.98 -6.80 -19.26
N PRO K 306 -21.23 -5.92 -18.55
CA PRO K 306 -21.66 -5.44 -17.25
C PRO K 306 -23.05 -4.82 -17.26
N ILE K 307 -23.48 -4.32 -18.42
CA ILE K 307 -24.74 -3.59 -18.53
C ILE K 307 -25.86 -4.55 -18.94
N VAL K 308 -25.56 -5.40 -19.91
CA VAL K 308 -26.61 -6.19 -20.53
C VAL K 308 -26.97 -7.41 -19.68
N ASP K 309 -26.07 -7.84 -18.79
CA ASP K 309 -26.43 -8.90 -17.86
C ASP K 309 -27.26 -8.33 -16.72
N ARG K 310 -28.55 -8.67 -16.69
CA ARG K 310 -29.43 -8.01 -15.75
C ARG K 310 -29.71 -8.92 -14.57
N SER K 311 -28.93 -9.99 -14.42
CA SER K 311 -29.22 -10.93 -13.36
C SER K 311 -28.96 -10.37 -11.97
N ILE K 312 -29.75 -10.80 -10.99
CA ILE K 312 -29.48 -10.45 -9.60
C ILE K 312 -28.50 -11.45 -8.99
N ILE K 313 -28.09 -12.45 -9.78
CA ILE K 313 -27.24 -13.52 -9.31
C ILE K 313 -25.97 -13.55 -10.15
N ARG K 314 -24.81 -13.74 -9.52
CA ARG K 314 -23.57 -13.64 -10.27
C ARG K 314 -23.20 -15.01 -10.81
N GLY K 315 -23.05 -15.13 -12.12
CA GLY K 315 -22.52 -16.35 -12.72
C GLY K 315 -23.61 -17.36 -13.09
N ASN K 316 -23.19 -18.46 -13.73
CA ASN K 316 -24.12 -19.39 -14.34
C ASN K 316 -24.23 -20.70 -13.57
N ALA K 317 -23.49 -20.86 -12.48
CA ALA K 317 -23.57 -22.13 -11.80
C ALA K 317 -25.01 -22.59 -11.51
N PHE K 318 -25.90 -21.63 -11.23
CA PHE K 318 -27.23 -22.00 -10.78
C PHE K 318 -28.29 -21.58 -11.77
N LYS K 319 -27.90 -21.34 -13.02
CA LYS K 319 -28.84 -20.76 -13.95
C LYS K 319 -28.91 -21.65 -15.18
N PRO K 320 -29.82 -22.64 -15.21
CA PRO K 320 -29.87 -23.60 -16.30
C PRO K 320 -30.07 -22.99 -17.69
N ILE K 321 -30.91 -21.96 -17.80
CA ILE K 321 -31.12 -21.40 -19.13
C ILE K 321 -29.89 -20.65 -19.60
N SER K 322 -29.32 -19.81 -18.73
CA SER K 322 -28.08 -19.13 -19.03
C SER K 322 -26.97 -20.11 -19.41
N LYS K 323 -26.90 -21.28 -18.77
CA LYS K 323 -25.89 -22.26 -19.13
C LYS K 323 -26.09 -22.75 -20.56
N LEU K 324 -27.35 -22.95 -20.97
CA LEU K 324 -27.59 -23.44 -22.32
C LEU K 324 -27.22 -22.38 -23.33
N LEU K 325 -27.63 -21.15 -23.05
CA LEU K 325 -27.32 -20.03 -23.92
C LEU K 325 -25.81 -19.87 -24.04
N PHE K 326 -25.09 -20.09 -22.95
CA PHE K 326 -23.65 -19.90 -22.98
C PHE K 326 -23.02 -20.99 -23.84
N GLY K 327 -23.57 -22.22 -23.72
CA GLY K 327 -23.09 -23.32 -24.52
C GLY K 327 -23.18 -23.01 -26.01
N PHE K 328 -24.35 -22.48 -26.41
CA PHE K 328 -24.58 -22.13 -27.81
C PHE K 328 -23.67 -20.99 -28.25
N PHE K 329 -23.48 -20.01 -27.37
CA PHE K 329 -22.58 -18.92 -27.67
C PHE K 329 -21.16 -19.42 -27.95
N ILE K 330 -20.66 -20.30 -27.09
CA ILE K 330 -19.28 -20.77 -27.22
C ILE K 330 -19.13 -21.61 -28.48
N CYS K 331 -20.10 -22.48 -28.75
CA CYS K 331 -19.99 -23.32 -29.93
C CYS K 331 -20.10 -22.51 -31.21
N ASN K 332 -20.92 -21.46 -31.18
CA ASN K 332 -21.01 -20.57 -32.31
C ASN K 332 -19.68 -19.85 -32.51
N PHE K 333 -19.01 -19.50 -31.42
CA PHE K 333 -17.71 -18.85 -31.57
C PHE K 333 -16.72 -19.79 -32.24
N LEU K 334 -16.81 -21.10 -31.94
CA LEU K 334 -15.98 -22.06 -32.65
C LEU K 334 -16.42 -22.23 -34.10
N LEU K 335 -17.73 -22.24 -34.37
CA LEU K 335 -18.15 -22.37 -35.76
C LEU K 335 -17.67 -21.17 -36.58
N LEU K 336 -17.76 -19.96 -36.01
CA LEU K 336 -17.16 -18.80 -36.64
C LEU K 336 -15.69 -19.05 -36.98
N GLY K 337 -14.95 -19.61 -36.02
CA GLY K 337 -13.56 -19.94 -36.28
C GLY K 337 -13.42 -20.82 -37.52
N VAL K 338 -14.20 -21.90 -37.60
CA VAL K 338 -14.13 -22.79 -38.74
C VAL K 338 -14.51 -22.07 -40.03
N LEU K 339 -15.54 -21.22 -40.00
CA LEU K 339 -15.93 -20.52 -41.22
C LEU K 339 -14.90 -19.48 -41.64
N GLY K 340 -13.98 -19.14 -40.74
CA GLY K 340 -12.94 -18.20 -41.09
C GLY K 340 -11.93 -18.83 -42.02
N GLN K 341 -11.92 -20.16 -42.09
CA GLN K 341 -10.88 -20.82 -42.89
C GLN K 341 -11.45 -21.58 -44.08
N VAL K 342 -12.76 -21.52 -44.30
CA VAL K 342 -13.33 -22.10 -45.51
C VAL K 342 -13.21 -21.09 -46.63
N HIS K 343 -13.46 -21.52 -47.87
CA HIS K 343 -13.42 -20.58 -48.97
C HIS K 343 -14.73 -19.79 -48.99
N ILE K 344 -14.67 -18.60 -49.57
CA ILE K 344 -15.87 -17.79 -49.71
C ILE K 344 -16.73 -18.38 -50.82
N GLU K 345 -17.54 -19.38 -50.44
CA GLU K 345 -18.35 -20.15 -51.36
C GLU K 345 -19.68 -20.50 -50.71
N PRO K 346 -20.75 -20.77 -51.48
CA PRO K 346 -21.95 -21.40 -50.94
C PRO K 346 -21.67 -22.78 -50.39
N PRO K 347 -22.33 -23.21 -49.28
CA PRO K 347 -23.30 -22.38 -48.57
C PRO K 347 -22.72 -21.63 -47.36
N PHE K 348 -21.39 -21.51 -47.31
CA PHE K 348 -20.76 -20.99 -46.12
C PHE K 348 -20.91 -19.48 -46.00
N ILE K 349 -21.36 -18.82 -47.09
CA ILE K 349 -21.44 -17.37 -47.05
C ILE K 349 -22.59 -16.96 -46.13
N VAL K 350 -23.76 -17.54 -46.39
CA VAL K 350 -24.95 -17.27 -45.61
C VAL K 350 -24.80 -17.80 -44.19
N LEU K 351 -24.20 -18.98 -44.05
CA LEU K 351 -23.98 -19.54 -42.72
C LEU K 351 -23.15 -18.60 -41.86
N GLY K 352 -22.13 -17.98 -42.45
CA GLY K 352 -21.26 -17.10 -41.70
C GLY K 352 -22.02 -15.86 -41.22
N GLN K 353 -23.01 -15.44 -42.02
CA GLN K 353 -23.83 -14.27 -41.70
C GLN K 353 -24.77 -14.60 -40.54
N ILE K 354 -25.36 -15.79 -40.59
CA ILE K 354 -26.18 -16.24 -39.48
C ILE K 354 -25.35 -16.35 -38.21
N CYS K 355 -24.20 -17.01 -38.26
CA CYS K 355 -23.39 -17.10 -37.06
C CYS K 355 -22.96 -15.72 -36.55
N THR K 356 -22.74 -14.77 -37.44
CA THR K 356 -22.35 -13.44 -37.00
C THR K 356 -23.50 -12.76 -36.29
N ILE K 357 -24.73 -12.92 -36.82
CA ILE K 357 -25.90 -12.36 -36.16
C ILE K 357 -26.04 -13.00 -34.79
N PHE K 358 -25.85 -14.33 -34.71
CA PHE K 358 -25.99 -14.99 -33.43
C PHE K 358 -24.98 -14.44 -32.43
N TYR K 359 -23.73 -14.24 -32.88
CA TYR K 359 -22.68 -13.75 -32.00
C TYR K 359 -23.13 -12.45 -31.35
N PHE K 360 -23.62 -11.49 -32.16
CA PHE K 360 -23.93 -10.18 -31.62
C PHE K 360 -25.21 -10.20 -30.80
N SER K 361 -26.14 -11.08 -31.18
CA SER K 361 -27.47 -11.07 -30.59
C SER K 361 -27.42 -11.66 -29.19
N TYR K 362 -26.39 -12.47 -28.91
CA TYR K 362 -26.16 -12.90 -27.55
C TYR K 362 -26.01 -11.67 -26.65
N PHE K 363 -25.16 -10.72 -27.02
CA PHE K 363 -24.94 -9.59 -26.13
C PHE K 363 -26.11 -8.63 -26.13
N LEU K 364 -26.82 -8.55 -27.25
CA LEU K 364 -27.70 -7.41 -27.40
C LEU K 364 -29.14 -7.77 -27.08
N ILE K 365 -29.49 -9.06 -27.21
CA ILE K 365 -30.88 -9.44 -27.11
C ILE K 365 -31.02 -10.54 -26.09
N LEU K 366 -30.36 -11.67 -26.35
CA LEU K 366 -30.63 -12.89 -25.61
C LEU K 366 -30.16 -12.77 -24.16
N LEU K 367 -28.95 -12.28 -23.94
CA LEU K 367 -28.47 -12.24 -22.57
C LEU K 367 -29.35 -11.32 -21.72
N PRO K 368 -29.66 -10.08 -22.17
CA PRO K 368 -30.63 -9.24 -21.45
C PRO K 368 -32.00 -9.88 -21.25
N MET K 369 -32.53 -10.63 -22.25
CA MET K 369 -33.84 -11.27 -22.08
C MET K 369 -33.74 -12.40 -21.07
N VAL K 370 -32.78 -13.30 -21.27
CA VAL K 370 -32.70 -14.52 -20.49
C VAL K 370 -32.40 -14.17 -19.04
N SER K 371 -31.51 -13.20 -18.84
CA SER K 371 -31.17 -12.85 -17.48
C SER K 371 -32.35 -12.22 -16.73
N THR K 372 -33.19 -11.44 -17.44
CA THR K 372 -34.41 -10.86 -16.88
C THR K 372 -35.41 -11.95 -16.47
N ILE K 373 -35.65 -12.90 -17.37
CA ILE K 373 -36.57 -14.00 -17.11
C ILE K 373 -36.09 -14.89 -15.97
N GLU K 374 -34.78 -15.13 -15.89
CA GLU K 374 -34.34 -16.01 -14.82
C GLU K 374 -34.52 -15.33 -13.47
N ASN K 375 -34.37 -14.00 -13.42
CA ASN K 375 -34.63 -13.26 -12.20
C ASN K 375 -36.03 -13.59 -11.72
N ILE K 376 -37.00 -13.53 -12.64
CA ILE K 376 -38.39 -13.71 -12.27
C ILE K 376 -38.65 -15.17 -11.87
N PHE K 377 -38.04 -16.12 -12.59
CA PHE K 377 -38.18 -17.50 -12.19
C PHE K 377 -37.57 -17.80 -10.82
N PHE K 378 -36.44 -17.18 -10.47
CA PHE K 378 -35.89 -17.46 -9.15
C PHE K 378 -36.84 -17.00 -8.06
N TYR K 379 -37.47 -15.85 -8.29
CA TYR K 379 -38.29 -15.28 -7.25
C TYR K 379 -39.60 -16.06 -7.15
N ILE K 380 -40.27 -16.27 -8.28
CA ILE K 380 -41.56 -16.96 -8.22
C ILE K 380 -41.35 -18.41 -7.80
N GLY K 381 -40.25 -18.99 -8.28
CA GLY K 381 -40.02 -20.42 -8.10
C GLY K 381 -39.67 -20.76 -6.66
N SER K 382 -39.26 -19.74 -5.89
CA SER K 382 -38.86 -20.04 -4.53
C SER K 382 -39.89 -19.54 -3.50
N LEU K 383 -40.96 -18.88 -3.97
CA LEU K 383 -42.08 -18.47 -3.12
C LEU K 383 -42.84 -19.72 -2.60
N GLY L 39 3.21 39.09 18.23
CA GLY L 39 4.05 38.21 19.09
C GLY L 39 3.26 37.51 20.20
N LYS L 40 1.97 37.86 20.33
CA LYS L 40 1.06 37.23 21.28
C LYS L 40 -0.38 37.17 20.75
N SER L 41 -0.95 38.31 20.32
CA SER L 41 -2.32 38.26 19.85
C SER L 41 -2.40 37.59 18.49
N THR L 42 -3.33 36.64 18.33
CA THR L 42 -3.42 35.99 17.03
C THR L 42 -4.41 36.70 16.11
N TYR L 43 -5.04 37.77 16.61
CA TYR L 43 -5.96 38.52 15.77
C TYR L 43 -5.23 39.69 15.13
N LYS L 44 -3.98 39.90 15.54
CA LYS L 44 -3.20 40.93 14.90
C LYS L 44 -2.43 40.27 13.76
N ILE L 45 -3.02 40.33 12.57
CA ILE L 45 -2.43 39.68 11.41
C ILE L 45 -1.05 40.29 11.18
N PRO L 46 -0.02 39.45 10.95
CA PRO L 46 1.33 39.92 10.62
C PRO L 46 1.34 40.88 9.44
N ASP L 47 2.43 41.63 9.30
CA ASP L 47 2.52 42.65 8.26
C ASP L 47 2.74 42.02 6.89
N PHE L 48 1.78 42.22 5.99
CA PHE L 48 1.85 41.69 4.64
C PHE L 48 1.86 42.81 3.60
N THR L 49 2.00 44.06 4.06
CA THR L 49 1.87 45.23 3.20
C THR L 49 2.95 45.25 2.11
N PRO L 50 4.21 44.83 2.40
CA PRO L 50 5.20 44.61 1.35
C PRO L 50 4.78 43.76 0.15
N TYR L 51 3.75 42.92 0.31
CA TYR L 51 3.41 41.98 -0.76
C TYR L 51 1.98 42.15 -1.26
N LEU L 52 1.13 42.83 -0.51
CA LEU L 52 -0.25 42.94 -0.94
C LEU L 52 -0.38 43.88 -2.13
N LYS L 53 -1.09 43.43 -3.17
CA LYS L 53 -1.50 44.30 -4.27
C LYS L 53 -2.72 45.10 -3.84
N LYS L 54 -2.74 46.40 -4.17
CA LYS L 54 -3.91 47.22 -3.84
C LYS L 54 -5.12 46.78 -4.67
N ASP L 55 -4.93 46.56 -5.98
CA ASP L 55 -6.04 46.16 -6.85
C ASP L 55 -5.98 44.65 -6.97
N ARG L 56 -6.50 43.95 -5.96
CA ARG L 56 -6.29 42.52 -5.93
C ARG L 56 -7.59 41.80 -6.31
N ASN L 57 -8.70 42.50 -6.15
CA ASN L 57 -10.01 41.90 -6.34
C ASN L 57 -10.62 42.32 -7.68
N THR L 58 -9.86 43.06 -8.48
CA THR L 58 -10.30 43.46 -9.82
C THR L 58 -10.16 42.29 -10.79
N ASP L 59 -10.98 42.33 -11.84
CA ASP L 59 -10.87 41.35 -12.90
C ASP L 59 -9.57 41.55 -13.67
N ALA L 60 -9.12 42.81 -13.79
CA ALA L 60 -7.86 43.12 -14.45
C ALA L 60 -6.74 42.32 -13.81
N ASN L 61 -6.77 42.24 -12.48
CA ASN L 61 -5.72 41.58 -11.74
C ASN L 61 -5.67 40.08 -12.04
N ARG L 62 -6.84 39.42 -11.98
CA ARG L 62 -6.89 37.99 -12.23
C ARG L 62 -6.48 37.71 -13.67
N LEU L 63 -6.98 38.58 -14.56
CA LEU L 63 -6.83 38.37 -15.99
C LEU L 63 -5.35 38.36 -16.34
N PHE L 64 -4.57 39.22 -15.69
CA PHE L 64 -3.17 39.27 -16.03
C PHE L 64 -2.50 37.93 -15.75
N SER L 65 -2.76 37.37 -14.58
CA SER L 65 -2.08 36.14 -14.24
C SER L 65 -2.55 35.01 -15.16
N TYR L 66 -3.79 35.06 -15.63
CA TYR L 66 -4.26 34.01 -16.52
C TYR L 66 -3.68 34.20 -17.91
N PHE L 67 -3.31 35.44 -18.23
CA PHE L 67 -2.63 35.68 -19.47
C PHE L 67 -1.25 35.01 -19.45
N MET L 68 -0.55 35.08 -18.31
CA MET L 68 0.72 34.38 -18.18
C MET L 68 0.56 32.86 -18.28
N ILE L 69 -0.37 32.31 -17.50
CA ILE L 69 -0.68 30.89 -17.55
C ILE L 69 -1.06 30.48 -18.96
N GLY L 70 -1.93 31.28 -19.59
CA GLY L 70 -2.43 30.91 -20.91
C GLY L 70 -1.35 31.02 -21.99
N SER L 71 -0.46 32.01 -21.89
CA SER L 71 0.66 32.12 -22.81
C SER L 71 1.54 30.90 -22.71
N PHE L 72 1.73 30.46 -21.47
CA PHE L 72 2.58 29.31 -21.23
C PHE L 72 1.91 28.07 -21.81
N GLY L 73 0.59 27.96 -21.65
CA GLY L 73 -0.13 26.86 -22.24
C GLY L 73 -0.10 26.95 -23.76
N MET L 74 -0.06 28.18 -24.29
CA MET L 74 -0.12 28.35 -25.73
C MET L 74 1.22 27.90 -26.33
N LEU L 75 2.32 28.31 -25.72
CA LEU L 75 3.62 27.91 -26.24
C LEU L 75 3.85 26.41 -26.05
N SER L 76 3.32 25.88 -24.94
CA SER L 76 3.44 24.45 -24.71
C SER L 76 2.65 23.68 -25.76
N ALA L 77 1.46 24.19 -26.13
CA ALA L 77 0.65 23.56 -27.17
C ALA L 77 1.35 23.63 -28.52
N ALA L 78 1.92 24.81 -28.84
CA ALA L 78 2.60 25.01 -30.11
C ALA L 78 3.84 24.13 -30.18
N GLY L 79 4.57 24.06 -29.06
CA GLY L 79 5.79 23.26 -28.94
C GLY L 79 5.49 21.76 -29.02
N ALA L 80 4.40 21.32 -28.38
CA ALA L 80 4.05 19.91 -28.42
C ALA L 80 3.61 19.51 -29.83
N LYS L 81 2.85 20.39 -30.49
CA LYS L 81 2.46 20.11 -31.86
C LYS L 81 3.70 19.95 -32.73
N ALA L 82 4.63 20.90 -32.62
CA ALA L 82 5.85 20.88 -33.42
C ALA L 82 6.63 19.60 -33.14
N THR L 83 6.78 19.29 -31.85
CA THR L 83 7.55 18.14 -31.42
C THR L 83 6.93 16.87 -32.00
N VAL L 84 5.63 16.68 -31.77
CA VAL L 84 4.94 15.51 -32.26
C VAL L 84 5.05 15.39 -33.78
N GLN L 85 4.76 16.47 -34.50
CA GLN L 85 4.69 16.40 -35.94
C GLN L 85 6.08 16.09 -36.49
N ASP L 86 7.11 16.72 -35.94
CA ASP L 86 8.43 16.52 -36.49
C ASP L 86 8.90 15.11 -36.17
N PHE L 87 8.70 14.72 -34.92
CA PHE L 87 9.16 13.43 -34.45
C PHE L 87 8.45 12.30 -35.16
N LEU L 88 7.12 12.34 -35.27
CA LEU L 88 6.43 11.26 -35.96
C LEU L 88 6.69 11.21 -37.45
N SER L 89 7.12 12.31 -38.05
CA SER L 89 7.35 12.27 -39.49
C SER L 89 8.44 11.27 -39.84
N ASN L 90 9.26 10.87 -38.87
CA ASN L 90 10.23 9.83 -39.14
C ASN L 90 9.54 8.59 -39.71
N MET L 91 8.25 8.41 -39.45
CA MET L 91 7.60 7.16 -39.80
C MET L 91 7.05 7.18 -41.22
N SER L 92 6.92 8.38 -41.80
CA SER L 92 6.62 8.61 -43.20
C SER L 92 7.75 8.07 -44.07
N ALA L 93 7.48 7.78 -45.35
CA ALA L 93 8.51 7.26 -46.25
C ALA L 93 9.74 8.17 -46.25
N SER L 94 10.90 7.54 -46.01
CA SER L 94 12.20 8.18 -46.07
C SER L 94 12.58 8.49 -47.52
N ALA L 95 13.62 9.31 -47.68
CA ALA L 95 13.99 9.88 -48.97
C ALA L 95 14.45 8.80 -49.95
N ASP L 96 15.05 7.73 -49.43
CA ASP L 96 15.47 6.65 -50.31
C ASP L 96 14.26 5.89 -50.86
N VAL L 97 13.22 5.78 -50.05
CA VAL L 97 12.00 5.10 -50.45
C VAL L 97 11.26 5.96 -51.45
N LEU L 98 11.22 7.26 -51.18
CA LEU L 98 10.50 8.15 -52.06
C LEU L 98 11.20 8.24 -53.40
N ALA L 99 12.48 7.84 -53.45
CA ALA L 99 13.18 7.77 -54.73
C ALA L 99 12.88 6.42 -55.41
N ALA M 2 -29.84 -5.51 -12.50
CA ALA M 2 -31.31 -5.28 -12.10
C ALA M 2 -31.56 -5.04 -10.60
N SER M 3 -32.64 -4.34 -10.29
CA SER M 3 -32.97 -4.08 -8.90
C SER M 3 -33.91 -5.16 -8.41
N ILE M 4 -33.80 -5.51 -7.13
CA ILE M 4 -34.70 -6.48 -6.53
C ILE M 4 -36.13 -5.96 -6.63
N THR M 5 -36.29 -4.63 -6.50
CA THR M 5 -37.60 -4.02 -6.61
C THR M 5 -38.26 -4.40 -7.93
N SER M 6 -37.51 -4.28 -9.04
CA SER M 6 -37.99 -4.58 -10.37
C SER M 6 -38.48 -6.02 -10.42
N VAL M 7 -37.66 -6.92 -9.89
CA VAL M 7 -37.92 -8.34 -9.97
C VAL M 7 -39.21 -8.64 -9.22
N VAL M 8 -39.33 -8.05 -8.03
CA VAL M 8 -40.48 -8.29 -7.18
C VAL M 8 -41.75 -7.73 -7.82
N LYS M 9 -41.71 -6.51 -8.37
CA LYS M 9 -42.89 -5.91 -8.99
C LYS M 9 -43.38 -6.73 -10.20
N THR M 10 -42.44 -7.13 -11.06
CA THR M 10 -42.79 -7.86 -12.26
C THR M 10 -43.39 -9.20 -11.88
N SER M 11 -42.81 -9.83 -10.86
CA SER M 11 -43.32 -11.11 -10.41
C SER M 11 -44.75 -10.94 -9.90
N GLU M 12 -45.03 -9.80 -9.27
CA GLU M 12 -46.36 -9.62 -8.72
C GLU M 12 -47.38 -9.42 -9.84
N LEU M 13 -46.99 -8.75 -10.93
CA LEU M 13 -47.85 -8.62 -12.11
C LEU M 13 -48.23 -9.99 -12.68
N ILE M 14 -47.28 -10.92 -12.66
CA ILE M 14 -47.49 -12.25 -13.24
C ILE M 14 -48.40 -13.06 -12.34
N LEU M 15 -48.15 -12.97 -11.02
CA LEU M 15 -48.93 -13.75 -10.07
C LEU M 15 -50.37 -13.28 -10.01
N LYS M 16 -50.62 -12.00 -10.34
CA LYS M 16 -51.97 -11.46 -10.42
C LYS M 16 -52.73 -12.11 -11.59
N SER M 17 -52.18 -12.03 -12.81
CA SER M 17 -52.83 -12.54 -14.02
C SER M 17 -53.03 -14.04 -13.92
N PRO M 18 -54.29 -14.56 -13.94
CA PRO M 18 -54.56 -16.00 -13.77
C PRO M 18 -53.88 -16.83 -14.86
N LEU M 19 -54.08 -16.43 -16.12
CA LEU M 19 -53.47 -17.02 -17.30
C LEU M 19 -51.95 -17.14 -17.14
N LEU M 20 -51.32 -15.99 -16.85
CA LEU M 20 -49.87 -15.92 -16.75
C LEU M 20 -49.37 -16.84 -15.63
N SER M 21 -49.98 -16.76 -14.45
CA SER M 21 -49.55 -17.59 -13.33
C SER M 21 -49.71 -19.07 -13.66
N LYS M 22 -50.78 -19.43 -14.39
CA LYS M 22 -51.07 -20.81 -14.74
C LYS M 22 -49.93 -21.42 -15.54
N ILE M 23 -49.23 -20.59 -16.33
CA ILE M 23 -48.19 -21.11 -17.20
C ILE M 23 -46.80 -20.87 -16.61
N VAL M 24 -46.64 -19.84 -15.76
CA VAL M 24 -45.33 -19.41 -15.31
C VAL M 24 -44.97 -20.10 -13.99
N VAL M 25 -45.93 -20.25 -13.08
CA VAL M 25 -45.60 -20.79 -11.77
C VAL M 25 -45.06 -22.22 -11.86
N PRO M 26 -45.65 -23.14 -12.66
CA PRO M 26 -45.06 -24.47 -12.83
C PRO M 26 -43.67 -24.45 -13.46
N LEU M 27 -43.46 -23.54 -14.42
CA LEU M 27 -42.15 -23.43 -15.04
C LEU M 27 -41.12 -22.98 -14.02
N ALA M 28 -41.52 -22.03 -13.17
CA ALA M 28 -40.57 -21.44 -12.25
C ALA M 28 -40.19 -22.50 -11.22
N LYS M 29 -41.15 -23.36 -10.86
CA LYS M 29 -40.87 -24.43 -9.91
C LYS M 29 -39.87 -25.42 -10.50
N THR M 30 -39.99 -25.72 -11.79
CA THR M 30 -39.07 -26.62 -12.46
C THR M 30 -37.70 -25.96 -12.54
N TYR M 31 -37.69 -24.67 -12.90
CA TYR M 31 -36.45 -23.95 -13.04
C TYR M 31 -35.66 -24.06 -11.74
N VAL M 32 -36.34 -23.83 -10.63
CA VAL M 32 -35.67 -23.84 -9.36
C VAL M 32 -35.14 -25.23 -9.03
N LYS M 33 -35.87 -26.27 -9.43
CA LYS M 33 -35.46 -27.65 -9.19
C LYS M 33 -34.21 -27.96 -10.03
N PHE M 34 -34.18 -27.51 -11.28
CA PHE M 34 -33.02 -27.75 -12.12
C PHE M 34 -31.83 -26.88 -11.74
N SER M 35 -32.10 -25.73 -11.14
CA SER M 35 -31.04 -24.81 -10.77
C SER M 35 -30.07 -25.51 -9.83
N GLY M 36 -30.65 -26.20 -8.84
CA GLY M 36 -29.92 -27.07 -7.96
C GLY M 36 -29.21 -26.32 -6.83
N TYR M 37 -29.60 -25.08 -6.54
CA TYR M 37 -28.93 -24.43 -5.42
C TYR M 37 -29.33 -25.05 -4.09
N ARG M 38 -30.49 -25.71 -4.07
CA ARG M 38 -30.95 -26.33 -2.83
C ARG M 38 -30.08 -27.53 -2.48
N GLN M 39 -29.40 -28.11 -3.48
CA GLN M 39 -28.55 -29.26 -3.27
C GLN M 39 -27.23 -28.86 -2.62
N LEU M 40 -26.99 -27.56 -2.45
CA LEU M 40 -25.81 -27.13 -1.72
C LEU M 40 -26.25 -26.51 -0.39
N GLY M 41 -27.54 -26.59 -0.11
CA GLY M 41 -28.07 -26.15 1.17
C GLY M 41 -28.23 -24.64 1.23
N PHE M 42 -28.35 -24.00 0.08
CA PHE M 42 -28.58 -22.56 0.07
C PHE M 42 -30.08 -22.29 0.06
N LYS M 43 -30.46 -21.13 0.60
CA LYS M 43 -31.77 -20.57 0.28
C LYS M 43 -31.58 -19.62 -0.88
N MET M 44 -32.64 -19.43 -1.68
CA MET M 44 -32.53 -18.57 -2.85
C MET M 44 -31.82 -17.25 -2.53
N ASN M 45 -32.20 -16.60 -1.43
CA ASN M 45 -31.71 -15.25 -1.19
C ASN M 45 -30.21 -15.21 -0.91
N ASP M 46 -29.63 -16.35 -0.51
CA ASP M 46 -28.19 -16.44 -0.31
C ASP M 46 -27.42 -16.16 -1.60
N LEU M 47 -28.07 -16.28 -2.76
CA LEU M 47 -27.34 -16.14 -4.00
C LEU M 47 -27.30 -14.70 -4.52
N ILE M 48 -28.04 -13.79 -3.91
CA ILE M 48 -28.15 -12.44 -4.47
C ILE M 48 -26.83 -11.69 -4.26
N ILE M 49 -26.39 -10.97 -5.31
CA ILE M 49 -25.12 -10.25 -5.33
C ILE M 49 -25.13 -9.21 -4.22
N GLU M 50 -24.09 -9.20 -3.39
CA GLU M 50 -24.14 -8.37 -2.19
C GLU M 50 -23.12 -7.24 -2.24
N GLU M 51 -22.25 -7.21 -3.25
CA GLU M 51 -21.19 -6.21 -3.26
C GLU M 51 -21.76 -4.96 -3.92
N THR M 52 -22.66 -4.31 -3.21
CA THR M 52 -23.41 -3.15 -3.67
C THR M 52 -23.70 -2.38 -2.39
N PRO M 53 -23.70 -1.03 -2.36
CA PRO M 53 -23.96 -0.31 -1.11
C PRO M 53 -25.31 -0.69 -0.52
N ASN M 54 -26.31 -0.82 -1.39
CA ASN M 54 -27.67 -1.11 -0.97
C ASN M 54 -27.74 -2.46 -0.29
N MET M 55 -27.08 -3.45 -0.89
CA MET M 55 -27.18 -4.79 -0.35
C MET M 55 -26.37 -4.92 0.93
N GLN M 56 -25.28 -4.17 1.01
CA GLN M 56 -24.49 -4.19 2.22
C GLN M 56 -25.35 -3.66 3.36
N LEU M 57 -26.15 -2.63 3.07
CA LEU M 57 -27.00 -2.03 4.07
C LEU M 57 -28.10 -3.01 4.47
N ALA M 58 -28.69 -3.69 3.49
CA ALA M 58 -29.73 -4.66 3.84
C ALA M 58 -29.15 -5.78 4.71
N LEU M 59 -27.90 -6.18 4.46
CA LEU M 59 -27.37 -7.29 5.22
C LEU M 59 -27.12 -6.88 6.67
N ARG M 60 -26.73 -5.62 6.86
CA ARG M 60 -26.51 -5.06 8.19
C ARG M 60 -27.81 -4.99 8.98
N ARG M 61 -28.95 -4.95 8.28
CA ARG M 61 -30.24 -4.83 8.93
C ARG M 61 -30.86 -6.18 9.28
N LEU M 62 -30.24 -7.28 8.84
CA LEU M 62 -30.74 -8.60 9.20
C LEU M 62 -30.73 -8.78 10.71
N PRO M 63 -31.75 -9.46 11.28
CA PRO M 63 -31.73 -9.91 12.68
C PRO M 63 -30.50 -10.76 12.95
N PRO M 64 -29.88 -10.68 14.15
CA PRO M 64 -28.61 -11.36 14.39
C PRO M 64 -28.61 -12.85 14.07
N THR M 65 -29.70 -13.53 14.47
CA THR M 65 -29.90 -14.94 14.24
C THR M 65 -29.88 -15.27 12.76
N GLU M 66 -30.67 -14.53 11.97
CA GLU M 66 -30.73 -14.73 10.53
C GLU M 66 -29.35 -14.53 9.92
N SER M 67 -28.63 -13.54 10.43
CA SER M 67 -27.32 -13.26 9.90
C SER M 67 -26.36 -14.40 10.20
N TYR M 68 -26.40 -14.94 11.43
CA TYR M 68 -25.49 -15.99 11.82
C TYR M 68 -25.78 -17.24 11.01
N ASP M 69 -27.05 -17.48 10.72
CA ASP M 69 -27.43 -18.65 9.97
C ASP M 69 -26.95 -18.54 8.53
N ARG M 70 -27.02 -17.32 7.98
CA ARG M 70 -26.60 -17.12 6.61
C ARG M 70 -25.11 -17.42 6.51
N VAL M 71 -24.33 -16.95 7.48
CA VAL M 71 -22.90 -17.18 7.43
C VAL M 71 -22.63 -18.68 7.45
N TYR M 72 -23.34 -19.41 8.28
CA TYR M 72 -23.15 -20.85 8.25
C TYR M 72 -23.52 -21.47 6.90
N ARG M 73 -24.66 -21.10 6.31
CA ARG M 73 -25.00 -21.66 5.00
C ARG M 73 -23.93 -21.35 3.94
N LEU M 74 -23.35 -20.15 3.97
CA LEU M 74 -22.35 -19.85 2.96
C LEU M 74 -21.09 -20.67 3.18
N ILE M 75 -20.72 -20.88 4.44
CA ILE M 75 -19.49 -21.59 4.71
C ILE M 75 -19.68 -23.05 4.37
N ARG M 76 -20.82 -23.61 4.79
CA ARG M 76 -21.13 -24.96 4.43
C ARG M 76 -21.14 -25.16 2.91
N ALA M 77 -21.76 -24.25 2.14
CA ALA M 77 -21.86 -24.46 0.70
C ALA M 77 -20.47 -24.39 0.10
N THR M 78 -19.66 -23.47 0.60
CA THR M 78 -18.33 -23.34 0.04
C THR M 78 -17.53 -24.62 0.28
N GLN M 79 -17.79 -25.29 1.40
CA GLN M 79 -17.07 -26.51 1.68
C GLN M 79 -17.56 -27.62 0.78
N PHE M 80 -18.87 -27.67 0.48
CA PHE M 80 -19.34 -28.69 -0.46
C PHE M 80 -18.76 -28.43 -1.85
N SER M 81 -18.71 -27.16 -2.24
CA SER M 81 -18.17 -26.78 -3.52
C SER M 81 -16.72 -27.27 -3.64
N LEU M 82 -15.90 -27.03 -2.63
CA LEU M 82 -14.49 -27.34 -2.82
C LEU M 82 -14.24 -28.84 -2.76
N SER M 83 -15.12 -29.57 -2.08
CA SER M 83 -15.04 -31.02 -1.96
C SER M 83 -15.71 -31.72 -3.14
N HIS M 84 -16.42 -30.96 -3.99
CA HIS M 84 -17.22 -31.50 -5.09
C HIS M 84 -18.25 -32.51 -4.63
N LYS M 85 -18.88 -32.25 -3.49
CA LYS M 85 -19.92 -33.08 -2.93
C LYS M 85 -21.22 -32.27 -3.02
N LEU M 86 -22.35 -32.95 -2.90
CA LEU M 86 -23.60 -32.25 -2.66
C LEU M 86 -24.04 -32.43 -1.21
N ALA M 87 -24.96 -31.57 -0.75
CA ALA M 87 -25.61 -31.72 0.54
C ALA M 87 -26.38 -33.03 0.55
N THR M 88 -26.45 -33.68 1.72
CA THR M 88 -27.33 -34.83 1.88
C THR M 88 -28.16 -34.61 3.13
N GLY M 89 -29.31 -35.29 3.18
CA GLY M 89 -30.11 -35.33 4.39
C GLY M 89 -30.61 -33.94 4.77
N ASN M 90 -30.23 -33.48 5.97
CA ASN M 90 -30.80 -32.27 6.53
C ASN M 90 -30.14 -31.03 5.93
N ASP M 91 -29.03 -31.24 5.23
CA ASP M 91 -28.32 -30.12 4.61
C ASP M 91 -29.04 -29.66 3.36
N ILE M 92 -29.81 -30.56 2.71
CA ILE M 92 -30.57 -30.15 1.53
C ILE M 92 -31.68 -29.22 1.97
N THR M 93 -31.81 -28.08 1.27
CA THR M 93 -32.85 -27.11 1.57
C THR M 93 -34.17 -27.65 1.06
N LYS M 94 -35.12 -27.83 1.98
CA LYS M 94 -36.44 -28.31 1.62
C LYS M 94 -37.22 -27.12 1.11
N PRO M 95 -38.16 -27.27 0.14
CA PRO M 95 -38.91 -26.14 -0.42
C PRO M 95 -39.58 -25.22 0.60
N GLU M 96 -39.97 -25.79 1.76
CA GLU M 96 -40.63 -25.09 2.85
C GLU M 96 -39.66 -24.26 3.67
N GLU M 97 -38.36 -24.56 3.57
CA GLU M 97 -37.34 -23.81 4.30
C GLU M 97 -36.78 -22.69 3.43
N ASP M 98 -37.15 -22.64 2.15
CA ASP M 98 -36.55 -21.66 1.24
C ASP M 98 -37.28 -20.33 1.38
N ASP M 99 -37.08 -19.64 2.51
CA ASP M 99 -37.84 -18.43 2.81
C ASP M 99 -37.07 -17.20 2.37
N HIS M 100 -37.80 -16.17 1.93
CA HIS M 100 -37.21 -14.94 1.43
C HIS M 100 -36.83 -14.03 2.59
N TYR M 101 -35.77 -14.39 3.33
CA TYR M 101 -35.48 -13.73 4.59
C TYR M 101 -34.94 -12.34 4.29
N LEU M 102 -34.36 -12.15 3.11
CA LEU M 102 -33.64 -10.92 2.87
C LEU M 102 -34.47 -9.95 2.05
N ILE M 103 -35.43 -10.46 1.27
CA ILE M 103 -36.18 -9.64 0.33
C ILE M 103 -36.79 -8.43 1.04
N PRO M 104 -37.49 -8.55 2.21
CA PRO M 104 -38.05 -7.38 2.89
C PRO M 104 -37.05 -6.28 3.21
N TYR M 105 -35.85 -6.66 3.62
CA TYR M 105 -34.85 -5.68 3.98
C TYR M 105 -34.35 -4.95 2.74
N ILE M 106 -34.13 -5.69 1.65
CA ILE M 106 -33.54 -5.01 0.51
C ILE M 106 -34.62 -4.16 -0.14
N LEU M 107 -35.88 -4.59 -0.05
CA LEU M 107 -36.93 -3.79 -0.63
C LEU M 107 -37.07 -2.46 0.10
N ASP M 108 -36.83 -2.44 1.42
CA ASP M 108 -36.92 -1.20 2.18
C ASP M 108 -35.74 -0.29 1.86
N VAL M 109 -34.53 -0.86 1.80
CA VAL M 109 -33.36 -0.09 1.48
C VAL M 109 -33.55 0.57 0.13
N GLU M 110 -33.99 -0.22 -0.86
CA GLU M 110 -34.12 0.27 -2.22
C GLU M 110 -35.27 1.28 -2.31
N ALA M 111 -36.35 1.07 -1.55
CA ALA M 111 -37.49 1.97 -1.60
C ALA M 111 -37.00 3.38 -1.29
N GLU M 112 -36.19 3.48 -0.23
CA GLU M 112 -35.70 4.78 0.19
C GLU M 112 -34.74 5.33 -0.84
N ALA M 113 -33.85 4.49 -1.36
CA ALA M 113 -32.89 4.96 -2.34
C ALA M 113 -33.59 5.48 -3.59
N PHE M 114 -34.68 4.82 -3.99
CA PHE M 114 -35.38 5.24 -5.21
C PHE M 114 -36.20 6.49 -4.94
N GLU M 115 -36.73 6.63 -3.72
CA GLU M 115 -37.47 7.82 -3.36
C GLU M 115 -36.50 8.99 -3.38
N LYS M 116 -35.29 8.75 -2.88
CA LYS M 116 -34.31 9.81 -2.78
C LYS M 116 -33.99 10.33 -4.16
N ASP M 117 -33.76 9.43 -5.14
CA ASP M 117 -33.53 9.81 -6.52
C ASP M 117 -34.72 10.58 -7.09
N ALA M 118 -35.94 10.14 -6.81
CA ALA M 118 -37.08 10.87 -7.35
C ALA M 118 -37.12 12.28 -6.78
N LEU M 119 -36.90 12.40 -5.46
CA LEU M 119 -37.13 13.65 -4.78
C LEU M 119 -36.01 14.64 -5.10
N ASP M 120 -34.86 14.12 -5.53
CA ASP M 120 -33.75 14.94 -5.98
C ASP M 120 -34.11 15.64 -7.29
N ASN M 121 -35.19 15.19 -7.93
CA ASN M 121 -35.62 15.71 -9.22
C ASN M 121 -37.03 16.30 -9.08
N LEU M 122 -37.38 16.79 -7.89
CA LEU M 122 -38.70 17.37 -7.81
C LEU M 122 -38.68 18.82 -8.30
N GLU M 123 -39.81 19.23 -8.89
CA GLU M 123 -40.01 20.56 -9.43
C GLU M 123 -41.26 21.16 -8.79
N VAL M 124 -41.07 22.22 -8.01
CA VAL M 124 -42.18 22.98 -7.44
C VAL M 124 -43.01 23.59 -8.57
N VAL M 125 -44.34 23.48 -8.49
CA VAL M 125 -45.22 23.85 -9.58
C VAL M 125 -45.82 25.25 -9.40
N PRO N 66 11.97 -54.34 -61.76
CA PRO N 66 10.69 -53.69 -62.08
C PRO N 66 10.01 -53.01 -60.88
N ASP N 67 9.42 -51.83 -61.14
CA ASP N 67 8.90 -50.96 -60.09
C ASP N 67 7.75 -51.66 -59.37
N PRO N 68 7.86 -51.88 -58.04
CA PRO N 68 6.86 -52.63 -57.28
C PRO N 68 5.48 -51.97 -57.34
N ALA N 69 5.48 -50.65 -57.56
CA ALA N 69 4.26 -49.87 -57.53
C ALA N 69 3.32 -50.22 -58.70
N ILE N 70 3.92 -50.53 -59.86
CA ILE N 70 3.21 -50.84 -61.09
C ILE N 70 2.22 -51.97 -60.86
N ALA N 71 2.71 -53.06 -60.25
CA ALA N 71 1.93 -54.26 -60.00
C ALA N 71 0.93 -54.03 -58.87
N LEU N 72 1.32 -53.32 -57.82
CA LEU N 72 0.42 -53.10 -56.68
C LEU N 72 -0.78 -52.26 -57.10
N HIS N 73 -0.54 -51.26 -57.95
CA HIS N 73 -1.59 -50.35 -58.43
C HIS N 73 -2.56 -51.10 -59.33
N GLU N 74 -2.03 -52.04 -60.12
CA GLU N 74 -2.84 -52.77 -61.07
C GLU N 74 -3.78 -53.70 -60.31
N ALA N 75 -3.21 -54.35 -59.28
CA ALA N 75 -3.90 -55.30 -58.42
C ALA N 75 -5.02 -54.60 -57.64
N ALA N 76 -4.76 -53.38 -57.18
CA ALA N 76 -5.75 -52.65 -56.40
C ALA N 76 -6.86 -52.10 -57.31
N ALA N 77 -6.57 -51.92 -58.60
CA ALA N 77 -7.58 -51.41 -59.51
C ALA N 77 -8.55 -52.53 -59.89
N GLU N 78 -8.01 -53.76 -60.05
CA GLU N 78 -8.80 -54.92 -60.45
C GLU N 78 -9.58 -55.48 -59.28
N GLY N 79 -9.08 -55.21 -58.07
CA GLY N 79 -9.63 -55.76 -56.85
C GLY N 79 -10.51 -54.78 -56.09
N PRO N 80 -10.02 -54.16 -54.99
CA PRO N 80 -10.85 -53.35 -54.10
C PRO N 80 -11.37 -52.03 -54.68
N CYS N 81 -10.79 -51.61 -55.80
CA CYS N 81 -11.18 -50.34 -56.42
C CYS N 81 -11.74 -50.62 -57.81
N HIS N 82 -12.53 -51.69 -57.95
CA HIS N 82 -13.00 -52.10 -59.26
C HIS N 82 -14.17 -51.23 -59.71
N ASP N 83 -14.98 -50.79 -58.75
CA ASP N 83 -16.13 -49.95 -59.00
C ASP N 83 -15.67 -48.57 -59.49
N PHE N 84 -14.57 -48.09 -58.91
CA PHE N 84 -14.00 -46.80 -59.26
C PHE N 84 -13.31 -46.88 -60.61
N LYS N 85 -12.72 -48.05 -60.90
CA LYS N 85 -12.05 -48.30 -62.16
C LYS N 85 -13.08 -48.21 -63.28
N HIS N 86 -14.25 -48.84 -63.05
CA HIS N 86 -15.33 -48.85 -64.02
C HIS N 86 -15.87 -47.45 -64.27
N HIS N 87 -15.98 -46.63 -63.20
CA HIS N 87 -16.49 -45.27 -63.34
C HIS N 87 -15.59 -44.45 -64.24
N PHE N 88 -14.28 -44.52 -63.97
CA PHE N 88 -13.29 -43.80 -64.74
C PHE N 88 -13.36 -44.24 -66.20
N ASP N 89 -13.43 -45.56 -66.41
CA ASP N 89 -13.50 -46.11 -67.75
C ASP N 89 -14.72 -45.57 -68.51
N GLU N 90 -15.90 -45.66 -67.89
CA GLU N 90 -17.13 -45.16 -68.48
C GLU N 90 -16.99 -43.68 -68.84
N CYS N 91 -16.44 -42.90 -67.89
CA CYS N 91 -16.21 -41.47 -68.11
C CYS N 91 -15.36 -41.26 -69.37
N VAL N 92 -14.22 -41.96 -69.45
CA VAL N 92 -13.31 -41.72 -70.56
C VAL N 92 -14.00 -42.01 -71.89
N GLU N 93 -14.77 -43.12 -71.94
CA GLU N 93 -15.55 -43.48 -73.12
C GLU N 93 -16.43 -42.32 -73.56
N ARG N 94 -17.17 -41.72 -72.61
CA ARG N 94 -18.11 -40.62 -72.90
C ARG N 94 -17.36 -39.40 -73.43
N VAL N 95 -16.23 -39.07 -72.79
CA VAL N 95 -15.55 -37.82 -73.09
C VAL N 95 -14.89 -37.93 -74.47
N THR N 96 -14.22 -39.07 -74.74
CA THR N 96 -13.56 -39.31 -76.01
C THR N 96 -14.58 -39.22 -77.15
N LYS N 97 -15.74 -39.84 -76.95
CA LYS N 97 -16.85 -39.87 -77.91
C LYS N 97 -17.37 -38.46 -78.16
N ALA N 98 -17.38 -37.64 -77.10
CA ALA N 98 -17.91 -36.29 -77.16
C ALA N 98 -16.93 -35.39 -77.91
N GLN N 99 -15.63 -35.69 -77.78
CA GLN N 99 -14.57 -34.94 -78.42
C GLN N 99 -14.53 -35.29 -79.91
N GLU N 100 -14.92 -36.54 -80.23
CA GLU N 100 -14.96 -37.07 -81.58
C GLU N 100 -15.99 -36.32 -82.41
N ALA N 101 -17.13 -36.02 -81.79
CA ALA N 101 -18.23 -35.29 -82.42
C ALA N 101 -17.81 -33.86 -82.74
N GLU N 102 -18.30 -33.35 -83.87
CA GLU N 102 -17.92 -32.04 -84.39
C GLU N 102 -18.66 -30.95 -83.62
N ASP N 103 -18.07 -29.73 -83.65
CA ASP N 103 -18.55 -28.55 -82.95
C ASP N 103 -18.53 -28.80 -81.44
N TYR N 104 -17.53 -29.60 -81.03
CA TYR N 104 -17.21 -29.81 -79.62
C TYR N 104 -16.40 -28.60 -79.11
N ASP N 105 -15.58 -28.02 -79.99
CA ASP N 105 -14.71 -26.91 -79.64
C ASP N 105 -15.54 -25.65 -79.36
N HIS N 106 -16.71 -25.56 -80.00
CA HIS N 106 -17.64 -24.46 -79.81
C HIS N 106 -18.82 -24.90 -78.93
N ALA N 107 -18.51 -25.65 -77.87
CA ALA N 107 -19.51 -26.03 -76.88
C ALA N 107 -19.28 -25.24 -75.60
N GLU N 108 -20.33 -25.14 -74.79
CA GLU N 108 -20.28 -24.36 -73.56
C GLU N 108 -19.53 -25.15 -72.49
N TYR N 109 -19.98 -26.38 -72.24
CA TYR N 109 -19.43 -27.24 -71.19
C TYR N 109 -18.65 -28.41 -71.81
N LYS N 110 -17.35 -28.45 -71.53
CA LYS N 110 -16.51 -29.59 -71.87
C LYS N 110 -16.22 -30.41 -70.62
N GLU N 111 -16.74 -31.64 -70.61
CA GLU N 111 -16.57 -32.57 -69.50
C GLU N 111 -15.13 -33.08 -69.47
N ASP N 112 -14.55 -33.20 -68.25
CA ASP N 112 -13.31 -33.94 -68.03
C ASP N 112 -13.60 -35.22 -67.24
N CYS N 113 -12.53 -35.96 -66.92
CA CYS N 113 -12.66 -37.16 -66.12
C CYS N 113 -11.82 -37.09 -64.87
N VAL N 114 -11.51 -35.85 -64.46
CA VAL N 114 -10.61 -35.65 -63.35
C VAL N 114 -11.24 -36.17 -62.07
N GLU N 115 -12.54 -35.90 -61.91
CA GLU N 115 -13.25 -36.29 -60.71
C GLU N 115 -13.12 -37.80 -60.48
N GLU N 116 -13.42 -38.55 -61.54
CA GLU N 116 -13.45 -40.00 -61.48
C GLU N 116 -12.04 -40.54 -61.29
N PHE N 117 -11.09 -39.84 -61.91
CA PHE N 117 -9.70 -40.20 -61.80
C PHE N 117 -9.26 -40.06 -60.34
N PHE N 118 -9.64 -38.93 -59.72
CA PHE N 118 -9.30 -38.72 -58.32
C PHE N 118 -9.93 -39.80 -57.46
N HIS N 119 -11.18 -40.19 -57.75
CA HIS N 119 -11.84 -41.17 -56.91
C HIS N 119 -11.08 -42.49 -56.99
N LEU N 120 -10.62 -42.83 -58.19
CA LEU N 120 -9.88 -44.05 -58.41
C LEU N 120 -8.53 -43.99 -57.71
N GLN N 121 -7.79 -42.90 -57.92
CA GLN N 121 -6.42 -42.81 -57.40
C GLN N 121 -6.47 -42.78 -55.88
N HIS N 122 -7.44 -42.04 -55.35
CA HIS N 122 -7.57 -41.91 -53.91
C HIS N 122 -7.80 -43.29 -53.30
N CYS N 123 -8.59 -44.10 -53.99
CA CYS N 123 -8.91 -45.46 -53.57
C CYS N 123 -7.66 -46.33 -53.67
N ILE N 124 -6.96 -46.28 -54.81
CA ILE N 124 -5.80 -47.12 -54.99
C ILE N 124 -4.76 -46.80 -53.91
N ASN N 125 -4.61 -45.51 -53.59
CA ASN N 125 -3.56 -45.11 -52.66
C ASN N 125 -3.85 -45.66 -51.26
N ASP N 126 -5.13 -45.67 -50.89
CA ASP N 126 -5.59 -46.18 -49.61
C ASP N 126 -5.29 -47.67 -49.46
N ASN N 127 -5.24 -48.38 -50.60
CA ASN N 127 -5.08 -49.83 -50.56
C ASN N 127 -3.64 -50.28 -50.83
N THR N 128 -2.70 -49.34 -50.91
CA THR N 128 -1.41 -49.65 -51.52
C THR N 128 -0.27 -49.07 -50.71
N ALA N 129 -0.48 -47.85 -50.20
CA ALA N 129 0.49 -47.13 -49.39
C ALA N 129 1.33 -48.06 -48.51
N ASP N 130 0.68 -48.81 -47.61
CA ASP N 130 1.37 -49.65 -46.64
C ASP N 130 2.14 -50.77 -47.33
N LYS N 131 1.52 -51.35 -48.36
CA LYS N 131 2.09 -52.49 -49.05
C LYS N 131 3.37 -52.10 -49.78
N LEU N 132 3.34 -50.90 -50.38
CA LEU N 132 4.44 -50.44 -51.19
C LEU N 132 5.65 -50.15 -50.31
N PHE N 133 5.44 -49.42 -49.22
CA PHE N 133 6.56 -49.06 -48.38
C PHE N 133 7.16 -50.27 -47.69
N ARG N 134 6.40 -51.36 -47.64
CA ARG N 134 6.86 -52.59 -47.02
C ARG N 134 7.91 -53.29 -47.89
N VAL N 135 7.91 -53.02 -49.21
CA VAL N 135 8.82 -53.69 -50.13
C VAL N 135 9.94 -52.75 -50.61
N LEU N 136 10.23 -51.69 -49.85
CA LEU N 136 11.36 -50.82 -50.18
C LEU N 136 12.36 -50.76 -48.99
N VAL O 26 16.45 -26.86 54.24
CA VAL O 26 16.10 -28.32 54.23
C VAL O 26 14.74 -28.56 54.89
N SER O 27 13.78 -29.02 54.09
CA SER O 27 12.44 -29.37 54.52
C SER O 27 12.45 -30.63 55.40
N PRO O 28 11.48 -30.80 56.35
CA PRO O 28 11.36 -32.06 57.08
C PRO O 28 11.00 -33.22 56.16
N LYS O 29 11.46 -34.40 56.55
CA LYS O 29 11.29 -35.65 55.83
C LYS O 29 9.83 -36.06 55.71
N THR O 30 9.43 -36.51 54.50
CA THR O 30 8.10 -37.03 54.29
C THR O 30 8.05 -38.50 54.73
N ARG O 31 7.28 -38.79 55.77
CA ARG O 31 7.18 -40.17 56.24
C ARG O 31 6.08 -40.86 55.47
N THR O 32 6.27 -42.17 55.24
CA THR O 32 5.37 -42.98 54.45
C THR O 32 5.18 -44.32 55.15
N SER O 33 3.90 -44.72 55.32
CA SER O 33 3.54 -46.04 55.81
C SER O 33 2.44 -46.60 54.92
N ASN O 34 2.33 -47.94 54.95
CA ASN O 34 1.25 -48.67 54.32
C ASN O 34 0.37 -49.32 55.38
N LEU O 35 -0.88 -49.58 55.00
CA LEU O 35 -1.78 -50.47 55.74
C LEU O 35 -1.75 -51.84 55.09
N LYS O 36 -2.58 -52.75 55.63
CA LYS O 36 -2.69 -54.12 55.17
C LYS O 36 -3.42 -54.20 53.84
N ASN O 37 -4.47 -53.38 53.68
CA ASN O 37 -5.23 -53.36 52.43
C ASN O 37 -4.39 -52.79 51.30
N GLY O 38 -3.44 -51.90 51.64
CA GLY O 38 -2.49 -51.36 50.69
C GLY O 38 -2.66 -49.85 50.53
N LEU O 39 -3.40 -49.25 51.48
CA LEU O 39 -3.51 -47.82 51.53
C LEU O 39 -2.19 -47.22 51.99
N THR O 40 -1.68 -46.25 51.23
CA THR O 40 -0.48 -45.51 51.58
C THR O 40 -0.85 -44.30 52.45
N ILE O 41 -0.10 -44.09 53.52
CA ILE O 41 -0.21 -42.90 54.35
C ILE O 41 1.08 -42.12 54.26
N ALA O 42 0.98 -40.83 53.92
CA ALA O 42 2.17 -40.04 53.68
C ALA O 42 1.97 -38.69 54.36
N SER O 43 2.98 -38.25 55.11
CA SER O 43 2.77 -37.08 55.93
C SER O 43 4.03 -36.21 55.93
N GLU O 44 3.82 -34.88 55.91
CA GLU O 44 4.94 -33.97 56.11
C GLU O 44 4.57 -32.89 57.12
N SER O 45 5.10 -33.05 58.34
CA SER O 45 4.79 -32.21 59.49
C SER O 45 5.58 -30.90 59.44
N ASN O 46 4.93 -29.83 59.90
CA ASN O 46 5.49 -28.48 59.96
C ASN O 46 5.09 -27.84 61.29
N PRO O 47 5.95 -27.92 62.34
CA PRO O 47 5.56 -27.47 63.68
C PRO O 47 5.49 -25.95 63.86
N LEU O 48 5.54 -25.23 62.73
CA LEU O 48 5.49 -23.78 62.68
C LEU O 48 4.08 -23.30 62.38
N VAL O 49 3.23 -24.18 61.83
CA VAL O 49 1.86 -23.82 61.50
C VAL O 49 0.92 -24.47 62.51
N GLN O 50 -0.35 -24.05 62.45
CA GLN O 50 -1.35 -24.44 63.42
C GLN O 50 -2.53 -25.13 62.72
N THR O 51 -2.46 -25.20 61.39
CA THR O 51 -3.51 -25.76 60.57
C THR O 51 -2.96 -27.01 59.87
N ALA O 52 -3.84 -27.95 59.53
CA ALA O 52 -3.44 -29.15 58.80
C ALA O 52 -4.31 -29.37 57.58
N THR O 53 -3.74 -29.94 56.51
CA THR O 53 -4.52 -30.44 55.40
C THR O 53 -4.41 -31.96 55.36
N VAL O 54 -5.47 -32.70 55.72
CA VAL O 54 -5.50 -34.12 55.40
C VAL O 54 -6.42 -34.32 54.21
N GLY O 55 -6.10 -35.35 53.43
CA GLY O 55 -6.96 -35.70 52.31
C GLY O 55 -6.59 -37.05 51.71
N VAL O 56 -7.42 -37.47 50.76
CA VAL O 56 -7.20 -38.69 50.03
C VAL O 56 -6.96 -38.33 48.57
N TRP O 57 -5.78 -38.70 48.05
CA TRP O 57 -5.48 -38.60 46.63
C TRP O 57 -5.74 -39.96 46.03
N ILE O 58 -6.54 -40.00 44.95
CA ILE O 58 -6.88 -41.25 44.31
C ILE O 58 -6.32 -41.27 42.89
N ASP O 59 -5.67 -42.38 42.55
CA ASP O 59 -5.14 -42.61 41.23
C ASP O 59 -6.26 -43.15 40.34
N ALA O 60 -7.25 -42.30 40.05
CA ALA O 60 -8.43 -42.62 39.26
C ALA O 60 -9.08 -41.30 38.89
N GLY O 61 -9.69 -41.22 37.71
CA GLY O 61 -10.33 -39.99 37.30
C GLY O 61 -11.21 -40.27 36.11
N SER O 62 -11.48 -39.27 35.28
CA SER O 62 -12.38 -39.45 34.16
C SER O 62 -11.88 -40.52 33.19
N ARG O 63 -10.57 -40.70 33.13
CA ARG O 63 -9.96 -41.55 32.14
C ARG O 63 -10.37 -43.00 32.39
N ASN O 64 -10.94 -43.25 33.57
CA ASN O 64 -11.25 -44.61 33.98
C ASN O 64 -12.65 -44.99 33.57
N GLU O 65 -13.41 -44.01 33.06
CA GLU O 65 -14.72 -44.28 32.52
C GLU O 65 -14.58 -44.77 31.07
N ASN O 66 -15.63 -45.45 30.56
CA ASN O 66 -15.78 -45.69 29.13
C ASN O 66 -16.69 -44.62 28.55
N ALA O 67 -17.20 -44.83 27.34
CA ALA O 67 -17.90 -43.76 26.66
C ALA O 67 -19.33 -43.61 27.19
N TYR O 68 -19.85 -44.72 27.73
CA TYR O 68 -21.22 -44.80 28.21
C TYR O 68 -21.36 -44.19 29.60
N ASN O 69 -20.33 -44.34 30.43
CA ASN O 69 -20.41 -43.81 31.78
C ASN O 69 -19.47 -42.62 31.95
N ASN O 70 -19.19 -41.92 30.83
CA ASN O 70 -18.36 -40.74 30.92
C ASN O 70 -19.12 -39.64 31.65
N GLY O 71 -18.53 -39.14 32.73
CA GLY O 71 -19.16 -38.13 33.55
C GLY O 71 -19.42 -38.63 34.97
N THR O 72 -19.28 -39.94 35.15
CA THR O 72 -19.56 -40.60 36.42
C THR O 72 -18.70 -40.03 37.55
N ALA O 73 -17.39 -39.91 37.30
CA ALA O 73 -16.45 -39.50 38.33
C ALA O 73 -16.80 -38.11 38.85
N HIS O 74 -17.20 -37.22 37.94
CA HIS O 74 -17.55 -35.88 38.35
C HIS O 74 -18.89 -35.89 39.07
N PHE O 75 -19.78 -36.78 38.61
CA PHE O 75 -21.08 -36.92 39.22
C PHE O 75 -20.92 -37.31 40.68
N PHE O 76 -20.02 -38.25 40.93
CA PHE O 76 -19.82 -38.77 42.27
C PHE O 76 -19.34 -37.68 43.22
N GLU O 77 -18.42 -36.84 42.75
CA GLU O 77 -17.93 -35.70 43.50
C GLU O 77 -19.08 -34.85 44.05
N HIS O 78 -20.18 -34.70 43.28
CA HIS O 78 -21.32 -33.92 43.70
C HIS O 78 -22.18 -34.63 44.72
N LEU O 79 -22.10 -35.97 44.74
CA LEU O 79 -22.97 -36.76 45.58
C LEU O 79 -22.27 -37.21 46.85
N ALA O 80 -20.94 -37.15 46.85
CA ALA O 80 -20.16 -37.48 48.02
C ALA O 80 -20.54 -36.58 49.19
N PHE O 81 -21.04 -35.39 48.87
CA PHE O 81 -21.36 -34.42 49.90
C PHE O 81 -22.86 -34.34 50.16
N LYS O 82 -23.60 -35.31 49.61
CA LYS O 82 -25.04 -35.25 49.68
C LYS O 82 -25.56 -36.26 50.70
N GLY O 83 -24.68 -36.78 51.55
CA GLY O 83 -25.10 -37.55 52.72
C GLY O 83 -24.68 -39.01 52.65
N THR O 84 -24.48 -39.57 53.84
CA THR O 84 -23.97 -40.91 54.03
C THR O 84 -25.02 -41.73 54.76
N ASP O 85 -24.69 -42.99 55.04
CA ASP O 85 -25.51 -43.91 55.80
C ASP O 85 -25.82 -43.39 57.21
N LYS O 86 -24.90 -42.62 57.82
CA LYS O 86 -25.09 -42.12 59.19
C LYS O 86 -25.61 -40.69 59.18
N ARG O 87 -24.81 -39.78 58.62
CA ARG O 87 -25.15 -38.37 58.58
C ARG O 87 -25.92 -38.07 57.31
N SER O 88 -27.02 -37.32 57.44
CA SER O 88 -27.79 -36.80 56.31
C SER O 88 -27.03 -35.63 55.70
N GLN O 89 -27.56 -35.06 54.60
CA GLN O 89 -26.90 -33.94 53.95
C GLN O 89 -26.72 -32.80 54.95
N HIS O 90 -27.74 -32.60 55.78
CA HIS O 90 -27.79 -31.48 56.71
C HIS O 90 -26.82 -31.68 57.86
N GLN O 91 -26.80 -32.91 58.38
CA GLN O 91 -25.90 -33.30 59.45
C GLN O 91 -24.45 -33.13 58.99
N LEU O 92 -24.17 -33.55 57.75
CA LEU O 92 -22.85 -33.44 57.17
C LEU O 92 -22.42 -31.97 57.18
N GLU O 93 -23.27 -31.08 56.66
CA GLU O 93 -22.99 -29.66 56.60
C GLU O 93 -22.61 -29.15 58.00
N LEU O 94 -23.45 -29.50 58.98
CA LEU O 94 -23.26 -29.07 60.36
C LEU O 94 -21.94 -29.57 60.94
N ASP O 95 -21.60 -30.84 60.66
CA ASP O 95 -20.42 -31.47 61.24
C ASP O 95 -19.16 -30.74 60.81
N ILE O 96 -19.12 -30.33 59.53
CA ILE O 96 -17.99 -29.63 58.97
C ILE O 96 -17.96 -28.20 59.50
N GLU O 97 -19.14 -27.56 59.59
CA GLU O 97 -19.21 -26.22 60.14
C GLU O 97 -18.67 -26.20 61.57
N ASN O 98 -18.95 -27.27 62.33
CA ASN O 98 -18.55 -27.37 63.72
C ASN O 98 -17.06 -27.67 63.87
N MET O 99 -16.45 -28.28 62.83
CA MET O 99 -15.01 -28.49 62.77
C MET O 99 -14.34 -27.12 62.78
N GLY O 100 -14.80 -26.25 61.89
CA GLY O 100 -14.15 -24.97 61.73
C GLY O 100 -13.53 -24.77 60.35
N GLY O 101 -12.97 -25.83 59.77
CA GLY O 101 -12.31 -25.73 58.48
C GLY O 101 -13.28 -25.97 57.32
N HIS O 102 -12.74 -26.40 56.18
CA HIS O 102 -13.58 -26.71 55.04
C HIS O 102 -13.11 -28.00 54.39
N LEU O 103 -13.98 -28.56 53.53
CA LEU O 103 -13.68 -29.68 52.67
C LEU O 103 -13.64 -29.19 51.25
N ASN O 104 -12.89 -29.91 50.42
CA ASN O 104 -12.83 -29.56 49.02
C ASN O 104 -12.56 -30.84 48.23
N ALA O 105 -13.00 -30.84 46.97
CA ALA O 105 -12.78 -31.98 46.09
C ALA O 105 -12.50 -31.49 44.68
N TYR O 106 -11.70 -32.24 43.91
CA TYR O 106 -11.69 -32.06 42.47
C TYR O 106 -11.36 -33.34 41.76
N THR O 107 -11.96 -33.48 40.58
CA THR O 107 -11.78 -34.61 39.69
C THR O 107 -11.06 -34.10 38.45
N SER O 108 -9.97 -34.77 38.08
CA SER O 108 -9.31 -34.46 36.83
C SER O 108 -9.36 -35.70 35.94
N ARG O 109 -8.53 -35.72 34.91
CA ARG O 109 -8.58 -36.85 33.98
C ARG O 109 -8.00 -38.10 34.64
N GLU O 110 -6.95 -37.92 35.43
CA GLU O 110 -6.26 -39.08 35.96
C GLU O 110 -6.26 -39.12 37.49
N SER O 111 -6.83 -38.10 38.14
CA SER O 111 -6.64 -37.96 39.56
C SER O 111 -7.90 -37.41 40.21
N THR O 112 -8.25 -37.91 41.40
CA THR O 112 -9.34 -37.36 42.17
C THR O 112 -8.80 -37.03 43.56
N VAL O 113 -9.17 -35.86 44.10
CA VAL O 113 -8.68 -35.44 45.41
C VAL O 113 -9.85 -35.06 46.29
N TYR O 114 -9.82 -35.47 47.56
CA TYR O 114 -10.82 -35.06 48.53
C TYR O 114 -10.07 -34.67 49.78
N TYR O 115 -10.09 -33.39 50.13
CA TYR O 115 -9.29 -33.03 51.29
C TYR O 115 -10.04 -32.13 52.26
N ALA O 116 -9.48 -32.00 53.46
CA ALA O 116 -10.09 -31.25 54.53
C ALA O 116 -9.01 -30.42 55.22
N LYS O 117 -9.15 -29.10 55.13
CA LYS O 117 -8.30 -28.18 55.84
C LYS O 117 -8.92 -27.89 57.19
N SER O 118 -8.15 -28.02 58.27
CA SER O 118 -8.71 -27.88 59.59
C SER O 118 -7.70 -27.26 60.55
N PHE O 119 -8.08 -27.25 61.82
CA PHE O 119 -7.19 -26.91 62.90
C PHE O 119 -6.43 -28.15 63.33
N LYS O 120 -5.38 -27.97 64.14
CA LYS O 120 -4.45 -29.04 64.49
C LYS O 120 -5.18 -30.23 65.13
N ASP O 121 -6.15 -29.93 66.00
CA ASP O 121 -6.70 -30.95 66.88
C ASP O 121 -8.06 -31.41 66.36
N ASP O 122 -8.42 -30.90 65.16
CA ASP O 122 -9.63 -31.23 64.45
C ASP O 122 -9.35 -32.23 63.34
N VAL O 123 -8.16 -32.83 63.40
CA VAL O 123 -7.76 -33.74 62.33
C VAL O 123 -8.52 -35.05 62.48
N PRO O 124 -8.68 -35.64 63.67
CA PRO O 124 -9.48 -36.86 63.82
C PRO O 124 -10.92 -36.76 63.33
N LYS O 125 -11.51 -35.55 63.37
CA LYS O 125 -12.87 -35.35 62.91
C LYS O 125 -12.89 -35.43 61.38
N SER O 126 -11.92 -34.73 60.79
CA SER O 126 -11.85 -34.56 59.35
C SER O 126 -11.51 -35.89 58.66
N VAL O 127 -10.62 -36.69 59.28
CA VAL O 127 -10.30 -37.98 58.68
C VAL O 127 -11.55 -38.86 58.70
N GLU O 128 -12.31 -38.76 59.80
CA GLU O 128 -13.50 -39.54 59.99
C GLU O 128 -14.56 -39.14 58.96
N ILE O 129 -14.68 -37.83 58.69
CA ILE O 129 -15.67 -37.38 57.71
C ILE O 129 -15.27 -37.83 56.31
N LEU O 130 -13.97 -37.75 55.97
CA LEU O 130 -13.56 -38.12 54.62
C LEU O 130 -13.76 -39.61 54.40
N ALA O 131 -13.49 -40.41 55.45
CA ALA O 131 -13.63 -41.85 55.35
C ALA O 131 -15.09 -42.21 55.13
N ASP O 132 -15.98 -41.40 55.71
CA ASP O 132 -17.41 -41.63 55.67
C ASP O 132 -17.95 -41.33 54.28
N ILE O 133 -17.52 -40.21 53.69
CA ILE O 133 -18.12 -39.76 52.44
C ILE O 133 -17.61 -40.63 51.28
N LEU O 134 -16.45 -41.26 51.46
CA LEU O 134 -15.88 -42.09 50.41
C LEU O 134 -16.41 -43.53 50.46
N GLN O 135 -16.61 -44.06 51.67
CA GLN O 135 -16.92 -45.47 51.77
C GLN O 135 -18.44 -45.70 51.90
N HIS O 136 -19.13 -44.73 52.49
CA HIS O 136 -20.46 -44.99 52.99
C HIS O 136 -21.43 -43.94 52.48
N SER O 137 -21.30 -43.57 51.20
CA SER O 137 -22.20 -42.56 50.64
C SER O 137 -23.54 -43.18 50.27
N LYS O 138 -24.64 -42.44 50.46
CA LYS O 138 -25.96 -43.02 50.21
C LYS O 138 -26.19 -43.25 48.72
N LEU O 139 -25.94 -42.21 47.91
CA LEU O 139 -26.28 -42.18 46.49
C LEU O 139 -27.74 -42.58 46.32
N ALA O 140 -28.62 -41.75 46.89
CA ALA O 140 -30.06 -41.97 46.90
C ALA O 140 -30.65 -41.44 45.59
N GLU O 141 -31.54 -42.23 44.96
CA GLU O 141 -32.14 -41.91 43.67
C GLU O 141 -32.65 -40.47 43.63
N SER O 142 -33.20 -39.99 44.75
CA SER O 142 -33.75 -38.66 44.86
C SER O 142 -32.66 -37.60 44.67
N ALA O 143 -31.44 -37.91 45.14
CA ALA O 143 -30.34 -36.96 45.13
C ALA O 143 -29.64 -37.00 43.76
N ILE O 144 -29.57 -38.20 43.17
CA ILE O 144 -29.06 -38.37 41.81
C ILE O 144 -29.90 -37.49 40.89
N ASP O 145 -31.22 -37.49 41.10
CA ASP O 145 -32.15 -36.80 40.23
C ASP O 145 -32.03 -35.30 40.38
N ARG O 146 -31.78 -34.86 41.62
CA ARG O 146 -31.60 -33.45 41.93
C ARG O 146 -30.31 -32.90 41.33
N GLU O 147 -29.21 -33.67 41.38
CA GLU O 147 -27.90 -33.19 40.94
C GLU O 147 -27.83 -33.19 39.42
N ARG O 148 -28.66 -34.04 38.82
CA ARG O 148 -28.72 -34.22 37.38
C ARG O 148 -29.10 -32.90 36.71
N GLU O 149 -29.74 -31.98 37.45
CA GLU O 149 -30.11 -30.70 36.89
C GLU O 149 -28.98 -29.69 37.11
N VAL O 150 -28.35 -29.78 38.30
CA VAL O 150 -27.27 -28.91 38.72
C VAL O 150 -26.10 -29.07 37.74
N ILE O 151 -25.80 -30.33 37.42
CA ILE O 151 -24.71 -30.69 36.55
C ILE O 151 -25.07 -30.30 35.11
N THR O 152 -26.36 -30.40 34.77
CA THR O 152 -26.79 -30.05 33.43
C THR O 152 -26.57 -28.55 33.20
N ARG O 153 -26.80 -27.74 34.25
CA ARG O 153 -26.60 -26.31 34.17
C ARG O 153 -25.11 -25.94 34.14
N GLU O 154 -24.24 -26.84 34.62
CA GLU O 154 -22.81 -26.59 34.64
C GLU O 154 -22.24 -26.68 33.22
N LEU O 155 -22.88 -27.50 32.38
CA LEU O 155 -22.55 -27.61 30.97
C LEU O 155 -22.69 -26.26 30.24
N GLU O 156 -23.59 -25.38 30.69
CA GLU O 156 -23.82 -24.13 29.97
C GLU O 156 -23.22 -22.92 30.69
N GLU O 157 -22.21 -23.12 31.55
CA GLU O 157 -21.65 -22.03 32.35
C GLU O 157 -20.13 -22.11 32.44
N VAL O 158 -19.57 -23.28 32.05
CA VAL O 158 -18.14 -23.48 31.80
C VAL O 158 -17.74 -22.61 30.61
N ASN O 159 -18.72 -22.43 29.70
CA ASN O 159 -18.68 -21.68 28.44
C ASN O 159 -18.01 -20.31 28.63
N LYS O 160 -18.04 -19.83 29.88
CA LYS O 160 -17.53 -18.51 30.26
C LYS O 160 -16.04 -18.58 30.61
N GLN O 161 -15.58 -19.71 31.16
CA GLN O 161 -14.20 -19.87 31.57
C GLN O 161 -13.33 -20.23 30.36
N TYR O 162 -12.81 -19.21 29.68
CA TYR O 162 -12.31 -19.42 28.34
C TYR O 162 -11.09 -20.32 28.35
N GLU O 163 -10.19 -20.13 29.31
CA GLU O 163 -9.02 -20.99 29.35
C GLU O 163 -9.45 -22.45 29.45
N GLU O 164 -10.47 -22.72 30.26
CA GLU O 164 -10.89 -24.10 30.43
C GLU O 164 -11.53 -24.63 29.15
N VAL O 165 -12.30 -23.78 28.47
CA VAL O 165 -12.91 -24.20 27.22
C VAL O 165 -11.82 -24.56 26.23
N VAL O 166 -10.80 -23.72 26.17
CA VAL O 166 -9.73 -23.96 25.23
C VAL O 166 -9.02 -25.26 25.57
N PHE O 167 -8.64 -25.44 26.84
CA PHE O 167 -7.96 -26.69 27.15
C PHE O 167 -8.83 -27.92 26.96
N ASP O 168 -10.14 -27.80 27.17
CA ASP O 168 -10.97 -28.98 26.99
C ASP O 168 -11.03 -29.36 25.52
N HIS O 169 -11.13 -28.37 24.65
CA HIS O 169 -11.12 -28.71 23.25
C HIS O 169 -9.76 -29.24 22.84
N LEU O 170 -8.70 -28.70 23.44
CA LEU O 170 -7.36 -29.15 23.10
C LEU O 170 -7.21 -30.62 23.40
N HIS O 171 -7.68 -31.11 24.56
CA HIS O 171 -7.57 -32.53 24.81
C HIS O 171 -8.44 -33.33 23.86
N ALA O 172 -9.62 -32.79 23.55
CA ALA O 172 -10.56 -33.52 22.71
C ALA O 172 -9.96 -33.77 21.33
N THR O 173 -9.24 -32.78 20.79
CA THR O 173 -8.70 -32.92 19.46
C THR O 173 -7.36 -33.64 19.46
N ALA O 174 -6.47 -33.30 20.39
CA ALA O 174 -5.19 -33.99 20.49
C ALA O 174 -5.39 -35.50 20.67
N PHE O 175 -6.36 -35.91 21.51
CA PHE O 175 -6.50 -37.33 21.77
C PHE O 175 -7.84 -37.79 21.25
N MET O 176 -8.07 -37.52 19.97
CA MET O 176 -9.34 -37.71 19.32
C MET O 176 -9.81 -39.16 19.49
N ASN O 177 -11.05 -39.34 19.96
CA ASN O 177 -11.71 -40.62 20.22
C ASN O 177 -10.93 -41.54 21.16
N GLN O 178 -10.17 -40.97 22.10
CA GLN O 178 -9.46 -41.78 23.05
C GLN O 178 -9.89 -41.36 24.45
N PRO O 179 -9.71 -42.18 25.49
CA PRO O 179 -10.08 -41.81 26.87
C PRO O 179 -9.55 -40.47 27.38
N LEU O 180 -8.30 -40.09 27.08
CA LEU O 180 -7.85 -38.77 27.50
C LEU O 180 -8.59 -37.64 26.79
N GLY O 181 -9.25 -37.94 25.68
CA GLY O 181 -9.88 -36.88 24.91
C GLY O 181 -11.25 -36.50 25.45
N ARG O 182 -11.80 -37.34 26.33
CA ARG O 182 -13.14 -37.11 26.85
C ARG O 182 -13.11 -35.97 27.86
N THR O 183 -14.25 -35.32 28.03
CA THR O 183 -14.38 -34.27 29.02
C THR O 183 -14.55 -34.91 30.40
N ILE O 184 -14.43 -34.08 31.44
CA ILE O 184 -14.64 -34.56 32.79
C ILE O 184 -16.14 -34.62 33.08
N LEU O 185 -16.89 -33.62 32.62
CA LEU O 185 -18.31 -33.55 32.89
C LEU O 185 -19.08 -34.62 32.12
N GLY O 186 -18.59 -34.97 30.93
CA GLY O 186 -19.29 -35.97 30.16
C GLY O 186 -20.37 -35.32 29.29
N PRO O 187 -20.95 -36.06 28.32
CA PRO O 187 -21.99 -35.49 27.47
C PRO O 187 -23.32 -35.36 28.23
N ARG O 188 -24.16 -34.41 27.80
CA ARG O 188 -25.50 -34.16 28.32
C ARG O 188 -26.31 -35.44 28.40
N GLU O 189 -26.16 -36.31 27.38
CA GLU O 189 -26.87 -37.57 27.23
C GLU O 189 -26.61 -38.51 28.42
N ASN O 190 -25.35 -38.53 28.90
CA ASN O 190 -24.95 -39.43 29.96
C ASN O 190 -25.46 -38.90 31.30
N ILE O 191 -25.44 -37.58 31.44
CA ILE O 191 -25.86 -36.95 32.67
C ILE O 191 -27.31 -37.33 32.95
N GLN O 192 -28.12 -37.50 31.90
CA GLN O 192 -29.53 -37.86 32.04
C GLN O 192 -29.72 -39.33 32.36
N THR O 193 -28.68 -40.16 32.16
CA THR O 193 -28.85 -41.62 32.25
C THR O 193 -27.94 -42.27 33.31
N ILE O 194 -27.21 -41.47 34.09
CA ILE O 194 -26.35 -42.03 35.12
C ILE O 194 -27.23 -42.50 36.28
N THR O 195 -27.11 -43.78 36.67
CA THR O 195 -27.87 -44.33 37.77
C THR O 195 -26.97 -44.53 39.00
N ASN O 196 -27.60 -44.74 40.16
CA ASN O 196 -26.86 -45.03 41.39
C ASN O 196 -26.05 -46.32 41.23
N THR O 197 -26.50 -47.24 40.35
CA THR O 197 -25.86 -48.52 40.13
C THR O 197 -24.50 -48.31 39.47
N GLU O 198 -24.51 -47.48 38.41
CA GLU O 198 -23.29 -47.20 37.65
C GLU O 198 -22.32 -46.43 38.54
N LEU O 199 -22.86 -45.53 39.37
CA LEU O 199 -22.03 -44.76 40.29
C LEU O 199 -21.35 -45.69 41.27
N ARG O 200 -22.12 -46.63 41.83
CA ARG O 200 -21.64 -47.56 42.84
C ARG O 200 -20.55 -48.43 42.22
N LYS O 201 -20.81 -48.88 40.99
CA LYS O 201 -19.91 -49.78 40.29
C LYS O 201 -18.58 -49.07 40.04
N PHE O 202 -18.65 -47.77 39.72
CA PHE O 202 -17.45 -47.03 39.36
C PHE O 202 -16.56 -46.89 40.59
N ILE O 203 -17.16 -46.51 41.71
CA ILE O 203 -16.36 -46.19 42.89
C ILE O 203 -15.92 -47.47 43.58
N THR O 204 -16.49 -48.61 43.18
CA THR O 204 -16.10 -49.87 43.77
C THR O 204 -14.93 -50.46 42.99
N GLU O 205 -14.92 -50.19 41.69
CA GLU O 205 -13.87 -50.68 40.83
C GLU O 205 -12.62 -49.80 40.95
N ASN O 206 -12.82 -48.51 41.25
CA ASN O 206 -11.74 -47.54 41.05
C ASN O 206 -11.17 -47.00 42.37
N TYR O 207 -12.04 -46.72 43.34
CA TYR O 207 -11.61 -46.14 44.60
C TYR O 207 -11.18 -47.25 45.55
N THR O 208 -10.09 -47.91 45.16
CA THR O 208 -9.57 -49.02 45.95
C THR O 208 -8.32 -48.56 46.69
N ALA O 209 -8.03 -49.31 47.76
CA ALA O 209 -7.03 -48.96 48.74
C ALA O 209 -5.66 -48.85 48.10
N ASP O 210 -5.39 -49.67 47.10
CA ASP O 210 -4.06 -49.68 46.49
C ASP O 210 -3.92 -48.52 45.51
N ARG O 211 -5.01 -47.76 45.30
CA ARG O 211 -4.95 -46.63 44.41
C ARG O 211 -5.07 -45.31 45.18
N MET O 212 -5.09 -45.41 46.51
CA MET O 212 -5.41 -44.26 47.34
C MET O 212 -4.23 -43.91 48.23
N VAL O 213 -4.04 -42.61 48.46
CA VAL O 213 -3.02 -42.16 49.38
C VAL O 213 -3.67 -41.19 50.34
N LEU O 214 -3.55 -41.48 51.64
CA LEU O 214 -3.99 -40.55 52.66
C LEU O 214 -2.81 -39.65 53.02
N VAL O 215 -2.99 -38.35 52.83
CA VAL O 215 -1.90 -37.41 52.92
C VAL O 215 -2.20 -36.45 54.05
N GLY O 216 -1.20 -36.18 54.90
CA GLY O 216 -1.32 -35.13 55.90
C GLY O 216 -0.16 -34.15 55.81
N ALA O 217 -0.47 -32.85 55.71
CA ALA O 217 0.57 -31.83 55.75
C ALA O 217 0.20 -30.75 56.76
N GLY O 218 1.22 -30.21 57.44
CA GLY O 218 1.05 -29.16 58.41
C GLY O 218 1.17 -29.72 59.82
N ALA O 219 0.21 -29.37 60.67
CA ALA O 219 0.29 -29.80 62.06
C ALA O 219 -0.34 -31.18 62.22
N VAL O 220 0.35 -32.21 61.72
CA VAL O 220 -0.10 -33.58 61.83
C VAL O 220 1.04 -34.39 62.41
N ASP O 221 0.72 -35.36 63.28
CA ASP O 221 1.70 -36.37 63.61
C ASP O 221 1.46 -37.57 62.69
N HIS O 222 2.54 -38.11 62.10
CA HIS O 222 2.43 -39.26 61.21
C HIS O 222 1.80 -40.45 61.92
N ASP O 223 2.23 -40.69 63.16
CA ASP O 223 1.82 -41.91 63.86
C ASP O 223 0.35 -41.82 64.24
N ALA O 224 -0.12 -40.58 64.46
CA ALA O 224 -1.51 -40.32 64.80
C ALA O 224 -2.39 -40.54 63.58
N LEU O 225 -1.87 -40.15 62.41
CA LEU O 225 -2.56 -40.24 61.14
C LEU O 225 -2.72 -41.70 60.72
N VAL O 226 -1.68 -42.51 61.03
CA VAL O 226 -1.67 -43.92 60.70
C VAL O 226 -2.72 -44.66 61.54
N GLU O 227 -2.91 -44.20 62.78
CA GLU O 227 -3.86 -44.82 63.69
C GLU O 227 -5.28 -44.52 63.22
N LEU O 228 -5.48 -43.29 62.76
CA LEU O 228 -6.76 -42.85 62.24
C LEU O 228 -7.10 -43.58 60.95
N ALA O 229 -6.08 -44.00 60.20
CA ALA O 229 -6.28 -44.70 58.93
C ALA O 229 -6.69 -46.15 59.21
N GLU O 230 -6.16 -46.68 60.32
CA GLU O 230 -6.40 -48.04 60.74
C GLU O 230 -7.80 -48.15 61.31
N LYS O 231 -8.33 -47.00 61.74
CA LYS O 231 -9.62 -46.93 62.41
C LYS O 231 -10.73 -46.72 61.38
N TYR O 232 -10.41 -46.03 60.28
CA TYR O 232 -11.45 -45.56 59.40
C TYR O 232 -11.35 -46.15 57.99
N PHE O 233 -10.13 -46.34 57.50
CA PHE O 233 -9.98 -46.81 56.14
C PHE O 233 -9.56 -48.27 56.09
N SER O 234 -9.89 -49.05 57.12
CA SER O 234 -9.41 -50.42 57.14
C SER O 234 -10.27 -51.33 56.25
N HIS O 235 -11.58 -51.06 56.21
CA HIS O 235 -12.49 -51.82 55.35
C HIS O 235 -12.68 -51.11 54.02
N LEU O 236 -11.55 -50.77 53.35
CA LEU O 236 -11.58 -50.36 51.96
C LEU O 236 -11.35 -51.58 51.08
N PRO O 237 -12.05 -51.70 49.93
CA PRO O 237 -11.80 -52.78 48.96
C PRO O 237 -10.38 -52.71 48.43
N SER O 238 -9.76 -53.88 48.22
CA SER O 238 -8.52 -53.96 47.46
C SER O 238 -8.83 -54.41 46.04
N SER O 239 -8.09 -53.89 45.05
CA SER O 239 -8.26 -54.31 43.67
C SER O 239 -7.69 -55.71 43.48
N GLN O 240 -8.22 -56.43 42.48
CA GLN O 240 -7.87 -57.81 42.16
C GLN O 240 -6.41 -57.90 41.75
N SER O 241 -5.97 -56.95 40.91
CA SER O 241 -4.62 -56.88 40.36
C SER O 241 -3.93 -55.60 40.83
N PRO O 242 -3.28 -55.60 42.03
CA PRO O 242 -2.58 -54.43 42.53
C PRO O 242 -1.30 -54.13 41.75
N VAL O 243 -1.41 -53.15 40.84
CA VAL O 243 -0.27 -52.56 40.15
C VAL O 243 0.33 -51.47 41.05
N PRO O 244 1.60 -51.04 40.85
CA PRO O 244 2.17 -49.92 41.61
C PRO O 244 1.47 -48.61 41.28
N LEU O 245 1.58 -47.63 42.20
CA LEU O 245 0.96 -46.33 41.99
C LEU O 245 1.57 -45.64 40.77
N GLY O 246 0.70 -44.98 39.99
CA GLY O 246 1.08 -44.20 38.82
C GLY O 246 1.36 -45.06 37.59
N THR O 247 0.71 -46.23 37.53
CA THR O 247 0.81 -47.13 36.39
C THR O 247 -0.30 -46.77 35.39
N PRO O 248 0.02 -46.64 34.08
CA PRO O 248 -0.99 -46.35 33.05
C PRO O 248 -2.29 -47.19 33.08
N ILE O 260 -3.80 -46.79 24.25
CA ILE O 260 -2.39 -46.27 24.29
C ILE O 260 -2.30 -44.99 23.48
N PRO O 261 -2.05 -43.81 24.10
CA PRO O 261 -2.40 -42.53 23.48
C PRO O 261 -1.66 -42.22 22.18
N ASN O 262 -2.45 -41.83 21.18
CA ASN O 262 -1.95 -41.65 19.84
C ASN O 262 -2.39 -40.26 19.42
N PHE O 263 -1.48 -39.30 19.54
CA PHE O 263 -1.77 -37.90 19.36
C PHE O 263 -2.26 -37.64 17.93
N VAL O 264 -3.21 -36.71 17.75
CA VAL O 264 -3.67 -36.39 16.42
C VAL O 264 -3.39 -34.92 16.16
N GLY O 265 -2.52 -34.63 15.20
CA GLY O 265 -2.32 -33.23 14.85
C GLY O 265 -3.58 -32.70 14.19
N SER O 266 -4.11 -31.58 14.68
CA SER O 266 -5.46 -31.22 14.29
C SER O 266 -5.78 -29.81 14.78
N GLU O 267 -6.91 -29.26 14.39
CA GLU O 267 -7.28 -27.97 14.93
C GLU O 267 -8.77 -27.91 15.17
N VAL O 268 -9.13 -27.13 16.18
CA VAL O 268 -10.50 -26.75 16.41
C VAL O 268 -10.54 -25.24 16.36
N ARG O 269 -11.40 -24.69 15.50
CA ARG O 269 -11.56 -23.24 15.52
C ARG O 269 -12.97 -22.91 15.97
N LEU O 270 -13.06 -22.07 16.99
CA LEU O 270 -14.34 -21.70 17.55
C LEU O 270 -14.42 -20.20 17.42
N ARG O 271 -14.55 -19.76 16.18
CA ARG O 271 -14.56 -18.34 15.94
C ARG O 271 -15.79 -17.70 16.56
N ASP O 272 -15.58 -16.54 17.19
CA ASP O 272 -16.64 -15.77 17.82
C ASP O 272 -16.24 -14.32 17.70
N ASP O 273 -16.80 -13.65 16.70
CA ASP O 273 -16.39 -12.30 16.37
C ASP O 273 -16.80 -11.31 17.47
N THR O 274 -17.75 -11.73 18.32
CA THR O 274 -18.30 -10.84 19.33
C THR O 274 -17.39 -10.78 20.55
N MET O 275 -16.50 -11.77 20.71
CA MET O 275 -15.53 -11.75 21.80
C MET O 275 -14.43 -10.73 21.46
N PRO O 276 -13.97 -9.95 22.46
CA PRO O 276 -12.86 -9.01 22.27
C PRO O 276 -11.45 -9.58 22.24
N VAL O 277 -11.24 -10.71 22.93
CA VAL O 277 -9.94 -11.32 23.10
C VAL O 277 -9.92 -12.68 22.42
N ALA O 278 -8.86 -12.98 21.67
CA ALA O 278 -8.65 -14.29 21.09
C ALA O 278 -7.85 -15.17 22.06
N HIS O 279 -8.22 -16.44 22.16
CA HIS O 279 -7.55 -17.37 23.04
C HIS O 279 -7.05 -18.51 22.17
N ILE O 280 -5.76 -18.78 22.22
CA ILE O 280 -5.19 -19.78 21.33
C ILE O 280 -4.30 -20.71 22.13
N ALA O 281 -4.45 -22.02 21.94
CA ALA O 281 -3.48 -22.92 22.52
C ALA O 281 -2.81 -23.67 21.37
N ILE O 282 -1.49 -23.88 21.47
CA ILE O 282 -0.81 -24.74 20.54
C ILE O 282 -0.08 -25.79 21.37
N ALA O 283 -0.17 -27.07 21.00
CA ALA O 283 0.48 -28.07 21.82
C ALA O 283 1.04 -29.15 20.91
N VAL O 284 2.10 -29.79 21.36
CA VAL O 284 2.55 -31.01 20.73
C VAL O 284 2.46 -32.10 21.78
N GLU O 285 2.62 -33.36 21.36
CA GLU O 285 2.64 -34.43 22.34
C GLU O 285 3.86 -34.24 23.21
N GLY O 286 3.64 -34.21 24.53
CA GLY O 286 4.70 -33.95 25.49
C GLY O 286 5.14 -35.23 26.20
N VAL O 287 5.43 -35.14 27.50
CA VAL O 287 6.14 -36.22 28.19
C VAL O 287 5.31 -36.71 29.36
N SER O 288 5.44 -37.98 29.70
CA SER O 288 4.74 -38.54 30.84
C SER O 288 5.51 -38.24 32.12
N TRP O 289 4.91 -38.57 33.27
CA TRP O 289 5.51 -38.22 34.55
C TRP O 289 6.85 -38.92 34.68
N THR O 290 6.92 -40.12 34.12
CA THR O 290 8.08 -40.97 34.37
C THR O 290 9.01 -40.98 33.17
N SER O 291 8.76 -40.10 32.20
CA SER O 291 9.72 -39.93 31.12
C SER O 291 11.10 -39.57 31.65
N GLU O 292 12.10 -39.99 30.89
CA GLU O 292 13.49 -39.60 31.09
C GLU O 292 13.65 -38.13 30.74
N ASP O 293 12.69 -37.59 29.98
CA ASP O 293 12.80 -36.26 29.44
C ASP O 293 11.94 -35.27 30.21
N TYR O 294 11.40 -35.73 31.34
CA TYR O 294 10.50 -34.92 32.13
C TYR O 294 11.14 -33.59 32.51
N TYR O 295 12.38 -33.62 33.01
CA TYR O 295 13.00 -32.37 33.43
C TYR O 295 13.48 -31.57 32.22
N THR O 296 13.85 -32.27 31.16
CA THR O 296 14.29 -31.56 29.98
C THR O 296 13.12 -30.76 29.44
N ALA O 297 11.93 -31.34 29.44
CA ALA O 297 10.77 -30.65 28.91
C ALA O 297 10.41 -29.46 29.79
N LEU O 298 10.67 -29.53 31.10
CA LEU O 298 10.38 -28.41 31.99
C LEU O 298 11.36 -27.27 31.72
N VAL O 299 12.63 -27.61 31.57
CA VAL O 299 13.59 -26.57 31.24
C VAL O 299 13.20 -25.93 29.90
N ALA O 300 12.80 -26.74 28.91
CA ALA O 300 12.49 -26.13 27.63
C ALA O 300 11.31 -25.18 27.76
N GLN O 301 10.32 -25.59 28.54
CA GLN O 301 9.16 -24.76 28.80
C GLN O 301 9.60 -23.45 29.47
N ALA O 302 10.59 -23.50 30.36
CA ALA O 302 11.04 -22.32 31.09
C ALA O 302 11.80 -21.33 30.21
N ILE O 303 12.42 -21.84 29.14
CA ILE O 303 13.11 -20.98 28.20
C ILE O 303 12.11 -20.08 27.50
N ILE O 304 10.92 -20.57 27.20
CA ILE O 304 9.91 -19.71 26.60
C ILE O 304 9.23 -18.88 27.70
N GLY O 305 8.71 -19.59 28.70
CA GLY O 305 8.20 -18.95 29.91
C GLY O 305 6.84 -18.29 29.71
N ASN O 306 6.52 -17.38 30.62
CA ASN O 306 5.19 -16.79 30.72
C ASN O 306 5.32 -15.30 30.54
N TYR O 307 4.20 -14.65 30.24
CA TYR O 307 4.21 -13.22 30.08
C TYR O 307 2.81 -12.71 30.41
N ASP O 308 2.70 -11.57 31.09
CA ASP O 308 1.40 -10.99 31.33
C ASP O 308 1.52 -9.47 31.34
N ARG O 309 0.80 -8.77 30.46
CA ARG O 309 0.97 -7.33 30.36
C ARG O 309 0.57 -6.62 31.66
N ALA O 310 -0.23 -7.28 32.49
CA ALA O 310 -0.72 -6.66 33.70
C ALA O 310 0.29 -6.76 34.83
N VAL O 311 1.31 -7.59 34.66
CA VAL O 311 2.31 -7.68 35.71
C VAL O 311 3.42 -6.69 35.38
N GLY O 312 3.91 -5.97 36.40
CA GLY O 312 4.86 -4.90 36.17
C GLY O 312 6.20 -5.35 35.58
N THR O 313 6.71 -6.47 36.12
CA THR O 313 8.04 -6.95 35.80
C THR O 313 8.09 -7.61 34.42
N SER O 314 6.93 -7.92 33.83
CA SER O 314 6.92 -8.80 32.67
C SER O 314 7.61 -8.16 31.46
N ARG O 315 7.63 -6.83 31.37
CA ARG O 315 8.28 -6.23 30.24
C ARG O 315 9.80 -6.37 30.30
N HIS O 316 10.32 -6.84 31.43
CA HIS O 316 11.76 -6.90 31.58
C HIS O 316 12.27 -8.33 31.61
N GLN O 317 11.38 -9.30 31.37
CA GLN O 317 11.79 -10.70 31.41
C GLN O 317 12.82 -11.00 30.32
N GLY O 318 13.63 -12.03 30.56
CA GLY O 318 14.74 -12.34 29.69
C GLY O 318 14.36 -13.10 28.43
N SER O 319 13.30 -13.91 28.54
CA SER O 319 12.71 -14.70 27.45
C SER O 319 12.61 -13.91 26.16
N ARG O 320 13.09 -14.48 25.05
CA ARG O 320 13.07 -13.80 23.76
C ARG O 320 11.64 -13.55 23.30
N LEU O 321 10.75 -14.54 23.52
CA LEU O 321 9.38 -14.38 23.09
C LEU O 321 8.74 -13.25 23.88
N SER O 322 9.05 -13.18 25.17
CA SER O 322 8.51 -12.14 26.02
C SER O 322 8.88 -10.78 25.46
N ASN O 323 10.14 -10.63 25.04
CA ASN O 323 10.58 -9.36 24.49
C ASN O 323 9.82 -9.02 23.22
N ILE O 324 9.69 -9.98 22.30
CA ILE O 324 9.05 -9.69 21.03
C ILE O 324 7.60 -9.27 21.29
N VAL O 325 6.95 -9.99 22.19
CA VAL O 325 5.53 -9.82 22.37
C VAL O 325 5.28 -8.49 23.06
N SER O 326 6.11 -8.16 24.04
CA SER O 326 5.89 -6.91 24.78
C SER O 326 6.20 -5.70 23.90
N GLU O 327 7.29 -5.73 23.12
CA GLU O 327 7.69 -4.59 22.29
C GLU O 327 6.65 -4.30 21.21
N ASN O 328 6.00 -5.36 20.73
CA ASN O 328 5.09 -5.25 19.61
C ASN O 328 3.62 -5.24 20.02
N ASN O 329 3.32 -5.28 21.33
CA ASN O 329 1.97 -5.42 21.88
C ASN O 329 1.18 -6.54 21.18
N LEU O 330 1.80 -7.70 21.06
CA LEU O 330 1.15 -8.74 20.29
C LEU O 330 0.12 -9.48 21.13
N ALA O 331 0.28 -9.47 22.46
CA ALA O 331 -0.56 -10.33 23.27
C ALA O 331 -0.76 -9.67 24.62
N ASN O 332 -1.86 -10.06 25.28
CA ASN O 332 -2.09 -9.70 26.65
C ASN O 332 -1.30 -10.64 27.52
N SER O 333 -1.21 -11.91 27.11
CA SER O 333 -0.51 -12.86 27.95
C SER O 333 -0.12 -14.07 27.13
N PHE O 334 0.88 -14.79 27.61
CA PHE O 334 1.04 -16.16 27.21
C PHE O 334 1.56 -16.97 28.38
N GLN O 335 1.31 -18.27 28.36
CA GLN O 335 1.62 -19.16 29.46
C GLN O 335 2.07 -20.46 28.84
N SER O 336 3.34 -20.81 29.01
CA SER O 336 3.80 -22.09 28.51
C SER O 336 3.34 -23.15 29.49
N PHE O 337 3.00 -24.33 28.99
CA PHE O 337 2.61 -25.39 29.91
C PHE O 337 3.25 -26.69 29.47
N SER O 338 3.40 -27.59 30.44
CA SER O 338 3.81 -28.93 30.14
C SER O 338 3.04 -29.88 31.04
N THR O 339 1.87 -30.28 30.55
CA THR O 339 1.00 -31.21 31.23
C THR O 339 1.45 -32.66 31.05
N SER O 340 1.57 -33.42 32.15
CA SER O 340 1.91 -34.82 32.05
C SER O 340 0.76 -35.71 32.49
N TYR O 341 0.72 -36.89 31.89
CA TYR O 341 -0.17 -37.94 32.33
C TYR O 341 0.69 -39.17 32.51
N SER O 342 0.03 -40.31 32.77
CA SER O 342 0.79 -41.49 33.11
C SER O 342 1.56 -42.01 31.89
N ASP O 343 1.02 -41.77 30.69
CA ASP O 343 1.61 -42.40 29.52
C ASP O 343 1.77 -41.43 28.36
N THR O 344 1.42 -40.16 28.56
CA THR O 344 1.61 -39.16 27.53
C THR O 344 1.66 -37.78 28.18
N GLY O 345 1.64 -36.72 27.37
CA GLY O 345 1.51 -35.38 27.90
C GLY O 345 1.20 -34.40 26.78
N LEU O 346 0.99 -33.14 27.14
CA LEU O 346 0.88 -32.10 26.13
C LEU O 346 1.85 -31.00 26.53
N TRP O 347 2.62 -30.49 25.58
CA TRP O 347 3.55 -29.44 25.88
C TRP O 347 3.20 -28.33 24.92
N GLY O 348 3.04 -27.10 25.39
CA GLY O 348 2.63 -26.10 24.43
C GLY O 348 2.50 -24.74 25.08
N ILE O 349 1.68 -23.88 24.50
CA ILE O 349 1.59 -22.53 25.03
C ILE O 349 0.15 -22.09 24.89
N TYR O 350 -0.27 -21.21 25.79
CA TYR O 350 -1.61 -20.67 25.71
C TYR O 350 -1.47 -19.17 25.58
N LEU O 351 -2.03 -18.56 24.54
CA LEU O 351 -1.87 -17.14 24.27
C LEU O 351 -3.20 -16.44 24.39
N THR O 352 -3.18 -15.17 24.81
CA THR O 352 -4.41 -14.38 24.71
C THR O 352 -4.06 -13.02 24.17
N SER O 353 -4.93 -12.48 23.34
CA SER O 353 -4.57 -11.30 22.58
C SER O 353 -5.83 -10.57 22.18
N GLU O 354 -5.78 -9.23 22.24
CA GLU O 354 -6.81 -8.39 21.64
C GLU O 354 -6.34 -7.87 20.29
N ASN O 355 -5.11 -8.16 19.89
CA ASN O 355 -4.55 -7.55 18.71
C ASN O 355 -4.94 -8.42 17.54
N THR O 356 -6.14 -8.21 17.02
CA THR O 356 -6.70 -9.22 16.16
C THR O 356 -6.14 -9.17 14.74
N THR O 357 -5.48 -8.07 14.39
CA THR O 357 -4.85 -7.97 13.09
C THR O 357 -3.41 -8.48 13.11
N GLN O 358 -2.90 -8.88 14.28
CA GLN O 358 -1.52 -9.36 14.27
C GLN O 358 -1.42 -10.71 14.96
N ILE O 359 -2.50 -11.47 14.91
CA ILE O 359 -2.48 -12.79 15.47
C ILE O 359 -1.47 -13.65 14.71
N ASP O 360 -1.38 -13.40 13.41
CA ASP O 360 -0.44 -14.12 12.57
C ASP O 360 0.97 -13.90 13.08
N ASP O 361 1.30 -12.65 13.46
CA ASP O 361 2.63 -12.35 13.95
C ASP O 361 2.86 -13.03 15.28
N LEU O 362 1.87 -12.95 16.16
CA LEU O 362 1.99 -13.61 17.44
C LEU O 362 2.32 -15.10 17.27
N VAL O 363 1.53 -15.79 16.42
CA VAL O 363 1.75 -17.21 16.25
C VAL O 363 3.09 -17.44 15.55
N HIS O 364 3.39 -16.66 14.51
CA HIS O 364 4.66 -16.77 13.81
C HIS O 364 5.82 -16.68 14.80
N PHE O 365 5.87 -15.60 15.59
CA PHE O 365 6.99 -15.41 16.49
C PHE O 365 7.08 -16.48 17.56
N THR O 366 5.93 -16.91 18.08
CA THR O 366 5.93 -18.00 19.03
C THR O 366 6.57 -19.25 18.42
N LEU O 367 6.17 -19.63 17.22
CA LEU O 367 6.66 -20.90 16.72
C LEU O 367 8.14 -20.80 16.33
N LYS O 368 8.56 -19.61 15.94
CA LYS O 368 9.97 -19.44 15.62
C LYS O 368 10.80 -19.48 16.90
N GLU O 369 10.23 -19.10 18.05
CA GLU O 369 10.93 -19.27 19.32
C GLU O 369 11.08 -20.73 19.70
N TRP O 370 10.07 -21.53 19.40
CA TRP O 370 10.21 -22.96 19.59
C TRP O 370 11.28 -23.52 18.65
N ASN O 371 11.36 -23.01 17.41
CA ASN O 371 12.32 -23.56 16.48
C ASN O 371 13.71 -23.45 17.08
N ARG O 372 13.97 -22.35 17.78
CA ARG O 372 15.29 -22.10 18.32
C ARG O 372 15.65 -23.06 19.45
N LEU O 373 14.69 -23.77 20.04
CA LEU O 373 15.04 -24.79 21.01
C LEU O 373 15.78 -25.92 20.31
N SER O 374 15.52 -26.09 19.01
CA SER O 374 16.14 -27.12 18.21
C SER O 374 17.45 -26.62 17.62
N THR O 375 17.51 -25.33 17.27
CA THR O 375 18.58 -24.94 16.38
C THR O 375 19.65 -24.16 17.13
N SER O 376 19.25 -23.41 18.16
CA SER O 376 20.11 -22.33 18.64
C SER O 376 20.43 -22.38 20.14
N VAL O 377 19.71 -23.16 20.95
CA VAL O 377 19.85 -22.93 22.38
C VAL O 377 21.23 -23.38 22.79
N SER O 378 21.79 -22.60 23.71
CA SER O 378 23.15 -22.76 24.17
C SER O 378 23.10 -22.83 25.69
N ASN O 379 24.26 -22.88 26.31
CA ASN O 379 24.26 -22.97 27.77
C ASN O 379 23.69 -21.69 28.37
N LEU O 380 23.69 -20.62 27.58
CA LEU O 380 23.20 -19.34 28.06
C LEU O 380 21.74 -19.46 28.51
N GLN O 381 20.87 -19.93 27.61
CA GLN O 381 19.45 -20.01 27.91
C GLN O 381 19.22 -21.15 28.90
N VAL O 382 19.91 -22.27 28.69
CA VAL O 382 19.68 -23.45 29.50
C VAL O 382 20.04 -23.16 30.96
N GLU O 383 21.19 -22.52 31.21
CA GLU O 383 21.59 -22.31 32.60
C GLU O 383 20.70 -21.25 33.26
N ARG O 384 20.23 -20.28 32.49
CA ARG O 384 19.30 -19.30 33.04
C ARG O 384 18.00 -19.98 33.49
N ALA O 385 17.49 -20.93 32.69
CA ALA O 385 16.19 -21.54 32.92
C ALA O 385 16.31 -22.55 34.05
N LYS O 386 17.48 -23.20 34.15
CA LYS O 386 17.71 -24.12 35.25
C LYS O 386 17.67 -23.36 36.57
N SER O 387 18.30 -22.18 36.60
CA SER O 387 18.35 -21.37 37.81
C SER O 387 16.93 -21.01 38.28
N GLN O 388 16.10 -20.60 37.33
CA GLN O 388 14.74 -20.19 37.58
C GLN O 388 13.89 -21.35 38.06
N LEU O 389 14.25 -22.59 37.69
CA LEU O 389 13.40 -23.75 37.98
C LEU O 389 13.78 -24.38 39.32
N LYS O 390 15.08 -24.35 39.59
CA LYS O 390 15.64 -24.89 40.83
C LYS O 390 14.91 -24.25 42.01
N ALA O 391 14.57 -22.96 41.89
CA ALA O 391 13.76 -22.30 42.91
C ALA O 391 12.28 -22.54 42.67
N GLY O 392 11.82 -22.44 41.42
CA GLY O 392 10.40 -22.49 41.10
C GLY O 392 9.70 -23.76 41.59
N LEU O 393 10.42 -24.89 41.58
CA LEU O 393 9.86 -26.19 41.96
C LEU O 393 9.72 -26.28 43.48
N LEU O 394 10.42 -25.40 44.20
CA LEU O 394 10.32 -25.35 45.64
C LEU O 394 9.38 -24.22 46.08
N LEU O 395 9.29 -23.13 45.29
CA LEU O 395 8.56 -21.92 45.63
C LEU O 395 7.05 -22.16 45.59
N SER O 396 6.63 -23.03 44.67
CA SER O 396 5.24 -23.45 44.53
C SER O 396 4.66 -23.94 45.87
N LEU O 397 5.49 -24.61 46.68
CA LEU O 397 5.08 -25.20 47.95
C LEU O 397 5.12 -24.18 49.08
N ASP O 398 4.02 -23.42 49.20
CA ASP O 398 3.86 -22.36 50.18
C ASP O 398 3.16 -22.88 51.46
N GLY O 399 1.82 -23.03 51.37
CA GLY O 399 0.98 -23.41 52.50
C GLY O 399 0.73 -24.92 52.53
N THR O 400 -0.03 -25.36 53.53
CA THR O 400 -0.18 -26.79 53.78
C THR O 400 -0.90 -27.47 52.63
N THR O 401 -1.81 -26.75 51.97
CA THR O 401 -2.58 -27.34 50.89
C THR O 401 -1.66 -27.61 49.71
N TYR O 402 -0.70 -26.72 49.47
CA TYR O 402 0.21 -26.90 48.36
C TYR O 402 1.17 -28.05 48.62
N VAL O 403 1.58 -28.17 49.89
CA VAL O 403 2.47 -29.25 50.26
C VAL O 403 1.72 -30.57 50.13
N ALA O 404 0.46 -30.60 50.59
CA ALA O 404 -0.30 -31.84 50.55
C ALA O 404 -0.54 -32.21 49.09
N GLU O 405 -0.76 -31.19 48.26
CA GLU O 405 -1.02 -31.44 46.85
C GLU O 405 0.23 -31.99 46.20
N ASP O 406 1.40 -31.54 46.68
CA ASP O 406 2.65 -32.02 46.13
C ASP O 406 2.92 -33.46 46.55
N ILE O 407 2.68 -33.77 47.83
CA ILE O 407 2.93 -35.12 48.28
C ILE O 407 1.96 -36.05 47.56
N GLY O 408 0.69 -35.66 47.51
CA GLY O 408 -0.33 -36.49 46.89
C GLY O 408 -0.07 -36.73 45.40
N ARG O 409 0.33 -35.68 44.68
CA ARG O 409 0.52 -35.75 43.25
C ARG O 409 1.69 -36.71 42.99
N GLN O 410 2.80 -36.47 43.67
CA GLN O 410 3.98 -37.29 43.44
C GLN O 410 3.75 -38.74 43.84
N LEU O 411 2.99 -39.00 44.90
CA LEU O 411 2.84 -40.38 45.35
C LEU O 411 1.95 -41.15 44.38
N THR O 412 1.03 -40.44 43.71
CA THR O 412 0.09 -41.13 42.84
C THR O 412 0.58 -41.17 41.41
N THR O 413 1.72 -40.52 41.11
CA THR O 413 2.23 -40.48 39.74
C THR O 413 3.58 -41.19 39.64
N LEU O 414 4.37 -41.15 40.72
CA LEU O 414 5.71 -41.70 40.68
C LEU O 414 5.86 -42.82 41.69
N GLY O 415 4.93 -42.87 42.66
CA GLY O 415 4.99 -43.90 43.69
C GLY O 415 5.88 -43.53 44.86
N ARG O 416 6.50 -42.35 44.80
CA ARG O 416 7.32 -41.85 45.89
C ARG O 416 7.36 -40.33 45.85
N ARG O 417 7.72 -39.74 46.99
CA ARG O 417 8.02 -38.33 47.06
C ARG O 417 9.48 -38.17 46.66
N VAL O 418 9.72 -37.31 45.67
CA VAL O 418 11.07 -37.01 45.26
C VAL O 418 11.58 -35.85 46.11
N THR O 419 12.68 -36.10 46.85
CA THR O 419 13.32 -35.14 47.75
C THR O 419 13.86 -33.96 46.94
N PRO O 420 13.93 -32.73 47.50
CA PRO O 420 14.50 -31.59 46.77
C PRO O 420 15.93 -31.77 46.27
N ALA O 421 16.71 -32.61 46.98
CA ALA O 421 18.07 -32.93 46.61
C ALA O 421 18.12 -33.70 45.29
N GLU O 422 17.18 -34.66 45.12
CA GLU O 422 17.09 -35.46 43.91
C GLU O 422 16.61 -34.57 42.77
N VAL O 423 15.66 -33.69 43.04
CA VAL O 423 15.10 -32.80 42.03
C VAL O 423 16.19 -31.85 41.56
N GLU O 424 17.06 -31.45 42.49
CA GLU O 424 18.12 -30.50 42.17
C GLU O 424 19.16 -31.19 41.30
N ALA O 425 19.38 -32.49 41.53
CA ALA O 425 20.35 -33.26 40.77
C ALA O 425 19.84 -33.58 39.36
N LYS O 426 18.53 -33.86 39.24
CA LYS O 426 17.92 -34.14 37.94
C LYS O 426 17.93 -32.90 37.07
N LEU O 427 17.67 -31.72 37.67
CA LEU O 427 17.75 -30.47 36.93
C LEU O 427 19.18 -30.18 36.51
N GLU O 428 20.14 -30.44 37.40
CA GLU O 428 21.54 -30.17 37.10
C GLU O 428 22.03 -31.04 35.94
N ALA O 429 21.40 -32.21 35.76
CA ALA O 429 21.81 -33.13 34.71
C ALA O 429 21.33 -32.68 33.33
N VAL O 430 20.44 -31.67 33.26
CA VAL O 430 19.90 -31.24 31.97
C VAL O 430 20.94 -30.35 31.31
N THR O 431 21.47 -30.76 30.15
CA THR O 431 22.46 -29.92 29.46
C THR O 431 21.79 -29.21 28.30
N GLU O 432 22.52 -28.27 27.68
CA GLU O 432 22.03 -27.65 26.46
C GLU O 432 21.82 -28.71 25.37
N HIS O 433 22.69 -29.71 25.39
CA HIS O 433 22.68 -30.72 24.35
C HIS O 433 21.41 -31.55 24.50
N ASP O 434 21.01 -31.82 25.75
CA ASP O 434 19.78 -32.53 26.06
C ASP O 434 18.57 -31.75 25.59
N VAL O 435 18.54 -30.44 25.86
CA VAL O 435 17.40 -29.68 25.39
C VAL O 435 17.33 -29.71 23.88
N ARG O 436 18.44 -29.44 23.18
CA ARG O 436 18.40 -29.49 21.73
C ARG O 436 17.94 -30.87 21.25
N ALA O 437 18.46 -31.94 21.86
CA ALA O 437 18.08 -33.27 21.41
C ALA O 437 16.58 -33.47 21.56
N TRP O 438 16.04 -33.02 22.70
CA TRP O 438 14.65 -33.28 23.01
C TRP O 438 13.78 -32.50 22.04
N ALA O 439 14.16 -31.24 21.80
CA ALA O 439 13.33 -30.37 20.98
C ALA O 439 13.31 -30.88 19.54
N GLN O 440 14.43 -31.46 19.11
CA GLN O 440 14.53 -31.91 17.74
C GLN O 440 13.71 -33.16 17.52
N LYS O 441 13.42 -33.89 18.59
CA LYS O 441 12.64 -35.12 18.49
C LYS O 441 11.16 -34.85 18.77
N THR O 442 10.85 -33.75 19.46
CA THR O 442 9.53 -33.56 20.04
C THR O 442 8.82 -32.37 19.42
N LEU O 443 9.58 -31.36 19.01
CA LEU O 443 8.96 -30.16 18.51
C LEU O 443 9.23 -29.98 17.04
N TYR O 444 10.47 -30.23 16.62
CA TYR O 444 10.90 -29.78 15.31
C TYR O 444 10.10 -30.50 14.25
N ASP O 445 9.38 -29.74 13.40
CA ASP O 445 8.67 -30.34 12.29
C ASP O 445 7.66 -31.39 12.77
N LYS O 446 6.96 -31.13 13.88
CA LYS O 446 6.02 -32.13 14.37
C LYS O 446 4.62 -31.57 14.24
N ASP O 447 3.61 -32.45 14.31
CA ASP O 447 2.24 -32.03 14.18
C ASP O 447 1.80 -31.33 15.44
N ILE O 448 0.95 -30.33 15.31
CA ILE O 448 0.51 -29.63 16.50
C ILE O 448 -0.98 -29.87 16.65
N ALA O 449 -1.48 -29.68 17.86
CA ALA O 449 -2.91 -29.54 18.04
C ALA O 449 -3.11 -28.06 18.32
N LEU O 450 -4.12 -27.47 17.71
CA LEU O 450 -4.25 -26.03 17.75
C LEU O 450 -5.71 -25.72 18.06
N VAL O 451 -5.95 -24.85 19.02
CA VAL O 451 -7.33 -24.50 19.28
C VAL O 451 -7.37 -23.00 19.33
N GLY O 452 -8.32 -22.42 18.60
CA GLY O 452 -8.49 -20.99 18.65
C GLY O 452 -9.92 -20.67 19.00
N LEU O 453 -10.08 -19.69 19.88
CA LEU O 453 -11.41 -19.30 20.29
C LEU O 453 -11.50 -17.78 20.26
N GLY O 454 -12.59 -17.27 19.69
CA GLY O 454 -12.77 -15.83 19.72
C GLY O 454 -12.55 -15.25 18.34
N PRO O 455 -12.10 -13.98 18.24
CA PRO O 455 -11.90 -13.36 16.94
C PRO O 455 -10.59 -13.82 16.32
N ILE O 456 -10.62 -14.99 15.68
CA ILE O 456 -9.41 -15.62 15.21
C ILE O 456 -9.40 -15.65 13.67
N GLU O 457 -10.13 -14.73 13.05
CA GLU O 457 -10.14 -14.62 11.59
C GLU O 457 -8.72 -14.57 11.06
N GLY O 458 -7.83 -13.86 11.77
CA GLY O 458 -6.47 -13.67 11.31
C GLY O 458 -5.56 -14.85 11.61
N LEU O 459 -6.07 -15.90 12.25
CA LEU O 459 -5.22 -17.07 12.47
C LEU O 459 -5.23 -17.85 11.17
N TYR O 460 -4.05 -18.12 10.58
CA TYR O 460 -4.04 -18.82 9.30
C TYR O 460 -4.45 -20.26 9.48
N ASP O 461 -4.68 -20.95 8.35
CA ASP O 461 -5.06 -22.35 8.30
C ASP O 461 -3.95 -23.25 8.87
N TYR O 462 -4.30 -24.52 9.09
CA TYR O 462 -3.40 -25.44 9.73
C TYR O 462 -2.03 -25.51 9.04
N ASN O 463 -1.98 -25.63 7.71
CA ASN O 463 -0.69 -25.77 7.03
C ASN O 463 0.27 -24.63 7.34
N ARG O 464 -0.21 -23.39 7.26
CA ARG O 464 0.69 -22.29 7.48
C ARG O 464 1.18 -22.25 8.92
N ILE O 465 0.34 -22.66 9.88
CA ILE O 465 0.83 -22.70 11.25
C ILE O 465 1.86 -23.82 11.34
N ARG O 466 1.50 -25.00 10.87
CA ARG O 466 2.39 -26.13 11.00
C ARG O 466 3.70 -25.91 10.24
N ASN O 467 3.71 -25.08 9.19
CA ASN O 467 4.95 -24.82 8.48
C ASN O 467 5.95 -24.06 9.34
N ASP O 468 5.46 -23.31 10.33
CA ASP O 468 6.38 -22.63 11.23
C ASP O 468 7.02 -23.58 12.24
N MET O 469 6.69 -24.86 12.19
CA MET O 469 7.35 -25.78 13.11
C MET O 469 8.73 -26.17 12.61
N SER O 470 9.17 -25.58 11.49
CA SER O 470 10.54 -25.82 11.05
C SER O 470 11.06 -24.54 10.44
N MET O 471 12.37 -24.49 10.19
CA MET O 471 12.98 -23.33 9.58
C MET O 471 13.65 -23.80 8.31
N MET O 472 13.38 -23.13 7.19
CA MET O 472 14.04 -23.54 5.96
C MET O 472 15.51 -23.16 5.96
N ARG O 473 15.88 -22.19 6.80
CA ARG O 473 17.25 -21.70 6.83
C ARG O 473 18.14 -22.69 7.57
N TRP O 474 17.55 -23.66 8.27
CA TRP O 474 18.34 -24.60 9.04
C TRP O 474 18.27 -25.97 8.39
N PHE P 15 7.37 -15.04 65.63
CA PHE P 15 8.13 -13.88 65.07
C PHE P 15 8.77 -13.05 66.19
N SER P 16 10.09 -13.18 66.31
CA SER P 16 10.89 -12.42 67.25
C SER P 16 11.06 -10.98 66.73
N THR P 17 10.32 -10.07 67.36
CA THR P 17 10.44 -8.63 67.15
C THR P 17 11.77 -8.14 67.72
N ALA P 18 12.57 -7.45 66.89
CA ALA P 18 13.73 -6.68 67.33
C ALA P 18 13.88 -5.39 66.51
N GLU P 19 15.00 -4.69 66.74
CA GLU P 19 15.25 -3.39 66.14
C GLU P 19 16.66 -3.35 65.57
N ALA P 20 16.75 -2.89 64.32
CA ALA P 20 18.03 -2.87 63.62
C ALA P 20 18.16 -1.52 62.94
N ALA P 21 19.08 -0.70 63.44
CA ALA P 21 19.33 0.65 62.97
C ALA P 21 18.02 1.44 62.86
N GLY P 22 17.16 1.31 63.88
CA GLY P 22 15.96 2.11 64.00
C GLY P 22 14.79 1.59 63.17
N VAL P 23 15.01 0.46 62.52
CA VAL P 23 13.99 -0.22 61.75
C VAL P 23 13.56 -1.43 62.56
N LYS P 24 12.24 -1.60 62.70
CA LYS P 24 11.66 -2.76 63.38
C LYS P 24 11.68 -3.98 62.46
N VAL P 25 12.29 -5.06 62.94
CA VAL P 25 12.53 -6.27 62.18
C VAL P 25 11.94 -7.45 62.95
N ALA P 26 11.06 -8.22 62.30
CA ALA P 26 10.45 -9.40 62.90
C ALA P 26 10.71 -10.61 62.01
N ALA P 27 11.30 -11.65 62.58
CA ALA P 27 11.64 -12.81 61.80
C ALA P 27 11.34 -14.08 62.58
N GLN P 28 10.97 -15.11 61.83
CA GLN P 28 10.68 -16.42 62.38
C GLN P 28 11.44 -17.43 61.53
N ASP P 29 12.43 -18.10 62.13
CA ASP P 29 13.16 -19.13 61.41
C ASP P 29 12.31 -20.39 61.30
N GLY P 30 12.50 -21.11 60.18
CA GLY P 30 11.72 -22.29 59.86
C GLY P 30 12.60 -23.35 59.21
N GLN P 31 11.96 -24.42 58.73
CA GLN P 31 12.68 -25.52 58.12
C GLN P 31 12.11 -25.73 56.73
N SER P 32 12.47 -24.82 55.83
CA SER P 32 12.04 -24.88 54.45
C SER P 32 13.10 -24.20 53.62
N PRO P 33 13.22 -24.48 52.31
CA PRO P 33 14.20 -23.79 51.48
C PRO P 33 13.76 -22.42 50.97
N ILE P 34 12.51 -22.03 51.25
CA ILE P 34 11.98 -20.78 50.71
C ILE P 34 11.69 -19.76 51.81
N SER P 35 12.21 -18.54 51.60
CA SER P 35 12.04 -17.45 52.53
C SER P 35 11.12 -16.40 51.91
N ASP P 36 10.37 -15.70 52.76
CA ASP P 36 9.60 -14.54 52.37
C ASP P 36 10.10 -13.32 53.14
N LEU P 37 10.70 -12.36 52.44
CA LEU P 37 11.00 -11.08 53.06
C LEU P 37 9.99 -10.03 52.62
N SER P 38 9.36 -9.36 53.60
CA SER P 38 8.36 -8.37 53.28
C SER P 38 8.64 -7.03 53.98
N VAL P 39 8.68 -5.96 53.21
CA VAL P 39 8.77 -4.63 53.77
C VAL P 39 7.35 -4.06 53.91
N VAL P 40 6.92 -3.76 55.14
CA VAL P 40 5.58 -3.22 55.35
C VAL P 40 5.71 -1.75 55.63
N LEU P 41 5.02 -0.93 54.82
CA LEU P 41 5.10 0.51 54.94
C LEU P 41 3.80 1.07 55.47
N ARG P 42 3.92 2.04 56.38
CA ARG P 42 2.77 2.77 56.84
C ARG P 42 2.40 3.77 55.76
N GLY P 43 1.80 3.29 54.68
CA GLY P 43 1.66 4.15 53.53
C GLY P 43 0.40 3.80 52.77
N GLY P 44 -0.53 3.14 53.46
CA GLY P 44 -1.77 2.77 52.81
C GLY P 44 -2.60 4.00 52.46
N SER P 45 -3.80 3.76 51.96
CA SER P 45 -4.57 4.83 51.37
C SER P 45 -5.14 5.76 52.42
N ARG P 46 -5.18 5.35 53.69
CA ARG P 46 -5.76 6.25 54.67
C ARG P 46 -4.78 7.39 54.93
N TYR P 47 -3.53 7.18 54.55
CA TYR P 47 -2.51 8.16 54.83
C TYR P 47 -2.23 8.98 53.58
N ALA P 48 -2.91 8.62 52.48
CA ALA P 48 -2.70 9.26 51.20
C ALA P 48 -3.06 10.74 51.28
N THR P 49 -2.36 11.50 50.45
CA THR P 49 -2.41 12.95 50.42
C THR P 49 -3.31 13.32 49.24
N VAL P 50 -3.15 12.51 48.19
CA VAL P 50 -3.86 12.62 46.94
C VAL P 50 -4.50 11.27 46.65
N PRO P 51 -5.74 11.22 46.12
CA PRO P 51 -6.41 9.94 45.80
C PRO P 51 -5.63 9.05 44.83
N GLY P 52 -5.25 7.87 45.30
CA GLY P 52 -4.57 6.91 44.43
C GLY P 52 -3.06 6.91 44.61
N VAL P 53 -2.52 7.79 45.45
CA VAL P 53 -1.06 7.83 45.48
C VAL P 53 -0.45 6.59 46.09
N SER P 54 -1.15 5.95 47.02
CA SER P 54 -0.48 4.83 47.69
C SER P 54 -0.44 3.65 46.71
N HIS P 55 -1.45 3.54 45.84
CA HIS P 55 -1.45 2.53 44.79
C HIS P 55 -0.30 2.76 43.82
N ILE P 56 -0.09 4.03 43.44
CA ILE P 56 0.98 4.37 42.50
C ILE P 56 2.33 4.16 43.16
N LEU P 57 2.48 4.53 44.42
CA LEU P 57 3.75 4.28 45.08
C LEU P 57 4.07 2.79 45.15
N GLU P 58 3.05 1.95 45.36
CA GLU P 58 3.24 0.51 45.37
C GLU P 58 3.71 0.04 44.00
N LYS P 59 3.08 0.56 42.94
CA LYS P 59 3.45 0.18 41.59
C LYS P 59 4.80 0.78 41.17
N PHE P 60 5.31 1.75 41.92
CA PHE P 60 6.60 2.33 41.57
C PHE P 60 7.72 1.63 42.33
N ALA P 61 7.39 0.60 43.11
CA ALA P 61 8.46 -0.16 43.77
C ALA P 61 9.14 -1.06 42.74
N PHE P 62 10.46 -1.15 42.84
CA PHE P 62 11.31 -1.92 41.94
C PHE P 62 11.27 -1.35 40.52
N GLN P 63 11.06 -0.03 40.41
CA GLN P 63 11.40 0.69 39.20
C GLN P 63 12.88 1.05 39.24
N ASN P 64 13.30 2.00 38.39
CA ASN P 64 14.71 2.33 38.32
C ASN P 64 15.16 2.97 39.61
N THR P 65 16.18 2.38 40.22
CA THR P 65 16.86 3.05 41.31
C THR P 65 18.16 3.56 40.72
N VAL P 66 18.90 4.33 41.51
CA VAL P 66 20.19 4.84 41.09
C VAL P 66 21.22 3.72 40.96
N PRO P 67 21.38 2.79 41.94
CA PRO P 67 22.31 1.66 41.77
C PRO P 67 21.94 0.58 40.76
N LYS P 68 20.64 0.40 40.49
CA LYS P 68 20.20 -0.78 39.75
C LYS P 68 18.90 -0.46 39.01
N SER P 69 18.91 -0.67 37.69
CA SER P 69 17.74 -0.37 36.87
C SER P 69 16.67 -1.42 37.10
N ALA P 70 15.43 -1.08 36.78
CA ALA P 70 14.34 -2.03 36.86
C ALA P 70 14.68 -3.28 36.04
N LEU P 71 15.21 -3.06 34.84
CA LEU P 71 15.61 -4.14 33.97
C LEU P 71 16.65 -5.03 34.65
N ARG P 72 17.72 -4.43 35.18
CA ARG P 72 18.74 -5.28 35.77
C ARG P 72 18.17 -6.05 36.97
N PHE P 73 17.30 -5.42 37.75
CA PHE P 73 16.76 -6.10 38.90
C PHE P 73 15.95 -7.33 38.45
N VAL P 74 15.05 -7.14 37.49
CA VAL P 74 14.22 -8.24 37.04
C VAL P 74 15.07 -9.39 36.50
N ARG P 75 16.10 -9.09 35.69
CA ARG P 75 16.88 -10.17 35.11
C ARG P 75 17.69 -10.90 36.19
N GLU P 76 18.05 -10.20 37.26
CA GLU P 76 18.86 -10.87 38.28
C GLU P 76 17.97 -11.67 39.22
N LEU P 77 16.75 -11.17 39.44
CA LEU P 77 15.79 -11.86 40.27
C LEU P 77 15.40 -13.19 39.60
N GLU P 78 15.42 -13.24 38.26
CA GLU P 78 15.14 -14.45 37.50
C GLU P 78 16.29 -15.46 37.64
N LEU P 79 17.52 -14.99 37.86
CA LEU P 79 18.63 -15.90 38.08
C LEU P 79 18.60 -16.51 39.48
N PHE P 80 17.90 -15.87 40.42
CA PHE P 80 17.75 -16.44 41.74
C PHE P 80 16.43 -17.19 41.84
N GLY P 81 15.63 -17.06 40.78
CA GLY P 81 14.29 -17.61 40.73
C GLY P 81 13.37 -17.03 41.80
N GLY P 82 13.71 -15.84 42.32
CA GLY P 82 12.82 -15.11 43.20
C GLY P 82 11.53 -14.63 42.52
N LYS P 83 10.52 -14.31 43.33
CA LYS P 83 9.30 -13.71 42.83
C LYS P 83 9.01 -12.49 43.68
N LEU P 84 8.28 -11.55 43.07
CA LEU P 84 8.02 -10.28 43.71
C LEU P 84 6.51 -10.03 43.73
N TYR P 85 5.99 -9.65 44.89
CA TYR P 85 4.56 -9.45 45.06
C TYR P 85 4.36 -8.17 45.84
N THR P 86 3.45 -7.33 45.37
CA THR P 86 3.21 -6.06 46.06
C THR P 86 1.70 -5.87 46.19
N HIS P 87 1.25 -5.24 47.27
CA HIS P 87 -0.14 -4.82 47.29
C HIS P 87 -0.30 -3.62 48.21
N THR P 88 -1.41 -2.90 48.02
CA THR P 88 -1.78 -1.75 48.81
C THR P 88 -3.06 -2.09 49.57
N THR P 89 -3.10 -1.76 50.85
CA THR P 89 -4.34 -1.80 51.60
C THR P 89 -4.72 -0.39 52.04
N ARG P 90 -5.69 -0.29 52.94
CA ARG P 90 -6.04 1.01 53.48
C ARG P 90 -4.99 1.46 54.49
N GLU P 91 -4.28 0.48 55.04
CA GLU P 91 -3.37 0.73 56.13
C GLU P 91 -1.92 0.65 55.66
N HIS P 92 -1.59 -0.26 54.74
CA HIS P 92 -0.20 -0.52 54.45
C HIS P 92 0.06 -0.61 52.96
N ILE P 93 1.33 -0.44 52.57
CA ILE P 93 1.84 -0.95 51.32
C ILE P 93 2.72 -2.12 51.72
N VAL P 94 2.56 -3.25 51.03
CA VAL P 94 3.34 -4.42 51.34
C VAL P 94 4.12 -4.84 50.10
N LEU P 95 5.44 -4.99 50.26
CA LEU P 95 6.29 -5.43 49.19
C LEU P 95 6.93 -6.72 49.66
N ARG P 96 6.65 -7.82 48.96
CA ARG P 96 7.07 -9.11 49.45
C ARG P 96 7.94 -9.77 48.39
N THR P 97 9.05 -10.37 48.82
CA THR P 97 9.80 -11.19 47.88
C THR P 97 9.88 -12.61 48.41
N GLN P 98 9.82 -13.57 47.50
CA GLN P 98 9.92 -14.96 47.86
C GLN P 98 11.14 -15.51 47.13
N PHE P 99 12.07 -16.11 47.88
CA PHE P 99 13.31 -16.56 47.27
C PHE P 99 13.88 -17.73 48.06
N LEU P 100 15.03 -18.26 47.63
CA LEU P 100 15.65 -19.34 48.38
C LEU P 100 16.39 -18.74 49.56
N LYS P 101 16.46 -19.48 50.66
CA LYS P 101 16.93 -18.99 51.95
C LYS P 101 18.25 -18.26 51.76
N GLN P 102 19.14 -18.87 50.95
CA GLN P 102 20.52 -18.44 50.92
C GLN P 102 20.68 -17.08 50.24
N ASP P 103 19.70 -16.66 49.44
CA ASP P 103 19.81 -15.41 48.70
C ASP P 103 19.35 -14.20 49.50
N LEU P 104 19.24 -14.32 50.84
CA LEU P 104 18.69 -13.25 51.66
C LEU P 104 19.42 -11.92 51.46
N PRO P 105 20.77 -11.84 51.51
CA PRO P 105 21.47 -10.56 51.43
C PRO P 105 21.17 -9.74 50.18
N TYR P 106 20.95 -10.44 49.07
CA TYR P 106 20.57 -9.78 47.83
C TYR P 106 19.26 -9.01 48.00
N PHE P 107 18.26 -9.68 48.58
CA PHE P 107 16.92 -9.12 48.69
C PHE P 107 16.86 -8.00 49.70
N VAL P 108 17.68 -8.07 50.75
CA VAL P 108 17.72 -7.01 51.73
C VAL P 108 18.26 -5.75 51.06
N ASP P 109 19.34 -5.91 50.28
CA ASP P 109 19.95 -4.78 49.61
C ASP P 109 19.03 -4.18 48.56
N ALA P 110 18.19 -5.01 47.93
CA ALA P 110 17.28 -4.54 46.91
C ALA P 110 16.19 -3.65 47.50
N PHE P 111 15.67 -4.08 48.65
CA PHE P 111 14.70 -3.29 49.39
C PHE P 111 15.33 -1.97 49.81
N ALA P 112 16.57 -2.02 50.29
CA ALA P 112 17.25 -0.80 50.68
C ALA P 112 17.37 0.16 49.49
N ASN P 113 17.67 -0.35 48.28
CA ASN P 113 17.79 0.56 47.15
C ASN P 113 16.46 1.20 46.80
N VAL P 114 15.36 0.46 47.01
CA VAL P 114 14.05 0.96 46.63
C VAL P 114 13.66 2.11 47.55
N LEU P 115 14.03 1.98 48.83
CA LEU P 115 13.60 2.93 49.84
C LEU P 115 14.48 4.18 49.83
N LYS P 116 15.75 4.00 49.49
CA LYS P 116 16.72 5.07 49.52
C LYS P 116 16.85 5.81 48.19
N GLU P 117 16.77 5.09 47.05
CA GLU P 117 17.34 5.58 45.81
C GLU P 117 16.44 5.44 44.59
N THR P 118 15.12 5.38 44.77
CA THR P 118 14.22 5.29 43.61
C THR P 118 14.24 6.63 42.88
N LYS P 119 14.60 6.59 41.59
CA LYS P 119 14.52 7.76 40.71
C LYS P 119 13.09 7.81 40.22
N PHE P 120 12.26 8.74 40.69
CA PHE P 120 10.89 8.68 40.23
C PHE P 120 10.82 9.47 38.94
N GLN P 121 10.85 8.76 37.82
CA GLN P 121 11.03 9.43 36.56
C GLN P 121 9.67 9.55 35.89
N GLN P 122 9.44 10.66 35.21
CA GLN P 122 8.11 10.93 34.71
C GLN P 122 7.70 9.89 33.66
N PHE P 123 8.67 9.40 32.87
CA PHE P 123 8.31 8.45 31.84
C PHE P 123 7.86 7.13 32.46
N GLU P 124 8.42 6.75 33.62
CA GLU P 124 8.06 5.50 34.28
C GLU P 124 6.61 5.64 34.72
N LEU P 125 6.25 6.83 35.18
CA LEU P 125 4.88 7.04 35.62
C LEU P 125 3.93 6.93 34.43
N THR P 126 4.24 7.59 33.31
CA THR P 126 3.35 7.62 32.17
C THR P 126 3.25 6.28 31.45
N GLU P 127 4.39 5.60 31.30
CA GLU P 127 4.44 4.47 30.37
C GLU P 127 4.37 3.15 31.11
N ARG P 128 4.85 3.13 32.35
CA ARG P 128 4.98 1.87 33.06
C ARG P 128 3.99 1.78 34.22
N VAL P 129 4.08 2.73 35.14
CA VAL P 129 3.41 2.59 36.42
C VAL P 129 1.92 2.84 36.27
N ALA P 130 1.52 3.97 35.67
CA ALA P 130 0.11 4.30 35.59
C ALA P 130 -0.68 3.25 34.81
N PRO P 131 -0.22 2.77 33.63
CA PRO P 131 -0.97 1.76 32.86
C PRO P 131 -1.19 0.43 33.59
N VAL P 132 -0.18 0.04 34.38
CA VAL P 132 -0.26 -1.19 35.15
C VAL P 132 -1.23 -0.98 36.29
N ALA P 133 -1.20 0.19 36.93
CA ALA P 133 -2.14 0.46 38.01
C ALA P 133 -3.56 0.44 37.45
N GLU P 134 -3.73 0.86 36.20
CA GLU P 134 -5.07 0.93 35.63
C GLU P 134 -5.60 -0.48 35.31
N LEU P 135 -4.71 -1.37 34.86
CA LEU P 135 -5.09 -2.75 34.59
C LEU P 135 -5.38 -3.51 35.88
N ASP P 136 -4.64 -3.17 36.95
CA ASP P 136 -4.84 -3.75 38.26
C ASP P 136 -6.28 -3.48 38.69
N LEU P 137 -6.71 -2.23 38.54
CA LEU P 137 -8.01 -1.86 39.02
C LEU P 137 -9.11 -2.50 38.17
N LEU P 138 -8.93 -2.47 36.84
CA LEU P 138 -9.95 -3.02 35.95
C LEU P 138 -10.16 -4.51 36.23
N LYS P 139 -9.09 -5.21 36.59
CA LYS P 139 -9.22 -6.63 36.87
C LYS P 139 -10.02 -6.83 38.16
N ARG P 140 -9.84 -5.95 39.15
CA ARG P 140 -10.51 -6.10 40.42
C ARG P 140 -11.99 -5.79 40.28
N GLU P 141 -12.30 -4.80 39.45
CA GLU P 141 -13.66 -4.29 39.27
C GLU P 141 -14.49 -5.26 38.42
N SER P 142 -13.85 -6.24 37.77
CA SER P 142 -14.59 -7.27 37.06
C SER P 142 -15.55 -7.99 38.02
N ASP P 143 -15.16 -8.08 39.29
CA ASP P 143 -16.00 -8.60 40.36
C ASP P 143 -16.85 -7.46 40.94
N PRO P 144 -18.19 -7.47 40.77
CA PRO P 144 -19.03 -6.37 41.29
C PRO P 144 -19.05 -6.29 42.82
N ALA P 145 -18.69 -7.39 43.49
CA ALA P 145 -18.67 -7.39 44.95
C ALA P 145 -17.52 -6.51 45.47
N PHE P 146 -16.43 -6.47 44.69
CA PHE P 146 -15.28 -5.68 45.06
C PHE P 146 -15.68 -4.21 45.03
N THR P 147 -16.26 -3.80 43.90
CA THR P 147 -16.78 -2.46 43.73
C THR P 147 -17.73 -2.08 44.87
N ALA P 148 -18.65 -2.98 45.23
CA ALA P 148 -19.64 -2.67 46.25
C ALA P 148 -18.96 -2.43 47.59
N LEU P 149 -17.95 -3.23 47.90
CA LEU P 149 -17.38 -3.09 49.23
C LEU P 149 -16.49 -1.84 49.28
N GLU P 150 -15.89 -1.48 48.13
CA GLU P 150 -15.12 -0.25 48.01
C GLU P 150 -16.04 0.96 48.19
N ALA P 151 -17.16 0.95 47.46
CA ALA P 151 -18.13 2.03 47.55
C ALA P 151 -18.61 2.19 48.99
N ALA P 152 -18.78 1.07 49.70
CA ALA P 152 -19.31 1.14 51.06
C ALA P 152 -18.35 1.86 52.00
N HIS P 153 -17.04 1.64 51.82
CA HIS P 153 -16.08 2.29 52.69
C HIS P 153 -16.07 3.78 52.43
N GLU P 154 -16.39 4.15 51.18
CA GLU P 154 -16.29 5.53 50.77
C GLU P 154 -17.41 6.32 51.43
N VAL P 155 -18.59 5.71 51.48
CA VAL P 155 -19.77 6.31 52.08
C VAL P 155 -19.58 6.36 53.60
N ALA P 156 -18.99 5.31 54.17
CA ALA P 156 -18.99 5.19 55.61
C ALA P 156 -18.01 6.17 56.22
N PHE P 157 -16.90 6.44 55.53
CA PHE P 157 -15.83 7.16 56.20
C PHE P 157 -15.51 8.48 55.51
N ARG P 158 -15.88 8.60 54.24
CA ARG P 158 -15.69 9.79 53.41
C ARG P 158 -14.22 10.03 53.06
N THR P 159 -13.41 10.35 54.06
CA THR P 159 -11.98 10.55 53.87
C THR P 159 -11.25 9.52 54.72
N GLY P 160 -9.91 9.55 54.68
CA GLY P 160 -9.11 8.63 55.47
C GLY P 160 -9.34 7.20 55.00
N LEU P 161 -10.09 6.44 55.80
CA LEU P 161 -10.48 5.10 55.42
C LEU P 161 -11.40 5.14 54.21
N GLY P 162 -11.95 6.33 53.96
CA GLY P 162 -12.89 6.45 52.86
C GLY P 162 -12.21 6.77 51.54
N ASN P 163 -10.91 7.11 51.57
CA ASN P 163 -10.20 7.37 50.33
C ASN P 163 -10.16 6.09 49.50
N SER P 164 -10.15 6.21 48.17
CA SER P 164 -10.03 5.00 47.35
C SER P 164 -8.65 4.38 47.56
N VAL P 165 -8.58 3.05 47.50
CA VAL P 165 -7.31 2.37 47.63
C VAL P 165 -6.56 2.44 46.30
N TYR P 166 -7.31 2.41 45.20
CA TYR P 166 -6.71 2.26 43.88
C TYR P 166 -6.80 3.57 43.14
N ALA P 167 -5.86 3.74 42.22
CA ALA P 167 -5.79 4.94 41.41
C ALA P 167 -6.92 4.87 40.38
N GLN P 168 -7.66 5.95 40.24
CA GLN P 168 -8.63 6.03 39.14
C GLN P 168 -8.21 7.11 38.14
N GLY P 169 -8.70 6.98 36.90
CA GLY P 169 -8.41 7.89 35.81
C GLY P 169 -8.99 9.29 36.03
N TYR P 170 -10.09 9.35 36.78
CA TYR P 170 -10.77 10.62 37.02
C TYR P 170 -9.97 11.53 37.94
N SER P 171 -9.11 10.96 38.81
CA SER P 171 -8.22 11.77 39.65
C SER P 171 -6.77 11.43 39.35
N PRO P 172 -6.11 12.14 38.40
CA PRO P 172 -4.75 11.78 37.97
C PRO P 172 -3.68 12.12 39.00
N VAL P 173 -2.85 11.13 39.32
CA VAL P 173 -1.74 11.27 40.25
C VAL P 173 -0.54 11.77 39.45
N THR P 174 0.11 12.82 39.96
CA THR P 174 1.22 13.45 39.25
C THR P 174 2.54 12.97 39.85
N LEU P 175 3.63 13.19 39.13
CA LEU P 175 4.91 12.72 39.60
C LEU P 175 5.31 13.49 40.87
N GLU P 176 4.78 14.71 41.01
CA GLU P 176 5.12 15.48 42.19
C GLU P 176 4.42 14.94 43.43
N ASP P 177 3.15 14.56 43.25
CA ASP P 177 2.35 13.88 44.27
C ASP P 177 3.06 12.62 44.76
N VAL P 178 3.48 11.77 43.80
CA VAL P 178 4.07 10.51 44.21
C VAL P 178 5.41 10.75 44.90
N LYS P 179 6.18 11.74 44.42
CA LYS P 179 7.50 12.00 44.99
C LYS P 179 7.39 12.51 46.42
N GLU P 180 6.37 13.35 46.68
CA GLU P 180 6.14 13.93 47.99
C GLU P 180 5.76 12.85 48.99
N PHE P 181 4.78 12.03 48.59
CA PHE P 181 4.28 10.98 49.45
C PHE P 181 5.43 10.04 49.80
N ALA P 182 6.25 9.69 48.80
CA ALA P 182 7.34 8.77 49.02
C ALA P 182 8.38 9.33 49.99
N ARG P 183 8.54 10.67 50.01
CA ARG P 183 9.47 11.33 50.92
C ARG P 183 9.01 11.12 52.37
N GLN P 184 7.69 11.08 52.57
CA GLN P 184 7.15 10.84 53.91
C GLN P 184 7.21 9.35 54.26
N VAL P 185 6.81 8.49 53.32
CA VAL P 185 6.62 7.08 53.61
C VAL P 185 7.97 6.38 53.71
N TYR P 186 8.88 6.62 52.76
CA TYR P 186 10.08 5.80 52.76
C TYR P 186 11.05 6.34 53.79
N ALA P 187 10.81 6.06 55.07
CA ALA P 187 11.54 6.61 56.20
C ALA P 187 11.55 5.57 57.30
N LYS P 188 12.56 5.61 58.18
CA LYS P 188 12.70 4.58 59.20
C LYS P 188 11.44 4.46 60.07
N GLN P 189 10.67 5.54 60.16
CA GLN P 189 9.56 5.56 61.10
C GLN P 189 8.36 4.83 60.52
N ASN P 190 8.40 4.55 59.22
CA ASN P 190 7.20 4.01 58.60
C ASN P 190 7.47 2.66 57.96
N VAL P 191 8.58 2.03 58.35
CA VAL P 191 9.02 0.81 57.70
C VAL P 191 9.17 -0.28 58.76
N ALA P 192 8.64 -1.46 58.44
CA ALA P 192 8.84 -2.67 59.21
C ALA P 192 9.27 -3.76 58.24
N VAL P 193 10.26 -4.56 58.66
CA VAL P 193 10.74 -5.68 57.87
C VAL P 193 10.28 -6.97 58.54
N VAL P 194 9.58 -7.82 57.77
CA VAL P 194 9.06 -9.08 58.27
C VAL P 194 9.62 -10.24 57.45
N GLY P 195 10.30 -11.15 58.15
CA GLY P 195 11.01 -12.26 57.50
C GLY P 195 10.45 -13.61 57.93
N ASN P 196 9.73 -14.26 57.01
CA ASN P 196 9.23 -15.61 57.18
C ASN P 196 10.26 -16.63 56.69
N ASN P 197 10.69 -17.53 57.58
CA ASN P 197 11.69 -18.55 57.32
C ASN P 197 13.04 -17.88 57.04
N VAL P 198 13.33 -16.88 57.87
CA VAL P 198 14.56 -16.13 57.79
C VAL P 198 15.17 -16.22 59.17
N VAL P 199 16.47 -16.52 59.25
CA VAL P 199 17.15 -16.59 60.54
C VAL P 199 17.13 -15.22 61.19
N PRO P 200 16.51 -15.02 62.38
CA PRO P 200 16.33 -13.69 62.94
C PRO P 200 17.61 -12.91 63.22
N ALA P 201 18.69 -13.61 63.58
CA ALA P 201 19.95 -12.96 63.90
C ALA P 201 20.60 -12.39 62.64
N ASP P 202 20.42 -13.12 61.54
CA ASP P 202 21.05 -12.81 60.27
C ASP P 202 20.34 -11.64 59.60
N LEU P 203 19.01 -11.58 59.77
CA LEU P 203 18.26 -10.49 59.18
C LEU P 203 18.61 -9.18 59.87
N GLN P 204 18.72 -9.22 61.21
CA GLN P 204 19.00 -8.01 61.98
C GLN P 204 20.34 -7.41 61.55
N GLN P 205 21.32 -8.28 61.29
CA GLN P 205 22.65 -7.87 60.91
C GLN P 205 22.62 -7.23 59.52
N LEU P 206 21.76 -7.73 58.63
CA LEU P 206 21.77 -7.25 57.25
C LEU P 206 20.97 -5.95 57.15
N VAL P 207 19.83 -5.89 57.83
CA VAL P 207 18.99 -4.71 57.79
C VAL P 207 19.74 -3.57 58.47
N GLY P 208 20.59 -3.95 59.43
CA GLY P 208 21.35 -2.99 60.22
C GLY P 208 22.43 -2.29 59.41
N THR P 209 22.85 -2.93 58.31
CA THR P 209 23.90 -2.35 57.50
C THR P 209 23.29 -1.64 56.29
N ALA P 210 22.14 -2.13 55.85
CA ALA P 210 21.59 -1.72 54.56
C ALA P 210 20.65 -0.52 54.74
N PHE P 211 19.92 -0.50 55.86
CA PHE P 211 18.92 0.54 56.07
C PHE P 211 19.40 1.55 57.08
N ALA P 212 20.73 1.72 57.18
CA ALA P 212 21.29 2.61 58.19
C ALA P 212 21.19 4.06 57.71
N ASP P 213 21.20 4.26 56.39
CA ASP P 213 21.30 5.58 55.77
C ASP P 213 19.93 6.04 55.29
N LEU P 214 18.88 5.29 55.63
CA LEU P 214 17.52 5.69 55.32
C LEU P 214 17.17 6.87 56.21
N GLN P 215 16.40 7.85 55.69
CA GLN P 215 15.97 8.98 56.53
C GLN P 215 15.27 8.42 57.76
N GLU P 216 15.31 9.20 58.85
CA GLU P 216 14.47 8.85 59.99
C GLU P 216 13.02 9.25 59.72
N GLY P 217 12.81 10.49 59.24
CA GLY P 217 11.48 10.97 58.91
C GLY P 217 10.60 11.08 60.14
N SER P 218 9.28 11.11 59.93
CA SER P 218 8.32 11.07 61.03
C SER P 218 7.18 10.12 60.67
N LYS P 219 6.43 9.68 61.70
CA LYS P 219 5.25 8.86 61.51
C LYS P 219 4.24 9.62 60.65
N VAL P 220 3.87 8.96 59.56
CA VAL P 220 2.79 9.41 58.70
C VAL P 220 1.49 9.34 59.50
N THR P 221 0.66 10.38 59.36
CA THR P 221 -0.62 10.41 60.05
C THR P 221 -1.75 10.69 59.06
N GLN P 222 -2.96 10.29 59.47
CA GLN P 222 -4.19 10.51 58.76
C GLN P 222 -4.53 11.99 58.92
N ALA P 223 -4.67 12.69 57.79
CA ALA P 223 -5.19 14.05 57.82
C ALA P 223 -6.67 14.00 58.20
N GLY P 224 -6.97 14.39 59.45
CA GLY P 224 -8.33 14.44 59.98
C GLY P 224 -8.70 13.17 60.74
N THR P 225 -9.60 13.28 61.71
CA THR P 225 -10.01 12.13 62.49
C THR P 225 -11.09 11.35 61.75
N THR P 226 -11.17 10.06 62.09
CA THR P 226 -12.15 9.17 61.49
C THR P 226 -13.55 9.51 62.00
N THR P 227 -14.40 9.90 61.05
CA THR P 227 -15.81 10.20 61.32
C THR P 227 -16.65 9.18 60.56
N LEU P 228 -17.71 8.69 61.21
CA LEU P 228 -18.60 7.69 60.61
C LEU P 228 -19.85 8.38 60.08
N HIS P 229 -20.34 7.88 58.96
CA HIS P 229 -21.50 8.43 58.29
C HIS P 229 -22.27 7.25 57.71
N GLY P 230 -23.59 7.41 57.57
CA GLY P 230 -24.40 6.44 56.87
C GLY P 230 -24.68 6.94 55.45
N GLY P 231 -25.40 6.14 54.68
CA GLY P 231 -25.73 6.63 53.35
C GLY P 231 -25.95 5.52 52.33
N GLU P 232 -25.88 5.92 51.05
CA GLU P 232 -26.05 5.01 49.93
C GLU P 232 -25.08 5.37 48.84
N ALA P 233 -24.60 4.34 48.14
CA ALA P 233 -23.89 4.51 46.91
C ALA P 233 -24.54 3.64 45.84
N ARG P 234 -24.65 4.19 44.64
CA ARG P 234 -25.35 3.51 43.57
C ARG P 234 -24.49 3.64 42.33
N VAL P 235 -23.72 2.60 42.08
CA VAL P 235 -22.78 2.56 40.98
C VAL P 235 -23.39 1.77 39.83
N ARG P 236 -23.80 2.48 38.76
CA ARG P 236 -24.38 1.87 37.56
C ARG P 236 -23.29 1.21 36.73
N THR P 237 -23.25 -0.14 36.73
CA THR P 237 -22.39 -0.87 35.82
C THR P 237 -23.27 -1.76 34.95
N SER P 238 -22.66 -2.32 33.90
CA SER P 238 -23.31 -3.29 33.03
C SER P 238 -22.71 -4.69 33.23
N THR P 239 -21.88 -4.81 34.27
CA THR P 239 -21.02 -5.98 34.43
C THR P 239 -21.33 -6.67 35.76
N GLY P 240 -22.58 -7.12 35.94
CA GLY P 240 -22.98 -7.87 37.12
C GLY P 240 -23.50 -6.97 38.25
N ASN P 241 -24.04 -7.61 39.28
CA ASN P 241 -24.83 -6.94 40.29
C ASN P 241 -24.31 -7.33 41.65
N ALA P 242 -24.22 -6.37 42.56
CA ALA P 242 -23.88 -6.71 43.93
C ALA P 242 -24.49 -5.67 44.85
N LEU P 243 -24.46 -5.98 46.14
CA LEU P 243 -25.04 -5.11 47.13
C LEU P 243 -24.34 -5.33 48.47
N THR P 244 -23.77 -4.26 49.01
CA THR P 244 -23.15 -4.36 50.32
C THR P 244 -24.03 -3.66 51.35
N ILE P 245 -24.22 -4.29 52.50
CA ILE P 245 -24.90 -3.68 53.61
C ILE P 245 -23.89 -3.50 54.74
N ALA P 246 -23.35 -2.31 54.87
CA ALA P 246 -22.27 -2.15 55.82
C ALA P 246 -22.78 -1.41 57.05
N LEU P 247 -22.17 -1.68 58.19
CA LEU P 247 -22.44 -0.94 59.40
C LEU P 247 -21.11 -0.46 59.95
N PRO P 248 -20.84 0.86 59.91
CA PRO P 248 -19.63 1.40 60.54
C PRO P 248 -19.65 1.17 62.06
N ILE P 249 -18.50 0.83 62.62
CA ILE P 249 -18.38 0.52 64.03
C ILE P 249 -17.46 1.57 64.63
N ALA P 250 -17.94 2.21 65.70
CA ALA P 250 -17.20 3.29 66.34
C ALA P 250 -16.19 2.73 67.34
N GLU P 251 -16.56 1.65 68.02
CA GLU P 251 -15.68 0.96 68.95
C GLU P 251 -15.39 -0.43 68.41
N PRO P 252 -14.29 -0.62 67.64
CA PRO P 252 -13.97 -1.94 67.13
C PRO P 252 -13.65 -2.88 68.29
N LYS P 253 -14.35 -4.03 68.32
CA LYS P 253 -14.21 -5.04 69.35
C LYS P 253 -13.97 -6.39 68.68
N PRO P 254 -13.23 -7.34 69.32
CA PRO P 254 -12.93 -8.64 68.70
C PRO P 254 -14.13 -9.56 68.51
N VAL P 255 -15.25 -9.25 69.17
CA VAL P 255 -16.46 -10.03 69.04
C VAL P 255 -16.99 -9.97 67.60
N TYR P 256 -16.64 -8.93 66.84
CA TYR P 256 -17.24 -8.82 65.51
C TYR P 256 -16.63 -9.82 64.54
N HIS P 257 -15.41 -10.29 64.84
CA HIS P 257 -14.79 -11.38 64.10
C HIS P 257 -15.64 -12.64 64.24
N ALA P 258 -15.96 -12.97 65.51
CA ALA P 258 -16.80 -14.11 65.81
C ALA P 258 -18.14 -13.96 65.13
N LEU P 259 -18.71 -12.75 65.16
CA LEU P 259 -20.02 -12.58 64.56
C LEU P 259 -19.93 -12.75 63.04
N ALA P 260 -18.84 -12.29 62.42
CA ALA P 260 -18.73 -12.38 60.98
C ALA P 260 -18.64 -13.84 60.55
N SER P 261 -17.92 -14.63 61.36
CA SER P 261 -17.70 -16.03 61.03
C SER P 261 -18.98 -16.82 61.30
N PHE P 262 -19.69 -16.48 62.39
CA PHE P 262 -20.98 -17.08 62.67
C PHE P 262 -21.96 -16.86 61.50
N LEU P 263 -22.22 -15.58 61.16
CA LEU P 263 -23.16 -15.26 60.09
C LEU P 263 -22.72 -15.92 58.80
N GLY P 264 -21.39 -15.99 58.62
CA GLY P 264 -20.75 -16.76 57.56
C GLY P 264 -21.18 -16.30 56.18
N GLY P 265 -21.68 -17.25 55.38
CA GLY P 265 -22.12 -16.97 54.02
C GLY P 265 -21.57 -17.94 53.00
N PRO P 266 -20.22 -18.10 52.88
CA PRO P 266 -19.64 -19.08 51.95
C PRO P 266 -19.81 -20.50 52.48
N ALA P 267 -19.82 -21.49 51.56
CA ALA P 267 -20.00 -22.89 51.89
C ALA P 267 -18.67 -23.54 52.27
N SER P 268 -18.72 -24.50 53.18
CA SER P 268 -17.53 -25.11 53.73
C SER P 268 -17.34 -26.51 53.15
N MET P 269 -18.00 -26.74 52.00
CA MET P 269 -17.90 -27.98 51.26
C MET P 269 -18.50 -27.78 49.86
N PRO P 270 -18.03 -28.54 48.85
CA PRO P 270 -18.39 -28.26 47.46
C PRO P 270 -19.86 -28.56 47.18
N TRP P 271 -20.45 -27.80 46.26
CA TRP P 271 -21.80 -28.03 45.74
C TRP P 271 -22.83 -27.99 46.88
N SER P 272 -22.52 -27.25 47.94
CA SER P 272 -23.46 -27.16 49.05
C SER P 272 -23.85 -25.70 49.27
N VAL P 273 -24.84 -25.48 50.14
CA VAL P 273 -25.26 -24.13 50.45
C VAL P 273 -24.54 -23.64 51.70
N GLY P 274 -24.55 -24.46 52.75
CA GLY P 274 -23.89 -24.13 54.01
C GLY P 274 -24.91 -24.00 55.12
N ALA P 275 -24.44 -24.06 56.37
CA ALA P 275 -25.33 -24.15 57.51
C ALA P 275 -25.37 -22.82 58.26
N SER P 276 -24.65 -21.83 57.73
CA SER P 276 -24.57 -20.50 58.29
C SER P 276 -25.86 -19.74 57.98
N PRO P 277 -26.36 -18.88 58.92
CA PRO P 277 -27.58 -18.12 58.69
C PRO P 277 -27.65 -17.33 57.38
N LEU P 278 -26.52 -16.78 56.94
CA LEU P 278 -26.50 -16.02 55.70
C LEU P 278 -26.51 -16.94 54.49
N ALA P 279 -25.97 -18.15 54.66
CA ALA P 279 -25.87 -19.10 53.56
C ALA P 279 -27.27 -19.63 53.25
N GLN P 280 -28.06 -19.82 54.32
CA GLN P 280 -29.41 -20.36 54.26
C GLN P 280 -30.38 -19.31 53.70
N ALA P 281 -29.90 -18.08 53.58
CA ALA P 281 -30.68 -16.97 53.05
C ALA P 281 -30.64 -16.98 51.53
N THR P 282 -29.76 -17.81 50.95
CA THR P 282 -29.58 -17.78 49.50
C THR P 282 -30.32 -18.92 48.82
N VAL P 283 -31.07 -19.72 49.58
CA VAL P 283 -31.58 -20.98 49.04
C VAL P 283 -32.61 -20.73 47.94
N GLY P 284 -32.35 -21.34 46.77
CA GLY P 284 -33.21 -21.20 45.60
C GLY P 284 -32.78 -20.05 44.69
N THR P 285 -31.65 -19.44 45.04
CA THR P 285 -31.08 -18.35 44.25
C THR P 285 -29.62 -18.67 43.93
N HIS P 286 -29.18 -18.21 42.75
CA HIS P 286 -27.78 -18.26 42.37
C HIS P 286 -27.13 -16.96 42.82
N THR P 287 -27.09 -16.78 44.14
CA THR P 287 -26.47 -15.64 44.77
C THR P 287 -25.51 -16.14 45.82
N SER P 288 -24.44 -15.38 46.02
CA SER P 288 -23.54 -15.65 47.12
C SER P 288 -23.53 -14.46 48.07
N VAL P 289 -23.14 -14.77 49.31
CA VAL P 289 -23.18 -13.85 50.44
C VAL P 289 -21.91 -14.08 51.26
N LYS P 290 -21.48 -13.04 51.97
CA LYS P 290 -20.21 -13.08 52.68
C LYS P 290 -20.26 -11.98 53.73
N ALA P 291 -20.14 -12.35 55.00
CA ALA P 291 -19.99 -11.35 56.04
C ALA P 291 -18.49 -11.10 56.28
N THR P 292 -18.13 -9.83 56.45
CA THR P 292 -16.74 -9.49 56.71
C THR P 292 -16.67 -8.45 57.81
N TYR P 293 -15.63 -8.53 58.64
CA TYR P 293 -15.41 -7.45 59.58
C TYR P 293 -14.01 -6.91 59.39
N HIS P 294 -13.89 -5.58 59.31
CA HIS P 294 -12.59 -4.97 59.13
C HIS P 294 -12.32 -4.03 60.30
N ASN P 295 -11.31 -4.38 61.07
CA ASN P 295 -10.83 -3.52 62.13
C ASN P 295 -9.79 -2.60 61.49
N TYR P 296 -9.88 -1.29 61.77
CA TYR P 296 -8.87 -0.37 61.30
C TYR P 296 -8.30 0.45 62.46
N GLY P 297 -8.41 -0.13 63.66
CA GLY P 297 -7.83 0.47 64.85
C GLY P 297 -8.84 1.35 65.58
N ASP P 298 -9.30 2.38 64.90
CA ASP P 298 -10.03 3.46 65.54
C ASP P 298 -11.49 3.43 65.08
N ALA P 299 -11.74 2.65 64.02
CA ALA P 299 -13.07 2.41 63.52
C ALA P 299 -13.08 1.08 62.81
N GLY P 300 -14.28 0.55 62.58
CA GLY P 300 -14.42 -0.76 61.99
C GLY P 300 -15.54 -0.76 60.97
N LEU P 301 -15.61 -1.83 60.20
CA LEU P 301 -16.71 -1.92 59.27
C LEU P 301 -17.19 -3.36 59.21
N PHE P 302 -18.47 -3.56 59.51
CA PHE P 302 -19.05 -4.87 59.37
C PHE P 302 -19.88 -4.88 58.11
N ALA P 303 -19.54 -5.78 57.19
CA ALA P 303 -20.21 -5.72 55.90
C ALA P 303 -20.81 -7.07 55.56
N ILE P 304 -21.91 -7.04 54.81
CA ILE P 304 -22.52 -8.23 54.25
C ILE P 304 -22.71 -7.95 52.77
N THR P 305 -22.00 -8.70 51.94
CA THR P 305 -22.03 -8.43 50.52
C THR P 305 -22.74 -9.57 49.83
N ILE P 306 -23.55 -9.21 48.83
CA ILE P 306 -24.37 -10.15 48.12
C ILE P 306 -24.14 -9.92 46.64
N LYS P 307 -23.64 -10.92 45.92
CA LYS P 307 -23.58 -10.77 44.47
C LYS P 307 -24.48 -11.81 43.86
N GLY P 308 -24.76 -11.66 42.57
CA GLY P 308 -25.72 -12.47 41.84
C GLY P 308 -25.95 -11.87 40.47
N ASP P 309 -26.67 -12.58 39.60
CA ASP P 309 -26.94 -12.09 38.26
C ASP P 309 -28.32 -11.45 38.21
N SER P 310 -29.17 -11.82 39.17
CA SER P 310 -30.54 -11.31 39.20
C SER P 310 -30.65 -10.24 40.27
N PRO P 311 -31.06 -9.01 39.90
CA PRO P 311 -31.29 -7.96 40.89
C PRO P 311 -32.47 -8.28 41.80
N ALA P 312 -33.46 -9.01 41.24
CA ALA P 312 -34.63 -9.44 41.99
C ALA P 312 -34.23 -10.40 43.11
N GLU P 313 -33.31 -11.33 42.79
CA GLU P 313 -32.84 -12.33 43.76
C GLU P 313 -32.01 -11.65 44.83
N ILE P 314 -31.17 -10.69 44.41
CA ILE P 314 -30.30 -9.98 45.33
C ILE P 314 -31.17 -9.27 46.38
N SER P 315 -32.24 -8.62 45.91
CA SER P 315 -33.16 -7.86 46.74
C SER P 315 -33.80 -8.78 47.78
N GLN P 316 -34.25 -9.95 47.30
CA GLN P 316 -34.88 -10.99 48.07
C GLN P 316 -33.94 -11.48 49.18
N VAL P 317 -32.66 -11.69 48.82
CA VAL P 317 -31.68 -12.21 49.75
C VAL P 317 -31.36 -11.15 50.79
N ALA P 318 -31.33 -9.88 50.34
CA ALA P 318 -30.92 -8.76 51.17
C ALA P 318 -31.88 -8.63 52.35
N HIS P 319 -33.17 -8.85 52.08
CA HIS P 319 -34.17 -8.80 53.14
C HIS P 319 -33.89 -9.91 54.16
N LYS P 320 -33.63 -11.12 53.67
CA LYS P 320 -33.40 -12.27 54.51
C LYS P 320 -32.11 -12.06 55.33
N ALA P 321 -31.13 -11.43 54.69
CA ALA P 321 -29.83 -11.18 55.31
C ALA P 321 -29.96 -10.25 56.51
N VAL P 322 -30.76 -9.19 56.35
CA VAL P 322 -30.93 -8.23 57.43
C VAL P 322 -31.71 -8.90 58.56
N GLN P 323 -32.69 -9.74 58.18
CA GLN P 323 -33.51 -10.48 59.12
C GLN P 323 -32.62 -11.40 59.95
N ALA P 324 -31.71 -12.12 59.28
CA ALA P 324 -30.77 -13.03 59.93
C ALA P 324 -30.00 -12.32 61.03
N LEU P 325 -29.54 -11.10 60.74
CA LEU P 325 -28.78 -10.32 61.69
C LEU P 325 -29.66 -9.93 62.89
N LYS P 326 -30.95 -9.61 62.65
CA LYS P 326 -31.90 -9.24 63.70
C LYS P 326 -32.20 -10.44 64.58
N ASP P 327 -32.44 -11.60 63.93
CA ASP P 327 -32.67 -12.88 64.59
C ASP P 327 -31.48 -13.28 65.47
N THR P 328 -30.27 -12.94 65.02
CA THR P 328 -29.07 -13.20 65.81
C THR P 328 -29.07 -12.32 67.05
N GLY P 329 -29.55 -11.08 66.90
CA GLY P 329 -29.65 -10.12 67.98
C GLY P 329 -30.60 -10.61 69.09
N ALA P 330 -31.54 -11.47 68.71
CA ALA P 330 -32.50 -12.08 69.61
C ALA P 330 -31.83 -13.16 70.46
N GLU P 331 -31.41 -14.26 69.81
CA GLU P 331 -30.85 -15.40 70.53
C GLU P 331 -29.88 -16.18 69.64
N VAL P 332 -28.73 -16.56 70.21
CA VAL P 332 -27.92 -17.63 69.64
C VAL P 332 -27.81 -18.76 70.66
N THR P 333 -27.83 -19.99 70.13
CA THR P 333 -27.73 -21.21 70.91
C THR P 333 -26.26 -21.44 71.29
N GLU P 334 -26.04 -22.35 72.25
CA GLU P 334 -24.71 -22.66 72.73
C GLU P 334 -23.88 -23.32 71.63
N GLU P 335 -24.52 -24.22 70.87
CA GLU P 335 -23.95 -24.89 69.72
C GLU P 335 -23.42 -23.85 68.73
N GLN P 336 -24.22 -22.81 68.48
CA GLN P 336 -23.94 -21.81 67.45
C GLN P 336 -22.77 -20.95 67.90
N ALA P 337 -22.69 -20.71 69.21
CA ALA P 337 -21.61 -19.90 69.73
C ALA P 337 -20.29 -20.67 69.66
N ALA P 338 -20.37 -22.01 69.78
CA ALA P 338 -19.16 -22.83 69.72
C ALA P 338 -18.69 -22.96 68.27
N ARG P 339 -19.67 -23.09 67.37
CA ARG P 339 -19.43 -23.10 65.93
C ARG P 339 -18.71 -21.80 65.53
N ALA P 340 -19.03 -20.71 66.24
CA ALA P 340 -18.48 -19.41 65.85
C ALA P 340 -17.03 -19.33 66.29
N TYR P 341 -16.76 -19.88 67.48
CA TYR P 341 -15.41 -19.92 68.03
C TYR P 341 -14.51 -20.74 67.12
N ALA P 342 -15.06 -21.85 66.62
CA ALA P 342 -14.27 -22.76 65.82
C ALA P 342 -13.97 -22.13 64.47
N LYS P 343 -15.00 -21.56 63.82
CA LYS P 343 -14.81 -20.95 62.52
C LYS P 343 -13.88 -19.76 62.64
N SER P 344 -13.88 -19.10 63.81
CA SER P 344 -13.11 -17.89 63.94
C SER P 344 -11.63 -18.19 64.21
N LYS P 345 -11.37 -19.19 65.07
CA LYS P 345 -10.00 -19.63 65.32
C LYS P 345 -9.36 -20.04 64.01
N PHE P 346 -10.13 -20.75 63.18
CA PHE P 346 -9.62 -21.25 61.92
C PHE P 346 -9.28 -20.08 61.01
N ALA P 347 -10.20 -19.11 60.93
CA ALA P 347 -9.96 -17.99 60.04
C ALA P 347 -8.67 -17.28 60.45
N ALA P 348 -8.45 -17.16 61.76
CA ALA P 348 -7.28 -16.46 62.27
C ALA P 348 -6.01 -17.22 61.89
N ALA P 349 -6.06 -18.55 61.97
CA ALA P 349 -4.91 -19.40 61.72
C ALA P 349 -4.48 -19.30 60.26
N GLU P 350 -5.43 -19.44 59.33
CA GLU P 350 -5.13 -19.46 57.91
C GLU P 350 -4.67 -18.09 57.43
N ALA P 351 -5.08 -17.02 58.14
CA ALA P 351 -4.64 -15.68 57.81
C ALA P 351 -3.16 -15.51 58.16
N PHE P 352 -2.76 -16.08 59.30
CA PHE P 352 -1.40 -15.99 59.76
C PHE P 352 -0.49 -16.93 58.96
N GLU P 353 -1.09 -17.80 58.13
CA GLU P 353 -0.32 -18.73 57.32
C GLU P 353 -0.06 -18.15 55.93
N ASN P 354 -1.11 -17.65 55.26
CA ASN P 354 -0.97 -17.01 53.96
C ASN P 354 0.04 -15.87 54.05
N PRO P 355 1.16 -15.89 53.28
CA PRO P 355 2.22 -14.88 53.41
C PRO P 355 1.76 -13.45 53.19
N ASP P 356 0.78 -13.25 52.30
CA ASP P 356 0.22 -11.95 52.01
C ASP P 356 -0.30 -11.29 53.29
N SER P 357 -1.20 -12.00 53.98
CA SER P 357 -1.86 -11.46 55.15
C SER P 357 -0.95 -11.54 56.38
N SER P 358 -0.10 -12.58 56.41
CA SER P 358 0.83 -12.76 57.52
C SER P 358 1.65 -11.49 57.73
N ALA P 359 2.26 -11.02 56.64
CA ALA P 359 3.14 -9.87 56.64
C ALA P 359 2.46 -8.66 57.26
N SER P 360 1.21 -8.39 56.84
CA SER P 360 0.49 -7.22 57.29
C SER P 360 0.07 -7.33 58.76
N VAL P 361 -0.13 -8.58 59.25
CA VAL P 361 -0.52 -8.81 60.62
C VAL P 361 0.60 -8.40 61.57
N ILE P 362 1.81 -8.90 61.33
CA ILE P 362 2.98 -8.51 62.12
C ILE P 362 3.39 -7.08 61.80
N GLY P 363 3.17 -6.67 60.55
CA GLY P 363 3.37 -5.28 60.19
C GLY P 363 2.56 -4.33 61.08
N MET P 364 1.32 -4.70 61.41
CA MET P 364 0.49 -3.88 62.28
C MET P 364 0.98 -3.89 63.73
N GLU P 365 1.59 -5.00 64.13
CA GLU P 365 2.13 -5.14 65.46
C GLU P 365 3.39 -4.28 65.58
N LEU P 366 4.18 -4.26 64.51
CA LEU P 366 5.47 -3.58 64.54
C LEU P 366 5.27 -2.07 64.37
N LEU P 367 4.42 -1.69 63.40
CA LEU P 367 4.32 -0.27 63.08
C LEU P 367 3.45 0.41 64.12
N SER P 368 2.25 -0.15 64.31
CA SER P 368 1.26 0.49 65.13
C SER P 368 1.51 0.18 66.60
N GLY P 369 1.59 -1.10 66.94
CA GLY P 369 1.92 -1.47 68.31
C GLY P 369 0.84 -2.36 68.94
N VAL P 370 -0.20 -2.62 68.14
CA VAL P 370 -1.29 -3.55 68.43
C VAL P 370 -0.70 -4.95 68.46
N SER P 371 -0.43 -5.48 69.66
CA SER P 371 0.07 -6.85 69.81
C SER P 371 -0.88 -7.82 69.11
N ARG P 372 -0.31 -8.73 68.30
CA ARG P 372 -1.10 -9.61 67.46
C ARG P 372 -1.84 -10.60 68.36
N ILE P 373 -3.06 -10.96 67.94
CA ILE P 373 -3.79 -12.04 68.60
C ILE P 373 -3.49 -13.33 67.86
N ALA P 374 -2.69 -14.19 68.50
CA ALA P 374 -2.35 -15.51 68.01
C ALA P 374 -3.63 -16.35 67.89
N PRO P 375 -3.79 -17.15 66.81
CA PRO P 375 -4.95 -18.02 66.63
C PRO P 375 -5.31 -18.90 67.84
N GLU P 376 -4.30 -19.28 68.63
CA GLU P 376 -4.51 -20.08 69.83
C GLU P 376 -5.04 -19.26 71.00
N ASN P 377 -5.19 -17.94 70.82
CA ASN P 377 -5.56 -17.04 71.91
C ASN P 377 -6.87 -16.31 71.60
N VAL P 378 -7.46 -16.68 70.47
CA VAL P 378 -8.73 -16.16 70.01
C VAL P 378 -9.79 -16.48 71.07
N GLN P 379 -10.50 -15.44 71.49
CA GLN P 379 -11.41 -15.50 72.63
C GLN P 379 -12.67 -16.27 72.26
N LYS P 380 -13.17 -17.06 73.22
CA LYS P 380 -14.46 -17.73 73.06
C LYS P 380 -15.56 -16.82 73.60
N PHE P 381 -16.50 -16.44 72.71
CA PHE P 381 -17.62 -15.59 73.08
C PHE P 381 -18.84 -16.44 73.42
N THR P 382 -19.48 -16.12 74.55
CA THR P 382 -20.71 -16.74 74.99
C THR P 382 -21.87 -16.35 74.06
N PRO P 383 -23.02 -17.06 74.07
CA PRO P 383 -24.17 -16.67 73.26
C PRO P 383 -24.69 -15.27 73.60
N ALA P 384 -24.51 -14.87 74.87
CA ALA P 384 -24.92 -13.57 75.37
C ALA P 384 -24.17 -12.45 74.67
N GLU P 385 -22.84 -12.61 74.56
CA GLU P 385 -21.94 -11.61 74.02
C GLU P 385 -22.14 -11.44 72.53
N LEU P 386 -22.50 -12.54 71.85
CA LEU P 386 -22.63 -12.51 70.40
C LEU P 386 -23.93 -11.85 70.01
N SER P 387 -24.99 -12.16 70.77
CA SER P 387 -26.33 -11.68 70.50
C SER P 387 -26.37 -10.18 70.77
N GLU P 388 -25.60 -9.75 71.77
CA GLU P 388 -25.51 -8.35 72.19
C GLU P 388 -24.83 -7.53 71.10
N ALA P 389 -23.81 -8.12 70.47
CA ALA P 389 -23.08 -7.48 69.39
C ALA P 389 -23.96 -7.38 68.15
N ALA P 390 -24.82 -8.38 67.91
CA ALA P 390 -25.64 -8.35 66.70
C ALA P 390 -26.79 -7.37 66.88
N ALA P 391 -27.15 -7.14 68.15
CA ALA P 391 -28.26 -6.28 68.53
C ALA P 391 -27.86 -4.83 68.27
N GLN P 392 -26.59 -4.55 68.60
CA GLN P 392 -25.93 -3.27 68.45
C GLN P 392 -25.71 -2.94 66.97
N LEU P 393 -25.83 -3.93 66.07
CA LEU P 393 -25.59 -3.73 64.65
C LEU P 393 -26.90 -3.50 63.91
N SER P 394 -27.93 -4.27 64.26
CA SER P 394 -29.25 -4.12 63.68
C SER P 394 -29.86 -2.75 64.03
N ALA P 395 -29.40 -2.19 65.15
CA ALA P 395 -29.88 -0.93 65.68
C ALA P 395 -28.81 0.14 65.55
N SER P 396 -28.15 0.18 64.39
CA SER P 396 -27.17 1.22 64.12
C SER P 396 -27.86 2.39 63.43
N ALA P 397 -27.42 3.60 63.77
CA ALA P 397 -28.04 4.82 63.29
C ALA P 397 -27.45 5.22 61.94
N LYS P 398 -26.42 4.48 61.49
CA LYS P 398 -25.66 4.90 60.33
C LYS P 398 -25.48 3.75 59.34
N PRO P 399 -26.55 3.09 58.85
CA PRO P 399 -26.37 2.00 57.89
C PRO P 399 -25.99 2.51 56.50
N VAL P 400 -25.04 1.81 55.91
CA VAL P 400 -24.59 2.09 54.57
C VAL P 400 -25.10 0.97 53.67
N VAL P 401 -25.51 1.34 52.44
CA VAL P 401 -25.88 0.37 51.43
C VAL P 401 -25.26 0.80 50.10
N ALA P 402 -24.45 -0.07 49.53
CA ALA P 402 -23.84 0.22 48.24
C ALA P 402 -24.39 -0.78 47.23
N ALA P 403 -25.04 -0.28 46.18
CA ALA P 403 -25.58 -1.14 45.15
C ALA P 403 -24.76 -0.93 43.89
N VAL P 404 -24.48 -2.03 43.19
CA VAL P 404 -23.70 -1.98 41.96
C VAL P 404 -24.46 -2.79 40.91
N GLY P 405 -24.59 -2.24 39.70
CA GLY P 405 -25.20 -2.97 38.60
C GLY P 405 -26.49 -2.30 38.16
N GLN P 406 -27.58 -3.08 38.09
CA GLN P 406 -28.86 -2.48 37.73
C GLN P 406 -29.43 -1.83 38.99
N VAL P 407 -29.01 -0.58 39.23
CA VAL P 407 -29.19 0.00 40.55
C VAL P 407 -30.65 0.38 40.78
N HIS P 408 -31.40 0.57 39.68
CA HIS P 408 -32.82 0.89 39.75
C HIS P 408 -33.62 -0.28 40.32
N ALA P 409 -33.02 -1.47 40.33
CA ALA P 409 -33.72 -2.69 40.71
C ALA P 409 -33.18 -3.23 42.03
N LEU P 410 -32.20 -2.56 42.61
CA LEU P 410 -31.62 -3.08 43.84
C LEU P 410 -32.23 -2.31 45.00
N PRO P 411 -32.16 -2.85 46.24
CA PRO P 411 -32.76 -2.21 47.42
C PRO P 411 -32.11 -0.89 47.81
N PHE P 412 -32.82 -0.13 48.65
CA PHE P 412 -32.31 1.09 49.23
C PHE P 412 -32.19 0.91 50.73
N ALA P 413 -31.50 1.84 51.40
CA ALA P 413 -31.22 1.72 52.82
C ALA P 413 -32.50 1.70 53.64
N ASP P 414 -33.46 2.56 53.27
CA ASP P 414 -34.69 2.76 54.03
C ASP P 414 -35.64 1.58 53.81
N GLU P 415 -35.39 0.79 52.77
CA GLU P 415 -36.14 -0.44 52.54
C GLU P 415 -35.66 -1.55 53.46
N LEU P 416 -34.43 -1.44 53.99
CA LEU P 416 -33.80 -2.53 54.75
C LEU P 416 -33.74 -2.19 56.25
N MET Q 85 -14.01 -25.07 -53.73
CA MET Q 85 -13.19 -25.24 -54.97
C MET Q 85 -13.33 -26.68 -55.44
N THR Q 86 -13.09 -26.88 -56.74
CA THR Q 86 -13.04 -28.22 -57.32
C THR Q 86 -11.82 -28.95 -56.78
N ALA Q 87 -11.90 -30.28 -56.75
CA ALA Q 87 -10.82 -31.08 -56.20
C ALA Q 87 -9.56 -30.90 -57.05
N ALA Q 88 -9.75 -30.73 -58.37
CA ALA Q 88 -8.69 -30.42 -59.31
C ALA Q 88 -7.89 -29.19 -58.87
N GLU Q 89 -8.61 -28.14 -58.46
CA GLU Q 89 -7.96 -26.88 -58.11
C GLU Q 89 -7.16 -27.07 -56.84
N HIS Q 90 -7.60 -27.99 -55.98
CA HIS Q 90 -6.90 -28.25 -54.73
C HIS Q 90 -5.70 -29.17 -54.94
N GLY Q 91 -5.82 -30.07 -55.92
CA GLY Q 91 -4.90 -31.19 -55.99
C GLY Q 91 -5.43 -32.38 -55.19
N LEU Q 92 -5.10 -33.58 -55.67
CA LEU Q 92 -5.40 -34.81 -54.96
C LEU Q 92 -4.55 -34.85 -53.68
N HIS Q 93 -5.14 -35.28 -52.57
CA HIS Q 93 -4.35 -35.30 -51.35
C HIS Q 93 -3.53 -36.59 -51.32
N PRO Q 94 -2.23 -36.49 -51.01
CA PRO Q 94 -1.36 -37.67 -50.96
C PRO Q 94 -1.74 -38.64 -49.84
N ALA Q 95 -1.51 -39.92 -50.09
CA ALA Q 95 -1.66 -40.99 -49.11
C ALA Q 95 -0.75 -40.74 -47.90
N GLU Q 96 -1.07 -41.37 -46.77
CA GLU Q 96 -0.18 -41.33 -45.63
C GLU Q 96 0.70 -42.58 -45.66
N TYR Q 97 1.94 -42.38 -46.07
CA TYR Q 97 2.83 -43.51 -46.20
C TYR Q 97 3.54 -43.72 -44.88
N PRO Q 98 3.88 -44.97 -44.51
CA PRO Q 98 4.64 -45.22 -43.28
C PRO Q 98 6.15 -44.97 -43.38
N TRP Q 99 6.54 -43.71 -43.28
CA TRP Q 99 7.93 -43.31 -43.26
C TRP Q 99 8.62 -43.86 -42.02
N PRO Q 100 9.91 -44.24 -42.10
CA PRO Q 100 10.66 -44.69 -40.93
C PRO Q 100 10.66 -43.67 -39.81
N GLN Q 101 10.61 -42.38 -40.16
CA GLN Q 101 10.70 -41.34 -39.16
C GLN Q 101 9.34 -41.04 -38.54
N ASN Q 102 8.26 -41.62 -39.06
CA ASN Q 102 6.99 -41.43 -38.40
C ASN Q 102 6.99 -42.27 -37.14
N GLY Q 103 6.56 -41.68 -36.05
CA GLY Q 103 6.61 -42.43 -34.82
C GLY Q 103 7.41 -41.64 -33.82
N MET Q 104 6.82 -41.49 -32.64
CA MET Q 104 7.35 -40.58 -31.65
C MET Q 104 8.80 -40.94 -31.35
N LEU Q 105 9.18 -42.21 -31.52
CA LEU Q 105 10.49 -42.61 -31.06
C LEU Q 105 11.45 -42.89 -32.21
N SER Q 106 11.08 -42.49 -33.44
CA SER Q 106 11.77 -43.02 -34.61
C SER Q 106 12.65 -41.97 -35.24
N THR Q 107 13.88 -42.33 -35.57
CA THR Q 107 14.72 -41.41 -36.31
C THR Q 107 14.55 -41.64 -37.81
N PHE Q 108 15.24 -40.83 -38.62
CA PHE Q 108 15.40 -41.11 -40.03
C PHE Q 108 16.23 -42.37 -40.19
N ASP Q 109 16.05 -43.07 -41.31
CA ASP Q 109 16.98 -44.11 -41.71
C ASP Q 109 18.14 -43.45 -42.46
N HIS Q 110 19.34 -43.46 -41.86
CA HIS Q 110 20.41 -42.66 -42.44
C HIS Q 110 20.91 -43.25 -43.73
N ALA Q 111 20.75 -44.56 -43.91
CA ALA Q 111 21.11 -45.18 -45.18
C ALA Q 111 20.21 -44.69 -46.32
N SER Q 112 18.93 -44.46 -46.00
CA SER Q 112 18.01 -43.87 -46.95
C SER Q 112 18.37 -42.41 -47.22
N LEU Q 113 18.80 -41.67 -46.19
CA LEU Q 113 19.20 -40.28 -46.37
C LEU Q 113 20.37 -40.22 -47.35
N ARG Q 114 21.33 -41.13 -47.19
CA ARG Q 114 22.50 -41.13 -48.05
C ARG Q 114 22.09 -41.42 -49.49
N ARG Q 115 21.19 -42.40 -49.66
CA ARG Q 115 20.77 -42.77 -51.00
C ARG Q 115 20.03 -41.60 -51.62
N GLY Q 116 19.24 -40.91 -50.79
CA GLY Q 116 18.47 -39.77 -51.25
C GLY Q 116 19.37 -38.62 -51.71
N TYR Q 117 20.50 -38.43 -51.01
CA TYR Q 117 21.44 -37.41 -51.42
C TYR Q 117 21.93 -37.74 -52.82
N GLN Q 118 22.17 -39.02 -53.09
CA GLN Q 118 22.71 -39.39 -54.39
C GLN Q 118 21.69 -39.16 -55.51
N VAL Q 119 20.41 -39.36 -55.21
CA VAL Q 119 19.38 -39.01 -56.18
C VAL Q 119 19.34 -37.49 -56.39
N TYR Q 120 19.42 -36.72 -55.29
CA TYR Q 120 19.37 -35.28 -55.44
C TYR Q 120 20.49 -34.83 -56.37
N LYS Q 121 21.70 -35.33 -56.09
CA LYS Q 121 22.91 -34.92 -56.77
C LYS Q 121 22.85 -35.31 -58.25
N GLU Q 122 22.24 -36.44 -58.60
CA GLU Q 122 22.29 -36.92 -59.97
C GLU Q 122 21.06 -36.55 -60.80
N VAL Q 123 19.96 -36.14 -60.15
CA VAL Q 123 18.73 -35.88 -60.87
C VAL Q 123 18.23 -34.46 -60.58
N CYS Q 124 17.90 -34.16 -59.32
CA CYS Q 124 17.25 -32.89 -59.03
C CYS Q 124 18.20 -31.72 -59.18
N ALA Q 125 19.50 -31.93 -58.96
CA ALA Q 125 20.37 -30.80 -58.79
C ALA Q 125 20.57 -30.10 -60.14
N ALA Q 126 20.12 -30.76 -61.20
CA ALA Q 126 20.15 -30.18 -62.54
C ALA Q 126 19.32 -28.91 -62.58
N CYS Q 127 18.25 -28.84 -61.79
CA CYS Q 127 17.33 -27.71 -61.88
C CYS Q 127 17.08 -27.08 -60.53
N HIS Q 128 17.33 -27.83 -59.46
CA HIS Q 128 16.90 -27.34 -58.16
C HIS Q 128 18.11 -27.08 -57.28
N SER Q 129 18.05 -25.98 -56.53
CA SER Q 129 19.11 -25.70 -55.60
C SER Q 129 18.78 -26.29 -54.24
N LEU Q 130 19.81 -26.32 -53.39
CA LEU Q 130 19.66 -26.76 -52.02
C LEU Q 130 20.47 -25.80 -51.15
N ASP Q 131 20.08 -24.52 -51.17
CA ASP Q 131 20.95 -23.42 -50.81
C ASP Q 131 21.20 -23.31 -49.31
N ARG Q 132 20.38 -23.98 -48.51
CA ARG Q 132 20.47 -23.76 -47.08
C ARG Q 132 21.30 -24.87 -46.45
N ILE Q 133 21.83 -25.77 -47.26
CA ILE Q 133 22.59 -26.87 -46.72
C ILE Q 133 24.05 -26.62 -47.05
N ALA Q 134 24.92 -26.76 -46.03
CA ALA Q 134 26.34 -26.61 -46.29
C ALA Q 134 26.97 -27.99 -46.33
N TRP Q 135 28.18 -28.13 -46.90
CA TRP Q 135 28.79 -29.44 -46.94
C TRP Q 135 28.94 -30.02 -45.56
N ARG Q 136 29.20 -29.17 -44.57
CA ARG Q 136 29.38 -29.64 -43.21
C ARG Q 136 28.13 -30.31 -42.68
N ASN Q 137 26.96 -30.01 -43.26
CA ASN Q 137 25.70 -30.54 -42.74
C ASN Q 137 25.56 -32.02 -43.05
N LEU Q 138 26.20 -32.49 -44.13
CA LEU Q 138 26.16 -33.89 -44.47
C LEU Q 138 27.02 -34.71 -43.50
N VAL Q 139 27.96 -34.07 -42.82
CA VAL Q 139 28.97 -34.85 -42.13
C VAL Q 139 28.36 -35.45 -40.87
N GLY Q 140 28.51 -36.77 -40.72
CA GLY Q 140 27.99 -37.47 -39.56
C GLY Q 140 26.49 -37.66 -39.63
N VAL Q 141 25.93 -37.48 -40.83
CA VAL Q 141 24.52 -37.72 -41.07
C VAL Q 141 24.47 -38.71 -42.22
N THR Q 142 25.12 -38.36 -43.34
CA THR Q 142 25.11 -39.18 -44.54
C THR Q 142 26.53 -39.55 -44.96
N HIS Q 143 27.53 -38.74 -44.61
CA HIS Q 143 28.87 -38.90 -45.15
C HIS Q 143 29.90 -38.69 -44.04
N THR Q 144 31.09 -39.26 -44.23
CA THR Q 144 32.18 -38.98 -43.30
C THR Q 144 32.77 -37.62 -43.66
N THR Q 145 33.59 -37.07 -42.77
CA THR Q 145 34.18 -35.76 -43.03
C THR Q 145 35.00 -35.80 -44.32
N ASP Q 146 35.65 -36.93 -44.62
CA ASP Q 146 36.51 -37.00 -45.78
C ASP Q 146 35.72 -36.95 -47.08
N GLU Q 147 34.61 -37.67 -47.11
CA GLU Q 147 33.76 -37.72 -48.30
C GLU Q 147 33.19 -36.33 -48.57
N ALA Q 148 32.82 -35.62 -47.51
CA ALA Q 148 32.20 -34.32 -47.70
C ALA Q 148 33.24 -33.32 -48.16
N LYS Q 149 34.47 -33.42 -47.64
CA LYS Q 149 35.51 -32.49 -48.04
C LYS Q 149 35.83 -32.73 -49.51
N ALA Q 150 35.81 -34.01 -49.91
CA ALA Q 150 36.06 -34.34 -51.30
C ALA Q 150 35.02 -33.69 -52.20
N PHE Q 151 33.75 -33.73 -51.79
CA PHE Q 151 32.70 -33.12 -52.60
C PHE Q 151 32.91 -31.62 -52.70
N ALA Q 152 33.30 -30.99 -51.59
CA ALA Q 152 33.46 -29.54 -51.58
C ALA Q 152 34.62 -29.13 -52.47
N GLU Q 153 35.74 -29.86 -52.39
CA GLU Q 153 37.00 -29.51 -53.04
C GLU Q 153 36.91 -29.65 -54.55
N GLU Q 154 35.89 -30.35 -55.06
CA GLU Q 154 35.71 -30.50 -56.51
C GLU Q 154 35.14 -29.22 -57.12
N LEU Q 155 34.62 -28.33 -56.29
CA LEU Q 155 33.97 -27.14 -56.83
C LEU Q 155 34.86 -25.92 -56.65
N GLU Q 156 34.53 -24.85 -57.39
CA GLU Q 156 35.21 -23.57 -57.27
C GLU Q 156 34.23 -22.54 -56.71
N TYR Q 157 34.71 -21.77 -55.74
CA TYR Q 157 33.91 -20.74 -55.12
C TYR Q 157 34.67 -19.43 -55.21
N ASP Q 158 33.94 -18.31 -55.10
CA ASP Q 158 34.56 -17.00 -55.12
C ASP Q 158 35.39 -16.77 -53.87
N ASP Q 159 36.68 -16.48 -54.08
CA ASP Q 159 37.61 -16.08 -53.04
C ASP Q 159 37.57 -14.55 -52.85
N GLU Q 160 38.27 -14.07 -51.80
CA GLU Q 160 38.64 -12.67 -51.61
C GLU Q 160 39.54 -12.23 -52.75
N PRO Q 161 39.46 -10.96 -53.23
CA PRO Q 161 40.26 -10.54 -54.40
C PRO Q 161 41.74 -10.65 -54.11
N ASP Q 162 42.54 -10.80 -55.17
CA ASP Q 162 44.00 -10.83 -55.01
C ASP Q 162 44.53 -9.43 -54.70
N ASP Q 163 45.85 -9.28 -54.76
CA ASP Q 163 46.50 -8.08 -54.24
C ASP Q 163 46.33 -6.89 -55.19
N GLU Q 164 46.07 -7.17 -56.47
CA GLU Q 164 45.76 -6.15 -57.47
C GLU Q 164 44.24 -5.91 -57.50
N GLY Q 165 43.52 -6.54 -56.58
CA GLY Q 165 42.08 -6.45 -56.48
C GLY Q 165 41.32 -7.16 -57.60
N ASN Q 166 41.95 -8.13 -58.26
CA ASN Q 166 41.30 -8.91 -59.30
C ASN Q 166 40.53 -10.06 -58.66
N PRO Q 167 39.34 -10.45 -59.18
CA PRO Q 167 38.63 -11.63 -58.68
C PRO Q 167 39.40 -12.94 -58.84
N ARG Q 168 39.14 -13.87 -57.91
CA ARG Q 168 39.82 -15.14 -57.80
C ARG Q 168 38.85 -16.21 -57.35
N LYS Q 169 39.13 -17.47 -57.72
CA LYS Q 169 38.36 -18.61 -57.25
C LYS Q 169 39.20 -19.44 -56.30
N ARG Q 170 38.52 -20.14 -55.38
CA ARG Q 170 39.19 -21.11 -54.53
C ARG Q 170 38.44 -22.44 -54.61
N PRO Q 171 39.07 -23.57 -54.23
CA PRO Q 171 38.33 -24.80 -53.99
C PRO Q 171 37.45 -24.69 -52.75
N GLY Q 172 36.32 -25.42 -52.77
CA GLY Q 172 35.33 -25.41 -51.71
C GLY Q 172 35.84 -26.02 -50.42
N LYS Q 173 35.26 -25.55 -49.31
CA LYS Q 173 35.56 -25.97 -47.97
C LYS Q 173 34.27 -26.49 -47.33
N LEU Q 174 34.37 -27.10 -46.14
CA LEU Q 174 33.16 -27.66 -45.55
C LEU Q 174 32.14 -26.58 -45.19
N ALA Q 175 32.59 -25.35 -45.01
CA ALA Q 175 31.69 -24.32 -44.55
C ALA Q 175 30.88 -23.73 -45.72
N ASP Q 176 31.23 -24.13 -46.94
CA ASP Q 176 30.56 -23.61 -48.11
C ASP Q 176 29.16 -24.23 -48.25
N TYR Q 177 28.22 -23.47 -48.83
CA TYR Q 177 26.90 -23.98 -49.14
C TYR Q 177 26.91 -24.71 -50.47
N ILE Q 178 26.05 -25.71 -50.60
CA ILE Q 178 26.00 -26.47 -51.84
C ILE Q 178 25.52 -25.53 -52.93
N PRO Q 179 26.27 -25.37 -54.02
CA PRO Q 179 25.95 -24.36 -55.04
C PRO Q 179 24.82 -24.79 -55.97
N GLY Q 180 24.03 -23.79 -56.43
CA GLY Q 180 22.84 -24.02 -57.23
C GLY Q 180 23.15 -24.16 -58.73
N PRO Q 181 22.22 -24.67 -59.55
CA PRO Q 181 22.49 -24.81 -60.97
C PRO Q 181 22.42 -23.53 -61.81
N TYR Q 182 21.73 -22.49 -61.30
CA TYR Q 182 21.53 -21.28 -62.06
C TYR Q 182 22.02 -20.05 -61.29
N PRO Q 183 22.61 -19.06 -61.98
CA PRO Q 183 23.06 -17.81 -61.35
C PRO Q 183 21.98 -16.89 -60.80
N ASN Q 184 20.78 -16.91 -61.38
CA ASN Q 184 19.68 -16.08 -60.91
C ASN Q 184 18.34 -16.66 -61.36
N GLU Q 185 17.24 -16.04 -60.93
CA GLU Q 185 15.90 -16.50 -61.26
C GLU Q 185 15.66 -16.49 -62.78
N GLN Q 186 16.29 -15.53 -63.45
CA GLN Q 186 15.94 -15.27 -64.84
C GLN Q 186 16.51 -16.41 -65.67
N ALA Q 187 17.73 -16.81 -65.30
CA ALA Q 187 18.41 -17.91 -65.93
C ALA Q 187 17.66 -19.20 -65.65
N ALA Q 188 17.08 -19.30 -64.45
CA ALA Q 188 16.41 -20.51 -64.04
C ALA Q 188 15.15 -20.68 -64.88
N ARG Q 189 14.38 -19.59 -64.99
CA ARG Q 189 13.12 -19.62 -65.71
C ARG Q 189 13.35 -19.82 -67.20
N ALA Q 190 14.47 -19.30 -67.72
CA ALA Q 190 14.74 -19.38 -69.15
C ALA Q 190 15.00 -20.83 -69.54
N ALA Q 191 15.54 -21.60 -68.58
CA ALA Q 191 15.91 -22.98 -68.81
C ALA Q 191 14.72 -23.91 -68.60
N ASN Q 192 13.63 -23.38 -68.04
CA ASN Q 192 12.53 -24.23 -67.65
C ASN Q 192 11.22 -23.68 -68.19
N GLN Q 193 11.25 -23.18 -69.43
CA GLN Q 193 10.06 -22.73 -70.13
C GLN Q 193 9.20 -21.87 -69.21
N GLY Q 194 9.87 -20.98 -68.49
CA GLY Q 194 9.20 -19.93 -67.76
C GLY Q 194 9.02 -20.24 -66.29
N ALA Q 195 9.02 -21.54 -65.95
CA ALA Q 195 8.73 -21.99 -64.59
C ALA Q 195 10.00 -21.90 -63.73
N LEU Q 196 9.83 -21.59 -62.44
CA LEU Q 196 11.02 -21.43 -61.64
C LEU Q 196 11.10 -22.58 -60.66
N PRO Q 197 12.08 -23.50 -60.79
CA PRO Q 197 12.13 -24.66 -59.90
C PRO Q 197 12.50 -24.15 -58.52
N PRO Q 198 11.67 -24.40 -57.47
CA PRO Q 198 11.94 -23.85 -56.15
C PRO Q 198 13.17 -24.51 -55.55
N ASP Q 199 13.75 -23.81 -54.57
CA ASP Q 199 14.83 -24.36 -53.78
C ASP Q 199 14.22 -25.46 -52.92
N LEU Q 200 14.95 -26.56 -52.71
CA LEU Q 200 14.34 -27.70 -52.06
C LEU Q 200 14.68 -27.80 -50.58
N SER Q 201 15.45 -26.84 -50.06
CA SER Q 201 15.89 -26.89 -48.67
C SER Q 201 14.72 -26.92 -47.70
N LEU Q 202 13.59 -26.31 -48.05
CA LEU Q 202 12.50 -26.22 -47.11
C LEU Q 202 11.22 -26.82 -47.68
N ILE Q 203 11.30 -27.38 -48.88
CA ILE Q 203 10.10 -27.78 -49.59
C ILE Q 203 9.26 -28.80 -48.83
N ALA Q 204 9.90 -29.67 -48.02
CA ALA Q 204 9.14 -30.61 -47.20
C ALA Q 204 8.32 -29.91 -46.13
N LYS Q 205 8.70 -28.70 -45.74
CA LYS Q 205 7.93 -27.99 -44.72
C LYS Q 205 6.97 -27.01 -45.39
N ALA Q 206 7.19 -26.77 -46.68
CA ALA Q 206 6.55 -25.63 -47.31
C ALA Q 206 5.38 -26.11 -48.14
N ARG Q 207 5.07 -27.39 -48.02
CA ARG Q 207 3.92 -27.92 -48.74
C ARG Q 207 3.11 -28.74 -47.75
N HIS Q 208 1.77 -28.66 -47.84
CA HIS Q 208 0.92 -29.54 -47.05
C HIS Q 208 1.22 -30.98 -47.46
N GLY Q 209 1.49 -31.83 -46.49
CA GLY Q 209 1.80 -33.18 -46.91
C GLY Q 209 3.24 -33.58 -46.65
N GLY Q 210 4.20 -32.66 -46.84
CA GLY Q 210 5.57 -33.00 -46.46
C GLY Q 210 6.16 -34.11 -47.34
N ALA Q 211 6.82 -35.09 -46.71
CA ALA Q 211 7.43 -36.16 -47.49
C ALA Q 211 6.36 -36.84 -48.34
N ASP Q 212 5.13 -36.94 -47.83
CA ASP Q 212 4.12 -37.70 -48.55
C ASP Q 212 3.81 -36.98 -49.86
N TYR Q 213 3.83 -35.64 -49.81
CA TYR Q 213 3.52 -34.91 -51.01
C TYR Q 213 4.66 -35.08 -52.01
N ILE Q 214 5.90 -34.98 -51.54
CA ILE Q 214 7.00 -35.11 -52.49
C ILE Q 214 6.97 -36.50 -53.11
N PHE Q 215 6.76 -37.52 -52.29
CA PHE Q 215 6.72 -38.87 -52.81
C PHE Q 215 5.58 -39.03 -53.84
N ALA Q 216 4.39 -38.54 -53.48
CA ALA Q 216 3.22 -38.69 -54.34
C ALA Q 216 3.41 -37.97 -55.67
N LEU Q 217 3.99 -36.77 -55.61
CA LEU Q 217 4.19 -35.97 -56.80
C LEU Q 217 5.16 -36.66 -57.75
N LEU Q 218 6.28 -37.17 -57.24
CA LEU Q 218 7.31 -37.65 -58.14
C LEU Q 218 6.89 -38.97 -58.78
N THR Q 219 6.01 -39.69 -58.07
CA THR Q 219 5.60 -40.99 -58.55
C THR Q 219 4.26 -40.93 -59.28
N GLY Q 220 3.63 -39.74 -59.29
CA GLY Q 220 2.23 -39.67 -59.66
C GLY Q 220 1.97 -39.04 -61.04
N TYR Q 221 2.92 -39.18 -61.97
CA TYR Q 221 2.66 -38.72 -63.32
C TYR Q 221 2.00 -39.88 -64.07
N PRO Q 222 0.72 -39.77 -64.46
CA PRO Q 222 0.06 -40.80 -65.24
C PRO Q 222 0.65 -40.77 -66.64
N ASP Q 223 0.65 -41.91 -67.31
CA ASP Q 223 1.15 -42.01 -68.67
C ASP Q 223 0.32 -41.11 -69.57
N GLU Q 224 -1.00 -41.10 -69.34
CA GLU Q 224 -1.90 -40.28 -70.11
C GLU Q 224 -2.74 -39.41 -69.17
N PRO Q 225 -2.84 -38.08 -69.43
CA PRO Q 225 -3.77 -37.23 -68.70
C PRO Q 225 -5.21 -37.73 -68.85
N PRO Q 226 -6.01 -37.65 -67.77
CA PRO Q 226 -7.43 -37.99 -67.80
C PRO Q 226 -8.07 -37.28 -69.00
N ALA Q 227 -8.91 -38.02 -69.71
CA ALA Q 227 -9.55 -37.52 -70.91
C ALA Q 227 -10.29 -36.23 -70.57
N GLY Q 228 -9.96 -35.16 -71.32
CA GLY Q 228 -10.69 -33.91 -71.24
C GLY Q 228 -9.88 -32.80 -70.60
N VAL Q 229 -8.76 -33.15 -69.98
CA VAL Q 229 -7.83 -32.18 -69.43
C VAL Q 229 -7.09 -31.52 -70.59
N VAL Q 230 -7.10 -30.17 -70.60
CA VAL Q 230 -6.34 -29.43 -71.59
C VAL Q 230 -5.12 -28.86 -70.88
N LEU Q 231 -3.95 -29.40 -71.23
CA LEU Q 231 -2.73 -28.89 -70.63
C LEU Q 231 -2.24 -27.69 -71.43
N ALA Q 232 -1.89 -26.61 -70.72
CA ALA Q 232 -1.14 -25.50 -71.27
C ALA Q 232 0.20 -25.97 -71.82
N PRO Q 233 0.83 -25.29 -72.82
CA PRO Q 233 2.07 -25.78 -73.41
C PRO Q 233 3.23 -25.76 -72.40
N GLY Q 234 3.98 -26.87 -72.34
CA GLY Q 234 5.10 -27.02 -71.44
C GLY Q 234 4.69 -27.46 -70.04
N MET Q 235 3.40 -27.82 -69.89
CA MET Q 235 2.86 -28.39 -68.67
C MET Q 235 2.68 -29.89 -68.83
N ASN Q 236 2.76 -30.58 -67.70
CA ASN Q 236 2.64 -32.02 -67.60
C ASN Q 236 1.52 -32.30 -66.61
N TYR Q 237 0.77 -33.38 -66.85
CA TYR Q 237 -0.35 -33.59 -65.96
C TYR Q 237 0.16 -34.32 -64.73
N ASN Q 238 -0.19 -33.81 -63.54
CA ASN Q 238 0.11 -34.53 -62.31
C ASN Q 238 -0.98 -34.18 -61.32
N PRO Q 239 -1.81 -35.15 -60.89
CA PRO Q 239 -2.99 -34.83 -60.07
C PRO Q 239 -2.66 -34.28 -58.69
N TYR Q 240 -1.45 -34.52 -58.20
CA TYR Q 240 -1.15 -34.06 -56.85
C TYR Q 240 -0.82 -32.58 -56.84
N PHE Q 241 -0.47 -32.06 -58.01
CA PHE Q 241 -0.11 -30.67 -58.07
C PHE Q 241 -1.37 -29.85 -58.26
N PRO Q 242 -1.61 -28.80 -57.45
CA PRO Q 242 -2.87 -28.05 -57.51
C PRO Q 242 -3.11 -27.44 -58.89
N GLY Q 243 -4.26 -27.75 -59.50
CA GLY Q 243 -4.51 -27.27 -60.85
C GLY Q 243 -4.16 -28.30 -61.92
N GLY Q 244 -3.26 -29.24 -61.61
CA GLY Q 244 -3.05 -30.43 -62.44
C GLY Q 244 -1.88 -30.31 -63.40
N GLY Q 245 -1.55 -29.08 -63.81
CA GLY Q 245 -0.52 -28.87 -64.80
C GLY Q 245 0.75 -28.38 -64.13
N ILE Q 246 1.80 -29.19 -64.16
CA ILE Q 246 3.03 -28.81 -63.48
C ILE Q 246 4.12 -28.65 -64.52
N GLY Q 247 5.00 -27.69 -64.28
CA GLY Q 247 6.03 -27.37 -65.25
C GLY Q 247 7.20 -28.35 -65.18
N MET Q 248 7.19 -29.28 -64.22
CA MET Q 248 8.28 -30.22 -64.06
C MET Q 248 7.80 -31.53 -64.68
N ALA Q 249 8.61 -32.10 -65.57
CA ALA Q 249 8.22 -33.33 -66.24
C ALA Q 249 8.55 -34.51 -65.31
N ARG Q 250 8.07 -35.71 -65.65
CA ARG Q 250 8.51 -36.87 -64.90
C ARG Q 250 10.01 -37.06 -65.10
N THR Q 251 10.74 -37.34 -64.01
CA THR Q 251 12.20 -37.38 -64.04
C THR Q 251 12.76 -38.70 -63.53
N LEU Q 252 12.01 -39.39 -62.67
CA LEU Q 252 12.50 -40.64 -62.12
C LEU Q 252 11.99 -41.79 -62.95
N PHE Q 253 12.95 -42.51 -63.53
CA PHE Q 253 12.66 -43.74 -64.24
C PHE Q 253 13.60 -44.80 -63.72
N ASP Q 254 13.15 -46.06 -63.77
CA ASP Q 254 13.93 -47.17 -63.26
C ASP Q 254 15.33 -47.11 -63.86
N GLY Q 255 16.30 -46.94 -62.96
CA GLY Q 255 17.72 -47.04 -63.25
C GLY Q 255 18.34 -45.75 -63.78
N VAL Q 256 17.83 -44.58 -63.34
CA VAL Q 256 18.47 -43.33 -63.72
C VAL Q 256 19.65 -43.07 -62.80
N VAL Q 257 19.59 -43.68 -61.63
CA VAL Q 257 20.65 -43.63 -60.63
C VAL Q 257 21.17 -45.04 -60.47
N GLU Q 258 22.46 -45.18 -60.19
CA GLU Q 258 22.99 -46.46 -59.77
C GLU Q 258 23.44 -46.34 -58.32
N TYR Q 259 22.65 -46.87 -57.38
CA TYR Q 259 22.97 -46.68 -55.99
C TYR Q 259 24.25 -47.42 -55.64
N GLU Q 260 25.05 -46.83 -54.74
CA GLU Q 260 26.38 -47.34 -54.46
C GLU Q 260 26.33 -48.50 -53.48
N ASP Q 261 25.13 -48.79 -52.93
CA ASP Q 261 24.93 -49.78 -51.87
C ASP Q 261 24.19 -51.00 -52.41
N GLY Q 262 23.92 -51.00 -53.72
CA GLY Q 262 23.39 -52.16 -54.43
C GLY Q 262 21.86 -52.27 -54.42
N THR Q 263 21.20 -51.34 -53.72
CA THR Q 263 19.74 -51.20 -53.69
C THR Q 263 19.21 -51.03 -55.12
N PRO Q 264 18.18 -51.79 -55.55
CA PRO Q 264 17.59 -51.60 -56.88
C PRO Q 264 16.92 -50.24 -57.02
N ALA Q 265 17.39 -49.45 -58.00
CA ALA Q 265 16.92 -48.08 -58.12
C ALA Q 265 15.67 -48.04 -58.98
N THR Q 266 14.57 -48.40 -58.36
CA THR Q 266 13.27 -48.31 -58.99
C THR Q 266 12.73 -46.90 -58.74
N THR Q 267 11.78 -46.49 -59.59
CA THR Q 267 11.15 -45.19 -59.43
C THR Q 267 10.70 -44.99 -57.99
N SER Q 268 10.04 -46.01 -57.44
CA SER Q 268 9.48 -45.87 -56.11
C SER Q 268 10.59 -45.73 -55.08
N GLN Q 269 11.66 -46.53 -55.26
CA GLN Q 269 12.74 -46.51 -54.30
C GLN Q 269 13.42 -45.15 -54.31
N MET Q 270 13.64 -44.62 -55.50
CA MET Q 270 14.32 -43.34 -55.59
C MET Q 270 13.46 -42.22 -55.05
N ALA Q 271 12.14 -42.29 -55.27
CA ALA Q 271 11.28 -41.25 -54.75
C ALA Q 271 11.26 -41.32 -53.22
N LYS Q 272 11.25 -42.53 -52.67
CA LYS Q 272 11.21 -42.66 -51.23
C LYS Q 272 12.50 -42.10 -50.63
N ASP Q 273 13.64 -42.42 -51.24
CA ASP Q 273 14.91 -41.96 -50.73
C ASP Q 273 15.04 -40.45 -50.83
N VAL Q 274 14.70 -39.88 -51.99
CA VAL Q 274 14.89 -38.46 -52.14
C VAL Q 274 13.91 -37.70 -51.24
N ALA Q 275 12.70 -38.24 -51.05
CA ALA Q 275 11.75 -37.59 -50.17
C ALA Q 275 12.22 -37.63 -48.72
N ALA Q 276 12.85 -38.74 -48.31
CA ALA Q 276 13.45 -38.77 -46.99
C ALA Q 276 14.55 -37.72 -46.89
N PHE Q 277 15.41 -37.66 -47.91
CA PHE Q 277 16.52 -36.74 -47.88
C PHE Q 277 16.04 -35.30 -47.75
N LEU Q 278 15.03 -34.91 -48.54
CA LEU Q 278 14.55 -33.54 -48.49
C LEU Q 278 13.87 -33.23 -47.16
N THR Q 279 13.25 -34.25 -46.57
CA THR Q 279 12.67 -34.05 -45.26
C THR Q 279 13.74 -33.76 -44.24
N TRP Q 280 14.82 -34.52 -44.32
CA TRP Q 280 15.93 -34.22 -43.44
C TRP Q 280 16.43 -32.81 -43.69
N ALA Q 281 16.55 -32.40 -44.95
CA ALA Q 281 17.08 -31.09 -45.26
C ALA Q 281 16.23 -30.00 -44.60
N ALA Q 282 14.92 -30.23 -44.54
CA ALA Q 282 14.05 -29.19 -44.02
C ALA Q 282 14.13 -29.14 -42.51
N GLU Q 283 14.33 -30.30 -41.88
CA GLU Q 283 14.28 -30.36 -40.43
C GLU Q 283 15.45 -31.18 -39.93
N PRO Q 284 16.70 -30.71 -39.98
CA PRO Q 284 17.84 -31.56 -39.63
C PRO Q 284 17.99 -31.89 -38.15
N GLU Q 285 17.26 -31.17 -37.31
CA GLU Q 285 17.28 -31.35 -35.87
C GLU Q 285 16.36 -32.50 -35.46
N HIS Q 286 15.58 -33.03 -36.42
CA HIS Q 286 14.52 -33.98 -36.16
C HIS Q 286 14.90 -35.08 -35.17
N ASP Q 287 16.03 -35.76 -35.42
CA ASP Q 287 16.42 -36.87 -34.57
C ASP Q 287 16.70 -36.41 -33.14
N GLU Q 288 17.47 -35.34 -32.96
CA GLU Q 288 17.78 -34.84 -31.63
C GLU Q 288 16.53 -34.34 -30.91
N ARG Q 289 15.67 -33.65 -31.65
CA ARG Q 289 14.45 -33.09 -31.12
C ARG Q 289 13.61 -34.21 -30.52
N LYS Q 290 13.50 -35.34 -31.21
CA LYS Q 290 12.60 -36.35 -30.68
C LYS Q 290 13.21 -37.08 -29.49
N LYS Q 291 14.54 -37.19 -29.44
CA LYS Q 291 15.12 -37.78 -28.26
C LYS Q 291 14.96 -36.85 -27.06
N LEU Q 292 15.13 -35.53 -27.24
CA LEU Q 292 14.96 -34.65 -26.09
C LEU Q 292 13.51 -34.67 -25.65
N GLY Q 293 12.60 -34.80 -26.60
CA GLY Q 293 11.18 -34.87 -26.30
C GLY Q 293 10.85 -36.07 -25.43
N LEU Q 294 11.55 -37.19 -25.67
CA LEU Q 294 11.31 -38.38 -24.90
C LEU Q 294 11.70 -38.12 -23.45
N LYS Q 295 12.89 -37.57 -23.25
CA LYS Q 295 13.33 -37.21 -21.91
C LYS Q 295 12.34 -36.25 -21.25
N ALA Q 296 11.90 -35.21 -21.99
CA ALA Q 296 10.99 -34.23 -21.43
C ALA Q 296 9.68 -34.90 -21.02
N ILE Q 297 9.11 -35.73 -21.91
CA ILE Q 297 7.85 -36.38 -21.62
C ILE Q 297 7.97 -37.17 -20.32
N ILE Q 298 9.07 -37.92 -20.15
CA ILE Q 298 9.23 -38.74 -18.97
C ILE Q 298 9.32 -37.90 -17.71
N VAL Q 299 10.23 -36.92 -17.70
CA VAL Q 299 10.38 -36.11 -16.51
C VAL Q 299 9.09 -35.34 -16.21
N ILE Q 300 8.47 -34.77 -17.24
CA ILE Q 300 7.31 -33.93 -17.01
C ILE Q 300 6.14 -34.79 -16.52
N SER Q 301 6.00 -36.01 -17.05
CA SER Q 301 5.02 -36.94 -16.54
C SER Q 301 5.23 -37.28 -15.07
N ALA Q 302 6.46 -37.62 -14.68
CA ALA Q 302 6.77 -37.89 -13.28
C ALA Q 302 6.41 -36.68 -12.41
N MET Q 303 6.81 -35.48 -12.85
CA MET Q 303 6.55 -34.27 -12.09
C MET Q 303 5.05 -34.03 -12.01
N LEU Q 304 4.30 -34.48 -13.02
CA LEU Q 304 2.87 -34.26 -12.98
C LEU Q 304 2.25 -35.16 -11.92
N GLY Q 305 2.69 -36.42 -11.90
CA GLY Q 305 2.23 -37.38 -10.91
C GLY Q 305 2.55 -36.89 -9.49
N LEU Q 306 3.78 -36.42 -9.29
CA LEU Q 306 4.18 -36.03 -7.97
C LEU Q 306 3.47 -34.74 -7.57
N SER Q 307 3.26 -33.84 -8.53
CA SER Q 307 2.58 -32.60 -8.22
C SER Q 307 1.16 -32.92 -7.75
N VAL Q 308 0.58 -34.01 -8.24
CA VAL Q 308 -0.78 -34.32 -7.82
C VAL Q 308 -0.78 -34.87 -6.40
N TYR Q 309 0.16 -35.76 -6.10
CA TYR Q 309 0.32 -36.19 -4.73
C TYR Q 309 0.52 -34.98 -3.81
N ILE Q 310 1.46 -34.10 -4.15
CA ILE Q 310 1.74 -33.02 -3.23
C ILE Q 310 0.53 -32.11 -3.05
N LYS Q 311 -0.17 -31.81 -4.15
CA LYS Q 311 -1.35 -30.98 -4.01
C LYS Q 311 -2.36 -31.64 -3.07
N LYS Q 312 -2.68 -32.91 -3.30
CA LYS Q 312 -3.64 -33.61 -2.46
C LYS Q 312 -3.18 -33.64 -1.01
N PHE Q 313 -1.89 -33.84 -0.80
CA PHE Q 313 -1.38 -33.86 0.54
C PHE Q 313 -1.59 -32.49 1.20
N LYS Q 314 -1.17 -31.41 0.56
CA LYS Q 314 -1.28 -30.10 1.19
C LYS Q 314 -2.75 -29.70 1.33
N TRP Q 315 -3.61 -30.11 0.41
CA TRP Q 315 -4.99 -29.66 0.51
C TRP Q 315 -5.81 -30.47 1.49
N SER Q 316 -5.29 -31.58 2.03
CA SER Q 316 -6.22 -32.49 2.70
C SER Q 316 -6.87 -31.83 3.92
N PRO Q 317 -6.19 -30.97 4.71
CA PRO Q 317 -6.86 -30.29 5.81
C PRO Q 317 -8.07 -29.49 5.37
N ILE Q 318 -8.04 -28.91 4.18
CA ILE Q 318 -9.17 -28.13 3.74
C ILE Q 318 -10.26 -29.06 3.24
N LYS Q 319 -9.89 -30.11 2.52
CA LYS Q 319 -10.94 -30.97 1.99
C LYS Q 319 -11.62 -31.71 3.14
N ASN Q 320 -10.87 -32.01 4.22
CA ASN Q 320 -11.42 -32.86 5.26
C ASN Q 320 -12.07 -32.06 6.39
N ARG Q 321 -12.17 -30.76 6.25
CA ARG Q 321 -12.70 -29.91 7.29
C ARG Q 321 -14.16 -30.26 7.57
N LYS Q 322 -14.53 -30.24 8.85
CA LYS Q 322 -15.90 -30.52 9.25
C LYS Q 322 -16.40 -29.38 10.12
N PHE Q 323 -17.72 -29.13 10.13
CA PHE Q 323 -18.29 -28.06 10.94
C PHE Q 323 -19.37 -28.59 11.86
N ILE Q 324 -19.58 -27.91 12.99
CA ILE Q 324 -20.75 -28.16 13.81
C ILE Q 324 -21.34 -26.80 14.06
N TYR Q 325 -22.60 -26.60 13.71
CA TYR Q 325 -23.15 -25.27 13.90
C TYR Q 325 -24.16 -25.29 15.04
N ASN Q 326 -23.98 -24.42 16.02
CA ASN Q 326 -24.99 -24.23 17.05
C ASN Q 326 -25.51 -22.81 16.97
N PRO Q 327 -26.75 -22.61 16.49
CA PRO Q 327 -27.29 -21.26 16.28
C PRO Q 327 -27.31 -20.51 17.60
N PRO Q 328 -26.72 -19.28 17.66
CA PRO Q 328 -26.60 -18.50 18.91
C PRO Q 328 -27.89 -18.01 19.59
N TYR R 7 -14.69 -3.74 -0.25
CA TYR R 7 -15.54 -5.05 -0.36
C TYR R 7 -14.78 -6.32 0.03
N MET R 8 -13.45 -6.25 0.03
CA MET R 8 -12.67 -7.25 0.72
C MET R 8 -11.71 -6.52 1.64
N GLY R 9 -11.54 -7.01 2.86
CA GLY R 9 -10.54 -6.41 3.72
C GLY R 9 -9.22 -7.17 3.66
N TRP R 10 -8.76 -7.56 4.84
CA TRP R 10 -7.52 -8.29 4.97
C TRP R 10 -7.66 -9.15 6.21
N TRP R 11 -6.69 -10.02 6.48
CA TRP R 11 -6.83 -10.93 7.60
C TRP R 11 -7.05 -10.12 8.87
N GLY R 12 -8.06 -10.53 9.62
CA GLY R 12 -8.41 -9.78 10.81
C GLY R 12 -9.64 -8.92 10.59
N HIS R 13 -9.81 -8.39 9.36
CA HIS R 13 -10.94 -7.54 9.07
C HIS R 13 -11.42 -7.78 7.65
N MET R 14 -11.74 -9.04 7.34
CA MET R 14 -11.98 -9.45 5.98
C MET R 14 -13.30 -8.89 5.47
N GLY R 15 -14.25 -8.65 6.37
CA GLY R 15 -15.51 -8.07 5.95
C GLY R 15 -16.64 -9.10 5.94
N SER R 16 -16.41 -10.22 6.64
CA SER R 16 -17.47 -11.16 6.95
C SER R 16 -18.49 -10.50 7.89
N PRO R 17 -19.79 -10.83 7.77
CA PRO R 17 -20.74 -10.56 8.85
C PRO R 17 -20.20 -11.28 10.08
N PRO R 18 -20.53 -10.87 11.31
CA PRO R 18 -19.96 -11.52 12.50
C PRO R 18 -20.31 -13.00 12.52
N GLN R 19 -19.30 -13.82 12.82
CA GLN R 19 -19.49 -15.25 12.87
C GLN R 19 -19.56 -15.66 14.32
N LYS R 20 -20.51 -16.52 14.64
CA LYS R 20 -20.61 -17.08 15.96
C LYS R 20 -21.29 -18.43 15.80
N GLY R 21 -20.87 -19.41 16.58
CA GLY R 21 -21.65 -20.63 16.62
C GLY R 21 -21.16 -21.73 15.67
N ILE R 22 -20.15 -21.45 14.84
CA ILE R 22 -19.62 -22.51 14.01
C ILE R 22 -18.31 -23.03 14.59
N ALA R 23 -18.23 -24.34 14.83
CA ALA R 23 -16.97 -24.95 15.23
C ALA R 23 -16.42 -25.67 14.01
N GLY R 24 -15.16 -25.42 13.67
CA GLY R 24 -14.55 -26.05 12.52
C GLY R 24 -13.47 -27.00 12.98
N TYR R 25 -13.38 -28.17 12.36
CA TYR R 25 -12.41 -29.15 12.78
C TYR R 25 -11.66 -29.65 11.58
N THR R 26 -10.36 -29.87 11.74
CA THR R 26 -9.64 -30.56 10.69
C THR R 26 -8.46 -31.33 11.25
N ILE R 27 -7.89 -32.20 10.43
CA ILE R 27 -6.71 -32.92 10.88
C ILE R 27 -5.51 -32.58 10.00
N SER R 28 -4.33 -32.81 10.55
CA SER R 28 -3.04 -32.56 9.92
C SER R 28 -2.91 -33.29 8.59
N PRO R 29 -2.24 -32.71 7.57
CA PRO R 29 -1.92 -33.45 6.35
C PRO R 29 -1.14 -34.71 6.62
N PHE R 30 -0.29 -34.69 7.65
CA PHE R 30 0.50 -35.87 7.96
C PHE R 30 -0.33 -36.95 8.65
N ALA R 31 -1.49 -36.58 9.20
CA ALA R 31 -2.30 -37.59 9.87
C ALA R 31 -3.33 -38.18 8.90
N ALA R 32 -3.50 -37.56 7.74
CA ALA R 32 -4.57 -37.98 6.84
C ALA R 32 -4.02 -38.80 5.69
N ARG R 33 -4.87 -39.68 5.16
CA ARG R 33 -4.57 -40.38 3.94
C ARG R 33 -4.99 -39.48 2.78
N PRO R 34 -4.05 -38.94 1.98
CA PRO R 34 -4.41 -37.91 1.01
C PRO R 34 -5.29 -38.50 -0.09
N PHE R 35 -5.15 -39.81 -0.32
CA PHE R 35 -5.87 -40.49 -1.38
C PHE R 35 -7.02 -41.33 -0.84
N ALA R 36 -7.50 -41.01 0.36
CA ALA R 36 -8.62 -41.75 0.91
C ALA R 36 -9.83 -41.62 0.00
N GLY R 37 -10.43 -42.78 -0.33
CA GLY R 37 -11.64 -42.90 -1.12
C GLY R 37 -11.52 -42.35 -2.54
N VAL R 38 -10.29 -42.37 -3.09
CA VAL R 38 -10.00 -41.78 -4.39
C VAL R 38 -10.67 -42.60 -5.48
N VAL R 39 -10.69 -43.93 -5.30
CA VAL R 39 -11.22 -44.84 -6.31
C VAL R 39 -12.72 -44.63 -6.42
N HIS R 40 -13.39 -44.61 -5.26
CA HIS R 40 -14.81 -44.30 -5.23
C HIS R 40 -15.11 -42.94 -5.88
N ALA R 41 -14.30 -41.92 -5.59
CA ALA R 41 -14.57 -40.58 -6.12
C ALA R 41 -14.33 -40.57 -7.62
N ALA R 42 -13.22 -41.18 -8.04
CA ALA R 42 -12.83 -41.15 -9.44
C ALA R 42 -13.90 -41.79 -10.30
N ILE R 43 -14.65 -42.75 -9.72
CA ILE R 43 -15.64 -43.47 -10.49
C ILE R 43 -17.03 -42.86 -10.26
N PHE R 44 -17.48 -42.86 -9.02
CA PHE R 44 -18.88 -42.57 -8.73
C PHE R 44 -19.12 -41.07 -8.70
N ASN R 45 -18.18 -40.35 -8.08
CA ASN R 45 -18.33 -38.91 -8.04
C ASN R 45 -18.21 -38.32 -9.44
N THR R 46 -17.21 -38.74 -10.22
CA THR R 46 -17.07 -38.18 -11.56
C THR R 46 -18.28 -38.53 -12.42
N PHE R 47 -18.84 -39.73 -12.23
CA PHE R 47 -20.02 -40.10 -13.00
C PHE R 47 -21.18 -39.16 -12.66
N ARG R 48 -21.45 -38.96 -11.37
CA ARG R 48 -22.50 -38.05 -10.94
C ARG R 48 -22.27 -36.67 -11.54
N ARG R 49 -21.05 -36.12 -11.39
CA ARG R 49 -20.87 -34.75 -11.85
C ARG R 49 -21.00 -34.62 -13.37
N THR R 50 -20.61 -35.65 -14.12
CA THR R 50 -20.66 -35.60 -15.56
C THR R 50 -22.09 -35.74 -16.04
N LYS R 51 -22.81 -36.70 -15.45
CA LYS R 51 -24.20 -36.92 -15.82
C LYS R 51 -24.99 -35.62 -15.66
N ASN R 52 -24.70 -34.86 -14.60
CA ASN R 52 -25.48 -33.67 -14.29
C ASN R 52 -25.24 -32.54 -15.28
N GLN R 53 -24.11 -32.55 -15.98
CA GLN R 53 -23.76 -31.45 -16.85
C GLN R 53 -23.81 -31.88 -18.31
N ALA R 54 -24.22 -33.13 -18.59
CA ALA R 54 -23.99 -33.68 -19.92
C ALA R 54 -24.75 -32.91 -21.00
N LEU R 55 -26.03 -32.57 -20.75
CA LEU R 55 -26.88 -31.94 -21.74
C LEU R 55 -26.33 -30.59 -22.19
N PHE R 56 -25.69 -29.88 -21.27
CA PHE R 56 -25.24 -28.51 -21.53
C PHE R 56 -24.07 -28.52 -22.48
N VAL R 57 -23.47 -29.69 -22.65
CA VAL R 57 -22.37 -29.81 -23.59
C VAL R 57 -22.89 -30.48 -24.86
N ILE R 58 -23.60 -31.58 -24.68
CA ILE R 58 -24.08 -32.38 -25.78
C ILE R 58 -25.00 -31.57 -26.70
N LEU R 59 -25.98 -30.84 -26.17
CA LEU R 59 -26.93 -30.18 -27.06
C LEU R 59 -26.25 -29.19 -28.00
N PRO R 60 -25.49 -28.18 -27.52
CA PRO R 60 -24.87 -27.24 -28.46
C PRO R 60 -23.83 -27.90 -29.35
N VAL R 61 -23.07 -28.84 -28.81
CA VAL R 61 -22.07 -29.46 -29.66
C VAL R 61 -22.72 -30.25 -30.79
N SER R 62 -23.76 -31.03 -30.47
CA SER R 62 -24.39 -31.87 -31.47
C SER R 62 -25.07 -31.00 -32.51
N PHE R 63 -25.62 -29.86 -32.08
CA PHE R 63 -26.33 -29.02 -33.04
C PHE R 63 -25.35 -28.40 -34.01
N PHE R 64 -24.29 -27.79 -33.47
CA PHE R 64 -23.36 -27.09 -34.33
C PHE R 64 -22.58 -28.06 -35.19
N TYR R 65 -22.43 -29.30 -34.72
CA TYR R 65 -21.71 -30.25 -35.56
C TYR R 65 -22.61 -30.67 -36.71
N TYR R 66 -23.91 -30.75 -36.43
CA TYR R 66 -24.83 -31.15 -37.48
C TYR R 66 -24.87 -30.09 -38.57
N VAL R 67 -24.98 -28.83 -38.15
CA VAL R 67 -24.99 -27.69 -39.06
C VAL R 67 -23.75 -27.73 -39.96
N TRP R 68 -22.58 -27.97 -39.36
CA TRP R 68 -21.34 -27.90 -40.08
C TRP R 68 -21.30 -29.01 -41.11
N THR R 69 -21.66 -30.21 -40.65
CA THR R 69 -21.71 -31.40 -41.47
C THR R 69 -22.59 -31.17 -42.70
N GLN R 70 -23.76 -30.56 -42.52
CA GLN R 70 -24.68 -30.35 -43.63
C GLN R 70 -24.07 -29.36 -44.61
N ALA R 71 -23.44 -28.31 -44.08
CA ALA R 71 -22.87 -27.23 -44.88
C ALA R 71 -21.68 -27.76 -45.66
N SER R 72 -20.79 -28.49 -44.99
CA SER R 72 -19.61 -29.00 -45.66
C SER R 72 -19.99 -30.03 -46.72
N GLU R 73 -21.04 -30.81 -46.48
CA GLU R 73 -21.42 -31.82 -47.48
C GLU R 73 -22.06 -31.16 -48.70
N LYS R 74 -22.83 -30.08 -48.47
CA LYS R 74 -23.44 -29.38 -49.58
C LYS R 74 -22.34 -28.71 -50.41
N ASN R 75 -21.39 -28.12 -49.70
CA ASN R 75 -20.35 -27.35 -50.38
C ASN R 75 -19.58 -28.32 -51.26
N GLU R 76 -19.33 -29.52 -50.74
CA GLU R 76 -18.55 -30.51 -51.47
C GLU R 76 -19.31 -30.89 -52.74
N TRP R 77 -20.62 -31.05 -52.60
CA TRP R 77 -21.46 -31.53 -53.68
C TRP R 77 -21.63 -30.47 -54.76
N LEU R 78 -21.63 -29.19 -54.36
CA LEU R 78 -21.83 -28.11 -55.33
C LEU R 78 -20.64 -27.99 -56.27
N TYR R 79 -19.47 -28.44 -55.82
CA TYR R 79 -18.26 -28.28 -56.61
C TYR R 79 -17.90 -29.61 -57.28
N THR R 80 -18.90 -30.49 -57.41
CA THR R 80 -18.77 -31.66 -58.27
C THR R 80 -19.44 -31.34 -59.61
N LYS R 81 -19.35 -32.29 -60.56
CA LYS R 81 -19.98 -32.23 -61.86
C LYS R 81 -21.50 -32.19 -61.69
N ALA R 82 -21.98 -33.07 -60.82
CA ALA R 82 -23.40 -33.27 -60.52
C ALA R 82 -24.00 -31.98 -59.97
N GLY R 83 -23.17 -31.16 -59.32
CA GLY R 83 -23.65 -29.98 -58.61
C GLY R 83 -23.49 -28.69 -59.41
N ARG R 84 -23.20 -28.83 -60.72
CA ARG R 84 -22.87 -27.72 -61.59
C ARG R 84 -23.99 -26.69 -61.64
N HIS R 85 -25.21 -27.21 -61.79
CA HIS R 85 -26.37 -26.38 -62.05
C HIS R 85 -26.77 -25.63 -60.78
N GLU R 86 -26.73 -26.36 -59.66
CA GLU R 86 -27.10 -25.81 -58.37
C GLU R 86 -26.05 -24.77 -57.96
N LEU R 87 -24.81 -24.97 -58.43
CA LEU R 87 -23.75 -24.02 -58.12
C LEU R 87 -23.95 -22.74 -58.91
N ALA R 88 -24.47 -22.89 -60.14
CA ALA R 88 -24.61 -21.77 -61.05
C ALA R 88 -25.67 -20.81 -60.51
N LYS R 89 -26.70 -21.39 -59.87
CA LYS R 89 -27.81 -20.66 -59.28
C LYS R 89 -27.37 -20.00 -57.99
N ALA R 90 -26.54 -20.73 -57.22
CA ALA R 90 -26.05 -20.24 -55.93
C ALA R 90 -25.12 -19.04 -56.11
N LEU R 91 -24.42 -18.96 -57.24
CA LEU R 91 -23.70 -17.74 -57.63
C LEU R 91 -24.60 -16.90 -58.56
N ALA S 4 15.20 -46.03 9.97
CA ALA S 4 14.15 -44.99 9.41
C ALA S 4 14.11 -43.59 10.06
N THR S 5 14.10 -43.55 11.40
CA THR S 5 14.38 -42.35 12.17
C THR S 5 15.76 -41.80 11.82
N THR S 6 16.73 -42.73 11.70
CA THR S 6 18.10 -42.40 11.32
C THR S 6 18.08 -41.66 10.00
N PHE S 7 17.42 -42.26 9.01
CA PHE S 7 17.36 -41.67 7.69
C PHE S 7 16.74 -40.28 7.76
N TYR S 8 15.65 -40.15 8.51
CA TYR S 8 15.01 -38.85 8.67
C TYR S 8 15.98 -37.82 9.24
N ASN S 9 16.62 -38.19 10.35
CA ASN S 9 17.48 -37.29 11.11
C ASN S 9 18.68 -36.82 10.28
N VAL S 10 19.22 -37.69 9.45
CA VAL S 10 20.41 -37.37 8.67
C VAL S 10 20.05 -36.56 7.43
N PHE S 11 19.05 -36.98 6.66
CA PHE S 11 18.93 -36.39 5.33
C PHE S 11 17.79 -35.39 5.24
N VAL S 12 16.89 -35.41 6.22
CA VAL S 12 15.64 -34.69 6.00
C VAL S 12 15.44 -33.59 7.03
N LYS S 13 15.79 -33.87 8.29
CA LYS S 13 15.45 -32.96 9.37
C LYS S 13 15.98 -31.55 9.13
N ARG S 14 17.27 -31.41 8.82
CA ARG S 14 17.83 -30.11 8.51
C ARG S 14 17.57 -29.81 7.03
N ASN S 15 17.02 -28.62 6.75
CA ASN S 15 16.73 -28.26 5.37
C ASN S 15 18.03 -28.13 4.58
N SER S 16 19.09 -27.63 5.22
CA SER S 16 20.37 -27.58 4.53
C SER S 16 20.74 -28.96 4.01
N ALA S 17 20.52 -30.00 4.82
CA ALA S 17 20.89 -31.34 4.42
C ALA S 17 19.92 -31.87 3.36
N PHE S 18 18.64 -31.53 3.50
CA PHE S 18 17.62 -31.99 2.58
C PHE S 18 17.86 -31.39 1.20
N VAL S 19 18.18 -30.09 1.15
CA VAL S 19 18.40 -29.45 -0.12
C VAL S 19 19.69 -30.02 -0.72
N ALA S 20 20.71 -30.22 0.11
CA ALA S 20 21.94 -30.83 -0.38
C ALA S 20 21.70 -32.24 -0.95
N THR S 21 20.84 -33.03 -0.30
CA THR S 21 20.54 -34.38 -0.75
C THR S 21 19.75 -34.34 -2.06
N ILE S 22 18.82 -33.39 -2.18
CA ILE S 22 18.00 -33.24 -3.39
C ILE S 22 18.93 -32.89 -4.54
N LEU S 23 19.87 -31.95 -4.34
CA LEU S 23 20.74 -31.52 -5.42
C LEU S 23 21.72 -32.62 -5.81
N ALA S 24 22.23 -33.37 -4.84
CA ALA S 24 23.12 -34.46 -5.17
C ALA S 24 22.37 -35.55 -5.93
N SER S 25 21.12 -35.80 -5.54
CA SER S 25 20.27 -36.75 -6.24
C SER S 25 19.99 -36.29 -7.65
N ALA S 26 19.77 -34.97 -7.81
CA ALA S 26 19.49 -34.38 -9.11
C ALA S 26 20.69 -34.60 -10.03
N PHE S 27 21.89 -34.41 -9.50
CA PHE S 27 23.12 -34.60 -10.24
C PHE S 27 23.19 -36.04 -10.72
N VAL S 28 22.94 -37.00 -9.82
CA VAL S 28 23.08 -38.40 -10.16
C VAL S 28 22.01 -38.79 -11.16
N PHE S 29 20.77 -38.36 -10.90
CA PHE S 29 19.69 -38.67 -11.82
C PHE S 29 20.03 -38.15 -13.20
N ASP S 30 20.40 -36.86 -13.28
CA ASP S 30 20.73 -36.23 -14.54
C ASP S 30 21.74 -37.06 -15.34
N MET S 31 22.79 -37.56 -14.67
CA MET S 31 23.87 -38.27 -15.33
C MET S 31 23.44 -39.65 -15.82
N THR S 32 22.70 -40.36 -14.96
CA THR S 32 22.33 -41.72 -15.24
C THR S 32 21.19 -41.74 -16.24
N PHE S 33 20.29 -40.76 -16.15
CA PHE S 33 19.11 -40.77 -17.01
C PHE S 33 19.53 -40.49 -18.45
N GLU S 34 20.52 -39.60 -18.57
CA GLU S 34 21.11 -39.26 -19.86
C GLU S 34 21.61 -40.55 -20.52
N THR S 35 22.42 -41.32 -19.76
CA THR S 35 23.03 -42.54 -20.25
C THR S 35 21.97 -43.57 -20.59
N ALA S 36 20.91 -43.65 -19.77
CA ALA S 36 19.89 -44.68 -19.94
C ALA S 36 19.06 -44.42 -21.19
N ILE S 37 18.75 -43.13 -21.41
CA ILE S 37 17.93 -42.78 -22.55
C ILE S 37 18.75 -42.98 -23.81
N ASP S 38 20.01 -42.52 -23.79
CA ASP S 38 20.93 -42.74 -24.89
C ASP S 38 20.87 -44.19 -25.36
N ASN S 39 21.03 -45.15 -24.43
CA ASN S 39 21.10 -46.56 -24.82
C ASN S 39 19.76 -47.03 -25.34
N PHE S 40 18.67 -46.53 -24.76
CA PHE S 40 17.36 -46.99 -25.13
C PHE S 40 17.04 -46.52 -26.55
N TRP S 41 17.41 -45.28 -26.82
CA TRP S 41 17.12 -44.64 -28.08
C TRP S 41 17.87 -45.36 -29.21
N ASP S 42 19.09 -45.82 -28.88
CA ASP S 42 19.95 -46.50 -29.84
C ASP S 42 19.39 -47.89 -30.15
N ARG S 43 18.69 -48.51 -29.19
CA ARG S 43 18.15 -49.85 -29.40
C ARG S 43 16.86 -49.79 -30.21
N ILE S 44 16.03 -48.76 -29.97
CA ILE S 44 14.78 -48.74 -30.71
C ILE S 44 15.00 -48.25 -32.13
N ASN S 45 16.12 -47.57 -32.36
CA ASN S 45 16.45 -47.04 -33.66
C ASN S 45 17.71 -47.75 -34.13
N ALA S 46 17.67 -49.09 -34.13
CA ALA S 46 18.87 -49.86 -34.40
C ALA S 46 19.02 -50.06 -35.91
N GLY S 47 20.25 -49.84 -36.39
CA GLY S 47 20.55 -49.96 -37.81
C GLY S 47 20.14 -48.72 -38.60
N LYS S 48 19.58 -47.72 -37.93
CA LYS S 48 19.05 -46.57 -38.65
C LYS S 48 20.02 -45.40 -38.56
N GLN S 49 20.75 -45.30 -37.45
CA GLN S 49 21.45 -44.07 -37.16
C GLN S 49 22.81 -44.07 -37.85
N TRP S 50 23.45 -42.90 -37.92
CA TRP S 50 24.72 -42.79 -38.61
C TRP S 50 25.76 -43.72 -37.98
N LYS S 51 25.78 -43.76 -36.64
CA LYS S 51 26.67 -44.61 -35.89
C LYS S 51 26.56 -46.09 -36.31
N ASP S 52 25.41 -46.49 -36.86
CA ASP S 52 25.19 -47.86 -37.27
C ASP S 52 25.70 -48.15 -38.68
N ILE S 53 25.90 -47.12 -39.51
CA ILE S 53 26.27 -47.32 -40.91
C ILE S 53 27.65 -46.75 -41.19
N ARG S 54 28.15 -45.96 -40.24
CA ARG S 54 29.42 -45.27 -40.35
C ARG S 54 30.53 -46.24 -40.74
N HIS S 55 30.42 -47.51 -40.33
CA HIS S 55 31.53 -48.45 -40.40
C HIS S 55 31.85 -48.81 -41.85
N LYS S 56 30.87 -48.61 -42.75
CA LYS S 56 31.04 -48.86 -44.18
C LYS S 56 32.02 -47.89 -44.84
N TYR S 57 32.37 -46.79 -44.16
CA TYR S 57 33.12 -45.69 -44.76
C TYR S 57 34.44 -45.31 -44.02
N TYR T 8 25.42 -18.26 52.59
CA TYR T 8 24.71 -16.98 52.07
C TYR T 8 25.37 -16.40 50.82
N VAL T 9 24.53 -15.98 49.85
CA VAL T 9 24.93 -15.46 48.56
C VAL T 9 24.57 -13.99 48.54
N LYS T 10 25.54 -13.12 48.23
CA LYS T 10 25.33 -11.68 48.29
C LYS T 10 24.88 -11.14 46.93
N LYS T 11 25.37 -11.78 45.86
CA LYS T 11 25.24 -11.25 44.51
C LYS T 11 25.07 -12.41 43.54
N PRO T 12 24.29 -12.27 42.44
CA PRO T 12 24.15 -13.36 41.48
C PRO T 12 25.47 -13.47 40.71
N SER T 13 25.80 -14.66 40.25
CA SER T 13 27.11 -14.86 39.66
C SER T 13 26.97 -15.05 38.16
N TYR T 14 27.40 -14.03 37.40
CA TYR T 14 27.29 -14.04 35.96
C TYR T 14 28.34 -13.12 35.35
N LYS T 15 28.58 -13.34 34.05
CA LYS T 15 29.41 -12.49 33.22
C LYS T 15 28.64 -12.21 31.95
N ILE T 16 29.06 -11.16 31.22
CA ILE T 16 28.52 -10.91 29.90
C ILE T 16 29.49 -11.46 28.86
N VAL T 17 28.99 -12.33 28.00
CA VAL T 17 29.79 -12.84 26.88
C VAL T 17 29.89 -11.78 25.80
N PRO T 18 31.04 -11.69 25.09
CA PRO T 18 31.17 -10.76 23.97
C PRO T 18 30.09 -10.99 22.91
N HIS T 19 29.52 -9.90 22.40
CA HIS T 19 28.46 -9.99 21.42
C HIS T 19 28.59 -8.86 20.43
N PHE T 20 27.95 -9.02 19.28
CA PHE T 20 28.04 -8.07 18.19
C PHE T 20 26.83 -8.28 17.29
N LEU T 21 26.03 -7.23 17.11
CA LEU T 21 24.82 -7.26 16.28
C LEU T 21 23.88 -8.38 16.73
N GLY T 22 23.92 -8.68 18.03
CA GLY T 22 23.05 -9.68 18.63
C GLY T 22 23.52 -11.11 18.37
N PHE T 23 24.79 -11.27 17.98
CA PHE T 23 25.37 -12.59 17.86
C PHE T 23 26.41 -12.78 18.95
N ASN T 24 26.47 -13.99 19.49
CA ASN T 24 27.52 -14.33 20.42
C ASN T 24 28.15 -15.64 19.95
N ILE T 25 29.28 -15.99 20.55
CA ILE T 25 30.00 -17.13 20.03
C ILE T 25 29.26 -18.43 20.34
N PRO T 26 28.69 -18.64 21.55
CA PRO T 26 27.90 -19.85 21.81
C PRO T 26 26.83 -20.13 20.74
N THR T 27 26.11 -19.09 20.32
CA THR T 27 25.04 -19.22 19.35
C THR T 27 25.62 -19.61 17.98
N VAL T 28 26.59 -18.83 17.52
CA VAL T 28 27.10 -19.00 16.18
C VAL T 28 27.75 -20.37 16.05
N SER T 29 28.38 -20.82 17.14
CA SER T 29 29.06 -22.09 17.06
C SER T 29 28.08 -23.23 16.82
N LYS T 30 26.82 -23.07 17.24
CA LYS T 30 25.81 -24.08 16.99
C LYS T 30 25.45 -24.10 15.50
N TRP T 31 25.68 -23.01 14.78
CA TRP T 31 25.27 -22.89 13.40
C TRP T 31 26.39 -23.22 12.42
N ILE T 32 27.62 -23.36 12.93
CA ILE T 32 28.79 -23.57 12.09
C ILE T 32 28.53 -24.78 11.18
N PRO T 33 28.14 -25.96 11.72
CA PRO T 33 27.80 -27.12 10.87
C PRO T 33 26.77 -26.83 9.77
N ILE T 34 25.78 -26.00 10.06
CA ILE T 34 24.75 -25.69 9.09
C ILE T 34 25.33 -24.88 7.93
N PHE T 35 26.24 -23.95 8.22
CA PHE T 35 26.86 -23.23 7.13
C PHE T 35 27.66 -24.20 6.26
N GLY T 36 28.30 -25.17 6.91
CA GLY T 36 28.98 -26.25 6.23
C GLY T 36 28.09 -26.93 5.18
N ILE T 37 26.91 -27.37 5.62
CA ILE T 37 26.00 -28.10 4.75
C ILE T 37 25.49 -27.18 3.66
N TRP T 38 25.11 -25.94 4.00
CA TRP T 38 24.67 -25.02 2.97
C TRP T 38 25.77 -24.77 1.94
N GLY T 39 27.03 -24.79 2.39
CA GLY T 39 28.16 -24.56 1.50
C GLY T 39 28.33 -25.72 0.53
N ALA T 40 28.17 -26.93 1.07
CA ALA T 40 28.14 -28.16 0.28
C ALA T 40 27.00 -28.11 -0.73
N ALA T 41 25.81 -27.72 -0.27
CA ALA T 41 24.64 -27.63 -1.13
C ALA T 41 24.92 -26.66 -2.26
N ALA T 42 25.58 -25.54 -1.94
CA ALA T 42 25.87 -24.52 -2.93
C ALA T 42 26.95 -25.03 -3.89
N GLY T 43 27.92 -25.78 -3.35
CA GLY T 43 28.98 -26.36 -4.14
C GLY T 43 28.46 -27.38 -5.14
N ILE T 44 27.70 -28.37 -4.64
CA ILE T 44 27.05 -29.38 -5.45
C ILE T 44 26.20 -28.69 -6.51
N GLY T 45 25.40 -27.70 -6.09
CA GLY T 45 24.47 -27.03 -7.00
C GLY T 45 25.20 -26.25 -8.09
N ALA T 46 26.25 -25.54 -7.70
CA ALA T 46 27.00 -24.71 -8.64
C ALA T 46 27.65 -25.62 -9.68
N LEU T 47 28.29 -26.68 -9.18
CA LEU T 47 29.04 -27.59 -10.03
C LEU T 47 28.08 -28.27 -11.00
N PHE T 48 26.90 -28.62 -10.50
CA PHE T 48 25.82 -29.19 -11.29
C PHE T 48 25.41 -28.26 -12.42
N LEU T 49 25.31 -26.95 -12.14
CA LEU T 49 24.90 -25.96 -13.13
C LEU T 49 25.92 -25.83 -14.25
N ILE T 50 27.20 -26.05 -13.93
CA ILE T 50 28.21 -25.83 -14.95
C ILE T 50 28.80 -27.14 -15.42
N GLU T 51 28.07 -28.24 -15.18
CA GLU T 51 28.56 -29.55 -15.54
C GLU T 51 28.73 -29.60 -17.07
N GLY T 52 27.91 -28.84 -17.77
CA GLY T 52 27.92 -28.81 -19.22
C GLY T 52 29.13 -28.05 -19.79
N VAL T 53 29.60 -27.03 -19.08
CA VAL T 53 30.75 -26.27 -19.52
C VAL T 53 31.95 -27.19 -19.76
N PRO T 54 32.56 -27.21 -20.97
CA PRO T 54 33.66 -28.13 -21.29
C PRO T 54 34.88 -28.05 -20.38
N ARG T 55 35.15 -26.84 -19.89
CA ARG T 55 36.24 -26.62 -18.95
C ARG T 55 35.99 -27.34 -17.63
N THR T 56 34.73 -27.31 -17.15
CA THR T 56 34.36 -28.01 -15.92
C THR T 56 34.65 -29.49 -16.06
N ARG T 57 34.41 -30.03 -17.25
CA ARG T 57 34.58 -31.46 -17.45
C ARG T 57 36.07 -31.78 -17.49
N GLN T 58 36.78 -30.98 -18.28
CA GLN T 58 38.20 -31.14 -18.49
C GLN T 58 38.96 -31.04 -17.16
N ASP T 59 38.63 -30.03 -16.34
CA ASP T 59 39.43 -29.64 -15.19
C ASP T 59 38.95 -30.26 -13.87
N ILE T 60 37.64 -30.52 -13.74
CA ILE T 60 37.14 -31.05 -12.48
C ILE T 60 36.64 -32.48 -12.69
N LEU T 61 35.59 -32.62 -13.50
CA LEU T 61 34.75 -33.80 -13.46
C LEU T 61 35.47 -35.04 -13.98
N SER T 62 36.35 -34.88 -14.97
CA SER T 62 37.00 -36.03 -15.57
C SER T 62 38.13 -36.59 -14.69
N LYS T 63 38.50 -35.83 -13.64
CA LYS T 63 39.59 -36.16 -12.74
C LYS T 63 39.11 -37.01 -11.56
N ILE T 64 37.79 -37.02 -11.31
CA ILE T 64 37.19 -37.82 -10.25
C ILE T 64 37.44 -39.30 -10.54
N PRO T 65 37.95 -40.09 -9.57
CA PRO T 65 38.27 -41.51 -9.79
C PRO T 65 37.03 -42.36 -10.07
N ILE T 66 37.16 -43.29 -11.04
CA ILE T 66 36.15 -44.27 -11.44
C ILE T 66 35.08 -43.59 -12.31
N ILE T 67 34.35 -42.66 -11.68
CA ILE T 67 33.22 -41.92 -12.22
C ILE T 67 33.68 -41.02 -13.39
N GLY T 68 34.95 -40.59 -13.33
CA GLY T 68 35.48 -39.53 -14.18
C GLY T 68 35.48 -39.82 -15.68
N GLU T 69 35.36 -41.09 -16.05
CA GLU T 69 35.42 -41.44 -17.47
C GLU T 69 34.10 -41.09 -18.14
N HIS T 70 33.06 -40.83 -17.33
CA HIS T 70 31.76 -40.43 -17.85
C HIS T 70 31.90 -39.16 -18.69
N TRP T 71 32.91 -38.34 -18.38
CA TRP T 71 33.04 -37.03 -18.99
C TRP T 71 34.19 -36.94 -19.99
N ILE T 72 34.86 -38.07 -20.24
CA ILE T 72 35.87 -38.12 -21.28
C ILE T 72 35.23 -38.76 -22.51
N ARG T 73 34.73 -37.90 -23.41
CA ARG T 73 34.03 -38.36 -24.59
C ARG T 73 34.58 -37.66 -25.82
N GLU T 74 34.94 -38.46 -26.83
CA GLU T 74 35.51 -37.97 -28.07
C GLU T 74 34.51 -38.20 -29.21
N ILE T 75 34.28 -37.14 -29.99
CA ILE T 75 33.65 -37.26 -31.29
C ILE T 75 34.66 -37.92 -32.23
N PRO T 76 34.31 -39.02 -32.94
CA PRO T 76 35.22 -39.64 -33.90
C PRO T 76 35.54 -38.63 -35.01
N ALA T 77 36.80 -38.60 -35.47
CA ALA T 77 37.27 -37.59 -36.40
C ALA T 77 36.51 -37.64 -37.73
N SER T 78 35.93 -38.80 -38.03
CA SER T 78 35.16 -39.06 -39.24
C SER T 78 33.78 -38.40 -39.18
N ASP T 79 33.34 -38.00 -37.98
CA ASP T 79 31.99 -37.51 -37.77
C ASP T 79 31.99 -36.04 -37.36
N ASN T 80 33.15 -35.39 -37.51
CA ASN T 80 33.33 -34.06 -36.98
C ASN T 80 33.59 -33.10 -38.13
N PRO T 81 32.63 -32.18 -38.43
CA PRO T 81 32.80 -31.25 -39.54
C PRO T 81 33.88 -30.22 -39.24
N PHE T 82 34.06 -29.93 -37.95
CA PHE T 82 35.02 -28.93 -37.51
C PHE T 82 36.34 -29.63 -37.15
CHA HEM U . 22.36 3.84 -29.43
CHB HEM U . 22.18 5.01 -24.69
CHC HEM U . 17.65 3.39 -24.51
CHD HEM U . 17.88 1.94 -29.08
C1A HEM U . 22.62 4.32 -28.17
C2A HEM U . 23.88 4.91 -27.80
C3A HEM U . 23.80 5.22 -26.50
C4A HEM U . 22.54 4.82 -26.00
CMA HEM U . 24.88 5.86 -25.68
CAA HEM U . 25.10 5.25 -28.61
CBA HEM U . 24.60 6.51 -29.37
CGA HEM U . 25.38 6.93 -30.59
O1A HEM U . 24.89 6.87 -31.75
O2A HEM U . 26.52 7.42 -30.38
C1B HEM U . 20.90 4.69 -24.25
C2B HEM U . 20.47 4.92 -22.91
C3B HEM U . 19.17 4.46 -22.89
C4B HEM U . 18.85 3.96 -24.22
CMB HEM U . 21.29 5.56 -21.81
CAB HEM U . 18.18 4.39 -21.84
CBB HEM U . 18.57 4.53 -20.61
C1C HEM U . 17.38 2.81 -25.71
C2C HEM U . 16.19 2.12 -26.00
C3C HEM U . 16.21 1.71 -27.27
C4C HEM U . 17.46 2.15 -27.80
CMC HEM U . 15.01 1.83 -25.12
CAC HEM U . 15.09 0.91 -27.81
CBC HEM U . 15.52 0.08 -28.72
C1D HEM U . 19.16 2.37 -29.48
C2D HEM U . 19.59 2.10 -30.85
C3D HEM U . 20.83 2.63 -30.93
C4D HEM U . 21.14 3.19 -29.62
CMD HEM U . 18.80 1.38 -31.94
CAD HEM U . 21.73 2.57 -32.11
CBD HEM U . 21.45 3.64 -33.11
CGD HEM U . 22.33 4.81 -32.70
O1D HEM U . 23.54 4.78 -32.40
O2D HEM U . 21.78 5.92 -32.68
NA HEM U . 21.85 4.25 -27.02
NB HEM U . 19.92 4.12 -24.98
NC HEM U . 18.13 2.83 -26.80
ND HEM U . 20.10 3.02 -28.78
FE HEM U . 20.01 3.56 -26.98
CHA HEM V . 14.99 10.03 -4.82
CHB HEM V . 14.32 9.23 -9.62
CHC HEM V . 18.62 7.02 -9.86
CHD HEM V . 18.99 7.34 -5.02
C1A HEM V . 14.54 10.06 -6.15
C2A HEM V . 13.32 10.70 -6.53
C3A HEM V . 13.15 10.50 -7.85
C4A HEM V . 14.22 9.71 -8.33
CMA HEM V . 12.05 11.03 -8.74
CAA HEM V . 12.48 11.54 -5.64
CBA HEM V . 12.75 13.01 -6.02
CGA HEM V . 14.16 13.47 -5.72
O1A HEM V . 14.89 13.92 -6.66
O2A HEM V . 14.63 13.44 -4.54
C1B HEM V . 15.43 8.50 -10.05
C2B HEM V . 15.60 8.11 -11.40
C3B HEM V . 16.83 7.51 -11.48
C4B HEM V . 17.36 7.52 -10.13
CMB HEM V . 14.60 8.37 -12.51
CAB HEM V . 17.51 6.90 -12.62
CBB HEM V . 16.75 6.47 -13.59
C1C HEM V . 19.12 7.02 -8.56
C2C HEM V . 20.37 6.60 -8.20
C3C HEM V . 20.43 6.69 -6.82
C4C HEM V . 19.20 7.16 -6.36
CMC HEM V . 21.42 6.13 -9.16
CAC HEM V . 21.53 6.33 -5.89
CBC HEM V . 22.74 5.87 -6.19
C1D HEM V . 17.90 8.07 -4.65
C2D HEM V . 17.69 8.37 -3.22
C3D HEM V . 16.58 9.12 -3.15
C4D HEM V . 16.12 9.27 -4.54
CMD HEM V . 18.57 7.93 -2.08
CAD HEM V . 15.99 9.69 -1.90
CBD HEM V . 16.65 11.04 -1.76
CGD HEM V . 15.82 12.00 -0.92
O1D HEM V . 16.29 12.36 0.16
O2D HEM V . 14.72 12.51 -1.30
NA HEM V . 15.05 9.44 -7.27
NB HEM V . 16.49 8.14 -9.34
NC HEM V . 18.44 7.37 -7.45
ND HEM V . 16.94 8.61 -5.42
FE HEM V . 16.76 8.48 -7.30
O12 PC1 W . 24.52 23.31 2.49
P PC1 W . 23.33 23.96 1.86
O14 PC1 W . 21.98 23.30 1.82
O13 PC1 W . 23.19 25.40 2.54
C11 PC1 W . 21.97 26.17 2.37
C12 PC1 W . 22.10 27.41 3.23
N PC1 W . 22.07 27.22 4.74
C13 PC1 W . 23.39 26.75 5.26
C14 PC1 W . 21.77 28.52 5.37
C15 PC1 W . 21.02 26.25 5.16
O11 PC1 W . 23.71 24.34 0.35
C1 PC1 W . 25.07 24.67 0.06
C2 PC1 W . 25.17 24.42 -1.42
O21 PC1 W . 25.35 22.99 -1.58
C21 PC1 W . 24.55 22.28 -2.41
O22 PC1 W . 23.45 22.73 -2.72
C22 PC1 W . 25.34 20.95 -2.71
C23 PC1 W . 24.83 19.89 -3.73
C24 PC1 W . 25.91 18.89 -4.23
C25 PC1 W . 25.97 18.53 -5.76
C26 PC1 W . 27.32 17.88 -6.26
C27 PC1 W . 27.39 17.14 -7.65
C28 PC1 W . 28.79 16.47 -8.03
C29 PC1 W . 28.81 15.07 -8.80
C2A PC1 W . 29.79 13.90 -8.31
C2B PC1 W . 29.14 12.50 -8.08
C2C PC1 W . 30.01 11.33 -7.61
C3 PC1 W . 26.33 25.18 -2.02
O31 PC1 W . 27.46 24.30 -2.14
C31 PC1 W . 28.50 24.52 -1.32
O32 PC1 W . 29.02 25.60 -1.22
C32 PC1 W . 28.94 23.27 -0.58
C33 PC1 W . 30.23 22.66 -1.10
C34 PC1 W . 30.11 22.03 -2.50
C35 PC1 W . 31.46 21.66 -3.14
C36 PC1 W . 31.40 21.29 -4.63
C37 PC1 W . 32.76 21.14 -5.32
C38 PC1 W . 32.76 21.36 -6.82
C1 PTY X . -2.02 22.47 -15.16
C2 PTY X . -6.89 25.59 -11.07
C3 PTY X . -5.43 25.57 -10.68
O4 PTY X . -0.77 22.04 -14.61
C5 PTY X . -3.66 23.31 -13.47
C6 PTY X . -2.48 23.64 -14.34
O7 PTY X . -2.73 24.73 -15.28
C8 PTY X . -1.68 25.24 -15.96
O10 PTY X . -0.93 26.02 -15.41
C11 PTY X . -1.62 24.76 -17.40
C12 PTY X . -0.37 25.17 -18.16
C13 PTY X . 0.70 24.12 -18.12
C14 PTY X . 0.63 23.10 -19.21
C15 PTY X . 1.54 21.93 -18.98
C16 PTY X . 2.95 22.15 -19.42
C17 PTY X . 3.73 20.89 -19.52
C18 PTY X . 5.23 21.08 -19.65
C19 PTY X . 5.84 20.48 -20.93
C20 PTY X . 7.06 19.58 -20.74
C30 PTY X . -0.69 20.75 -14.31
C31 PTY X . 0.69 20.25 -14.47
O30 PTY X . -1.64 20.09 -13.95
C32 PTY X . 1.65 21.05 -13.66
C33 PTY X . 3.06 20.91 -14.17
C34 PTY X . 3.27 19.67 -15.01
C35 PTY X . 4.63 19.07 -14.91
C36 PTY X . 4.90 18.28 -13.66
C37 PTY X . 6.36 17.98 -13.46
C38 PTY X . 7.18 18.18 -14.71
C39 PTY X . 8.49 17.46 -14.71
C40 PTY X . 8.48 16.18 -15.48
C41 PTY X . 8.40 14.98 -14.59
C42 PTY X . 9.28 13.85 -15.03
C43 PTY X . 8.55 12.92 -15.98
C44 PTY X . 9.01 12.99 -17.42
P1 PTY X . -3.40 23.85 -10.91
O11 PTY X . -4.77 24.51 -11.42
O12 PTY X . -2.25 24.82 -10.91
O13 PTY X . -3.63 22.96 -9.71
O14 PTY X . -3.17 22.87 -12.16
N1 PTY X . -7.32 24.30 -11.62
C1 CDL Y . 13.60 0.58 8.51
O1 CDL Y . 13.26 1.70 7.71
CA2 CDL Y . 15.05 0.20 8.31
OA2 CDL Y . 15.80 1.41 7.98
PA1 CDL Y . 17.05 1.34 6.96
OA3 CDL Y . 16.62 0.71 5.66
OA4 CDL Y . 17.71 2.69 6.95
OA5 CDL Y . 18.05 0.27 7.65
CA3 CDL Y . 18.04 -1.12 7.18
CA4 CDL Y . 19.21 -1.42 6.27
OA6 CDL Y . 18.74 -2.45 5.34
CA5 CDL Y . 18.75 -2.24 4.00
OA7 CDL Y . 17.86 -1.66 3.45
C11 CDL Y . 19.92 -2.84 3.25
C12 CDL Y . 19.70 -2.93 1.77
C13 CDL Y . 20.61 -3.97 1.08
C14 CDL Y . 22.04 -3.54 0.72
C15 CDL Y . 22.92 -4.62 0.09
C16 CDL Y . 22.97 -4.62 -1.42
CA6 CDL Y . 20.45 -1.86 7.03
OA8 CDL Y . 21.53 -2.02 6.09
CA7 CDL Y . 22.67 -1.36 6.31
OA9 CDL Y . 22.73 -0.37 7.00
C31 CDL Y . 23.83 -2.04 5.64
C32 CDL Y . 24.20 -1.49 4.28
C33 CDL Y . 24.45 -2.58 3.23
C34 CDL Y . 25.89 -3.15 3.17
C35 CDL Y . 26.40 -3.61 1.77
C36 CDL Y . 27.85 -4.18 1.73
C37 CDL Y . 28.34 -4.69 0.37
CB2 CDL Y . 12.65 -0.56 8.22
OB2 CDL Y . 13.29 -1.87 8.38
PB2 CDL Y . 12.85 -3.10 7.45
OB3 CDL Y . 12.44 -4.18 8.41
OB4 CDL Y . 11.84 -2.52 6.48
OB5 CDL Y . 14.25 -3.49 6.75
CB3 CDL Y . 14.79 -4.86 6.79
CB4 CDL Y . 15.83 -5.00 5.69
OB6 CDL Y . 15.45 -4.74 4.27
CB5 CDL Y . 14.73 -5.61 3.49
OB7 CDL Y . 13.75 -6.18 3.87
C51 CDL Y . 15.20 -5.73 2.02
C52 CDL Y . 14.15 -6.23 1.03
CB6 CDL Y . 16.82 -6.13 5.88
OB8 CDL Y . 17.67 -5.82 7.01
CB7 CDL Y . 19.01 -5.90 6.87
OB9 CDL Y . 19.58 -5.99 5.80
C71 CDL Y . 19.71 -5.82 8.20
C1B LMT Z . -0.87 6.03 1.04
C2B LMT Z . -0.92 6.11 2.57
C3B LMT Z . -2.30 5.62 3.08
C4B LMT Z . -3.49 6.26 2.35
C5B LMT Z . -3.29 6.43 0.82
C6B LMT Z . -4.21 7.52 0.24
O1B LMT Z . -0.88 4.65 0.64
O2B LMT Z . 0.16 5.34 3.09
O3B LMT Z . -2.43 5.82 4.50
O4' LMT Z . -4.64 5.42 2.55
O5B LMT Z . -1.94 6.77 0.45
O6B LMT Z . -3.57 8.22 -0.83
C1' LMT Z . 1.26 2.46 -2.28
C2' LMT Z . 2.01 3.55 -1.51
C3' LMT Z . 1.27 3.95 -0.24
C4' LMT Z . -0.17 4.37 -0.57
C5' LMT Z . -0.91 3.27 -1.38
C6' LMT Z . -2.15 3.81 -2.07
O1' LMT Z . 1.80 2.46 -3.59
O2' LMT Z . 3.28 2.98 -1.21
O3' LMT Z . 2.00 5.00 0.46
O5' LMT Z . -0.14 2.71 -2.44
O6' LMT Z . -2.00 3.95 -3.51
C1 LMT Z . 1.79 1.16 -4.17
C2 LMT Z . 2.97 1.02 -5.15
C3 LMT Z . 2.51 1.22 -6.59
C4 LMT Z . 2.49 2.70 -6.95
C5 LMT Z . 3.78 2.99 -7.69
C6 LMT Z . 3.35 3.45 -9.07
C7 LMT Z . 3.73 4.90 -9.10
C8 LMT Z . 2.46 5.68 -9.38
C9 LMT Z . 2.46 6.18 -10.83
C10 LMT Z . 3.14 7.54 -11.00
C11 LMT Z . 4.63 7.52 -11.37
C12 LMT Z . 5.58 7.73 -10.19
FE1 FES AA . 52.93 -1.96 -29.87
FE2 FES AA . 53.02 0.22 -27.84
S1 FES AA . 54.55 -0.53 -29.29
S2 FES AA . 51.32 -0.73 -28.94
C1 PTY BA . 14.98 -32.88 -20.46
C2 PTY BA . 21.53 -32.00 -19.20
C3 PTY BA . 20.93 -31.47 -20.48
O4 PTY BA . 13.69 -32.41 -20.03
C5 PTY BA . 16.52 -32.87 -22.45
C6 PTY BA . 15.27 -32.31 -21.83
O7 PTY BA . 15.38 -30.87 -21.85
C8 PTY BA . 14.88 -30.27 -22.94
O10 PTY BA . 14.29 -30.87 -23.79
C11 PTY BA . 15.11 -28.80 -22.97
C12 PTY BA . 14.46 -28.12 -21.84
C13 PTY BA . 13.08 -27.56 -22.20
C14 PTY BA . 11.89 -28.37 -21.72
C15 PTY BA . 10.62 -27.54 -21.39
C16 PTY BA . 10.84 -26.15 -20.72
C17 PTY BA . 9.96 -24.97 -21.21
C18 PTY BA . 10.46 -23.52 -20.87
C19 PTY BA . 10.99 -22.64 -22.04
C20 PTY BA . 11.93 -21.46 -21.66
C30 PTY BA . 13.65 -31.86 -18.82
C31 PTY BA . 13.00 -30.53 -18.86
O30 PTY BA . 14.13 -32.39 -17.85
C32 PTY BA . 11.59 -30.57 -18.40
C33 PTY BA . 11.42 -29.92 -17.05
C34 PTY BA . 10.29 -28.93 -17.03
C35 PTY BA . 10.24 -28.07 -15.78
C36 PTY BA . 11.58 -27.72 -15.19
C37 PTY BA . 12.04 -26.26 -15.33
C38 PTY BA . 11.48 -25.45 -16.49
C39 PTY BA . 11.56 -23.95 -16.34
C40 PTY BA . 12.48 -23.49 -15.23
C41 PTY BA . 13.26 -22.28 -15.60
C42 PTY BA . 14.27 -21.85 -14.57
C43 PTY BA . 15.69 -22.24 -14.86
C44 PTY BA . 16.10 -22.28 -16.32
P1 PTY BA . 19.06 -32.74 -21.85
O11 PTY BA . 19.57 -31.96 -20.54
O12 PTY BA . 18.77 -31.83 -22.99
O13 PTY BA . 19.92 -33.96 -22.10
O14 PTY BA . 17.56 -33.11 -21.46
N1 PTY BA . 21.72 -33.46 -19.29
C1 CDL CA . -12.37 16.70 -9.80
O1 CDL CA . -13.39 17.16 -8.91
CA2 CDL CA . -11.31 15.95 -9.05
OA2 CDL CA . -10.48 16.93 -8.39
PA1 CDL CA . -9.19 16.43 -7.59
OA3 CDL CA . -9.55 15.14 -6.91
OA4 CDL CA . -8.82 17.63 -6.75
OA5 CDL CA . -8.12 16.09 -8.76
CA3 CDL CA . -7.42 17.19 -9.44
CA4 CDL CA . -7.34 16.98 -10.93
OA6 CDL CA . -8.22 15.94 -11.46
CA6 CDL CA . -5.95 16.65 -11.43
OA8 CDL CA . -5.03 17.67 -10.99
CA7 CDL CA . -3.98 17.93 -11.78
OA9 CDL CA . -4.01 18.76 -12.65
C31 CDL CA . -2.74 17.08 -11.41
C32 CDL CA . -1.61 17.08 -12.45
C33 CDL CA . -0.28 16.52 -11.91
C34 CDL CA . 0.70 16.04 -12.99
C35 CDL CA . 2.10 15.52 -12.49
C36 CDL CA . 2.99 14.80 -13.53
C37 CDL CA . 4.20 14.01 -12.95
CB2 CDL CA . -11.79 17.86 -10.58
OB2 CDL CA . -12.83 18.28 -11.49
PB2 CDL CA . -12.49 19.36 -12.62
OB3 CDL CA . -11.52 20.40 -12.11
OB4 CDL CA . -13.78 19.84 -13.21
OB5 CDL CA . -11.60 18.55 -13.70
CB3 CDL CA . -11.84 17.15 -14.08
CB4 CDL CA . -11.29 16.93 -15.49
OB6 CDL CA . -11.04 15.50 -15.74
CB6 CDL CA . -10.05 17.77 -15.78
OB8 CDL CA . -9.91 18.37 -17.10
CB7 CDL CA . -10.95 18.63 -17.90
OB9 CDL CA . -12.10 18.42 -17.65
C71 CDL CA . -10.51 19.19 -19.23
C72 CDL CA . -9.14 19.78 -19.22
C73 CDL CA . -8.27 19.19 -20.33
C74 CDL CA . -7.84 20.19 -21.38
C75 CDL CA . -6.46 19.90 -22.01
C76 CDL CA . -6.39 20.02 -23.53
C77 CDL CA . -5.05 19.61 -24.16
C1 CDL DA . -17.62 11.89 -7.44
O1 CDL DA . -18.45 11.03 -6.66
CA2 CDL DA . -16.39 12.25 -6.64
OA2 CDL DA . -15.40 12.48 -7.67
PA1 CDL DA . -14.59 13.86 -7.75
OA3 CDL DA . -15.13 15.08 -7.06
OA4 CDL DA . -13.18 13.41 -7.46
OA5 CDL DA . -14.93 14.21 -9.28
CA3 CDL DA . -14.83 13.18 -10.28
CA4 CDL DA . -14.01 13.81 -11.37
OA6 CDL DA . -14.95 14.57 -12.19
CA5 CDL DA . -15.40 14.06 -13.34
OA7 CDL DA . -16.04 13.04 -13.39
C11 CDL DA . -14.93 14.94 -14.48
C12 CDL DA . -15.89 15.05 -15.62
C13 CDL DA . -15.80 13.89 -16.60
C14 CDL DA . -14.84 14.06 -17.78
C15 CDL DA . -15.51 14.15 -19.14
C16 CDL DA . -14.96 13.25 -20.24
CA6 CDL DA . -13.02 12.88 -12.05
OA8 CDL DA . -11.84 12.76 -11.21
CA7 CDL DA . -10.64 12.87 -11.79
OA9 CDL DA . -10.44 13.49 -12.81
C31 CDL DA . -9.58 12.14 -10.99
C32 CDL DA . -8.21 12.76 -11.00
C33 CDL DA . -7.09 11.73 -11.16
C34 CDL DA . -5.74 12.10 -10.56
C35 CDL DA . -4.58 11.17 -10.93
C36 CDL DA . -3.35 11.86 -11.50
C37 CDL DA . -2.74 11.18 -12.70
CB2 CDL DA . -18.41 13.10 -7.87
OB2 CDL DA . -18.73 13.00 -9.28
PB2 CDL DA . -19.30 14.29 -10.04
OB3 CDL DA . -20.67 14.57 -9.48
OB4 CDL DA . -18.22 15.34 -9.96
OB5 CDL DA . -19.45 13.76 -11.54
CB3 CDL DA . -20.06 12.47 -11.76
CB4 CDL DA . -20.63 12.49 -13.17
OB6 CDL DA . -19.78 13.36 -13.98
CB5 CDL DA . -19.63 13.05 -15.28
OB7 CDL DA . -19.21 11.97 -15.64
C51 CDL DA . -20.03 14.15 -16.23
C52 CDL DA . -19.39 14.06 -17.60
C53 CDL DA . -20.16 13.17 -18.58
C54 CDL DA . -20.11 13.63 -20.04
C55 CDL DA . -19.06 12.96 -20.93
C56 CDL DA . -19.09 13.37 -22.41
O1 XP4 EA . -24.36 16.49 -12.67
O2 XP4 EA . -23.88 18.91 -12.39
P1 XP4 EA . -23.46 17.64 -13.05
O3 XP4 EA . -21.97 17.34 -13.07
O4 XP4 EA . -23.70 18.08 -14.57
C1 XP4 EA . -23.99 17.30 -15.72
C2 XP4 EA . -23.04 17.55 -16.90
C3 XP4 EA . -21.60 17.61 -16.46
O5 XP4 EA . -20.91 17.75 -17.69
C4 XP4 EA . -19.48 17.65 -17.83
O6 XP4 EA . -18.87 17.35 -16.83
C5 XP4 EA . -18.81 17.95 -19.17
C6 XP4 EA . -17.29 17.83 -19.12
C7 XP4 EA . -16.65 17.64 -20.49
C8 XP4 EA . -15.11 17.74 -20.41
C9 XP4 EA . -14.41 17.62 -21.78
C10 XP4 EA . -12.87 17.79 -21.86
C11 XP4 EA . -12.38 17.66 -23.33
C12 XP4 EA . -10.92 18.08 -23.63
C13 XP4 EA . -10.58 18.55 -25.07
O7 XP4 EA . -23.04 16.29 -17.64
C18 XP4 EA . -24.05 16.04 -18.67
O8 XP4 EA . -24.71 17.02 -18.91
C19 XP4 EA . -24.22 14.71 -19.40
FE HEC FA . 43.27 12.18 -50.38
CHA HEC FA . 43.89 10.62 -47.41
CHB HEC FA . 41.14 14.36 -48.82
CHC HEC FA . 43.04 14.02 -53.22
CHD HEC FA . 45.02 9.82 -52.04
NA HEC FA . 42.62 12.48 -48.43
C1A HEC FA . 42.98 11.77 -47.36
C2A HEC FA . 42.40 12.21 -46.09
C3A HEC FA . 41.57 13.32 -46.52
C4A HEC FA . 41.83 13.41 -47.96
CMA HEC FA . 40.69 14.18 -45.69
CAA HEC FA . 42.50 11.61 -44.76
CBA HEC FA . 43.80 11.86 -44.08
CGA HEC FA . 43.49 11.22 -42.74
O1A HEC FA . 43.34 9.98 -42.66
O2A HEC FA . 43.41 11.97 -41.74
NB HEC FA . 42.26 13.86 -50.92
C1B HEC FA . 41.46 14.62 -50.21
C2B HEC FA . 40.90 15.78 -50.86
C3B HEC FA . 41.54 15.63 -52.16
C4B HEC FA . 42.29 14.44 -52.07
CMB HEC FA . 39.97 16.77 -50.26
CAB HEC FA . 41.55 16.40 -53.38
CBB HEC FA . 40.72 17.62 -53.42
NC HEC FA . 43.89 11.96 -52.31
C1C HEC FA . 43.71 12.76 -53.34
C2C HEC FA . 44.27 12.33 -54.62
C3C HEC FA . 44.88 11.09 -54.19
C4C HEC FA . 44.56 10.95 -52.79
CMC HEC FA . 44.22 12.98 -55.96
CAC HEC FA . 45.64 10.09 -54.93
CBC HEC FA . 45.93 10.23 -56.39
ND HEC FA . 44.30 10.51 -49.82
C1D HEC FA . 44.94 9.68 -50.61
C2D HEC FA . 45.57 8.55 -49.96
C3D HEC FA . 45.22 8.77 -48.56
C4D HEC FA . 44.43 10.00 -48.61
CMD HEC FA . 46.36 7.45 -50.54
CAD HEC FA . 45.58 7.93 -47.38
CBD HEC FA . 46.83 8.56 -46.84
CGD HEC FA . 47.25 7.77 -45.64
O1D HEC FA . 48.49 7.75 -45.41
O2D HEC FA . 46.35 7.24 -44.94
C1 CDL GA . 16.24 31.14 -5.37
O1 CDL GA . 17.34 30.29 -5.03
CA2 CDL GA . 15.94 32.01 -4.17
OA2 CDL GA . 15.67 33.34 -4.62
PA1 CDL GA . 16.30 34.56 -3.79
OA3 CDL GA . 17.66 34.36 -3.21
OA4 CDL GA . 15.17 35.10 -2.93
OA5 CDL GA . 16.69 35.50 -5.01
CA3 CDL GA . 15.69 35.86 -5.99
CA4 CDL GA . 16.35 35.96 -7.34
OA6 CDL GA . 15.30 35.62 -8.31
CA5 CDL GA . 15.34 36.10 -9.58
OA7 CDL GA . 16.23 36.76 -10.05
C11 CDL GA . 14.15 35.68 -10.44
C12 CDL GA . 14.27 36.09 -11.90
CA6 CDL GA . 17.62 35.13 -7.44
OA8 CDL GA . 18.43 35.80 -8.44
CA7 CDL GA . 19.45 35.14 -9.01
OA9 CDL GA . 20.42 35.70 -9.44
C31 CDL GA . 19.21 33.66 -9.13
C32 CDL GA . 20.24 32.82 -8.47
CB2 CDL GA . 15.05 30.30 -5.78
OB2 CDL GA . 14.63 30.82 -7.06
PB2 CDL GA . 13.07 30.89 -7.44
OB3 CDL GA . 12.56 32.03 -6.60
OB4 CDL GA . 12.45 29.53 -7.26
OB5 CDL GA . 13.19 31.21 -9.01
CB3 CDL GA . 14.47 31.55 -9.62
CB4 CDL GA . 14.83 30.39 -10.53
OB6 CDL GA . 15.62 29.31 -9.90
CB5 CDL GA . 16.98 29.15 -10.05
OB7 CDL GA . 17.76 29.96 -9.62
C51 CDL GA . 17.42 27.80 -10.61
CB6 CDL GA . 15.20 30.83 -11.94
OB8 CDL GA . 15.31 32.26 -11.96
CB7 CDL GA . 16.15 32.81 -12.84
OB9 CDL GA . 16.93 33.69 -12.52
C71 CDL GA . 15.90 32.34 -14.29
C72 CDL GA . 16.54 31.02 -14.75
C1 CDL HA . 21.36 25.65 -2.19
O1 CDL HA . 20.74 25.62 -0.89
CA2 CDL HA . 22.05 26.96 -2.44
OA2 CDL HA . 23.01 27.16 -1.40
PA1 CDL HA . 23.04 28.56 -0.63
OA3 CDL HA . 24.13 28.39 0.38
OA4 CDL HA . 21.67 28.99 -0.20
OA5 CDL HA . 23.56 29.52 -1.82
CA3 CDL HA . 24.86 29.29 -2.40
CA4 CDL HA . 24.89 29.60 -3.88
OA6 CDL HA . 26.24 30.04 -4.22
CA5 CDL HA . 27.28 29.16 -4.31
OA7 CDL HA . 27.44 28.23 -3.56
C11 CDL HA . 28.27 29.49 -5.39
C12 CDL HA . 29.64 28.94 -5.15
C13 CDL HA . 30.69 30.03 -4.97
C14 CDL HA . 31.66 30.15 -6.13
C15 CDL HA . 32.08 31.57 -6.46
CA6 CDL HA . 23.89 30.67 -4.31
OA8 CDL HA . 22.69 30.00 -4.79
CA7 CDL HA . 22.01 30.57 -5.80
OA9 CDL HA . 20.88 31.00 -5.66
C31 CDL HA . 22.77 30.51 -7.10
CB2 CDL HA . 20.30 25.39 -3.24
OB2 CDL HA . 19.67 26.67 -3.47
PB2 CDL HA . 18.67 26.89 -4.71
OB3 CDL HA . 18.59 28.37 -4.91
OB4 CDL HA . 17.41 26.09 -4.50
OB5 CDL HA . 19.47 26.15 -5.88
CB3 CDL HA . 20.22 26.94 -6.82
CB4 CDL HA . 21.23 25.99 -7.43
OB6 CDL HA . 22.47 26.74 -7.36
CB5 CDL HA . 23.34 26.40 -6.40
OB7 CDL HA . 22.95 26.02 -5.32
C51 CDL HA . 24.80 26.52 -6.83
C52 CDL HA . 25.81 26.00 -5.81
C53 CDL HA . 26.29 24.59 -6.10
C54 CDL HA . 27.76 24.34 -5.85
CB6 CDL HA . 20.85 25.52 -8.81
OB8 CDL HA . 21.35 24.17 -9.05
CB7 CDL HA . 20.44 23.25 -9.39
OB9 CDL HA . 20.22 22.26 -8.72
C71 CDL HA . 19.75 23.58 -10.69
C72 CDL HA . 20.37 22.95 -11.90
C73 CDL HA . 19.35 22.28 -12.81
C74 CDL HA . 19.29 22.83 -14.21
C75 CDL HA . 18.92 21.84 -15.29
C76 CDL HA . 19.97 21.68 -16.37
C77 CDL HA . 20.45 20.26 -16.53
C78 CDL HA . 21.81 20.01 -15.93
O12 PC1 IA . -5.05 27.47 -14.09
P PC1 IA . -6.07 26.67 -14.83
O14 PC1 IA . -6.51 25.32 -14.31
O13 PC1 IA . -7.37 27.57 -15.15
C11 PC1 IA . -8.61 27.29 -14.47
C12 PC1 IA . -9.25 28.60 -14.11
N PC1 IA . -9.90 29.37 -15.24
C13 PC1 IA . -8.87 30.08 -16.06
C14 PC1 IA . -10.69 28.45 -16.14
C15 PC1 IA . -10.80 30.39 -14.65
O11 PC1 IA . -5.53 26.30 -16.29
C1 PC1 IA . -6.50 25.91 -17.28
C2 PC1 IA . -5.90 24.98 -18.29
O21 PC1 IA . -5.46 23.81 -17.56
C21 PC1 IA . -6.08 22.66 -17.82
O22 PC1 IA . -7.21 22.65 -18.23
C22 PC1 IA . -5.22 21.44 -17.64
C23 PC1 IA . -4.66 20.89 -18.93
C24 PC1 IA . -3.15 21.03 -19.06
C25 PC1 IA . -2.44 19.81 -19.62
C3 PC1 IA . -4.83 25.61 -19.16
O31 PC1 IA . -4.06 24.54 -19.75
C31 PC1 IA . -3.60 24.74 -20.98
O32 PC1 IA . -2.84 25.61 -21.27
C32 PC1 IA . -4.17 23.73 -21.92
C33 PC1 IA . -3.62 23.89 -23.30
C34 PC1 IA . -2.82 22.68 -23.74
C35 PC1 IA . -1.42 22.57 -23.18
C36 PC1 IA . -0.54 21.58 -23.95
C37 PC1 IA . 0.56 20.86 -23.15
C38 PC1 IA . 1.03 19.54 -23.76
C39 PC1 IA . 2.30 18.98 -23.15
C1B LMT JA . 8.52 21.57 -43.32
C2B LMT JA . 9.29 21.86 -44.62
C3B LMT JA . 10.56 20.97 -44.67
C4B LMT JA . 11.45 21.07 -43.41
C5B LMT JA . 10.61 21.08 -42.10
C6B LMT JA . 11.33 21.57 -40.84
O1B LMT JA . 8.15 20.18 -43.39
O2B LMT JA . 8.40 21.58 -45.71
O3B LMT JA . 11.32 21.21 -45.85
O4' LMT JA . 12.35 19.94 -43.41
O5B LMT JA . 9.37 21.83 -42.20
O6B LMT JA . 10.31 21.81 -39.85
C1' LMT JA . 5.20 17.64 -42.73
C2' LMT JA . 4.66 18.91 -43.37
C3' LMT JA . 5.87 19.72 -43.82
C4' LMT JA . 6.94 19.82 -42.72
C5' LMT JA . 7.16 18.52 -41.90
C6' LMT JA . 7.97 18.81 -40.64
O1' LMT JA . 4.16 16.80 -42.31
O2' LMT JA . 3.85 18.66 -44.52
O3' LMT JA . 5.47 21.04 -44.21
O5' LMT JA . 5.91 17.96 -41.54
O6' LMT JA . 7.54 17.96 -39.59
C1 LMT JA . 4.71 15.51 -42.07
C2 LMT JA . 4.33 15.18 -40.65
C3 LMT JA . 2.94 15.75 -40.47
C4 LMT JA . 2.05 14.81 -39.67
C5 LMT JA . 2.68 13.53 -39.12
C6 LMT JA . 2.07 13.18 -37.75
C7 LMT JA . 0.68 13.75 -37.49
C8 LMT JA . 0.20 13.42 -36.06
C9 LMT JA . -1.22 12.87 -36.06
C10 LMT JA . -2.11 13.48 -34.97
C11 LMT JA . -1.57 13.29 -33.55
C12 LMT JA . -2.44 12.34 -32.74
CHA HEM KA . 8.03 -14.09 -33.80
CHB HEM KA . 4.18 -13.89 -30.79
CHC HEM KA . 6.92 -11.73 -27.50
CHD HEM KA . 10.62 -11.54 -30.54
C1A HEM KA . 6.79 -14.24 -33.20
C2A HEM KA . 5.69 -14.86 -33.85
C3A HEM KA . 4.63 -14.84 -33.02
C4A HEM KA . 5.03 -14.12 -31.86
CMA HEM KA . 3.26 -15.37 -33.27
CAA HEM KA . 5.71 -15.56 -35.18
CBA HEM KA . 6.34 -16.92 -34.84
CGA HEM KA . 6.77 -17.75 -36.01
O1A HEM KA . 7.99 -17.97 -36.26
O2A HEM KA . 5.86 -18.29 -36.68
C1B HEM KA . 4.64 -13.32 -29.60
C2B HEM KA . 3.81 -13.15 -28.44
C3B HEM KA . 4.62 -12.53 -27.53
C4B HEM KA . 5.91 -12.34 -28.17
CMB HEM KA . 2.35 -13.53 -28.26
CAB HEM KA . 4.34 -12.07 -26.17
CBB HEM KA . 3.08 -11.87 -25.84
C1C HEM KA . 8.13 -11.45 -28.08
C2C HEM KA . 9.13 -10.69 -27.46
C3C HEM KA . 10.19 -10.62 -28.27
C4C HEM KA . 9.82 -11.33 -29.45
CMC HEM KA . 9.15 -10.08 -26.09
CAC HEM KA . 11.39 -9.87 -27.82
CBC HEM KA . 12.04 -9.41 -28.83
C1D HEM KA . 10.14 -12.25 -31.65
C2D HEM KA . 11.02 -12.45 -32.81
C3D HEM KA . 10.27 -13.14 -33.69
C4D HEM KA . 8.98 -13.37 -33.09
CMD HEM KA . 12.45 -11.99 -32.96
CAD HEM KA . 10.64 -13.55 -35.06
CBD HEM KA . 11.50 -14.76 -35.18
CGD HEM KA . 10.53 -15.88 -35.37
O1D HEM KA . 9.55 -15.88 -36.16
O2D HEM KA . 10.72 -16.84 -34.63
NA HEM KA . 6.34 -13.78 -31.98
NB HEM KA . 5.85 -12.81 -29.38
NC HEM KA . 8.54 -11.82 -29.28
ND HEM KA . 8.94 -12.82 -31.86
FE HEM KA . 7.46 -12.83 -30.70
CHA HEM LA . -8.10 -12.56 -13.03
CHB HEM LA . -3.80 -12.96 -15.30
CHC HEM LA . -5.82 -11.50 -19.45
CHD HEM LA . -9.97 -10.61 -17.01
C1A HEM LA . -6.79 -12.87 -13.37
C2A HEM LA . -5.86 -13.41 -12.46
C3A HEM LA . -4.68 -13.56 -13.10
C4A HEM LA . -4.83 -13.06 -14.38
CMA HEM LA . -3.38 -14.11 -12.56
CAA HEM LA . -6.20 -13.84 -11.08
CBA HEM LA . -6.25 -15.39 -11.12
CGA HEM LA . -7.39 -15.95 -11.93
O1A HEM LA . -7.16 -16.74 -12.89
O2A HEM LA . -8.60 -15.64 -11.63
C1B HEM LA . -4.05 -12.53 -16.60
C2B HEM LA . -3.00 -12.51 -17.54
C3B HEM LA . -3.58 -12.11 -18.72
C4B HEM LA . -4.99 -11.89 -18.44
CMB HEM LA . -1.58 -12.91 -17.28
CAB HEM LA . -2.98 -11.96 -20.05
CBB HEM LA . -1.71 -11.62 -20.15
C1C HEM LA . -7.14 -11.22 -19.11
C2C HEM LA . -8.14 -10.89 -20.03
C3C HEM LA . -9.29 -10.64 -19.30
C4C HEM LA . -9.01 -10.84 -17.95
CMC HEM LA . -7.97 -10.83 -21.52
CAC HEM LA . -10.61 -10.21 -19.78
CBC HEM LA . -10.93 -10.04 -21.04
C1D HEM LA . -9.71 -11.04 -15.73
C2D HEM LA . -10.76 -10.95 -14.73
C3D HEM LA . -10.26 -11.51 -13.62
C4D HEM LA . -8.91 -11.93 -13.98
CMD HEM LA . -12.13 -10.34 -14.93
CAD HEM LA . -10.93 -11.66 -12.28
CBD HEM LA . -11.71 -12.94 -12.33
CGD HEM LA . -12.06 -13.54 -10.98
O1D HEM LA . -13.26 -13.72 -10.79
O2D HEM LA . -11.20 -13.91 -10.13
NA HEM LA . -6.12 -12.63 -14.54
NB HEM LA . -5.20 -12.15 -17.17
NC HEM LA . -7.69 -11.17 -17.88
ND HEM LA . -8.60 -11.63 -15.25
FE HEM LA . -6.98 -11.94 -16.15
O12 PC1 MA . -21.39 -24.55 -13.18
P PC1 MA . -20.25 -25.20 -12.43
O14 PC1 MA . -19.37 -24.38 -11.54
O13 PC1 MA . -20.95 -26.37 -11.59
C11 PC1 MA . -20.20 -27.05 -10.56
C12 PC1 MA . -21.17 -28.02 -9.93
N PC1 MA . -22.30 -27.45 -9.08
C13 PC1 MA . -23.50 -27.16 -9.93
C14 PC1 MA . -22.67 -28.47 -8.07
C15 PC1 MA . -21.90 -26.19 -8.37
O11 PC1 MA . -19.34 -26.03 -13.45
C1 PC1 MA . -19.93 -26.66 -14.60
C2 PC1 MA . -18.78 -26.82 -15.55
O21 PC1 MA . -18.58 -25.48 -16.10
C21 PC1 MA . -17.36 -24.89 -16.16
O22 PC1 MA . -16.52 -25.16 -15.34
C22 PC1 MA . -17.41 -23.86 -17.34
C23 PC1 MA . -16.17 -23.00 -17.66
C24 PC1 MA . -16.28 -22.28 -19.04
C25 PC1 MA . -15.03 -22.26 -19.99
C26 PC1 MA . -15.35 -22.08 -21.52
C27 PC1 MA . -14.18 -21.83 -22.54
C28 PC1 MA . -14.62 -21.32 -23.97
C29 PC1 MA . -13.77 -20.22 -24.69
C2A PC1 MA . -14.52 -19.17 -25.63
C2B PC1 MA . -14.15 -17.67 -25.43
C2C PC1 MA . -14.97 -16.55 -26.09
C3 PC1 MA . -19.09 -27.82 -16.65
O31 PC1 MA . -19.54 -27.10 -17.82
C31 PC1 MA . -20.82 -27.21 -18.17
O32 PC1 MA . -21.40 -28.25 -18.28
C32 PC1 MA . -21.45 -25.84 -18.44
C33 PC1 MA . -21.69 -25.53 -19.91
C34 PC1 MA . -20.41 -25.32 -20.75
C35 PC1 MA . -20.62 -25.37 -22.27
C36 PC1 MA . -19.38 -25.70 -23.13
C37 PC1 MA . -19.65 -26.01 -24.62
C38 PC1 MA . -18.44 -26.57 -25.40
C1 CDL NA . -15.96 -27.63 -12.83
O1 CDL NA . -16.55 -26.38 -12.48
CA2 CDL NA . -16.70 -28.71 -12.09
OA2 CDL NA . -17.70 -29.15 -13.00
PA1 CDL NA . -18.73 -30.24 -12.46
OA3 CDL NA . -20.15 -29.94 -12.85
OA4 CDL NA . -18.44 -30.42 -10.98
OA5 CDL NA . -18.19 -31.46 -13.35
CA3 CDL NA . -18.44 -31.45 -14.78
CA4 CDL NA . -17.43 -32.33 -15.48
OA6 CDL NA . -18.00 -33.01 -16.66
CA5 CDL NA . -18.42 -32.31 -17.76
OA7 CDL NA . -18.86 -31.19 -17.75
C11 CDL NA . -18.32 -33.11 -19.05
C12 CDL NA . -19.48 -32.90 -20.00
C13 CDL NA . -20.08 -34.22 -20.51
C14 CDL NA . -19.58 -34.70 -21.88
C15 CDL NA . -19.94 -36.15 -22.23
CA6 CDL NA . -16.81 -33.33 -14.55
OA8 CDL NA . -15.55 -32.81 -14.08
CA7 CDL NA . -14.59 -33.69 -13.84
OA9 CDL NA . -13.42 -33.47 -13.97
C31 CDL NA . -15.16 -35.01 -13.38
CB2 CDL NA . -14.49 -27.58 -12.50
OB2 CDL NA . -14.19 -28.72 -11.67
PB2 CDL NA . -12.66 -29.11 -11.44
OB3 CDL NA . -12.63 -30.52 -10.94
OB4 CDL NA . -12.00 -28.01 -10.66
OB5 CDL NA . -12.00 -28.94 -12.90
CB3 CDL NA . -12.02 -30.03 -13.83
CB4 CDL NA . -11.98 -29.29 -15.14
OB6 CDL NA . -12.75 -30.07 -16.10
CB5 CDL NA . -14.07 -29.84 -16.20
OB7 CDL NA . -14.83 -29.91 -15.26
C51 CDL NA . -14.38 -29.56 -17.66
C52 CDL NA . -15.80 -29.12 -17.94
C53 CDL NA . -15.90 -28.17 -19.14
C54 CDL NA . -17.05 -28.44 -20.09
CB6 CDL NA . -10.58 -29.14 -15.69
OB8 CDL NA . -10.49 -27.99 -16.56
CB7 CDL NA . -9.55 -27.09 -16.30
OB9 CDL NA . -9.76 -25.93 -16.06
C71 CDL NA . -8.16 -27.68 -16.37
C72 CDL NA . -7.47 -27.46 -17.69
C73 CDL NA . -6.04 -26.98 -17.53
C74 CDL NA . -5.01 -27.84 -18.24
C75 CDL NA . -3.81 -27.09 -18.74
C76 CDL NA . -3.47 -27.36 -20.18
C77 CDL NA . -3.55 -26.15 -21.07
C78 CDL NA . -4.68 -26.18 -22.05
C1 PTY OA . 8.43 -24.72 -1.94
C2 PTY OA . 7.46 -25.93 5.03
C3 PTY OA . 6.60 -26.30 3.86
O4 PTY OA . 7.30 -24.36 -2.75
C5 PTY OA . 7.88 -25.15 0.45
C6 PTY OA . 7.94 -25.73 -0.94
O7 PTY OA . 8.67 -26.99 -1.06
C8 PTY OA . 8.64 -27.68 -2.24
O10 PTY OA . 7.74 -28.41 -2.56
C11 PTY OA . 9.83 -27.52 -3.15
C12 PTY OA . 9.73 -28.35 -4.41
C13 PTY OA . 9.93 -27.52 -5.66
C14 PTY OA . 8.98 -26.38 -5.86
C15 PTY OA . 8.38 -26.29 -7.27
C16 PTY OA . 9.21 -25.57 -8.32
C17 PTY OA . 9.09 -26.15 -9.73
C18 PTY OA . 8.12 -25.44 -10.67
C19 PTY OA . 8.66 -25.15 -12.06
C20 PTY OA . 7.88 -24.12 -12.87
C30 PTY OA . 7.06 -23.07 -2.88
C31 PTY OA . 6.30 -22.77 -4.11
O30 PTY OA . 7.41 -22.26 -2.05
C32 PTY OA . 5.06 -23.59 -4.19
C33 PTY OA . 4.72 -23.94 -5.63
C34 PTY OA . 5.79 -23.53 -6.63
C35 PTY OA . 5.37 -22.47 -7.63
C36 PTY OA . 4.04 -21.82 -7.37
C37 PTY OA . 3.20 -21.68 -8.60
C38 PTY OA . 2.03 -20.74 -8.40
C39 PTY OA . 1.78 -19.80 -9.54
C40 PTY OA . 2.30 -20.26 -10.88
C41 PTY OA . 2.86 -19.13 -11.68
C42 PTY OA . 3.26 -19.43 -13.09
C43 PTY OA . 3.68 -18.12 -13.70
C44 PTY OA . 5.12 -17.98 -14.09
P1 PTY OA . 5.67 -24.78 1.86
O11 PTY OA . 5.88 -25.11 3.41
O12 PTY OA . 4.24 -25.15 1.54
O13 PTY OA . 6.19 -23.41 1.55
O14 PTY OA . 6.69 -25.73 1.06
N1 PTY OA . 8.31 -24.78 4.70
C1 CDL PA . -16.48 0.12 -7.15
O1 CDL PA . -15.86 -1.15 -7.02
CA2 CDL PA . -17.30 0.21 -8.42
OA2 CDL PA . -17.66 -1.10 -8.93
PA1 CDL PA . -17.62 -1.42 -10.50
OA3 CDL PA . -16.25 -1.09 -11.01
OA4 CDL PA . -18.14 -2.82 -10.69
OA5 CDL PA . -18.66 -0.37 -11.14
CA3 CDL PA . -18.15 0.85 -11.78
CA4 CDL PA . -18.00 0.74 -13.29
OA6 CDL PA . -16.84 1.54 -13.70
CA5 CDL PA . -15.80 0.98 -14.36
OA7 CDL PA . -14.93 0.39 -13.77
C11 CDL PA . -15.76 1.24 -15.85
C12 CDL PA . -14.39 1.05 -16.48
C13 CDL PA . -14.28 1.72 -17.87
C14 CDL PA . -14.92 0.99 -19.05
C15 CDL PA . -14.82 1.67 -20.43
C16 CDL PA . -13.50 1.44 -21.16
CA6 CDL PA . -19.25 1.18 -14.03
OA8 CDL PA . -19.09 0.93 -15.44
CA7 CDL PA . -20.02 0.20 -16.07
OA9 CDL PA . -20.71 -0.62 -15.52
C31 CDL PA . -20.09 0.57 -17.53
C32 CDL PA . -19.40 -0.38 -18.48
C33 CDL PA . -18.55 0.34 -19.54
C34 CDL PA . -19.26 0.64 -20.88
C35 CDL PA . -18.36 0.66 -22.15
C36 CDL PA . -19.01 1.19 -23.45
C37 CDL PA . -18.12 1.22 -24.69
CB2 CDL PA . -15.42 1.19 -7.09
OB2 CDL PA . -15.88 2.33 -7.87
PB2 CDL PA . -14.83 3.51 -8.20
OB3 CDL PA . -15.51 4.78 -7.82
OB4 CDL PA . -13.56 3.09 -7.50
OB5 CDL PA . -14.68 3.41 -9.81
CB3 CDL PA . -14.87 4.61 -10.66
CB4 CDL PA . -14.60 4.30 -12.12
OB6 CDL PA . -13.26 3.76 -12.47
CB5 CDL PA . -12.13 4.53 -12.57
OB7 CDL PA . -11.84 5.36 -11.74
C51 CDL PA . -11.22 4.21 -13.75
C52 CDL PA . -9.76 4.65 -13.59
CB6 CDL PA . -15.20 5.31 -13.09
OB8 CDL PA . -16.64 5.36 -12.91
CB7 CDL PA . -17.46 5.21 -13.97
OB9 CDL PA . -17.09 4.98 -15.11
C71 CDL PA . -18.91 5.33 -13.57
C1B LMT QA . -2.99 -4.98 1.81
C2B LMT QA . -4.17 -4.64 2.71
C3B LMT QA . -3.71 -3.82 3.94
C4B LMT QA . -2.46 -4.38 4.66
C5B LMT QA . -1.42 -5.08 3.73
C6B LMT QA . -0.59 -6.13 4.47
O1B LMT QA . -2.44 -3.79 1.21
O2B LMT QA . -5.13 -3.93 1.92
O3B LMT QA . -4.77 -3.64 4.90
O4' LMT QA . -1.84 -3.28 5.34
O5B LMT QA . -1.98 -5.69 2.55
O6B LMT QA . -0.22 -7.21 3.59
C1' LMT QA . -1.32 -2.73 -2.69
C2' LMT QA . -2.49 -3.71 -2.53
C3' LMT QA . -3.05 -3.67 -1.11
C4' LMT QA . -1.91 -3.94 -0.10
C5' LMT QA . -0.70 -3.02 -0.33
C6' LMT QA . 0.54 -3.53 0.39
O1' LMT QA . -0.76 -3.05 -3.95
O2' LMT QA . -3.50 -3.32 -3.45
O3' LMT QA . -4.13 -4.62 -1.00
O5' LMT QA . -0.30 -2.90 -1.70
O6' LMT QA . 1.44 -4.22 -0.51
C1 LMT QA . -0.16 -1.92 -4.59
C2 LMT QA . 0.40 -2.41 -5.90
C3 LMT QA . 1.58 -3.31 -5.56
C4 LMT QA . 1.60 -4.60 -6.33
C5 LMT QA . 2.51 -4.44 -7.52
C6 LMT QA . 3.30 -5.72 -7.63
C7 LMT QA . 2.37 -6.92 -7.72
C8 LMT QA . 3.03 -8.06 -6.98
C9 LMT QA . 4.09 -8.77 -7.84
C10 LMT QA . 3.70 -10.20 -8.21
C11 LMT QA . 2.81 -10.30 -9.45
C12 LMT QA . 1.44 -10.84 -9.12
C1 PTY RA . 10.33 24.03 -32.48
C2 PTY RA . 5.56 22.90 -36.88
C3 PTY RA . 6.76 22.15 -37.39
O4 PTY RA . 10.68 23.64 -31.14
C5 PTY RA . 11.02 23.61 -34.85
C6 PTY RA . 11.14 23.17 -33.41
O7 PTY RA . 10.80 21.77 -33.22
C8 PTY RA . 11.76 20.85 -33.36
O10 PTY RA . 12.79 21.01 -33.96
C11 PTY RA . 11.38 19.58 -32.67
C12 PTY RA . 11.08 19.78 -31.24
C13 PTY RA . 12.17 19.25 -30.33
C14 PTY RA . 12.51 20.17 -29.20
C15 PTY RA . 12.74 19.50 -27.85
C16 PTY RA . 11.88 18.27 -27.53
C17 PTY RA . 12.67 17.04 -27.06
C18 PTY RA . 11.85 15.73 -26.89
C19 PTY RA . 12.18 14.55 -27.83
C20 PTY RA . 11.16 13.40 -27.84
C30 PTY RA . 9.72 23.81 -30.26
C31 PTY RA . 9.72 22.71 -29.27
O30 PTY RA . 8.96 24.74 -30.28
C32 PTY RA . 10.14 23.14 -27.93
C33 PTY RA . 8.97 23.14 -26.96
C34 PTY RA . 9.18 22.27 -25.75
C35 PTY RA . 8.37 21.06 -25.73
C36 PTY RA . 6.98 21.25 -25.20
C37 PTY RA . 6.24 19.97 -25.27
C38 PTY RA . 7.00 18.90 -26.04
C39 PTY RA . 6.81 17.44 -25.60
C40 PTY RA . 5.41 16.89 -25.77
C41 PTY RA . 5.23 15.72 -26.74
C42 PTY RA . 3.98 14.88 -26.48
C43 PTY RA . 2.73 15.53 -25.87
C44 PTY RA . 1.50 15.76 -26.74
P1 PTY RA . 8.97 23.35 -36.49
O11 PTY RA . 7.86 22.20 -36.43
O12 PTY RA . 9.48 23.53 -37.89
O13 PTY RA . 8.38 24.51 -35.75
O14 PTY RA . 10.17 22.72 -35.62
N1 PTY RA . 5.48 24.21 -37.53
C1 CDL SA . 11.00 -16.61 8.08
O1 CDL SA . 10.91 -16.53 9.50
CA2 CDL SA . 9.94 -15.78 7.40
OA2 CDL SA . 8.77 -16.64 7.25
PA1 CDL SA . 7.41 -16.05 6.65
OA3 CDL SA . 7.21 -14.62 7.06
OA4 CDL SA . 6.36 -17.07 7.01
OA5 CDL SA . 7.65 -16.09 5.06
CA3 CDL SA . 7.57 -17.37 4.37
CA4 CDL SA . 8.84 -17.77 3.65
OA6 CDL SA . 10.04 -17.00 4.00
CA6 CDL SA . 8.67 -17.89 2.16
OA8 CDL SA . 7.52 -18.73 1.89
CA7 CDL SA . 7.47 -19.38 0.73
OA9 CDL SA . 8.03 -20.43 0.53
C31 CDL SA . 6.57 -18.68 -0.30
C32 CDL SA . 6.92 -18.94 -1.76
C33 CDL SA . 5.71 -18.79 -2.71
C34 CDL SA . 5.98 -17.93 -3.94
C35 CDL SA . 5.00 -18.11 -5.09
C36 CDL SA . 5.57 -17.75 -6.46
C37 CDL SA . 4.53 -17.44 -7.54
CB2 CDL SA . 10.95 -18.05 7.67
OB2 CDL SA . 12.13 -18.35 6.95
PB2 CDL SA . 12.82 -19.79 7.13
OB3 CDL SA . 11.82 -20.91 6.99
OB4 CDL SA . 13.58 -19.72 8.42
OB5 CDL SA . 13.64 -19.58 5.78
CB3 CDL SA . 14.27 -18.30 5.51
CB4 CDL SA . 14.57 -18.21 4.03
OB6 CDL SA . 13.60 -17.19 3.69
CB6 CDL SA . 14.25 -19.50 3.30
OB8 CDL SA . 15.32 -19.87 2.38
CB7 CDL SA . 16.33 -20.58 2.86
OB9 CDL SA . 17.22 -20.09 3.52
C71 CDL SA . 16.32 -21.98 2.35
C72 CDL SA . 15.97 -22.07 0.91
C73 CDL SA . 17.14 -22.51 0.04
C74 CDL SA . 16.77 -23.46 -1.08
C75 CDL SA . 17.44 -23.17 -2.44
C76 CDL SA . 16.95 -24.03 -3.62
C77 CDL SA . 17.73 -23.84 -4.93
C1 CDL TA . 12.79 -10.61 12.16
O1 CDL TA . 12.76 -9.50 13.05
CA2 CDL TA . 11.38 -10.91 11.68
OA2 CDL TA . 11.56 -11.50 10.37
PA1 CDL TA . 11.01 -12.98 10.03
OA3 CDL TA . 10.61 -13.87 11.18
OA4 CDL TA . 10.01 -12.75 8.92
OA5 CDL TA . 12.39 -13.65 9.58
CA3 CDL TA . 13.30 -12.93 8.72
CA4 CDL TA . 13.55 -13.91 7.58
OA6 CDL TA . 14.63 -14.80 8.01
CA5 CDL TA . 15.89 -14.56 7.63
OA7 CDL TA . 16.47 -13.54 7.90
C11 CDL TA . 16.45 -15.74 6.87
C12 CDL TA . 17.86 -16.10 7.24
C13 CDL TA . 18.91 -15.48 6.34
C14 CDL TA . 18.67 -15.61 4.84
C15 CDL TA . 19.82 -16.26 4.08
C16 CDL TA . 20.73 -15.30 3.35
CA6 CDL TA . 13.64 -13.28 6.19
OA8 CDL TA . 12.30 -13.01 5.70
CA7 CDL TA . 12.00 -13.34 4.43
OA9 CDL TA . 12.75 -13.91 3.68
C31 CDL TA . 10.59 -12.86 4.07
C32 CDL TA . 9.91 -13.66 2.97
C33 CDL TA . 9.53 -12.80 1.76
C34 CDL TA . 8.23 -13.17 1.06
C35 CDL TA . 8.05 -12.61 -0.37
C36 CDL TA . 7.55 -13.61 -1.41
C37 CDL TA . 8.13 -13.46 -2.82
CB2 CDL TA . 13.43 -11.80 12.84
OB2 CDL TA . 14.78 -11.96 12.34
PB2 CDL TA . 15.59 -13.32 12.65
OB3 CDL TA . 16.00 -13.31 14.10
OB4 CDL TA . 14.80 -14.48 12.10
OB5 CDL TA . 16.90 -13.11 11.78
CB3 CDL TA . 17.48 -11.78 11.71
CB4 CDL TA . 18.92 -11.94 11.28
OB6 CDL TA . 19.12 -13.26 10.70
CB5 CDL TA . 20.09 -13.43 9.76
OB7 CDL TA . 20.29 -12.62 8.90
C51 CDL TA . 20.90 -14.68 9.93
C52 CDL TA . 21.71 -15.08 8.71
C53 CDL TA . 23.08 -14.42 8.63
C54 CDL TA . 24.04 -15.06 7.62
C55 CDL TA . 23.62 -14.99 6.15
C56 CDL TA . 24.44 -15.83 5.17
FE HEC UA . 11.42 -30.37 -59.64
CHA HEC UA . 8.90 -28.25 -58.93
CHB HEC UA . 11.16 -31.80 -56.51
CHC HEC UA . 13.56 -32.84 -60.53
CHD HEC UA . 12.06 -28.74 -62.58
NA HEC UA . 10.21 -30.08 -57.99
C1A HEC UA . 9.23 -29.20 -57.88
C2A HEC UA . 8.52 -29.22 -56.59
C3A HEC UA . 9.20 -30.29 -55.89
C4A HEC UA . 10.19 -30.76 -56.86
CMA HEC UA . 8.93 -30.77 -54.50
CAA HEC UA . 7.44 -28.37 -56.04
CBA HEC UA . 6.14 -28.62 -56.69
CGA HEC UA . 5.31 -27.57 -55.98
O1A HEC UA . 5.55 -26.36 -56.18
O2A HEC UA . 4.43 -27.96 -55.19
NB HEC UA . 12.22 -32.01 -58.69
C1B HEC UA . 12.03 -32.45 -57.46
C2B HEC UA . 12.73 -33.66 -57.06
C3B HEC UA . 13.42 -33.92 -58.31
C4B HEC UA . 13.04 -32.87 -59.19
CMB HEC UA . 12.69 -34.37 -55.75
CAB HEC UA . 14.27 -34.99 -58.76
CBB HEC UA . 14.63 -36.09 -57.85
NC HEC UA . 12.63 -30.73 -61.24
C1C HEC UA . 13.44 -31.74 -61.43
C2C HEC UA . 14.16 -31.76 -62.69
C3C HEC UA . 13.65 -30.55 -63.30
C4C HEC UA . 12.75 -29.99 -62.33
CMC HEC UA . 15.14 -32.77 -63.19
CAC HEC UA . 13.93 -29.91 -64.58
CBC HEC UA . 14.90 -30.49 -65.55
ND HEC UA . 10.61 -28.76 -60.62
C1D HEC UA . 10.96 -28.24 -61.78
C2D HEC UA . 10.20 -27.07 -62.20
C3D HEC UA . 9.28 -26.92 -61.09
C4D HEC UA . 9.63 -28.01 -60.18
CMD HEC UA . 10.34 -26.24 -63.42
CAD HEC UA . 8.23 -25.90 -60.94
CBD HEC UA . 7.01 -26.49 -61.56
CGD HEC UA . 5.89 -25.50 -61.49
O1D HEC UA . 5.04 -25.57 -62.40
O2D HEC UA . 5.87 -24.66 -60.53
C1 CDL VA . -11.35 -33.09 -8.66
O1 CDL VA . -12.12 -32.40 -9.65
CA2 CDL VA . -12.27 -33.59 -7.58
OA2 CDL VA . -11.88 -34.91 -7.18
PA1 CDL VA . -13.04 -35.97 -6.93
OA3 CDL VA . -14.26 -35.78 -7.78
OA4 CDL VA . -13.16 -36.12 -5.43
OA5 CDL VA . -12.40 -37.22 -7.68
CA3 CDL VA . -11.09 -37.68 -7.30
CA4 CDL VA . -10.42 -38.21 -8.54
OA6 CDL VA . -8.98 -37.94 -8.36
CA5 CDL VA . -8.05 -38.73 -8.97
OA7 CDL VA . -8.29 -39.61 -9.76
C11 CDL VA . -6.60 -38.39 -8.64
C12 CDL VA . -5.59 -39.19 -9.44
CA6 CDL VA . -11.04 -37.65 -9.81
OA8 CDL VA . -10.75 -38.60 -10.85
CA7 CDL VA . -10.81 -38.23 -12.14
OA9 CDL VA . -11.15 -38.97 -13.02
C31 CDL VA . -10.36 -36.81 -12.37
C32 CDL VA . -11.40 -35.95 -13.00
CB2 CDL VA . -10.30 -32.17 -8.12
OB2 CDL VA . -9.07 -32.85 -8.46
PB2 CDL VA . -7.85 -32.84 -7.41
OB3 CDL VA . -8.37 -33.64 -6.24
OB4 CDL VA . -7.44 -31.41 -7.18
OB5 CDL VA . -6.74 -33.59 -8.30
CB3 CDL VA . -7.08 -34.24 -9.56
CB4 CDL VA . -6.34 -33.45 -10.60
OB6 CDL VA . -7.09 -32.32 -11.20
CB5 CDL VA . -7.76 -32.37 -12.40
OB7 CDL VA . -8.70 -33.10 -12.57
C51 CDL VA . -7.32 -31.35 -13.44
CB6 CDL VA . -5.43 -34.28 -11.47
OB8 CDL VA . -5.74 -35.67 -11.25
CB7 CDL VA . -5.52 -36.52 -12.26
OB9 CDL VA . -6.31 -37.41 -12.50
C71 CDL VA . -4.13 -36.32 -12.92
C72 CDL VA . -4.03 -35.36 -14.11
O12 PC1 WA . 8.79 -29.17 2.56
P PC1 WA . 10.00 -28.30 2.78
O14 PC1 WA . 9.83 -26.87 3.21
O13 PC1 WA . 11.00 -28.94 3.85
C11 PC1 WA . 11.03 -28.33 5.15
C12 PC1 WA . 10.86 -29.45 6.13
N PC1 WA . 12.07 -30.34 6.31
C13 PC1 WA . 12.04 -31.48 5.34
C14 PC1 WA . 13.33 -29.57 6.11
C15 PC1 WA . 12.01 -30.90 7.69
O11 PC1 WA . 10.95 -28.22 1.51
C1 PC1 WA . 12.18 -27.50 1.74
C2 PC1 WA . 12.96 -27.27 0.49
O21 PC1 WA . 12.37 -26.14 -0.21
C21 PC1 WA . 12.85 -24.91 0.02
O22 PC1 WA . 13.61 -24.69 0.93
C22 PC1 WA . 12.41 -23.89 -0.98
C23 PC1 WA . 13.03 -24.12 -2.33
C24 PC1 WA . 12.00 -24.43 -3.40
C25 PC1 WA . 12.53 -25.22 -4.58
C3 PC1 WA . 12.98 -28.49 -0.38
O31 PC1 WA . 12.55 -28.08 -1.68
C31 PC1 WA . 13.36 -28.40 -2.69
O32 PC1 WA . 13.07 -29.23 -3.51
C32 PC1 WA . 14.61 -27.56 -2.69
C33 PC1 WA . 15.85 -28.33 -3.07
C34 PC1 WA . 16.39 -27.89 -4.42
C35 PC1 WA . 15.36 -27.91 -5.56
C36 PC1 WA . 15.29 -26.63 -6.39
C37 PC1 WA . 14.24 -26.57 -7.52
C38 PC1 WA . 14.50 -25.53 -8.61
C39 PC1 WA . 13.33 -25.23 -9.54
C1B LMT XA . 24.67 -32.58 -25.53
C2B LMT XA . 25.14 -33.37 -26.76
C3B LMT XA . 24.44 -32.86 -28.03
C4B LMT XA . 22.93 -32.62 -27.89
C5B LMT XA . 22.56 -32.01 -26.51
C6B LMT XA . 21.07 -31.96 -26.18
O1B LMT XA . 25.10 -31.22 -25.67
O2B LMT XA . 26.57 -33.21 -26.88
O3B LMT XA . 24.71 -33.75 -29.12
O4' LMT XA . 22.51 -31.72 -28.92
O5B LMT XA . 23.24 -32.67 -25.42
O6B LMT XA . 20.91 -31.50 -24.82
C1' LMT XA . 26.80 -28.16 -23.56
C2' LMT XA . 27.53 -29.48 -23.41
C3' LMT XA . 26.98 -30.56 -24.35
C4' LMT XA . 25.45 -30.58 -24.46
C5' LMT XA . 24.86 -29.16 -24.52
C6' LMT XA . 23.37 -29.17 -24.26
O1' LMT XA . 27.00 -27.32 -22.45
O2' LMT XA . 28.89 -29.26 -23.78
O3' LMT XA . 27.48 -31.85 -23.94
O5' LMT XA . 25.40 -28.34 -23.50
O6' LMT XA . 23.03 -27.78 -24.11
C1 LMT XA . 26.26 -26.13 -22.72
C2 LMT XA . 26.47 -25.27 -21.49
C3 LMT XA . 25.87 -23.88 -21.37
C4 LMT XA . 25.97 -23.67 -19.87
C5 LMT XA . 25.62 -22.29 -19.36
C6 LMT XA . 25.17 -22.47 -17.92
C7 LMT XA . 25.75 -21.42 -16.97
C8 LMT XA . 24.99 -21.39 -15.65
C9 LMT XA . 25.06 -20.03 -14.93
C10 LMT XA . 23.77 -19.65 -14.16
C11 LMT XA . 22.49 -19.45 -15.00
C12 LMT XA . 21.33 -18.71 -14.32
O1 XP4 YA . 20.27 -15.29 15.70
O2 XP4 YA . 19.47 -17.56 16.52
P1 XP4 YA . 19.87 -16.71 15.33
O3 XP4 YA . 18.99 -16.81 14.11
O4 XP4 YA . 21.20 -17.49 14.82
C1 XP4 YA . 22.32 -16.94 14.14
C2 XP4 YA . 22.73 -17.66 12.87
C3 XP4 YA . 21.53 -17.83 12.01
O5 XP4 YA . 22.06 -18.45 10.86
C4 XP4 YA . 21.36 -18.49 9.61
O6 XP4 YA . 20.26 -17.98 9.63
C5 XP4 YA . 21.97 -19.21 8.41
C6 XP4 YA . 21.11 -19.04 7.17
C7 XP4 YA . 21.79 -19.60 5.92
C8 XP4 YA . 20.76 -19.87 4.81
C9 XP4 YA . 21.42 -20.17 3.45
C10 XP4 YA . 20.54 -20.51 2.23
C11 XP4 YA . 21.49 -20.83 1.03
C12 XP4 YA . 20.86 -21.52 -0.19
C13 XP4 YA . 21.82 -22.31 -1.12
O7 XP4 YA . 23.53 -16.70 12.09
C18 XP4 YA . 24.99 -16.64 12.30
O8 XP4 YA . 25.38 -17.50 13.04
C19 XP4 YA . 25.97 -15.62 11.66
#